data_1MTO
#
_entry.id   1MTO
#
_cell.length_a   110.682
_cell.length_b   106.872
_cell.length_c   119.588
_cell.angle_alpha   90.00
_cell.angle_beta   113.98
_cell.angle_gamma   90.00
#
_symmetry.space_group_name_H-M   'P 1 21 1'
#
loop_
_entity.id
_entity.type
_entity.pdbx_description
1 polymer 6-phosphofructokinase
2 non-polymer 6-O-phosphono-beta-D-fructofuranose
#
_entity_poly.entity_id   1
_entity_poly.type   'polypeptide(L)'
_entity_poly.pdbx_seq_one_letter_code
;MKRIGVLTSGGDSPGMNAAIRSVVRKAIYHGVEVYGVYHGYAGLIAGNIKKLEVGDVGDIIHRGGTILYTARCPEFKTEE
GQKKGIEQLKKHGIEGLVVIGGDGSYQGAKKLTEHGFPCVGVPGTIDNDIPGTDFTIGFDTALNTVIDAIDKIRDTATSH
ERTWVIEVMGRHAGDIALYSGLAGGAETILIPEADYDMNDVIARLKRGHERGKKHSIIIVAEGVGSGVDFGRQIQEATGF
ETRVTVLGHVQRGGSPTAFDRVLASRLGARAVELLLEGKGGRCVGIQNNQLVDHDIAEALANKHTIDQRMYALSKELSI
;
_entity_poly.pdbx_strand_id   A,B,C,D,E,F,G,H
#
loop_
_chem_comp.id
_chem_comp.type
_chem_comp.name
_chem_comp.formula
F6P D-saccharide, beta linking 6-O-phosphono-beta-D-fructofuranose 'C6 H13 O9 P'
#
# COMPACT_ATOMS: atom_id res chain seq x y z
N MET A 1 9.46 51.67 12.59
CA MET A 1 10.81 51.05 12.53
C MET A 1 11.57 51.53 11.30
N LYS A 2 12.69 50.87 11.01
CA LYS A 2 13.51 51.20 9.86
C LYS A 2 13.54 50.01 8.91
N ARG A 3 13.91 48.85 9.45
CA ARG A 3 13.97 47.63 8.67
C ARG A 3 13.23 46.49 9.37
N ILE A 4 12.49 45.71 8.59
CA ILE A 4 11.75 44.57 9.11
C ILE A 4 11.85 43.43 8.10
N GLY A 5 12.02 42.21 8.58
CA GLY A 5 12.11 41.07 7.67
C GLY A 5 10.85 40.23 7.65
N VAL A 6 10.88 39.19 6.81
CA VAL A 6 9.74 38.29 6.66
C VAL A 6 10.23 36.88 6.32
N LEU A 7 9.54 35.86 6.81
CA LEU A 7 9.94 34.50 6.48
C LEU A 7 8.75 33.57 6.57
N THR A 8 8.85 32.41 5.95
CA THR A 8 7.79 31.40 5.97
C THR A 8 8.31 30.07 6.53
N SER A 9 7.80 29.67 7.69
CA SER A 9 8.24 28.42 8.30
C SER A 9 7.08 27.43 8.43
N GLY A 10 7.37 26.15 8.24
CA GLY A 10 6.35 25.15 8.33
C GLY A 10 5.91 24.73 6.94
N GLY A 11 4.76 24.10 6.85
CA GLY A 11 4.28 23.68 5.55
C GLY A 11 3.71 24.86 4.79
N ASP A 12 4.13 25.01 3.54
CA ASP A 12 3.66 26.11 2.70
C ASP A 12 2.19 25.92 2.38
N SER A 13 1.46 27.01 2.24
CA SER A 13 0.04 26.91 1.92
C SER A 13 -0.27 27.96 0.86
N PRO A 14 -1.46 27.89 0.23
CA PRO A 14 -1.76 28.89 -0.78
C PRO A 14 -2.20 30.21 -0.14
N GLY A 15 -1.43 31.26 -0.38
CA GLY A 15 -1.79 32.54 0.19
C GLY A 15 -0.63 33.19 0.90
N MET A 16 0.46 32.47 1.05
CA MET A 16 1.62 33.02 1.71
C MET A 16 2.18 34.13 0.84
N ASN A 17 2.47 33.80 -0.41
CA ASN A 17 2.99 34.78 -1.34
C ASN A 17 2.14 36.02 -1.26
N ALA A 18 0.83 35.84 -1.14
CA ALA A 18 -0.08 36.97 -1.07
C ALA A 18 0.22 37.82 0.16
N ALA A 19 0.34 37.16 1.31
CA ALA A 19 0.63 37.80 2.59
C ALA A 19 2.00 38.46 2.59
N ILE A 20 2.97 37.81 1.95
CA ILE A 20 4.32 38.33 1.83
C ILE A 20 4.21 39.67 1.12
N ARG A 21 3.65 39.65 -0.07
CA ARG A 21 3.45 40.84 -0.89
C ARG A 21 2.81 41.95 -0.06
N SER A 22 1.76 41.60 0.68
CA SER A 22 1.05 42.56 1.52
C SER A 22 1.91 43.16 2.61
N VAL A 23 2.95 42.45 2.99
CA VAL A 23 3.87 42.93 4.00
C VAL A 23 4.86 43.83 3.29
N VAL A 24 5.49 43.27 2.26
CA VAL A 24 6.48 44.01 1.49
C VAL A 24 5.90 45.28 0.91
N ARG A 25 4.58 45.33 0.77
CA ARG A 25 3.94 46.51 0.24
C ARG A 25 3.52 47.45 1.36
N LYS A 26 2.78 46.94 2.34
CA LYS A 26 2.32 47.78 3.44
C LYS A 26 3.47 48.51 4.13
N ALA A 27 4.61 47.84 4.23
CA ALA A 27 5.79 48.42 4.89
C ALA A 27 6.42 49.51 4.04
N ILE A 28 6.57 49.24 2.74
CA ILE A 28 7.16 50.21 1.83
C ILE A 28 6.29 51.47 1.78
N TYR A 29 5.00 51.30 1.98
CA TYR A 29 4.07 52.42 1.98
C TYR A 29 4.29 53.28 3.22
N HIS A 30 5.25 52.88 4.04
CA HIS A 30 5.59 53.61 5.25
C HIS A 30 7.09 53.86 5.27
N GLY A 31 7.73 53.71 4.12
CA GLY A 31 9.15 53.92 4.00
C GLY A 31 9.97 52.95 4.82
N VAL A 32 9.40 51.80 5.13
CA VAL A 32 10.07 50.77 5.92
C VAL A 32 10.66 49.72 5.01
N GLU A 33 11.96 49.49 5.12
CA GLU A 33 12.63 48.48 4.30
C GLU A 33 12.31 47.09 4.84
N VAL A 34 12.14 46.15 3.92
CA VAL A 34 11.84 44.79 4.33
C VAL A 34 13.01 43.89 3.93
N TYR A 35 12.94 42.63 4.32
CA TYR A 35 13.98 41.67 4.00
C TYR A 35 13.43 40.25 4.03
N GLY A 36 13.94 39.42 3.13
CA GLY A 36 13.50 38.03 3.06
C GLY A 36 14.39 37.04 3.79
N VAL A 37 13.88 36.50 4.90
CA VAL A 37 14.63 35.50 5.66
C VAL A 37 14.27 34.18 5.00
N TYR A 38 14.98 33.86 3.93
CA TYR A 38 14.74 32.65 3.14
C TYR A 38 14.89 31.34 3.88
N HIS A 39 14.25 30.31 3.33
CA HIS A 39 14.27 28.95 3.85
C HIS A 39 13.85 28.78 5.30
N GLY A 40 12.77 29.47 5.68
CA GLY A 40 12.27 29.39 7.03
C GLY A 40 13.35 29.76 8.04
N TYR A 41 13.22 29.25 9.27
CA TYR A 41 14.21 29.57 10.28
C TYR A 41 15.59 29.05 9.90
N ALA A 42 15.62 28.14 8.93
CA ALA A 42 16.87 27.59 8.45
C ALA A 42 17.80 28.73 8.02
N GLY A 43 17.21 29.72 7.34
CA GLY A 43 18.00 30.84 6.88
C GLY A 43 18.27 31.84 7.99
N LEU A 44 17.28 32.05 8.86
CA LEU A 44 17.45 32.99 9.96
C LEU A 44 18.69 32.61 10.74
N ILE A 45 19.18 31.41 10.49
CA ILE A 45 20.37 30.92 11.14
C ILE A 45 21.49 30.95 10.11
N ALA A 46 21.25 30.32 8.96
CA ALA A 46 22.22 30.25 7.88
C ALA A 46 22.60 31.64 7.35
N GLY A 47 21.75 32.63 7.61
CA GLY A 47 22.02 33.98 7.13
C GLY A 47 21.67 34.15 5.66
N ASN A 48 20.65 33.42 5.22
CA ASN A 48 20.19 33.46 3.84
C ASN A 48 19.15 34.58 3.71
N ILE A 49 19.58 35.81 3.96
CA ILE A 49 18.69 36.97 3.89
C ILE A 49 18.97 37.84 2.66
N LYS A 50 17.95 38.58 2.23
CA LYS A 50 18.06 39.48 1.07
C LYS A 50 17.08 40.64 1.16
N LYS A 51 17.32 41.66 0.34
CA LYS A 51 16.46 42.84 0.31
C LYS A 51 15.27 42.54 -0.59
N LEU A 52 14.07 42.93 -0.16
CA LEU A 52 12.87 42.72 -0.96
C LEU A 52 12.42 44.05 -1.57
N GLU A 53 12.35 44.11 -2.89
CA GLU A 53 11.93 45.31 -3.61
C GLU A 53 10.48 45.12 -4.05
N VAL A 54 9.69 46.19 -4.03
CA VAL A 54 8.29 46.10 -4.43
C VAL A 54 8.09 45.40 -5.78
N GLY A 55 9.15 45.38 -6.60
CA GLY A 55 9.05 44.73 -7.89
C GLY A 55 9.25 43.24 -7.77
N ASP A 56 9.66 42.80 -6.59
CA ASP A 56 9.89 41.40 -6.33
C ASP A 56 8.62 40.71 -5.90
N VAL A 57 7.93 41.30 -4.92
CA VAL A 57 6.69 40.73 -4.42
C VAL A 57 5.50 41.11 -5.26
N GLY A 58 5.77 41.62 -6.46
CA GLY A 58 4.70 42.00 -7.37
C GLY A 58 4.54 40.94 -8.44
N ASP A 59 3.30 40.63 -8.81
CA ASP A 59 3.02 39.62 -9.82
C ASP A 59 3.07 38.22 -9.22
N ILE A 60 3.21 38.13 -7.91
CA ILE A 60 3.25 36.83 -7.25
C ILE A 60 2.04 36.63 -6.36
N ILE A 61 1.03 37.48 -6.52
CA ILE A 61 -0.16 37.41 -5.68
C ILE A 61 -1.02 36.18 -5.93
N HIS A 62 -0.94 35.64 -7.13
CA HIS A 62 -1.72 34.46 -7.52
C HIS A 62 -0.95 33.14 -7.40
N ARG A 63 0.34 33.21 -7.07
CA ARG A 63 1.18 32.01 -6.96
C ARG A 63 1.05 31.22 -5.67
N GLY A 64 0.91 29.91 -5.81
CA GLY A 64 0.79 29.03 -4.67
C GLY A 64 2.16 28.90 -4.03
N GLY A 65 2.18 28.59 -2.74
CA GLY A 65 3.45 28.43 -2.05
C GLY A 65 4.03 29.72 -1.52
N THR A 66 5.35 29.72 -1.35
CA THR A 66 6.08 30.88 -0.86
C THR A 66 7.35 31.05 -1.65
N ILE A 67 7.64 32.30 -2.01
CA ILE A 67 8.83 32.63 -2.76
C ILE A 67 10.03 32.49 -1.82
N LEU A 68 9.80 32.87 -0.56
CA LEU A 68 10.82 32.84 0.48
C LEU A 68 11.23 31.46 0.94
N TYR A 69 10.55 30.44 0.42
CA TYR A 69 10.84 29.06 0.79
C TYR A 69 10.49 28.75 2.23
N THR A 70 10.73 27.50 2.61
CA THR A 70 10.47 27.00 3.94
C THR A 70 11.28 25.72 4.10
N ALA A 71 11.53 25.34 5.34
CA ALA A 71 12.31 24.15 5.66
C ALA A 71 12.32 24.05 7.17
N ARG A 72 12.44 22.83 7.69
CA ARG A 72 12.46 22.65 9.14
C ARG A 72 13.84 22.99 9.69
N CYS A 73 13.89 23.26 10.98
CA CYS A 73 15.14 23.59 11.64
C CYS A 73 15.11 23.31 13.14
N PRO A 74 15.91 22.33 13.58
CA PRO A 74 15.99 21.96 15.00
C PRO A 74 16.89 22.92 15.78
N GLU A 75 17.95 23.39 15.14
CA GLU A 75 18.89 24.30 15.77
C GLU A 75 18.19 25.46 16.45
N PHE A 76 17.04 25.86 15.89
CA PHE A 76 16.29 26.98 16.44
C PHE A 76 15.42 26.64 17.64
N LYS A 77 14.90 25.42 17.69
CA LYS A 77 14.04 25.04 18.80
C LYS A 77 14.82 25.01 20.12
N THR A 78 16.14 25.16 20.01
CA THR A 78 17.01 25.15 21.19
C THR A 78 17.19 26.57 21.71
N GLU A 79 18.45 26.96 21.90
CA GLU A 79 18.79 28.29 22.38
C GLU A 79 20.11 28.69 21.72
N GLU A 80 21.14 27.87 21.98
CA GLU A 80 22.47 28.11 21.44
C GLU A 80 22.43 28.32 19.93
N GLY A 81 21.43 27.73 19.29
CA GLY A 81 21.30 27.87 17.85
C GLY A 81 20.49 29.11 17.50
N GLN A 82 19.48 29.40 18.31
CA GLN A 82 18.62 30.55 18.07
C GLN A 82 19.35 31.85 18.41
N LYS A 83 20.56 31.72 18.95
CA LYS A 83 21.37 32.89 19.30
C LYS A 83 22.01 33.44 18.03
N LYS A 84 22.32 32.55 17.11
CA LYS A 84 22.91 32.95 15.83
C LYS A 84 21.76 33.56 15.05
N GLY A 85 20.55 33.34 15.55
CA GLY A 85 19.35 33.87 14.93
C GLY A 85 19.27 35.37 15.12
N ILE A 86 19.17 35.81 16.37
CA ILE A 86 19.10 37.23 16.67
C ILE A 86 20.29 37.96 16.03
N GLU A 87 21.45 37.30 15.99
CA GLU A 87 22.64 37.92 15.40
C GLU A 87 22.57 38.10 13.89
N GLN A 88 22.10 37.07 13.19
CA GLN A 88 21.98 37.17 11.74
C GLN A 88 20.96 38.26 11.41
N LEU A 89 20.19 38.66 12.42
CA LEU A 89 19.19 39.71 12.25
C LEU A 89 19.82 41.05 12.64
N LYS A 90 20.61 41.03 13.70
CA LYS A 90 21.30 42.23 14.17
C LYS A 90 22.21 42.69 13.04
N LYS A 91 23.25 41.89 12.80
CA LYS A 91 24.23 42.18 11.75
C LYS A 91 23.60 42.81 10.49
N HIS A 92 22.33 42.50 10.22
CA HIS A 92 21.65 43.03 9.04
C HIS A 92 20.80 44.26 9.34
N GLY A 93 20.68 44.57 10.63
CA GLY A 93 19.91 45.74 11.02
C GLY A 93 18.41 45.53 10.98
N ILE A 94 17.96 44.29 11.13
CA ILE A 94 16.54 44.02 11.14
C ILE A 94 16.05 44.31 12.55
N GLU A 95 14.83 44.82 12.66
CA GLU A 95 14.26 45.16 13.96
C GLU A 95 13.03 44.37 14.35
N GLY A 96 12.24 43.99 13.35
CA GLY A 96 11.03 43.23 13.61
C GLY A 96 10.84 42.16 12.56
N LEU A 97 10.30 41.03 12.95
CA LEU A 97 10.11 39.94 12.01
C LEU A 97 8.64 39.51 11.90
N VAL A 98 8.18 39.30 10.67
CA VAL A 98 6.80 38.87 10.43
C VAL A 98 6.84 37.39 10.08
N VAL A 99 6.31 36.56 10.99
CA VAL A 99 6.30 35.11 10.77
C VAL A 99 4.99 34.59 10.20
N ILE A 100 5.10 33.78 9.14
CA ILE A 100 3.94 33.20 8.47
C ILE A 100 4.07 31.67 8.49
N GLY A 101 3.11 30.98 9.10
CA GLY A 101 3.21 29.52 9.14
C GLY A 101 2.28 28.76 10.07
N GLY A 102 2.70 27.55 10.44
CA GLY A 102 1.89 26.73 11.32
C GLY A 102 2.02 27.11 12.78
N ASP A 103 1.47 26.27 13.65
CA ASP A 103 1.55 26.51 15.09
C ASP A 103 2.99 26.38 15.58
N GLY A 104 3.82 25.72 14.77
CA GLY A 104 5.22 25.54 15.13
C GLY A 104 6.08 26.76 14.87
N SER A 105 5.67 27.59 13.92
CA SER A 105 6.41 28.81 13.60
C SER A 105 6.22 29.81 14.73
N TYR A 106 4.99 29.90 15.22
CA TYR A 106 4.68 30.82 16.32
C TYR A 106 5.71 30.71 17.44
N GLN A 107 6.21 29.50 17.69
CA GLN A 107 7.19 29.29 18.74
C GLN A 107 8.45 30.13 18.48
N GLY A 108 8.99 30.04 17.29
CA GLY A 108 10.17 30.81 16.95
C GLY A 108 9.85 32.30 16.91
N ALA A 109 8.64 32.64 17.34
CA ALA A 109 8.20 34.03 17.37
C ALA A 109 7.89 34.40 18.81
N LYS A 110 7.62 33.40 19.64
CA LYS A 110 7.33 33.64 21.05
C LYS A 110 8.67 33.74 21.79
N LYS A 111 9.66 33.02 21.31
CA LYS A 111 11.00 33.03 21.90
C LYS A 111 11.82 34.23 21.44
N LEU A 112 11.73 34.55 20.15
CA LEU A 112 12.48 35.69 19.61
C LEU A 112 12.03 36.99 20.26
N THR A 113 10.75 37.09 20.58
CA THR A 113 10.26 38.30 21.22
C THR A 113 10.77 38.34 22.65
N GLU A 114 10.68 37.20 23.34
CA GLU A 114 11.16 37.11 24.72
C GLU A 114 12.69 37.19 24.69
N HIS A 115 13.21 37.71 23.59
CA HIS A 115 14.64 37.87 23.39
C HIS A 115 14.95 39.27 22.87
N GLY A 116 13.92 40.10 22.77
CA GLY A 116 14.11 41.46 22.30
C GLY A 116 13.93 41.71 20.82
N PHE A 117 13.24 40.79 20.15
CA PHE A 117 13.00 40.95 18.72
C PHE A 117 11.50 40.92 18.46
N PRO A 118 10.91 42.07 18.11
CA PRO A 118 9.48 42.07 17.86
C PRO A 118 9.11 41.09 16.75
N CYS A 119 8.23 40.16 17.05
CA CYS A 119 7.78 39.17 16.09
C CYS A 119 6.26 39.13 15.99
N VAL A 120 5.75 38.93 14.78
CA VAL A 120 4.32 38.86 14.58
C VAL A 120 4.04 37.61 13.76
N GLY A 121 2.97 36.91 14.10
CA GLY A 121 2.62 35.70 13.39
C GLY A 121 1.42 35.82 12.47
N VAL A 122 1.53 35.19 11.31
CA VAL A 122 0.47 35.18 10.31
C VAL A 122 0.11 33.75 9.95
N PRO A 123 -1.10 33.31 10.33
CA PRO A 123 -1.61 31.96 10.06
C PRO A 123 -1.54 31.53 8.60
N GLY A 124 -0.58 30.64 8.31
CA GLY A 124 -0.40 30.14 6.96
C GLY A 124 -0.28 28.63 7.00
N THR A 125 -1.42 27.96 6.92
CA THR A 125 -1.47 26.50 6.95
C THR A 125 -2.84 26.09 6.45
N ILE A 126 -2.92 25.00 5.69
CA ILE A 126 -4.20 24.56 5.17
C ILE A 126 -5.06 23.87 6.23
N ASP A 127 -4.41 23.25 7.21
CA ASP A 127 -5.09 22.53 8.27
C ASP A 127 -6.18 23.32 8.97
N ASN A 128 -6.01 24.64 9.06
CA ASN A 128 -6.99 25.49 9.72
C ASN A 128 -6.99 25.19 11.21
N ASP A 129 -5.82 24.87 11.75
CA ASP A 129 -5.69 24.51 13.16
C ASP A 129 -4.97 25.51 14.08
N ILE A 130 -4.74 26.73 13.63
CA ILE A 130 -4.07 27.72 14.46
C ILE A 130 -5.06 28.36 15.44
N PRO A 131 -4.67 28.52 16.71
CA PRO A 131 -5.56 29.12 17.71
C PRO A 131 -5.55 30.65 17.60
N GLY A 132 -6.71 31.27 17.75
CA GLY A 132 -6.78 32.72 17.64
C GLY A 132 -7.16 33.20 16.25
N THR A 133 -7.82 32.35 15.46
CA THR A 133 -8.23 32.73 14.10
C THR A 133 -9.17 31.68 13.52
N ASP A 134 -10.38 32.11 13.15
CA ASP A 134 -11.38 31.20 12.58
C ASP A 134 -10.89 30.53 11.32
N PHE A 135 -10.13 31.27 10.51
CA PHE A 135 -9.58 30.74 9.27
C PHE A 135 -8.10 31.06 9.16
N THR A 136 -7.33 30.12 8.64
CA THR A 136 -5.91 30.35 8.46
C THR A 136 -5.67 30.48 6.95
N ILE A 137 -4.66 31.25 6.58
CA ILE A 137 -4.37 31.39 5.15
C ILE A 137 -4.15 30.00 4.56
N GLY A 138 -4.74 29.75 3.40
CA GLY A 138 -4.58 28.46 2.76
C GLY A 138 -5.79 27.56 2.90
N PHE A 139 -6.52 27.69 3.99
CA PHE A 139 -7.69 26.85 4.21
C PHE A 139 -8.65 26.80 3.04
N ASP A 140 -9.37 27.92 2.81
CA ASP A 140 -10.35 28.01 1.73
C ASP A 140 -9.77 27.48 0.43
N THR A 141 -8.48 27.69 0.19
CA THR A 141 -7.90 27.19 -1.05
C THR A 141 -7.85 25.68 -1.03
N ALA A 142 -7.21 25.13 0.00
CA ALA A 142 -7.09 23.69 0.17
C ALA A 142 -8.49 23.10 0.22
N LEU A 143 -9.30 23.67 1.09
CA LEU A 143 -10.68 23.27 1.26
C LEU A 143 -11.38 23.18 -0.11
N ASN A 144 -10.89 23.95 -1.08
CA ASN A 144 -11.49 23.96 -2.43
C ASN A 144 -10.89 22.94 -3.39
N THR A 145 -9.59 22.64 -3.22
CA THR A 145 -8.93 21.66 -4.07
C THR A 145 -9.55 20.31 -3.71
N VAL A 146 -9.98 20.20 -2.46
CA VAL A 146 -10.60 18.98 -1.97
C VAL A 146 -11.97 18.77 -2.57
N ILE A 147 -12.85 19.76 -2.48
CA ILE A 147 -14.19 19.59 -3.03
C ILE A 147 -14.14 19.48 -4.56
N ASP A 148 -13.08 20.00 -5.16
CA ASP A 148 -12.94 19.96 -6.61
C ASP A 148 -12.50 18.56 -7.01
N ALA A 149 -12.07 17.78 -6.03
CA ALA A 149 -11.64 16.40 -6.23
C ALA A 149 -12.79 15.47 -5.86
N ILE A 150 -13.60 15.91 -4.89
CA ILE A 150 -14.76 15.14 -4.47
C ILE A 150 -15.69 15.11 -5.68
N ASP A 151 -15.77 16.23 -6.39
CA ASP A 151 -16.63 16.33 -7.56
C ASP A 151 -16.23 15.44 -8.73
N LYS A 152 -14.94 15.25 -8.92
CA LYS A 152 -14.52 14.38 -10.02
C LYS A 152 -14.75 12.93 -9.61
N ILE A 153 -14.52 12.65 -8.33
CA ILE A 153 -14.67 11.31 -7.79
C ILE A 153 -16.09 10.83 -7.68
N ARG A 154 -17.03 11.74 -7.44
CA ARG A 154 -18.43 11.34 -7.36
C ARG A 154 -18.87 10.98 -8.75
N ASP A 155 -18.16 11.53 -9.74
CA ASP A 155 -18.45 11.26 -11.13
C ASP A 155 -18.31 9.78 -11.42
N THR A 156 -17.09 9.29 -11.20
CA THR A 156 -16.74 7.89 -11.44
C THR A 156 -17.30 7.00 -10.32
N ALA A 157 -17.78 7.61 -9.25
CA ALA A 157 -18.35 6.86 -8.15
C ALA A 157 -19.82 6.64 -8.44
N THR A 158 -20.40 7.51 -9.26
CA THR A 158 -21.81 7.39 -9.60
C THR A 158 -21.97 6.48 -10.83
N SER A 159 -21.00 6.53 -11.73
CA SER A 159 -21.05 5.73 -12.93
C SER A 159 -20.87 4.24 -12.66
N HIS A 160 -20.21 3.90 -11.56
CA HIS A 160 -19.95 2.49 -11.17
C HIS A 160 -20.68 2.07 -9.89
N GLU A 161 -21.58 2.90 -9.38
CA GLU A 161 -22.31 2.60 -8.16
C GLU A 161 -21.37 2.07 -7.09
N ARG A 162 -20.23 2.75 -6.91
CA ARG A 162 -19.20 2.39 -5.92
C ARG A 162 -19.27 3.16 -4.60
N THR A 163 -18.57 2.62 -3.60
CA THR A 163 -18.49 3.26 -2.29
C THR A 163 -17.10 3.85 -2.20
N TRP A 164 -17.01 5.09 -1.72
CA TRP A 164 -15.73 5.77 -1.66
C TRP A 164 -15.27 6.31 -0.29
N VAL A 165 -13.95 6.31 -0.12
CA VAL A 165 -13.29 6.78 1.09
C VAL A 165 -12.20 7.75 0.64
N ILE A 166 -12.38 9.03 0.95
CA ILE A 166 -11.42 10.07 0.57
C ILE A 166 -10.57 10.44 1.78
N GLU A 167 -9.25 10.41 1.59
CA GLU A 167 -8.32 10.76 2.65
C GLU A 167 -7.89 12.23 2.55
N VAL A 168 -8.45 13.08 3.41
CA VAL A 168 -8.14 14.50 3.42
C VAL A 168 -7.16 14.84 4.56
N MET A 169 -6.28 15.81 4.32
CA MET A 169 -5.29 16.22 5.31
C MET A 169 -5.85 17.04 6.47
N GLY A 170 -4.96 17.78 7.13
CA GLY A 170 -5.37 18.60 8.26
C GLY A 170 -4.86 18.07 9.58
N ARG A 171 -3.91 17.14 9.51
CA ARG A 171 -3.33 16.51 10.69
C ARG A 171 -4.34 16.14 11.79
N HIS A 172 -4.22 16.77 12.94
CA HIS A 172 -5.09 16.48 14.08
C HIS A 172 -6.42 17.20 14.06
N ALA A 173 -6.62 18.03 13.04
CA ALA A 173 -7.87 18.77 12.94
C ALA A 173 -8.80 18.15 11.90
N GLY A 174 -10.09 18.44 12.07
CA GLY A 174 -11.08 17.92 11.15
C GLY A 174 -11.79 19.03 10.42
N ASP A 175 -11.06 20.09 10.08
CA ASP A 175 -11.66 21.20 9.37
C ASP A 175 -11.70 20.87 7.88
N ILE A 176 -10.53 20.62 7.29
CA ILE A 176 -10.43 20.30 5.88
C ILE A 176 -11.46 19.27 5.47
N ALA A 177 -11.92 18.49 6.44
CA ALA A 177 -12.93 17.45 6.20
C ALA A 177 -14.34 17.99 6.46
N LEU A 178 -14.73 18.08 7.73
CA LEU A 178 -16.04 18.60 8.10
C LEU A 178 -16.60 19.60 7.08
N TYR A 179 -15.76 20.54 6.65
CA TYR A 179 -16.17 21.55 5.68
C TYR A 179 -16.36 20.94 4.29
N SER A 180 -15.27 20.45 3.70
CA SER A 180 -15.35 19.86 2.37
C SER A 180 -16.43 18.78 2.32
N GLY A 181 -16.40 17.84 3.25
CA GLY A 181 -17.40 16.81 3.24
C GLY A 181 -18.77 17.46 3.07
N LEU A 182 -19.09 18.38 3.96
CA LEU A 182 -20.37 19.10 3.93
C LEU A 182 -20.54 19.74 2.57
N ALA A 183 -19.51 20.44 2.12
CA ALA A 183 -19.56 21.08 0.82
C ALA A 183 -19.84 20.04 -0.25
N GLY A 184 -18.98 19.03 -0.37
CA GLY A 184 -19.17 18.00 -1.37
C GLY A 184 -20.29 17.03 -1.06
N GLY A 185 -21.16 17.37 -0.13
CA GLY A 185 -22.27 16.50 0.20
C GLY A 185 -21.88 15.04 0.34
N ALA A 186 -21.08 14.74 1.35
CA ALA A 186 -20.64 13.37 1.60
C ALA A 186 -21.68 12.72 2.50
N GLU A 187 -21.73 11.40 2.50
CA GLU A 187 -22.69 10.67 3.34
C GLU A 187 -22.13 10.47 4.74
N THR A 188 -20.83 10.65 4.89
CA THR A 188 -20.18 10.45 6.19
C THR A 188 -18.85 11.18 6.30
N ILE A 189 -18.71 12.01 7.34
CA ILE A 189 -17.47 12.73 7.58
C ILE A 189 -16.92 12.20 8.90
N LEU A 190 -15.66 11.78 8.89
CA LEU A 190 -15.04 11.26 10.10
C LEU A 190 -13.89 12.18 10.52
N ILE A 191 -14.05 12.78 11.69
CA ILE A 191 -13.03 13.71 12.18
C ILE A 191 -12.62 13.36 13.60
N PRO A 192 -11.42 13.77 14.01
CA PRO A 192 -10.93 13.49 15.36
C PRO A 192 -11.74 14.18 16.46
N GLU A 193 -12.49 15.21 16.09
CA GLU A 193 -13.29 15.99 17.03
C GLU A 193 -14.58 15.30 17.45
N ALA A 194 -14.89 14.15 16.87
CA ALA A 194 -16.13 13.48 17.22
C ALA A 194 -16.04 11.95 17.22
N ASP A 195 -16.68 11.31 18.20
CA ASP A 195 -16.67 9.86 18.29
C ASP A 195 -17.60 9.27 17.23
N TYR A 196 -17.05 8.46 16.34
CA TYR A 196 -17.84 7.82 15.30
C TYR A 196 -18.08 6.37 15.73
N ASP A 197 -18.23 5.46 14.76
CA ASP A 197 -18.44 4.05 15.04
C ASP A 197 -18.83 3.28 13.80
N MET A 198 -17.87 2.54 13.26
CA MET A 198 -18.07 1.76 12.05
C MET A 198 -19.34 0.91 12.07
N ASN A 199 -19.92 0.71 13.26
CA ASN A 199 -21.14 -0.07 13.40
C ASN A 199 -22.31 0.80 12.99
N ASP A 200 -22.30 2.05 13.44
CA ASP A 200 -23.34 3.01 13.14
C ASP A 200 -23.27 3.40 11.64
N VAL A 201 -22.05 3.52 11.13
CA VAL A 201 -21.83 3.86 9.73
C VAL A 201 -22.35 2.76 8.82
N ILE A 202 -21.68 1.60 8.84
CA ILE A 202 -22.06 0.45 8.04
C ILE A 202 -23.56 0.14 8.12
N ALA A 203 -24.23 0.68 9.13
CA ALA A 203 -25.66 0.47 9.32
C ALA A 203 -26.42 1.41 8.41
N ARG A 204 -25.98 2.66 8.41
CA ARG A 204 -26.57 3.72 7.61
C ARG A 204 -26.03 3.60 6.18
N LEU A 205 -24.79 3.15 6.07
CA LEU A 205 -24.15 3.00 4.77
C LEU A 205 -24.93 2.00 3.93
N LYS A 206 -25.59 1.05 4.59
CA LYS A 206 -26.36 0.03 3.89
C LYS A 206 -27.80 0.44 3.61
N ARG A 207 -28.47 1.01 4.61
CA ARG A 207 -29.85 1.44 4.43
C ARG A 207 -29.92 2.24 3.13
N GLY A 208 -29.00 3.19 2.99
CA GLY A 208 -28.96 4.01 1.79
C GLY A 208 -28.74 3.21 0.52
N HIS A 209 -28.11 2.05 0.66
CA HIS A 209 -27.83 1.19 -0.49
C HIS A 209 -29.12 0.62 -1.04
N GLU A 210 -29.88 -0.04 -0.18
CA GLU A 210 -31.15 -0.64 -0.59
C GLU A 210 -32.17 0.45 -0.92
N ARG A 211 -32.16 1.53 -0.14
CA ARG A 211 -33.09 2.64 -0.34
C ARG A 211 -33.12 3.13 -1.78
N GLY A 212 -31.99 3.59 -2.29
CA GLY A 212 -31.94 4.09 -3.67
C GLY A 212 -30.57 4.51 -4.19
N LYS A 213 -29.78 5.16 -3.34
CA LYS A 213 -28.44 5.62 -3.71
C LYS A 213 -27.41 4.52 -3.55
N LYS A 214 -26.90 4.01 -4.68
CA LYS A 214 -25.93 2.93 -4.65
C LYS A 214 -24.47 3.37 -4.56
N HIS A 215 -24.25 4.67 -4.38
CA HIS A 215 -22.89 5.18 -4.25
C HIS A 215 -22.79 6.12 -3.05
N SER A 216 -21.70 6.03 -2.30
CA SER A 216 -21.51 6.88 -1.14
C SER A 216 -20.11 7.44 -1.13
N ILE A 217 -19.96 8.60 -0.50
CA ILE A 217 -18.66 9.26 -0.41
C ILE A 217 -18.34 9.40 1.09
N ILE A 218 -17.17 8.90 1.48
CA ILE A 218 -16.74 8.98 2.86
C ILE A 218 -15.44 9.78 2.99
N ILE A 219 -15.57 10.99 3.54
CA ILE A 219 -14.43 11.88 3.76
C ILE A 219 -13.86 11.54 5.10
N VAL A 220 -12.58 11.18 5.12
CA VAL A 220 -11.94 10.83 6.37
C VAL A 220 -10.79 11.74 6.68
N ALA A 221 -10.91 12.44 7.81
CA ALA A 221 -9.87 13.34 8.27
C ALA A 221 -8.66 12.47 8.52
N GLU A 222 -7.60 12.68 7.75
CA GLU A 222 -6.39 11.87 7.88
C GLU A 222 -5.97 11.67 9.33
N GLY A 223 -6.58 12.42 10.23
CA GLY A 223 -6.26 12.31 11.64
C GLY A 223 -7.03 11.27 12.43
N VAL A 224 -7.68 10.33 11.74
CA VAL A 224 -8.42 9.30 12.43
C VAL A 224 -7.94 7.94 11.96
N GLY A 225 -6.85 7.95 11.21
CA GLY A 225 -6.28 6.71 10.72
C GLY A 225 -5.77 6.82 9.30
N SER A 226 -6.31 5.96 8.46
CA SER A 226 -5.95 5.93 7.06
C SER A 226 -7.27 5.69 6.36
N GLY A 227 -7.29 5.90 5.05
CA GLY A 227 -8.51 5.66 4.32
C GLY A 227 -8.48 4.20 3.93
N VAL A 228 -7.33 3.80 3.40
CA VAL A 228 -7.10 2.43 2.96
C VAL A 228 -7.71 1.45 3.95
N ASP A 229 -7.48 1.69 5.24
CA ASP A 229 -8.01 0.83 6.29
C ASP A 229 -9.54 0.86 6.35
N PHE A 230 -10.14 2.05 6.28
CA PHE A 230 -11.59 2.12 6.31
C PHE A 230 -12.11 1.53 5.01
N GLY A 231 -11.32 1.69 3.94
CA GLY A 231 -11.71 1.17 2.63
C GLY A 231 -11.89 -0.32 2.73
N ARG A 232 -10.81 -1.00 3.10
CA ARG A 232 -10.80 -2.44 3.28
C ARG A 232 -11.83 -2.84 4.33
N GLN A 233 -12.14 -1.92 5.24
CA GLN A 233 -13.12 -2.19 6.28
C GLN A 233 -14.52 -2.17 5.67
N ILE A 234 -14.89 -1.06 5.05
CA ILE A 234 -16.22 -0.92 4.44
C ILE A 234 -16.42 -2.09 3.49
N GLN A 235 -15.37 -2.41 2.76
CA GLN A 235 -15.36 -3.51 1.81
C GLN A 235 -15.83 -4.79 2.51
N GLU A 236 -14.93 -5.40 3.29
CA GLU A 236 -15.23 -6.63 4.05
C GLU A 236 -16.60 -6.70 4.73
N ALA A 237 -17.04 -5.59 5.33
CA ALA A 237 -18.33 -5.56 6.02
C ALA A 237 -19.57 -5.55 5.14
N THR A 238 -19.43 -5.13 3.89
CA THR A 238 -20.58 -5.04 3.00
C THR A 238 -20.49 -5.77 1.65
N GLY A 239 -19.28 -6.15 1.26
CA GLY A 239 -19.10 -6.81 -0.01
C GLY A 239 -19.03 -5.74 -1.08
N PHE A 240 -19.56 -4.57 -0.75
CA PHE A 240 -19.58 -3.39 -1.61
C PHE A 240 -18.26 -3.11 -2.31
N GLU A 241 -18.31 -3.04 -3.64
CA GLU A 241 -17.09 -2.73 -4.40
C GLU A 241 -16.69 -1.36 -3.87
N THR A 242 -15.45 -1.23 -3.42
CA THR A 242 -15.02 0.03 -2.86
C THR A 242 -13.66 0.48 -3.35
N ARG A 243 -13.41 1.77 -3.23
CA ARG A 243 -12.13 2.33 -3.64
C ARG A 243 -11.75 3.44 -2.68
N VAL A 244 -10.45 3.72 -2.58
CA VAL A 244 -9.97 4.79 -1.69
C VAL A 244 -9.04 5.72 -2.44
N THR A 245 -9.14 6.99 -2.12
CA THR A 245 -8.31 7.99 -2.77
C THR A 245 -7.68 8.87 -1.71
N VAL A 246 -6.36 9.00 -1.80
CA VAL A 246 -5.62 9.84 -0.88
C VAL A 246 -5.16 11.05 -1.69
N LEU A 247 -5.86 12.16 -1.54
CA LEU A 247 -5.55 13.39 -2.27
C LEU A 247 -4.13 13.78 -1.92
N GLY A 248 -3.88 14.03 -0.64
CA GLY A 248 -2.55 14.36 -0.20
C GLY A 248 -2.09 15.79 -0.41
N HIS A 249 -0.79 15.93 -0.67
CA HIS A 249 -0.16 17.23 -0.86
C HIS A 249 -0.73 18.12 -1.95
N VAL A 250 -1.54 17.57 -2.84
CA VAL A 250 -2.13 18.42 -3.85
C VAL A 250 -2.89 19.53 -3.10
N GLN A 251 -3.38 19.20 -1.91
CA GLN A 251 -4.15 20.12 -1.08
C GLN A 251 -3.29 21.27 -0.58
N ARG A 252 -1.98 21.13 -0.70
CA ARG A 252 -1.05 22.16 -0.24
C ARG A 252 -0.73 23.20 -1.33
N GLY A 253 -0.62 22.72 -2.56
CA GLY A 253 -0.31 23.60 -3.67
C GLY A 253 -1.54 24.19 -4.34
N GLY A 254 -1.32 24.82 -5.49
CA GLY A 254 -2.40 25.44 -6.22
C GLY A 254 -2.45 26.94 -6.01
N SER A 255 -3.21 27.63 -6.86
CA SER A 255 -3.35 29.06 -6.77
C SER A 255 -4.40 29.36 -5.71
N PRO A 256 -4.05 30.22 -4.75
CA PRO A 256 -5.00 30.54 -3.68
C PRO A 256 -6.33 31.04 -4.24
N THR A 257 -7.42 30.68 -3.57
CA THR A 257 -8.72 31.13 -4.01
C THR A 257 -8.82 32.59 -3.58
N ALA A 258 -9.94 33.21 -3.95
CA ALA A 258 -10.17 34.61 -3.64
C ALA A 258 -10.10 34.89 -2.13
N PHE A 259 -10.76 34.05 -1.34
CA PHE A 259 -10.79 34.25 0.10
C PHE A 259 -9.44 34.24 0.80
N ASP A 260 -8.49 33.47 0.28
CA ASP A 260 -7.18 33.47 0.92
C ASP A 260 -6.39 34.70 0.48
N ARG A 261 -6.53 35.09 -0.78
CA ARG A 261 -5.82 36.25 -1.27
C ARG A 261 -6.20 37.48 -0.47
N VAL A 262 -7.50 37.65 -0.26
CA VAL A 262 -8.02 38.77 0.50
C VAL A 262 -7.61 38.72 1.96
N LEU A 263 -7.61 37.52 2.54
CA LEU A 263 -7.21 37.34 3.95
C LEU A 263 -5.70 37.45 4.14
N ALA A 264 -4.93 36.89 3.21
CA ALA A 264 -3.49 36.91 3.29
C ALA A 264 -2.96 38.32 3.15
N SER A 265 -3.74 39.16 2.47
CA SER A 265 -3.36 40.54 2.28
C SER A 265 -3.79 41.34 3.49
N ARG A 266 -4.96 41.02 4.04
CA ARG A 266 -5.44 41.73 5.22
C ARG A 266 -4.63 41.40 6.49
N LEU A 267 -4.20 40.15 6.61
CA LEU A 267 -3.44 39.73 7.78
C LEU A 267 -1.97 40.08 7.72
N GLY A 268 -1.40 40.05 6.52
CA GLY A 268 0.00 40.40 6.41
C GLY A 268 0.13 41.90 6.53
N ALA A 269 -0.99 42.60 6.33
CA ALA A 269 -1.03 44.06 6.40
C ALA A 269 -1.37 44.51 7.79
N ARG A 270 -2.08 43.67 8.55
CA ARG A 270 -2.41 44.04 9.92
C ARG A 270 -1.24 43.65 10.79
N ALA A 271 -0.45 42.68 10.32
CA ALA A 271 0.72 42.26 11.06
C ALA A 271 1.75 43.37 10.98
N VAL A 272 2.17 43.72 9.77
CA VAL A 272 3.15 44.78 9.61
C VAL A 272 2.70 46.01 10.38
N GLU A 273 1.40 46.25 10.38
CA GLU A 273 0.80 47.39 11.07
C GLU A 273 1.27 47.45 12.52
N LEU A 274 1.33 46.30 13.18
CA LEU A 274 1.75 46.21 14.58
C LEU A 274 3.25 46.43 14.73
N LEU A 275 4.05 45.88 13.82
CA LEU A 275 5.50 46.07 13.90
C LEU A 275 5.87 47.53 13.81
N LEU A 276 4.86 48.38 13.68
CA LEU A 276 5.06 49.82 13.61
C LEU A 276 4.37 50.40 14.83
N GLU A 277 3.16 49.90 15.10
CA GLU A 277 2.36 50.34 16.24
C GLU A 277 3.11 50.02 17.53
N GLY A 278 4.22 49.30 17.40
CA GLY A 278 5.01 48.95 18.56
C GLY A 278 4.93 47.49 18.99
N LYS A 279 3.80 47.09 19.58
CA LYS A 279 3.60 45.72 20.04
C LYS A 279 4.13 44.72 19.03
N GLY A 280 5.16 43.98 19.44
CA GLY A 280 5.77 43.01 18.55
C GLY A 280 6.02 41.67 19.22
N GLY A 281 4.94 40.96 19.52
CA GLY A 281 5.01 39.65 20.15
C GLY A 281 3.61 39.10 20.11
N ARG A 282 2.94 39.40 19.00
CA ARG A 282 1.57 39.01 18.79
C ARG A 282 1.43 38.27 17.46
N CYS A 283 0.22 37.81 17.18
CA CYS A 283 -0.08 37.09 15.95
C CYS A 283 -1.48 37.52 15.49
N VAL A 284 -1.63 37.73 14.18
CA VAL A 284 -2.92 38.15 13.62
C VAL A 284 -3.80 37.02 13.16
N GLY A 285 -5.08 37.32 12.98
CA GLY A 285 -6.04 36.33 12.54
C GLY A 285 -7.47 36.86 12.54
N ILE A 286 -8.19 36.58 11.46
CA ILE A 286 -9.56 37.04 11.34
C ILE A 286 -10.44 36.23 12.28
N GLN A 287 -11.01 36.92 13.26
CA GLN A 287 -11.86 36.27 14.27
C GLN A 287 -13.21 36.98 14.38
N ASN A 288 -14.29 36.24 14.11
CA ASN A 288 -15.65 36.77 14.16
C ASN A 288 -15.80 37.77 13.02
N ASN A 289 -15.01 37.54 11.98
CA ASN A 289 -15.00 38.38 10.79
C ASN A 289 -14.39 39.75 11.03
N GLN A 290 -13.49 39.83 12.00
CA GLN A 290 -12.81 41.08 12.34
C GLN A 290 -11.34 40.77 12.55
N LEU A 291 -10.47 41.70 12.16
CA LEU A 291 -9.05 41.48 12.34
C LEU A 291 -8.76 41.67 13.83
N VAL A 292 -8.18 40.66 14.46
CA VAL A 292 -7.87 40.75 15.88
C VAL A 292 -6.41 40.43 16.21
N ASP A 293 -5.92 41.05 17.28
CA ASP A 293 -4.55 40.88 17.75
C ASP A 293 -4.54 39.86 18.88
N HIS A 294 -3.52 39.01 18.92
CA HIS A 294 -3.45 38.01 19.98
C HIS A 294 -2.06 37.77 20.52
N ASP A 295 -1.97 37.47 21.81
CA ASP A 295 -0.70 37.19 22.45
C ASP A 295 -0.25 35.81 22.02
N ILE A 296 0.77 35.76 21.18
CA ILE A 296 1.31 34.49 20.67
C ILE A 296 1.30 33.40 21.73
N ALA A 297 1.51 33.80 22.98
CA ALA A 297 1.55 32.87 24.10
C ALA A 297 0.19 32.65 24.75
N GLU A 298 -0.58 33.72 24.88
CA GLU A 298 -1.90 33.62 25.50
C GLU A 298 -2.93 33.03 24.52
N ALA A 299 -2.50 32.84 23.27
CA ALA A 299 -3.37 32.31 22.23
C ALA A 299 -3.01 30.85 21.94
N LEU A 300 -1.70 30.58 21.87
CA LEU A 300 -1.20 29.25 21.60
C LEU A 300 -1.55 28.32 22.75
N ALA A 301 -2.00 28.91 23.84
CA ALA A 301 -2.40 28.15 25.03
C ALA A 301 -3.82 27.62 24.82
N ASN A 302 -4.50 28.14 23.80
CA ASN A 302 -5.85 27.71 23.48
C ASN A 302 -5.80 26.49 22.56
N LYS A 303 -6.94 25.84 22.39
CA LYS A 303 -7.02 24.66 21.56
C LYS A 303 -8.02 24.88 20.42
N HIS A 304 -7.66 24.46 19.22
CA HIS A 304 -8.53 24.63 18.07
C HIS A 304 -9.71 23.67 18.14
N THR A 305 -10.86 24.17 17.72
CA THR A 305 -12.07 23.36 17.75
C THR A 305 -12.91 23.52 16.48
N ILE A 306 -14.00 22.76 16.42
CA ILE A 306 -14.91 22.80 15.30
C ILE A 306 -16.30 23.13 15.82
N ASP A 307 -17.18 23.54 14.92
CA ASP A 307 -18.55 23.88 15.29
C ASP A 307 -19.41 22.63 15.32
N GLN A 308 -19.50 21.99 16.48
CA GLN A 308 -20.30 20.77 16.64
C GLN A 308 -21.60 20.86 15.86
N ARG A 309 -22.28 21.99 15.99
CA ARG A 309 -23.55 22.21 15.30
C ARG A 309 -23.39 22.01 13.80
N MET A 310 -22.20 22.25 13.29
CA MET A 310 -21.93 22.12 11.86
C MET A 310 -21.72 20.66 11.47
N TYR A 311 -21.14 19.89 12.39
CA TYR A 311 -20.90 18.48 12.15
C TYR A 311 -22.26 17.80 12.25
N ALA A 312 -23.04 18.21 13.24
CA ALA A 312 -24.37 17.65 13.46
C ALA A 312 -25.27 17.88 12.26
N LEU A 313 -24.95 18.89 11.45
CA LEU A 313 -25.74 19.20 10.26
C LEU A 313 -25.35 18.25 9.14
N SER A 314 -24.08 17.88 9.08
CA SER A 314 -23.61 16.95 8.07
C SER A 314 -24.34 15.64 8.31
N LYS A 315 -24.68 15.39 9.57
CA LYS A 315 -25.40 14.18 9.95
C LYS A 315 -26.83 14.24 9.38
N GLU A 316 -27.56 15.29 9.76
CA GLU A 316 -28.93 15.50 9.32
C GLU A 316 -29.05 15.50 7.80
N LEU A 317 -28.37 16.45 7.17
CA LEU A 317 -28.41 16.58 5.72
C LEU A 317 -28.00 15.34 4.95
N SER A 318 -27.06 14.58 5.49
CA SER A 318 -26.61 13.37 4.79
C SER A 318 -27.22 12.10 5.36
N ILE A 319 -28.17 11.53 4.62
CA ILE A 319 -28.83 10.31 5.03
C ILE A 319 -29.75 9.81 3.91
N MET B 1 -32.01 1.44 -40.24
CA MET B 1 -32.55 0.98 -38.92
C MET B 1 -33.59 1.95 -38.34
N LYS B 2 -34.51 1.38 -37.56
CA LYS B 2 -35.57 2.14 -36.94
C LYS B 2 -35.14 2.56 -35.54
N ARG B 3 -34.62 1.62 -34.77
CA ARG B 3 -34.16 1.95 -33.45
C ARG B 3 -32.86 1.24 -33.17
N ILE B 4 -31.94 1.94 -32.54
CA ILE B 4 -30.65 1.38 -32.20
C ILE B 4 -30.46 1.59 -30.71
N GLY B 5 -29.37 1.06 -30.15
CA GLY B 5 -29.11 1.21 -28.73
C GLY B 5 -27.73 1.70 -28.41
N VAL B 6 -27.53 2.13 -27.17
CA VAL B 6 -26.24 2.62 -26.73
C VAL B 6 -25.95 2.17 -25.30
N LEU B 7 -24.74 1.70 -25.07
CA LEU B 7 -24.37 1.28 -23.74
C LEU B 7 -22.90 1.60 -23.54
N THR B 8 -22.53 1.81 -22.29
CA THR B 8 -21.16 2.14 -21.92
C THR B 8 -20.63 1.08 -20.96
N SER B 9 -19.56 0.41 -21.33
CA SER B 9 -18.97 -0.61 -20.48
C SER B 9 -17.55 -0.21 -20.18
N GLY B 10 -16.94 -0.85 -19.19
CA GLY B 10 -15.57 -0.54 -18.84
C GLY B 10 -15.51 0.57 -17.82
N GLY B 11 -14.33 1.06 -17.50
CA GLY B 11 -14.25 2.12 -16.53
C GLY B 11 -14.85 3.36 -17.13
N ASP B 12 -15.62 4.12 -16.37
CA ASP B 12 -16.20 5.33 -16.92
C ASP B 12 -15.05 6.29 -17.24
N SER B 13 -15.32 7.30 -18.07
CA SER B 13 -14.31 8.29 -18.45
C SER B 13 -15.01 9.59 -18.84
N PRO B 14 -14.35 10.74 -18.67
CA PRO B 14 -14.99 12.01 -19.03
C PRO B 14 -15.22 12.13 -20.54
N GLY B 15 -16.45 12.44 -20.92
CA GLY B 15 -16.76 12.58 -22.33
C GLY B 15 -17.74 11.55 -22.85
N MET B 16 -17.86 10.43 -22.15
CA MET B 16 -18.80 9.40 -22.58
C MET B 16 -20.17 10.03 -22.79
N ASN B 17 -20.57 10.91 -21.87
CA ASN B 17 -21.87 11.57 -21.97
C ASN B 17 -21.98 12.35 -23.27
N ALA B 18 -20.90 13.05 -23.63
CA ALA B 18 -20.86 13.81 -24.87
C ALA B 18 -21.17 12.78 -25.94
N ALA B 19 -20.39 11.70 -25.93
CA ALA B 19 -20.57 10.62 -26.89
C ALA B 19 -22.01 10.11 -26.84
N ILE B 20 -22.59 10.00 -25.65
CA ILE B 20 -23.97 9.51 -25.51
C ILE B 20 -24.88 10.48 -26.25
N ARG B 21 -24.84 11.74 -25.84
CA ARG B 21 -25.66 12.78 -26.47
C ARG B 21 -25.44 12.77 -27.98
N SER B 22 -24.19 12.81 -28.41
CA SER B 22 -23.90 12.77 -29.83
C SER B 22 -24.75 11.64 -30.43
N VAL B 23 -24.42 10.40 -30.10
CA VAL B 23 -25.14 9.22 -30.58
C VAL B 23 -26.66 9.39 -30.58
N VAL B 24 -27.22 9.82 -29.45
CA VAL B 24 -28.67 10.00 -29.33
C VAL B 24 -29.22 11.00 -30.33
N ARG B 25 -28.70 12.23 -30.31
CA ARG B 25 -29.14 13.28 -31.23
C ARG B 25 -28.88 12.89 -32.69
N LYS B 26 -27.62 12.71 -33.05
CA LYS B 26 -27.27 12.34 -34.42
C LYS B 26 -28.20 11.28 -34.95
N ALA B 27 -28.59 10.37 -34.07
CA ALA B 27 -29.50 9.32 -34.47
C ALA B 27 -30.87 9.98 -34.65
N ILE B 28 -31.32 10.69 -33.62
CA ILE B 28 -32.61 11.37 -33.69
C ILE B 28 -32.68 12.28 -34.91
N TYR B 29 -31.53 12.72 -35.39
CA TYR B 29 -31.50 13.60 -36.55
C TYR B 29 -31.85 12.85 -37.82
N HIS B 30 -31.49 11.57 -37.87
CA HIS B 30 -31.80 10.73 -39.02
C HIS B 30 -33.12 10.00 -38.79
N GLY B 31 -33.86 10.49 -37.79
CA GLY B 31 -35.13 9.90 -37.44
C GLY B 31 -35.00 8.46 -36.99
N VAL B 32 -34.07 8.23 -36.08
CA VAL B 32 -33.83 6.90 -35.53
C VAL B 32 -34.03 6.97 -34.02
N GLU B 33 -34.60 5.92 -33.44
CA GLU B 33 -34.82 5.89 -31.99
C GLU B 33 -33.59 5.29 -31.33
N VAL B 34 -33.28 5.77 -30.12
CA VAL B 34 -32.11 5.28 -29.38
C VAL B 34 -32.53 4.87 -27.99
N TYR B 35 -32.30 3.62 -27.66
CA TYR B 35 -32.65 3.13 -26.34
C TYR B 35 -31.37 3.13 -25.52
N GLY B 36 -31.51 3.45 -24.24
CA GLY B 36 -30.34 3.48 -23.37
C GLY B 36 -30.17 2.18 -22.63
N VAL B 37 -28.96 1.64 -22.64
CA VAL B 37 -28.70 0.40 -21.95
C VAL B 37 -27.95 0.73 -20.67
N TYR B 38 -28.64 0.50 -19.56
CA TYR B 38 -28.10 0.78 -18.23
C TYR B 38 -27.24 -0.30 -17.58
N HIS B 39 -26.15 0.14 -16.94
CA HIS B 39 -25.24 -0.75 -16.25
C HIS B 39 -24.54 -1.66 -17.24
N GLY B 40 -23.87 -1.02 -18.19
CA GLY B 40 -23.13 -1.72 -19.23
C GLY B 40 -23.78 -2.99 -19.68
N TYR B 41 -22.97 -3.97 -20.06
CA TYR B 41 -23.46 -5.26 -20.54
C TYR B 41 -24.32 -5.98 -19.51
N ALA B 42 -23.99 -5.83 -18.23
CA ALA B 42 -24.77 -6.46 -17.17
C ALA B 42 -26.24 -6.16 -17.36
N GLY B 43 -26.57 -4.89 -17.55
CA GLY B 43 -27.95 -4.51 -17.75
C GLY B 43 -28.52 -5.06 -19.05
N LEU B 44 -27.68 -5.20 -20.06
CA LEU B 44 -28.15 -5.72 -21.33
C LEU B 44 -28.87 -7.06 -21.08
N ILE B 45 -28.17 -7.94 -20.36
CA ILE B 45 -28.66 -9.26 -20.02
C ILE B 45 -29.79 -9.18 -19.02
N ALA B 46 -29.69 -8.23 -18.10
CA ALA B 46 -30.73 -8.06 -17.10
C ALA B 46 -32.01 -7.53 -17.75
N GLY B 47 -31.83 -6.84 -18.86
CA GLY B 47 -32.97 -6.27 -19.55
C GLY B 47 -33.31 -4.91 -18.96
N ASN B 48 -32.29 -4.06 -18.84
CA ASN B 48 -32.45 -2.71 -18.32
C ASN B 48 -32.40 -1.75 -19.51
N ILE B 49 -33.52 -1.61 -20.22
CA ILE B 49 -33.56 -0.73 -21.38
C ILE B 49 -34.71 0.27 -21.41
N LYS B 50 -34.37 1.56 -21.34
CA LYS B 50 -35.35 2.63 -21.36
C LYS B 50 -35.14 3.51 -22.57
N LYS B 51 -36.22 3.90 -23.21
CA LYS B 51 -36.16 4.76 -24.39
C LYS B 51 -35.51 6.11 -24.07
N LEU B 52 -34.45 6.45 -24.79
CA LEU B 52 -33.76 7.73 -24.57
C LEU B 52 -34.38 8.84 -25.40
N GLU B 53 -35.14 9.71 -24.74
CA GLU B 53 -35.79 10.82 -25.40
C GLU B 53 -34.75 11.93 -25.62
N VAL B 54 -34.88 12.66 -26.72
CA VAL B 54 -33.94 13.72 -27.02
C VAL B 54 -33.77 14.62 -25.79
N GLY B 55 -34.81 14.68 -24.96
CA GLY B 55 -34.75 15.50 -23.77
C GLY B 55 -33.69 15.04 -22.80
N ASP B 56 -33.53 13.73 -22.66
CA ASP B 56 -32.56 13.17 -21.73
C ASP B 56 -31.08 13.52 -21.95
N VAL B 57 -30.63 13.60 -23.20
CA VAL B 57 -29.21 13.91 -23.48
C VAL B 57 -28.78 15.36 -23.58
N GLY B 58 -29.72 16.28 -23.71
CA GLY B 58 -29.32 17.67 -23.78
C GLY B 58 -29.00 18.06 -22.35
N ASP B 59 -28.09 19.01 -22.16
CA ASP B 59 -27.69 19.48 -20.83
C ASP B 59 -26.69 18.59 -20.06
N ILE B 60 -26.08 17.63 -20.76
CA ILE B 60 -25.11 16.78 -20.10
C ILE B 60 -23.83 16.68 -20.92
N ILE B 61 -23.78 17.39 -22.05
CA ILE B 61 -22.59 17.36 -22.88
C ILE B 61 -21.34 17.65 -22.06
N HIS B 62 -21.52 18.40 -20.98
CA HIS B 62 -20.40 18.78 -20.13
C HIS B 62 -20.29 17.97 -18.85
N ARG B 63 -20.84 16.76 -18.82
CA ARG B 63 -20.77 15.97 -17.60
C ARG B 63 -19.85 14.76 -17.58
N GLY B 64 -19.26 14.50 -16.43
CA GLY B 64 -18.39 13.36 -16.28
C GLY B 64 -19.20 12.09 -16.08
N GLY B 65 -18.55 10.94 -16.20
CA GLY B 65 -19.23 9.68 -16.04
C GLY B 65 -20.20 9.39 -17.18
N THR B 66 -21.13 8.48 -16.91
CA THR B 66 -22.13 8.09 -17.89
C THR B 66 -23.50 8.04 -17.24
N ILE B 67 -24.45 8.75 -17.82
CA ILE B 67 -25.79 8.77 -17.27
C ILE B 67 -26.37 7.37 -17.43
N LEU B 68 -25.73 6.55 -18.24
CA LEU B 68 -26.22 5.20 -18.48
C LEU B 68 -25.66 4.17 -17.51
N TYR B 69 -24.57 4.55 -16.83
CA TYR B 69 -23.88 3.69 -15.87
C TYR B 69 -23.06 2.64 -16.60
N THR B 70 -22.15 2.00 -15.88
CA THR B 70 -21.29 0.98 -16.48
C THR B 70 -20.80 -0.03 -15.45
N ALA B 71 -21.24 -1.28 -15.58
CA ALA B 71 -20.83 -2.32 -14.66
C ALA B 71 -19.93 -3.34 -15.35
N ARG B 72 -19.51 -4.37 -14.59
CA ARG B 72 -18.66 -5.44 -15.11
C ARG B 72 -19.53 -6.69 -15.10
N CYS B 73 -19.66 -7.34 -16.24
CA CYS B 73 -20.47 -8.54 -16.31
C CYS B 73 -19.66 -9.74 -16.77
N PRO B 74 -19.67 -10.82 -15.97
CA PRO B 74 -18.93 -12.04 -16.32
C PRO B 74 -19.76 -12.90 -17.27
N GLU B 75 -21.05 -13.00 -16.99
CA GLU B 75 -21.99 -13.78 -17.79
C GLU B 75 -21.78 -13.49 -19.27
N PHE B 76 -21.59 -12.21 -19.58
CA PHE B 76 -21.39 -11.75 -20.95
C PHE B 76 -19.99 -12.13 -21.43
N LYS B 77 -19.61 -13.36 -21.17
CA LYS B 77 -18.30 -13.86 -21.59
C LYS B 77 -18.49 -15.24 -22.20
N THR B 78 -19.74 -15.68 -22.20
CA THR B 78 -20.13 -16.99 -22.72
C THR B 78 -21.25 -16.92 -23.76
N GLU B 79 -21.27 -17.87 -24.69
CA GLU B 79 -22.33 -17.88 -25.71
C GLU B 79 -23.67 -17.64 -25.03
N GLU B 80 -24.07 -18.59 -24.20
CA GLU B 80 -25.32 -18.53 -23.47
C GLU B 80 -25.59 -17.15 -22.87
N GLY B 81 -24.54 -16.43 -22.53
CA GLY B 81 -24.72 -15.11 -21.93
C GLY B 81 -25.00 -14.04 -22.96
N GLN B 82 -24.15 -13.97 -23.98
CA GLN B 82 -24.29 -13.00 -25.05
C GLN B 82 -25.66 -13.15 -25.71
N LYS B 83 -26.09 -14.40 -25.86
CA LYS B 83 -27.38 -14.72 -26.46
C LYS B 83 -28.52 -14.14 -25.61
N LYS B 84 -28.48 -14.36 -24.30
CA LYS B 84 -29.54 -13.86 -23.43
C LYS B 84 -29.64 -12.34 -23.50
N GLY B 85 -28.58 -11.71 -24.01
CA GLY B 85 -28.59 -10.26 -24.16
C GLY B 85 -29.12 -9.93 -25.56
N ILE B 86 -28.67 -10.68 -26.55
CA ILE B 86 -29.10 -10.46 -27.93
C ILE B 86 -30.60 -10.61 -28.04
N GLU B 87 -31.21 -11.18 -27.02
CA GLU B 87 -32.64 -11.37 -27.05
C GLU B 87 -33.27 -10.16 -26.37
N GLN B 88 -32.76 -9.81 -25.20
CA GLN B 88 -33.28 -8.64 -24.49
C GLN B 88 -33.29 -7.45 -25.43
N LEU B 89 -32.32 -7.41 -26.36
CA LEU B 89 -32.23 -6.33 -27.33
C LEU B 89 -33.43 -6.44 -28.27
N LYS B 90 -33.56 -7.60 -28.89
CA LYS B 90 -34.66 -7.81 -29.82
C LYS B 90 -35.99 -7.58 -29.11
N LYS B 91 -36.05 -7.97 -27.84
CA LYS B 91 -37.26 -7.80 -27.04
C LYS B 91 -37.82 -6.39 -27.23
N HIS B 92 -36.95 -5.38 -27.15
CA HIS B 92 -37.37 -3.99 -27.28
C HIS B 92 -37.37 -3.41 -28.71
N GLY B 93 -37.14 -4.27 -29.69
CA GLY B 93 -37.14 -3.80 -31.07
C GLY B 93 -35.78 -3.37 -31.59
N ILE B 94 -34.86 -3.10 -30.67
CA ILE B 94 -33.52 -2.66 -31.06
C ILE B 94 -32.91 -3.48 -32.21
N GLU B 95 -32.24 -2.78 -33.14
CA GLU B 95 -31.64 -3.41 -34.31
C GLU B 95 -30.13 -3.32 -34.38
N GLY B 96 -29.55 -2.39 -33.63
CA GLY B 96 -28.11 -2.22 -33.66
C GLY B 96 -27.68 -1.75 -32.29
N LEU B 97 -26.39 -1.53 -32.10
CA LEU B 97 -25.97 -1.09 -30.78
C LEU B 97 -24.63 -0.36 -30.79
N VAL B 98 -24.58 0.76 -30.09
CA VAL B 98 -23.37 1.56 -29.96
C VAL B 98 -22.76 1.31 -28.59
N VAL B 99 -21.49 0.90 -28.56
CA VAL B 99 -20.78 0.60 -27.31
C VAL B 99 -19.67 1.60 -27.00
N ILE B 100 -19.81 2.31 -25.88
CA ILE B 100 -18.80 3.30 -25.48
C ILE B 100 -18.07 2.80 -24.23
N GLY B 101 -16.75 2.58 -24.36
CA GLY B 101 -16.00 2.11 -23.23
C GLY B 101 -14.61 1.60 -23.56
N GLY B 102 -14.02 0.87 -22.61
CA GLY B 102 -12.69 0.30 -22.80
C GLY B 102 -12.62 -0.78 -23.86
N ASP B 103 -11.44 -1.41 -23.96
CA ASP B 103 -11.21 -2.48 -24.94
C ASP B 103 -12.06 -3.72 -24.64
N GLY B 104 -12.45 -3.87 -23.37
CA GLY B 104 -13.27 -5.00 -22.99
C GLY B 104 -14.63 -4.87 -23.65
N SER B 105 -15.04 -3.63 -23.89
CA SER B 105 -16.31 -3.33 -24.53
C SER B 105 -16.28 -3.90 -25.94
N TYR B 106 -15.11 -3.83 -26.57
CA TYR B 106 -14.94 -4.32 -27.92
C TYR B 106 -15.10 -5.84 -28.04
N GLN B 107 -14.62 -6.57 -27.03
CA GLN B 107 -14.73 -8.03 -27.01
C GLN B 107 -16.18 -8.35 -27.22
N GLY B 108 -17.03 -7.72 -26.41
CA GLY B 108 -18.45 -7.93 -26.53
C GLY B 108 -18.93 -7.42 -27.88
N ALA B 109 -18.49 -6.23 -28.26
CA ALA B 109 -18.89 -5.68 -29.54
C ALA B 109 -18.71 -6.74 -30.62
N LYS B 110 -17.51 -7.31 -30.69
CA LYS B 110 -17.20 -8.34 -31.68
C LYS B 110 -18.14 -9.56 -31.56
N LYS B 111 -18.12 -10.22 -30.40
CA LYS B 111 -18.98 -11.37 -30.20
C LYS B 111 -20.39 -11.01 -30.64
N LEU B 112 -21.00 -10.05 -29.94
CA LEU B 112 -22.36 -9.59 -30.25
C LEU B 112 -22.56 -9.51 -31.75
N THR B 113 -21.49 -9.16 -32.47
CA THR B 113 -21.55 -9.04 -33.91
C THR B 113 -21.49 -10.43 -34.56
N GLU B 114 -20.62 -11.28 -34.04
CA GLU B 114 -20.46 -12.63 -34.56
C GLU B 114 -21.74 -13.44 -34.41
N HIS B 115 -22.73 -12.86 -33.75
CA HIS B 115 -23.99 -13.54 -33.55
C HIS B 115 -25.02 -12.98 -34.52
N GLY B 116 -24.54 -12.09 -35.40
CA GLY B 116 -25.43 -11.48 -36.37
C GLY B 116 -26.12 -10.23 -35.84
N PHE B 117 -25.44 -9.51 -34.95
CA PHE B 117 -26.01 -8.29 -34.39
C PHE B 117 -25.08 -7.08 -34.51
N PRO B 118 -25.51 -6.07 -35.28
CA PRO B 118 -24.79 -4.83 -35.53
C PRO B 118 -24.24 -4.14 -34.29
N CYS B 119 -22.93 -4.04 -34.19
CA CYS B 119 -22.30 -3.39 -33.05
C CYS B 119 -21.07 -2.60 -33.39
N VAL B 120 -21.04 -1.35 -32.99
CA VAL B 120 -19.90 -0.49 -33.22
C VAL B 120 -19.37 -0.02 -31.86
N GLY B 121 -18.06 0.10 -31.75
CA GLY B 121 -17.52 0.53 -30.49
C GLY B 121 -16.90 1.90 -30.58
N VAL B 122 -17.21 2.74 -29.61
CA VAL B 122 -16.64 4.08 -29.51
C VAL B 122 -15.64 3.97 -28.36
N PRO B 123 -14.37 4.33 -28.60
CA PRO B 123 -13.32 4.27 -27.59
C PRO B 123 -13.47 5.29 -26.46
N GLY B 124 -13.78 4.81 -25.26
CA GLY B 124 -13.91 5.72 -24.14
C GLY B 124 -13.13 5.24 -22.95
N THR B 125 -11.92 5.78 -22.78
CA THR B 125 -11.08 5.39 -21.65
C THR B 125 -9.99 6.42 -21.44
N ILE B 126 -9.72 6.76 -20.18
CA ILE B 126 -8.67 7.74 -19.91
C ILE B 126 -7.30 7.17 -20.24
N ASP B 127 -7.16 5.84 -20.21
CA ASP B 127 -5.89 5.17 -20.49
C ASP B 127 -5.30 5.45 -21.84
N ASN B 128 -6.13 5.81 -22.80
CA ASN B 128 -5.64 6.08 -24.14
C ASN B 128 -4.79 4.88 -24.56
N ASP B 129 -5.43 3.79 -24.98
CA ASP B 129 -4.70 2.60 -25.41
C ASP B 129 -5.55 1.65 -26.26
N ILE B 130 -6.78 2.04 -26.56
CA ILE B 130 -7.61 1.22 -27.42
C ILE B 130 -6.84 1.29 -28.73
N PRO B 131 -6.77 0.19 -29.49
CA PRO B 131 -6.04 0.28 -30.75
C PRO B 131 -6.87 0.91 -31.85
N GLY B 132 -6.21 1.35 -32.92
CA GLY B 132 -6.94 1.95 -34.02
C GLY B 132 -7.30 3.41 -33.83
N THR B 133 -6.81 4.03 -32.78
CA THR B 133 -7.11 5.43 -32.56
C THR B 133 -6.05 6.11 -31.71
N ASP B 134 -5.55 7.24 -32.21
CA ASP B 134 -4.53 8.00 -31.52
C ASP B 134 -4.95 8.39 -30.11
N PHE B 135 -6.21 8.78 -29.94
CA PHE B 135 -6.72 9.18 -28.63
C PHE B 135 -8.06 8.54 -28.34
N THR B 136 -8.45 8.57 -27.07
CA THR B 136 -9.71 8.00 -26.62
C THR B 136 -10.48 9.03 -25.81
N ILE B 137 -11.80 8.91 -25.80
CA ILE B 137 -12.60 9.85 -25.04
C ILE B 137 -12.20 9.76 -23.58
N GLY B 138 -11.74 10.88 -23.03
CA GLY B 138 -11.34 10.93 -21.64
C GLY B 138 -9.84 11.15 -21.42
N PHE B 139 -9.03 10.88 -22.44
CA PHE B 139 -7.61 11.04 -22.28
C PHE B 139 -7.16 12.47 -21.98
N ASP B 140 -7.63 13.42 -22.79
CA ASP B 140 -7.27 14.82 -22.61
C ASP B 140 -7.81 15.31 -21.28
N THR B 141 -8.92 14.74 -20.87
CA THR B 141 -9.54 15.13 -19.63
C THR B 141 -8.83 14.57 -18.41
N ALA B 142 -8.03 13.52 -18.61
CA ALA B 142 -7.30 12.93 -17.49
C ALA B 142 -5.94 13.60 -17.45
N LEU B 143 -5.34 13.70 -18.63
CA LEU B 143 -4.04 14.33 -18.82
C LEU B 143 -4.08 15.73 -18.20
N ASN B 144 -5.18 16.43 -18.43
CA ASN B 144 -5.35 17.77 -17.89
C ASN B 144 -5.60 17.71 -16.38
N THR B 145 -6.20 16.65 -15.88
CA THR B 145 -6.45 16.53 -14.45
C THR B 145 -5.11 16.32 -13.74
N VAL B 146 -4.25 15.53 -14.38
CA VAL B 146 -2.93 15.21 -13.87
C VAL B 146 -1.97 16.40 -13.86
N ILE B 147 -1.76 17.02 -15.04
CA ILE B 147 -0.84 18.13 -15.15
C ILE B 147 -1.27 19.22 -14.21
N ASP B 148 -2.55 19.21 -13.89
CA ASP B 148 -3.12 20.19 -12.98
C ASP B 148 -2.65 19.88 -11.57
N ALA B 149 -2.44 18.61 -11.28
CA ALA B 149 -1.97 18.20 -9.96
C ALA B 149 -0.46 18.41 -9.95
N ILE B 150 0.17 18.15 -11.07
CA ILE B 150 1.62 18.33 -11.16
C ILE B 150 1.94 19.80 -10.91
N ASP B 151 1.02 20.68 -11.30
CA ASP B 151 1.22 22.12 -11.10
C ASP B 151 1.06 22.53 -9.64
N LYS B 152 0.07 21.95 -8.96
CA LYS B 152 -0.15 22.27 -7.55
C LYS B 152 0.91 21.64 -6.69
N ILE B 153 1.32 20.44 -7.07
CA ILE B 153 2.33 19.70 -6.34
C ILE B 153 3.70 20.29 -6.59
N ARG B 154 3.83 21.14 -7.60
CA ARG B 154 5.11 21.76 -7.91
C ARG B 154 5.29 23.02 -7.07
N ASP B 155 4.19 23.67 -6.72
CA ASP B 155 4.24 24.87 -5.90
C ASP B 155 4.87 24.50 -4.57
N THR B 156 4.31 23.46 -3.94
CA THR B 156 4.79 22.98 -2.65
C THR B 156 6.05 22.15 -2.78
N ALA B 157 6.26 21.56 -3.96
CA ALA B 157 7.46 20.75 -4.15
C ALA B 157 8.69 21.67 -4.21
N THR B 158 8.44 22.94 -4.52
CA THR B 158 9.50 23.95 -4.61
C THR B 158 9.68 24.58 -3.24
N SER B 159 8.56 24.85 -2.58
CA SER B 159 8.58 25.48 -1.27
C SER B 159 9.47 24.76 -0.24
N HIS B 160 9.53 23.44 -0.29
CA HIS B 160 10.35 22.71 0.66
C HIS B 160 11.51 22.04 -0.06
N GLU B 161 11.85 22.52 -1.25
CA GLU B 161 12.91 21.93 -2.07
C GLU B 161 12.91 20.40 -1.98
N ARG B 162 11.72 19.80 -1.96
CA ARG B 162 11.59 18.34 -1.89
C ARG B 162 11.58 17.64 -3.23
N THR B 163 11.82 16.34 -3.23
CA THR B 163 11.79 15.57 -4.47
C THR B 163 10.45 14.88 -4.51
N TRP B 164 9.78 14.92 -5.67
CA TRP B 164 8.45 14.34 -5.77
C TRP B 164 8.25 13.19 -6.73
N VAL B 165 7.23 12.38 -6.41
CA VAL B 165 6.87 11.22 -7.22
C VAL B 165 5.36 11.13 -7.32
N ILE B 166 4.82 11.44 -8.50
CA ILE B 166 3.38 11.38 -8.74
C ILE B 166 3.08 10.06 -9.39
N GLU B 167 2.01 9.41 -8.96
CA GLU B 167 1.65 8.14 -9.55
C GLU B 167 0.41 8.38 -10.40
N VAL B 168 0.53 8.19 -11.70
CA VAL B 168 -0.61 8.43 -12.58
C VAL B 168 -1.48 7.19 -12.76
N MET B 169 -1.99 6.99 -13.98
CA MET B 169 -2.82 5.84 -14.26
C MET B 169 -2.58 5.40 -15.69
N GLY B 170 -3.49 4.58 -16.22
CA GLY B 170 -3.34 4.09 -17.57
C GLY B 170 -2.74 2.71 -17.53
N ARG B 171 -3.06 1.98 -16.48
CA ARG B 171 -2.58 0.62 -16.27
C ARG B 171 -1.35 0.24 -17.07
N HIS B 172 -1.53 -0.67 -18.03
CA HIS B 172 -0.42 -1.15 -18.82
C HIS B 172 0.01 -0.20 -19.95
N ALA B 173 -0.32 1.07 -19.81
CA ALA B 173 0.03 2.06 -20.82
C ALA B 173 0.76 3.25 -20.19
N GLY B 174 1.70 3.84 -20.92
CA GLY B 174 2.43 4.97 -20.39
C GLY B 174 1.97 6.31 -20.95
N ASP B 175 0.79 6.35 -21.56
CA ASP B 175 0.29 7.59 -22.13
C ASP B 175 -0.01 8.69 -21.10
N ILE B 176 -0.96 8.49 -20.18
CA ILE B 176 -1.25 9.54 -19.19
C ILE B 176 0.06 9.95 -18.52
N ALA B 177 1.06 9.09 -18.60
CA ALA B 177 2.34 9.37 -17.99
C ALA B 177 3.16 10.20 -18.94
N LEU B 178 3.47 9.67 -20.11
CA LEU B 178 4.27 10.41 -21.07
C LEU B 178 3.72 11.78 -21.38
N TYR B 179 2.57 11.84 -22.05
CA TYR B 179 1.96 13.12 -22.40
C TYR B 179 1.93 14.05 -21.20
N SER B 180 1.40 13.56 -20.09
CA SER B 180 1.32 14.33 -18.86
C SER B 180 2.69 14.85 -18.44
N GLY B 181 3.52 13.93 -17.97
CA GLY B 181 4.86 14.30 -17.52
C GLY B 181 5.53 15.33 -18.38
N LEU B 182 5.54 15.10 -19.69
CA LEU B 182 6.15 16.03 -20.62
C LEU B 182 5.52 17.39 -20.34
N ALA B 183 4.19 17.40 -20.37
CA ALA B 183 3.39 18.59 -20.15
C ALA B 183 3.69 19.27 -18.84
N GLY B 184 4.18 18.51 -17.86
CA GLY B 184 4.48 19.08 -16.57
C GLY B 184 5.91 19.48 -16.28
N GLY B 185 6.80 19.29 -17.25
CA GLY B 185 8.20 19.63 -17.04
C GLY B 185 8.78 18.63 -16.07
N ALA B 186 8.28 17.40 -16.16
CA ALA B 186 8.71 16.29 -15.31
C ALA B 186 10.19 15.98 -15.52
N GLU B 187 10.95 15.98 -14.42
CA GLU B 187 12.38 15.69 -14.46
C GLU B 187 12.68 14.31 -15.04
N THR B 188 11.72 13.40 -14.89
CA THR B 188 11.86 12.03 -15.38
C THR B 188 10.47 11.41 -15.49
N ILE B 189 10.26 10.60 -16.53
CA ILE B 189 8.98 9.93 -16.69
C ILE B 189 9.25 8.45 -16.87
N LEU B 190 8.64 7.62 -16.03
CA LEU B 190 8.82 6.18 -16.10
C LEU B 190 7.62 5.48 -16.72
N ILE B 191 7.78 4.96 -17.94
CA ILE B 191 6.68 4.27 -18.60
C ILE B 191 7.10 2.91 -19.15
N PRO B 192 6.12 2.01 -19.33
CA PRO B 192 6.33 0.66 -19.83
C PRO B 192 7.09 0.66 -21.17
N GLU B 193 6.47 1.24 -22.17
CA GLU B 193 7.02 1.31 -23.53
C GLU B 193 8.54 1.50 -23.67
N ALA B 194 9.22 1.90 -22.59
CA ALA B 194 10.66 2.12 -22.67
C ALA B 194 11.37 1.77 -21.37
N ASP B 195 12.63 1.38 -21.48
CA ASP B 195 13.43 0.98 -20.32
C ASP B 195 14.00 2.16 -19.55
N TYR B 196 14.23 1.92 -18.26
CA TYR B 196 14.77 2.92 -17.34
C TYR B 196 15.71 2.24 -16.34
N ASP B 197 16.89 2.80 -16.16
CA ASP B 197 17.85 2.26 -15.21
C ASP B 197 17.77 3.08 -13.92
N MET B 198 17.05 2.54 -12.93
CA MET B 198 16.86 3.22 -11.66
C MET B 198 18.13 3.84 -11.07
N ASN B 199 19.29 3.35 -11.49
CA ASN B 199 20.54 3.89 -11.01
C ASN B 199 20.73 5.24 -11.68
N ASP B 200 20.87 5.22 -13.01
CA ASP B 200 21.04 6.45 -13.77
C ASP B 200 19.97 7.48 -13.37
N VAL B 201 18.74 7.02 -13.25
CA VAL B 201 17.63 7.88 -12.87
C VAL B 201 17.93 8.56 -11.54
N ILE B 202 18.81 7.96 -10.75
CA ILE B 202 19.18 8.53 -9.46
C ILE B 202 20.46 9.34 -9.61
N ALA B 203 21.20 9.09 -10.67
CA ALA B 203 22.43 9.83 -10.91
C ALA B 203 22.05 11.24 -11.32
N ARG B 204 21.17 11.37 -12.32
CA ARG B 204 20.76 12.68 -12.79
C ARG B 204 20.12 13.44 -11.66
N LEU B 205 19.42 12.74 -10.78
CA LEU B 205 18.80 13.40 -9.65
C LEU B 205 19.90 14.08 -8.83
N LYS B 206 21.00 13.38 -8.63
CA LYS B 206 22.11 13.96 -7.88
C LYS B 206 22.76 15.06 -8.71
N ARG B 207 22.85 14.84 -10.01
CA ARG B 207 23.45 15.81 -10.92
C ARG B 207 22.62 17.08 -10.97
N GLY B 208 21.39 16.96 -11.43
CA GLY B 208 20.52 18.12 -11.51
C GLY B 208 20.37 18.79 -10.16
N HIS B 209 20.87 18.14 -9.12
CA HIS B 209 20.79 18.66 -7.76
C HIS B 209 21.87 19.72 -7.62
N GLU B 210 23.10 19.33 -7.90
CA GLU B 210 24.26 20.23 -7.82
C GLU B 210 23.98 21.50 -8.63
N ARG B 211 23.30 21.31 -9.76
CA ARG B 211 22.97 22.40 -10.68
C ARG B 211 22.09 23.50 -10.08
N GLY B 212 21.72 23.36 -8.81
CA GLY B 212 20.92 24.39 -8.17
C GLY B 212 19.45 24.09 -7.92
N LYS B 213 18.81 23.36 -8.83
CA LYS B 213 17.40 23.04 -8.65
C LYS B 213 17.26 21.87 -7.66
N LYS B 214 16.80 22.17 -6.46
CA LYS B 214 16.65 21.14 -5.44
C LYS B 214 15.32 20.41 -5.46
N HIS B 215 14.33 20.97 -6.15
CA HIS B 215 13.04 20.30 -6.24
C HIS B 215 12.92 19.61 -7.58
N SER B 216 12.61 18.31 -7.53
CA SER B 216 12.46 17.52 -8.74
C SER B 216 11.12 16.82 -8.69
N ILE B 217 10.59 16.48 -9.85
CA ILE B 217 9.30 15.80 -9.92
C ILE B 217 9.41 14.60 -10.85
N ILE B 218 9.20 13.42 -10.28
CA ILE B 218 9.27 12.18 -11.03
C ILE B 218 7.86 11.68 -11.32
N ILE B 219 7.56 11.49 -12.60
CA ILE B 219 6.25 10.99 -13.00
C ILE B 219 6.43 9.51 -13.31
N VAL B 220 5.58 8.70 -12.69
CA VAL B 220 5.62 7.25 -12.85
C VAL B 220 4.27 6.73 -13.28
N ALA B 221 4.24 5.91 -14.33
CA ALA B 221 2.98 5.31 -14.78
C ALA B 221 2.74 4.20 -13.79
N GLU B 222 1.51 4.00 -13.36
CA GLU B 222 1.28 2.92 -12.41
C GLU B 222 1.60 1.60 -13.08
N GLY B 223 1.64 1.62 -14.41
CA GLY B 223 1.97 0.41 -15.13
C GLY B 223 3.30 -0.20 -14.80
N VAL B 224 4.32 0.62 -14.57
CA VAL B 224 5.66 0.12 -14.28
C VAL B 224 5.97 -0.06 -12.80
N GLY B 225 4.96 -0.03 -11.95
CA GLY B 225 5.23 -0.21 -10.53
C GLY B 225 4.34 0.54 -9.58
N SER B 226 4.94 1.06 -8.52
CA SER B 226 4.20 1.81 -7.52
C SER B 226 4.99 2.99 -7.03
N GLY B 227 4.36 4.15 -7.02
CA GLY B 227 5.06 5.33 -6.55
C GLY B 227 5.67 5.05 -5.20
N VAL B 228 4.81 4.66 -4.26
CA VAL B 228 5.22 4.36 -2.90
C VAL B 228 6.62 3.77 -2.83
N ASP B 229 6.82 2.66 -3.54
CA ASP B 229 8.12 2.01 -3.54
C ASP B 229 9.15 2.96 -4.12
N PHE B 230 9.00 3.30 -5.40
CA PHE B 230 9.93 4.21 -6.06
C PHE B 230 10.30 5.38 -5.15
N GLY B 231 9.35 5.79 -4.31
CA GLY B 231 9.62 6.87 -3.39
C GLY B 231 10.81 6.50 -2.52
N ARG B 232 10.58 5.58 -1.60
CA ARG B 232 11.60 5.07 -0.68
C ARG B 232 12.92 4.75 -1.38
N GLN B 233 12.86 4.18 -2.57
CA GLN B 233 14.06 3.82 -3.32
C GLN B 233 14.91 5.06 -3.59
N ILE B 234 14.27 6.17 -3.93
CA ILE B 234 14.99 7.42 -4.23
C ILE B 234 15.52 8.09 -2.96
N GLN B 235 14.70 8.14 -1.91
CA GLN B 235 15.05 8.76 -0.63
C GLN B 235 16.29 8.13 -0.01
N GLU B 236 16.39 6.80 -0.12
CA GLU B 236 17.51 6.07 0.44
C GLU B 236 18.74 6.15 -0.46
N ALA B 237 18.54 6.03 -1.76
CA ALA B 237 19.63 6.10 -2.72
C ALA B 237 20.35 7.43 -2.64
N THR B 238 19.57 8.50 -2.57
CA THR B 238 20.10 9.85 -2.51
C THR B 238 20.21 10.37 -1.08
N GLY B 239 19.11 10.86 -0.53
CA GLY B 239 19.11 11.40 0.81
C GLY B 239 18.18 12.59 0.86
N PHE B 240 17.73 12.99 -0.33
CA PHE B 240 16.84 14.13 -0.52
C PHE B 240 15.49 13.84 0.09
N GLU B 241 14.90 14.84 0.73
CA GLU B 241 13.58 14.67 1.35
C GLU B 241 12.65 14.23 0.22
N THR B 242 11.67 13.40 0.55
CA THR B 242 10.78 12.93 -0.50
C THR B 242 9.37 12.62 -0.03
N ARG B 243 8.41 12.92 -0.90
CA ARG B 243 7.01 12.67 -0.63
C ARG B 243 6.44 11.94 -1.84
N VAL B 244 5.33 11.25 -1.66
CA VAL B 244 4.74 10.50 -2.76
C VAL B 244 3.22 10.72 -2.85
N THR B 245 2.75 10.86 -4.08
CA THR B 245 1.34 11.10 -4.27
C THR B 245 0.75 10.21 -5.36
N VAL B 246 -0.31 9.51 -5.01
CA VAL B 246 -1.00 8.65 -5.95
C VAL B 246 -2.32 9.39 -6.23
N LEU B 247 -2.36 10.10 -7.34
CA LEU B 247 -3.55 10.87 -7.69
C LEU B 247 -4.82 10.07 -7.42
N GLY B 248 -5.06 9.03 -8.22
CA GLY B 248 -6.25 8.23 -8.00
C GLY B 248 -7.34 8.40 -9.02
N HIS B 249 -8.54 7.95 -8.67
CA HIS B 249 -9.65 8.04 -9.60
C HIS B 249 -10.01 9.44 -9.98
N VAL B 250 -9.35 10.43 -9.38
CA VAL B 250 -9.64 11.79 -9.78
C VAL B 250 -9.31 11.87 -11.27
N GLN B 251 -8.42 11.00 -11.76
CA GLN B 251 -8.08 11.02 -13.17
C GLN B 251 -9.21 10.38 -13.97
N ARG B 252 -10.36 10.22 -13.36
CA ARG B 252 -11.48 9.57 -14.04
C ARG B 252 -12.72 10.46 -14.08
N GLY B 253 -12.77 11.44 -13.18
CA GLY B 253 -13.94 12.30 -13.14
C GLY B 253 -13.76 13.73 -13.57
N GLY B 254 -14.80 14.51 -13.34
CA GLY B 254 -14.76 15.90 -13.71
C GLY B 254 -15.32 16.08 -15.10
N SER B 255 -15.73 17.31 -15.40
CA SER B 255 -16.28 17.63 -16.71
C SER B 255 -15.15 17.49 -17.71
N PRO B 256 -15.48 17.03 -18.94
CA PRO B 256 -14.48 16.85 -19.98
C PRO B 256 -14.06 18.15 -20.63
N THR B 257 -12.82 18.15 -21.11
CA THR B 257 -12.23 19.31 -21.77
C THR B 257 -12.79 19.50 -23.17
N ALA B 258 -12.30 20.54 -23.83
CA ALA B 258 -12.75 20.87 -25.19
C ALA B 258 -12.55 19.68 -26.09
N PHE B 259 -11.29 19.30 -26.25
CA PHE B 259 -10.95 18.18 -27.13
C PHE B 259 -11.74 16.91 -26.90
N ASP B 260 -12.06 16.59 -25.66
CA ASP B 260 -12.83 15.37 -25.40
C ASP B 260 -14.32 15.53 -25.71
N ARG B 261 -14.88 16.71 -25.45
CA ARG B 261 -16.28 16.90 -25.77
C ARG B 261 -16.45 16.83 -27.30
N VAL B 262 -15.49 17.35 -28.04
CA VAL B 262 -15.59 17.30 -29.48
C VAL B 262 -15.47 15.86 -29.91
N LEU B 263 -14.29 15.27 -29.71
CA LEU B 263 -14.03 13.87 -30.06
C LEU B 263 -15.18 12.95 -29.69
N ALA B 264 -15.74 13.15 -28.52
CA ALA B 264 -16.83 12.32 -28.08
C ALA B 264 -18.01 12.50 -29.03
N SER B 265 -18.27 13.73 -29.44
CA SER B 265 -19.41 14.01 -30.30
C SER B 265 -19.18 13.57 -31.74
N ARG B 266 -17.95 13.72 -32.22
CA ARG B 266 -17.63 13.33 -33.57
C ARG B 266 -17.67 11.83 -33.72
N LEU B 267 -17.04 11.11 -32.80
CA LEU B 267 -17.02 9.66 -32.83
C LEU B 267 -18.41 9.10 -32.56
N GLY B 268 -19.03 9.60 -31.50
CA GLY B 268 -20.35 9.16 -31.12
C GLY B 268 -21.31 9.26 -32.28
N ALA B 269 -21.19 10.32 -33.06
CA ALA B 269 -22.06 10.53 -34.22
C ALA B 269 -21.59 9.66 -35.37
N ARG B 270 -20.28 9.51 -35.49
CA ARG B 270 -19.67 8.68 -36.53
C ARG B 270 -20.00 7.21 -36.36
N ALA B 271 -20.55 6.85 -35.21
CA ALA B 271 -20.93 5.48 -34.93
C ALA B 271 -22.34 5.27 -35.44
N VAL B 272 -23.24 6.16 -35.05
CA VAL B 272 -24.63 6.06 -35.48
C VAL B 272 -24.67 5.99 -37.00
N GLU B 273 -23.70 6.62 -37.65
CA GLU B 273 -23.63 6.61 -39.12
C GLU B 273 -23.33 5.22 -39.69
N LEU B 274 -22.28 4.58 -39.17
CA LEU B 274 -21.88 3.25 -39.63
C LEU B 274 -22.97 2.21 -39.47
N LEU B 275 -23.84 2.39 -38.49
CA LEU B 275 -24.93 1.43 -38.29
C LEU B 275 -25.96 1.63 -39.37
N LEU B 276 -26.54 2.82 -39.43
CA LEU B 276 -27.57 3.13 -40.42
C LEU B 276 -27.06 2.84 -41.84
N GLU B 277 -25.74 2.86 -41.99
CA GLU B 277 -25.07 2.62 -43.27
C GLU B 277 -24.91 1.11 -43.52
N GLY B 278 -25.40 0.29 -42.60
CA GLY B 278 -25.31 -1.15 -42.77
C GLY B 278 -24.15 -1.83 -42.07
N LYS B 279 -22.99 -1.19 -42.05
CA LYS B 279 -21.79 -1.75 -41.42
C LYS B 279 -22.00 -2.15 -39.94
N GLY B 280 -21.35 -3.22 -39.54
CA GLY B 280 -21.46 -3.68 -38.18
C GLY B 280 -20.14 -4.31 -37.78
N GLY B 281 -19.87 -4.34 -36.48
CA GLY B 281 -18.63 -4.92 -36.02
C GLY B 281 -17.47 -3.98 -36.27
N ARG B 282 -17.79 -2.70 -36.36
CA ARG B 282 -16.80 -1.66 -36.59
C ARG B 282 -16.53 -0.81 -35.34
N CYS B 283 -15.31 -0.30 -35.24
CA CYS B 283 -14.95 0.56 -34.14
C CYS B 283 -14.49 1.88 -34.76
N VAL B 284 -14.99 3.00 -34.23
CA VAL B 284 -14.62 4.31 -34.74
C VAL B 284 -13.56 4.97 -33.89
N GLY B 285 -12.58 5.55 -34.57
CA GLY B 285 -11.51 6.22 -33.87
C GLY B 285 -11.04 7.40 -34.68
N ILE B 286 -9.90 7.95 -34.30
CA ILE B 286 -9.33 9.09 -35.01
C ILE B 286 -7.83 8.85 -35.14
N GLN B 287 -7.34 8.92 -36.37
CA GLN B 287 -5.92 8.73 -36.67
C GLN B 287 -5.41 9.83 -37.58
N ASN B 288 -4.28 10.43 -37.20
CA ASN B 288 -3.66 11.51 -37.95
C ASN B 288 -4.70 12.57 -38.26
N ASN B 289 -5.49 12.92 -37.24
CA ASN B 289 -6.51 13.95 -37.40
C ASN B 289 -7.50 13.58 -38.47
N GLN B 290 -8.00 12.34 -38.45
CA GLN B 290 -8.97 11.88 -39.44
C GLN B 290 -9.86 10.75 -38.94
N LEU B 291 -11.18 10.95 -39.00
CA LEU B 291 -12.14 9.94 -38.55
C LEU B 291 -12.04 8.64 -39.32
N VAL B 292 -11.52 7.61 -38.66
CA VAL B 292 -11.39 6.30 -39.27
C VAL B 292 -12.27 5.29 -38.56
N ASP B 293 -12.58 4.19 -39.23
CA ASP B 293 -13.38 3.14 -38.63
C ASP B 293 -12.73 1.83 -39.08
N HIS B 294 -12.50 0.92 -38.13
CA HIS B 294 -11.86 -0.35 -38.44
C HIS B 294 -12.75 -1.54 -38.10
N ASP B 295 -12.17 -2.73 -38.26
CA ASP B 295 -12.81 -4.00 -37.95
C ASP B 295 -12.35 -4.26 -36.52
N ILE B 296 -13.29 -4.47 -35.60
CA ILE B 296 -12.93 -4.71 -34.20
C ILE B 296 -11.87 -5.79 -34.05
N ALA B 297 -11.86 -6.72 -35.00
CA ALA B 297 -10.91 -7.82 -35.01
C ALA B 297 -9.53 -7.37 -35.47
N GLU B 298 -9.44 -6.93 -36.71
CA GLU B 298 -8.15 -6.48 -37.23
C GLU B 298 -7.67 -5.30 -36.39
N ALA B 299 -8.61 -4.63 -35.72
CA ALA B 299 -8.26 -3.48 -34.89
C ALA B 299 -7.58 -3.92 -33.61
N LEU B 300 -8.18 -4.89 -32.92
CA LEU B 300 -7.59 -5.39 -31.68
C LEU B 300 -6.27 -6.10 -31.93
N ALA B 301 -6.13 -6.69 -33.12
CA ALA B 301 -4.92 -7.40 -33.51
C ALA B 301 -3.63 -6.60 -33.27
N ASN B 302 -3.70 -5.30 -33.50
CA ASN B 302 -2.55 -4.40 -33.34
C ASN B 302 -2.15 -4.18 -31.89
N LYS B 303 -1.02 -3.50 -31.70
CA LYS B 303 -0.51 -3.21 -30.37
C LYS B 303 -0.60 -1.71 -30.09
N HIS B 304 -0.48 -1.35 -28.82
CA HIS B 304 -0.52 0.06 -28.44
C HIS B 304 0.89 0.56 -28.10
N THR B 305 1.41 1.39 -29.00
CA THR B 305 2.74 1.96 -28.85
C THR B 305 2.67 3.46 -28.70
N ILE B 306 3.66 4.02 -27.99
CA ILE B 306 3.74 5.46 -27.78
C ILE B 306 4.83 6.01 -28.72
N ASP B 307 4.92 7.32 -28.82
CA ASP B 307 5.92 7.96 -29.66
C ASP B 307 7.22 8.03 -28.86
N GLN B 308 8.13 7.13 -29.15
CA GLN B 308 9.40 7.08 -28.44
C GLN B 308 10.10 8.42 -28.49
N ARG B 309 9.99 9.12 -29.62
CA ARG B 309 10.63 10.42 -29.76
C ARG B 309 10.17 11.39 -28.71
N MET B 310 8.97 11.17 -28.18
CA MET B 310 8.44 12.05 -27.14
C MET B 310 9.13 11.69 -25.83
N TYR B 311 9.19 10.41 -25.53
CA TYR B 311 9.85 9.98 -24.33
C TYR B 311 11.26 10.55 -24.43
N ALA B 312 11.86 10.42 -25.60
CA ALA B 312 13.21 10.95 -25.85
C ALA B 312 13.26 12.44 -25.55
N LEU B 313 12.38 13.19 -26.21
CA LEU B 313 12.31 14.62 -26.01
C LEU B 313 12.38 14.86 -24.51
N SER B 314 11.31 14.50 -23.80
CA SER B 314 11.23 14.70 -22.36
C SER B 314 12.54 14.45 -21.60
N LYS B 315 13.46 13.71 -22.23
CA LYS B 315 14.75 13.41 -21.62
C LYS B 315 15.76 14.52 -21.89
N GLU B 316 15.74 15.04 -23.11
CA GLU B 316 16.64 16.12 -23.50
C GLU B 316 16.15 17.46 -22.95
N LEU B 317 14.86 17.53 -22.63
CA LEU B 317 14.28 18.77 -22.12
C LEU B 317 14.28 18.83 -20.60
N SER B 318 15.28 18.23 -19.97
CA SER B 318 15.36 18.22 -18.52
C SER B 318 16.70 17.69 -18.04
N ILE B 319 17.70 18.57 -17.99
CA ILE B 319 19.03 18.16 -17.55
C ILE B 319 19.75 19.26 -16.75
N MET C 1 -46.17 23.25 11.44
CA MET C 1 -45.56 23.06 10.10
C MET C 1 -45.52 21.59 9.75
N LYS C 2 -46.09 21.23 8.60
CA LYS C 2 -46.12 19.84 8.17
C LYS C 2 -45.77 19.71 6.69
N ARG C 3 -45.81 20.84 5.99
CA ARG C 3 -45.53 20.85 4.56
C ARG C 3 -45.14 22.26 4.11
N ILE C 4 -43.85 22.56 4.08
CA ILE C 4 -43.40 23.88 3.66
C ILE C 4 -43.04 23.88 2.19
N GLY C 5 -42.73 25.06 1.68
CA GLY C 5 -42.35 25.20 0.28
C GLY C 5 -41.04 25.95 0.13
N VAL C 6 -40.46 25.86 -1.06
CA VAL C 6 -39.19 26.52 -1.36
C VAL C 6 -39.13 26.99 -2.81
N LEU C 7 -38.97 28.30 -3.00
CA LEU C 7 -38.86 28.87 -4.34
C LEU C 7 -37.68 29.84 -4.40
N THR C 8 -37.24 30.15 -5.60
CA THR C 8 -36.12 31.08 -5.78
C THR C 8 -36.47 32.22 -6.73
N SER C 9 -36.34 33.45 -6.23
CA SER C 9 -36.66 34.64 -7.02
C SER C 9 -35.50 35.64 -7.05
N GLY C 10 -35.20 36.13 -8.24
CA GLY C 10 -34.11 37.06 -8.38
C GLY C 10 -33.09 36.43 -9.30
N GLY C 11 -31.92 37.03 -9.43
CA GLY C 11 -30.93 36.44 -10.29
C GLY C 11 -30.32 35.20 -9.65
N ASP C 12 -30.29 34.09 -10.39
CA ASP C 12 -29.71 32.86 -9.86
C ASP C 12 -28.28 33.14 -9.43
N SER C 13 -27.74 32.27 -8.57
CA SER C 13 -26.38 32.44 -8.05
C SER C 13 -25.75 31.13 -7.62
N PRO C 14 -24.53 30.85 -8.10
CA PRO C 14 -23.88 29.59 -7.70
C PRO C 14 -24.07 29.32 -6.21
N GLY C 15 -25.00 28.44 -5.88
CA GLY C 15 -25.23 28.13 -4.48
C GLY C 15 -26.67 27.84 -4.13
N MET C 16 -27.58 28.56 -4.80
CA MET C 16 -29.01 28.40 -4.57
C MET C 16 -29.42 26.94 -4.47
N ASN C 17 -28.67 26.08 -5.14
CA ASN C 17 -28.96 24.67 -5.09
C ASN C 17 -28.50 24.04 -3.78
N ALA C 18 -27.22 24.20 -3.45
CA ALA C 18 -26.69 23.63 -2.21
C ALA C 18 -27.73 23.85 -1.12
N ALA C 19 -28.42 24.99 -1.25
CA ALA C 19 -29.46 25.42 -0.32
C ALA C 19 -30.79 24.67 -0.49
N ILE C 20 -31.33 24.66 -1.71
CA ILE C 20 -32.58 23.96 -1.93
C ILE C 20 -32.35 22.56 -1.42
N ARG C 21 -31.18 22.00 -1.74
CA ARG C 21 -30.81 20.69 -1.28
C ARG C 21 -30.94 20.67 0.23
N SER C 22 -30.24 21.60 0.87
CA SER C 22 -30.25 21.73 2.32
C SER C 22 -31.65 21.91 2.88
N VAL C 23 -32.44 22.78 2.28
CA VAL C 23 -33.80 23.00 2.76
C VAL C 23 -34.54 21.66 2.76
N VAL C 24 -34.78 21.11 1.58
CA VAL C 24 -35.49 19.84 1.45
C VAL C 24 -34.96 18.80 2.42
N ARG C 25 -33.71 18.39 2.22
CA ARG C 25 -33.10 17.38 3.10
C ARG C 25 -33.44 17.65 4.54
N LYS C 26 -33.13 18.85 5.02
CA LYS C 26 -33.43 19.20 6.40
C LYS C 26 -34.90 18.96 6.70
N ALA C 27 -35.77 19.57 5.91
CA ALA C 27 -37.21 19.43 6.11
C ALA C 27 -37.63 17.98 6.27
N ILE C 28 -37.23 17.13 5.33
CA ILE C 28 -37.58 15.72 5.38
C ILE C 28 -37.10 15.10 6.69
N TYR C 29 -35.94 15.54 7.15
CA TYR C 29 -35.38 15.03 8.39
C TYR C 29 -36.39 15.22 9.52
N HIS C 30 -37.24 16.23 9.37
CA HIS C 30 -38.25 16.53 10.37
C HIS C 30 -39.67 16.10 9.99
N GLY C 31 -39.76 15.30 8.93
CA GLY C 31 -41.07 14.82 8.48
C GLY C 31 -41.98 15.89 7.89
N VAL C 32 -41.41 16.82 7.16
CA VAL C 32 -42.19 17.89 6.55
C VAL C 32 -42.10 17.84 5.02
N GLU C 33 -43.16 17.36 4.36
CA GLU C 33 -43.17 17.28 2.91
C GLU C 33 -42.76 18.62 2.33
N VAL C 34 -41.80 18.62 1.41
CA VAL C 34 -41.34 19.88 0.81
C VAL C 34 -41.71 19.99 -0.67
N TYR C 35 -42.38 21.09 -1.02
CA TYR C 35 -42.76 21.33 -2.40
C TYR C 35 -41.91 22.48 -2.92
N GLY C 36 -41.69 22.50 -4.24
CA GLY C 36 -40.92 23.57 -4.82
C GLY C 36 -41.77 24.36 -5.79
N VAL C 37 -41.75 25.68 -5.68
CA VAL C 37 -42.52 26.53 -6.58
C VAL C 37 -41.56 26.98 -7.69
N TYR C 38 -41.90 26.66 -8.93
CA TYR C 38 -41.03 27.00 -10.04
C TYR C 38 -41.17 28.39 -10.60
N HIS C 39 -40.04 29.00 -10.93
CA HIS C 39 -39.99 30.34 -11.49
C HIS C 39 -40.34 31.44 -10.49
N GLY C 40 -39.78 31.34 -9.29
CA GLY C 40 -40.05 32.34 -8.28
C GLY C 40 -41.53 32.62 -8.09
N TYR C 41 -41.84 33.70 -7.39
CA TYR C 41 -43.23 34.08 -7.12
C TYR C 41 -44.11 33.93 -8.36
N ALA C 42 -43.53 34.22 -9.52
CA ALA C 42 -44.25 34.11 -10.78
C ALA C 42 -45.02 32.80 -10.83
N GLY C 43 -44.32 31.69 -10.56
CA GLY C 43 -44.95 30.39 -10.58
C GLY C 43 -45.92 30.19 -9.43
N LEU C 44 -45.66 30.85 -8.31
CA LEU C 44 -46.53 30.73 -7.15
C LEU C 44 -47.94 31.16 -7.51
N ILE C 45 -48.05 32.17 -8.37
CA ILE C 45 -49.35 32.64 -8.82
C ILE C 45 -49.94 31.52 -9.63
N ALA C 46 -49.23 31.17 -10.70
CA ALA C 46 -49.64 30.11 -11.62
C ALA C 46 -49.97 28.77 -10.96
N GLY C 47 -49.46 28.56 -9.76
CA GLY C 47 -49.72 27.31 -9.08
C GLY C 47 -48.78 26.26 -9.67
N ASN C 48 -47.57 26.71 -9.98
CA ASN C 48 -46.54 25.85 -10.55
C ASN C 48 -45.80 25.24 -9.38
N ILE C 49 -46.50 24.44 -8.59
CA ILE C 49 -45.90 23.82 -7.42
C ILE C 49 -45.92 22.29 -7.48
N LYS C 50 -44.74 21.68 -7.40
CA LYS C 50 -44.61 20.23 -7.44
C LYS C 50 -43.87 19.76 -6.19
N LYS C 51 -44.19 18.54 -5.76
CA LYS C 51 -43.57 17.93 -4.57
C LYS C 51 -42.09 17.59 -4.78
N LEU C 52 -41.28 17.82 -3.77
CA LEU C 52 -39.87 17.52 -3.86
C LEU C 52 -39.45 16.37 -2.99
N GLU C 53 -38.69 15.45 -3.57
CA GLU C 53 -38.21 14.26 -2.87
C GLU C 53 -36.71 14.37 -2.61
N VAL C 54 -36.25 13.69 -1.57
CA VAL C 54 -34.83 13.72 -1.23
C VAL C 54 -34.00 13.31 -2.45
N GLY C 55 -34.61 12.56 -3.37
CA GLY C 55 -33.88 12.15 -4.57
C GLY C 55 -33.72 13.32 -5.53
N ASP C 56 -34.79 14.09 -5.70
CA ASP C 56 -34.81 15.25 -6.58
C ASP C 56 -33.64 16.19 -6.29
N VAL C 57 -33.38 16.39 -5.01
CA VAL C 57 -32.32 17.28 -4.56
C VAL C 57 -31.05 16.54 -4.25
N GLY C 58 -30.89 15.36 -4.84
CA GLY C 58 -29.69 14.57 -4.62
C GLY C 58 -28.78 14.74 -5.82
N ASP C 59 -27.57 15.24 -5.58
CA ASP C 59 -26.62 15.45 -6.66
C ASP C 59 -26.82 16.80 -7.38
N ILE C 60 -27.03 17.88 -6.62
CA ILE C 60 -27.18 19.21 -7.21
C ILE C 60 -26.48 20.20 -6.30
N ILE C 61 -25.82 19.66 -5.29
CA ILE C 61 -25.11 20.48 -4.32
C ILE C 61 -23.92 21.17 -4.96
N HIS C 62 -23.51 20.69 -6.13
CA HIS C 62 -22.35 21.25 -6.79
C HIS C 62 -22.71 21.88 -8.13
N ARG C 63 -23.97 22.22 -8.32
CA ARG C 63 -24.40 22.83 -9.57
C ARG C 63 -24.83 24.29 -9.35
N GLY C 64 -24.69 25.09 -10.40
CA GLY C 64 -25.08 26.48 -10.31
C GLY C 64 -26.52 26.62 -10.76
N GLY C 65 -27.01 27.85 -10.72
CA GLY C 65 -28.39 28.07 -11.14
C GLY C 65 -29.33 27.46 -10.14
N THR C 66 -30.61 27.48 -10.43
CA THR C 66 -31.60 26.91 -9.54
C THR C 66 -32.47 25.95 -10.31
N ILE C 67 -32.35 24.67 -10.03
CA ILE C 67 -33.17 23.67 -10.71
C ILE C 67 -34.65 24.04 -10.60
N LEU C 68 -34.97 24.92 -9.64
CA LEU C 68 -36.35 25.37 -9.43
C LEU C 68 -36.69 26.50 -10.37
N TYR C 69 -35.72 26.88 -11.20
CA TYR C 69 -35.91 27.94 -12.17
C TYR C 69 -36.25 29.25 -11.48
N THR C 70 -36.02 30.36 -12.17
CA THR C 70 -36.34 31.67 -11.60
C THR C 70 -37.00 32.54 -12.67
N ALA C 71 -37.63 33.64 -12.24
CA ALA C 71 -38.30 34.54 -13.19
C ALA C 71 -38.87 35.79 -12.53
N ARG C 72 -38.98 36.84 -13.34
CA ARG C 72 -39.53 38.12 -12.87
C ARG C 72 -41.05 38.05 -12.99
N CYS C 73 -41.72 38.93 -12.25
CA CYS C 73 -43.17 39.00 -12.30
C CYS C 73 -43.64 40.17 -11.44
N PRO C 74 -44.11 41.25 -12.09
CA PRO C 74 -44.60 42.45 -11.40
C PRO C 74 -45.83 42.11 -10.56
N GLU C 75 -46.63 41.19 -11.09
CA GLU C 75 -47.87 40.73 -10.45
C GLU C 75 -47.76 40.74 -8.93
N PHE C 76 -46.86 39.91 -8.41
CA PHE C 76 -46.66 39.75 -6.97
C PHE C 76 -46.41 41.04 -6.18
N LYS C 77 -46.38 42.16 -6.87
CA LYS C 77 -46.17 43.43 -6.19
C LYS C 77 -47.54 44.02 -5.88
N THR C 78 -48.54 43.63 -6.66
CA THR C 78 -49.91 44.09 -6.50
C THR C 78 -50.69 43.01 -5.77
N GLU C 79 -51.23 43.36 -4.60
CA GLU C 79 -51.98 42.41 -3.78
C GLU C 79 -53.01 41.52 -4.51
N GLU C 80 -53.41 41.94 -5.71
CA GLU C 80 -54.36 41.15 -6.49
C GLU C 80 -53.71 39.81 -6.77
N GLY C 81 -52.41 39.86 -7.06
CA GLY C 81 -51.65 38.65 -7.32
C GLY C 81 -51.32 37.94 -6.03
N GLN C 82 -50.88 38.69 -5.03
CA GLN C 82 -50.56 38.11 -3.73
C GLN C 82 -51.76 37.28 -3.28
N LYS C 83 -52.96 37.77 -3.61
CA LYS C 83 -54.19 37.07 -3.26
C LYS C 83 -54.23 35.73 -4.01
N LYS C 84 -53.83 35.77 -5.28
CA LYS C 84 -53.78 34.58 -6.12
C LYS C 84 -52.65 33.67 -5.66
N GLY C 85 -51.73 34.26 -4.89
CA GLY C 85 -50.60 33.51 -4.40
C GLY C 85 -50.92 32.66 -3.19
N ILE C 86 -51.57 33.24 -2.20
CA ILE C 86 -51.94 32.48 -1.01
C ILE C 86 -52.91 31.39 -1.41
N GLU C 87 -53.63 31.64 -2.51
CA GLU C 87 -54.60 30.68 -3.04
C GLU C 87 -53.91 29.36 -3.40
N GLN C 88 -52.95 29.44 -4.32
CA GLN C 88 -52.21 28.26 -4.75
C GLN C 88 -51.48 27.68 -3.56
N LEU C 89 -51.19 28.53 -2.58
CA LEU C 89 -50.49 28.09 -1.38
C LEU C 89 -51.29 27.11 -0.53
N LYS C 90 -52.53 27.45 -0.22
CA LYS C 90 -53.36 26.55 0.58
C LYS C 90 -54.07 25.53 -0.30
N LYS C 91 -54.13 25.82 -1.60
CA LYS C 91 -54.78 24.92 -2.55
C LYS C 91 -54.05 23.59 -2.55
N HIS C 92 -52.73 23.64 -2.40
CA HIS C 92 -51.89 22.44 -2.38
C HIS C 92 -51.54 22.05 -0.95
N GLY C 93 -52.04 22.82 0.01
CA GLY C 93 -51.77 22.52 1.41
C GLY C 93 -50.40 22.91 1.92
N ILE C 94 -49.85 24.01 1.40
CA ILE C 94 -48.53 24.51 1.81
C ILE C 94 -48.73 25.51 2.96
N GLU C 95 -48.18 25.18 4.11
CA GLU C 95 -48.31 26.03 5.30
C GLU C 95 -47.24 27.12 5.37
N GLY C 96 -45.97 26.73 5.22
CA GLY C 96 -44.87 27.67 5.29
C GLY C 96 -44.07 27.81 4.00
N LEU C 97 -43.19 28.81 3.96
CA LEU C 97 -42.38 29.08 2.77
C LEU C 97 -40.96 29.57 3.01
N VAL C 98 -40.07 29.26 2.08
CA VAL C 98 -38.66 29.66 2.17
C VAL C 98 -38.28 30.32 0.84
N VAL C 99 -37.99 31.62 0.90
CA VAL C 99 -37.59 32.40 -0.26
C VAL C 99 -36.08 32.54 -0.36
N ILE C 100 -35.54 32.04 -1.47
CA ILE C 100 -34.11 32.09 -1.75
C ILE C 100 -33.98 33.10 -2.90
N GLY C 101 -33.04 34.03 -2.81
CA GLY C 101 -32.89 34.98 -3.90
C GLY C 101 -32.49 36.37 -3.47
N GLY C 102 -32.52 37.31 -4.40
CA GLY C 102 -32.16 38.68 -4.09
C GLY C 102 -33.12 39.32 -3.10
N ASP C 103 -32.85 40.58 -2.76
CA ASP C 103 -33.68 41.32 -1.82
C ASP C 103 -35.00 41.72 -2.46
N GLY C 104 -35.03 41.71 -3.79
CA GLY C 104 -36.26 42.07 -4.47
C GLY C 104 -37.36 41.10 -4.06
N SER C 105 -36.96 39.93 -3.59
CA SER C 105 -37.91 38.91 -3.17
C SER C 105 -38.30 39.11 -1.72
N TYR C 106 -37.34 39.52 -0.90
CA TYR C 106 -37.58 39.74 0.53
C TYR C 106 -38.89 40.47 0.76
N GLN C 107 -39.13 41.50 -0.05
CA GLN C 107 -40.34 42.28 0.06
C GLN C 107 -41.54 41.33 0.01
N GLY C 108 -41.54 40.45 -0.99
CA GLY C 108 -42.62 39.49 -1.14
C GLY C 108 -42.61 38.46 -0.01
N ALA C 109 -41.46 38.33 0.65
CA ALA C 109 -41.35 37.38 1.75
C ALA C 109 -42.06 37.98 2.96
N LYS C 110 -41.87 39.27 3.18
CA LYS C 110 -42.51 39.95 4.29
C LYS C 110 -44.03 39.94 4.12
N LYS C 111 -44.49 40.49 2.99
CA LYS C 111 -45.92 40.54 2.68
C LYS C 111 -46.63 39.24 3.02
N LEU C 112 -46.15 38.13 2.49
CA LEU C 112 -46.75 36.85 2.77
C LEU C 112 -46.93 36.60 4.26
N THR C 113 -45.98 37.07 5.08
CA THR C 113 -46.07 36.89 6.53
C THR C 113 -47.24 37.73 7.05
N GLU C 114 -47.54 38.80 6.34
CA GLU C 114 -48.64 39.67 6.72
C GLU C 114 -49.97 39.01 6.38
N HIS C 115 -50.02 38.31 5.25
CA HIS C 115 -51.25 37.62 4.86
C HIS C 115 -51.46 36.44 5.80
N GLY C 116 -50.59 36.33 6.80
CA GLY C 116 -50.68 35.25 7.77
C GLY C 116 -50.01 33.94 7.35
N PHE C 117 -48.95 34.03 6.54
CA PHE C 117 -48.22 32.86 6.09
C PHE C 117 -46.73 32.94 6.36
N PRO C 118 -46.17 31.90 6.99
CA PRO C 118 -44.74 31.84 7.32
C PRO C 118 -43.87 32.23 6.13
N CYS C 119 -42.66 32.68 6.40
CA CYS C 119 -41.75 33.08 5.33
C CYS C 119 -40.37 33.51 5.78
N VAL C 120 -39.39 32.66 5.55
CA VAL C 120 -38.02 32.97 5.89
C VAL C 120 -37.27 33.22 4.58
N GLY C 121 -36.35 34.17 4.59
CA GLY C 121 -35.63 34.44 3.38
C GLY C 121 -34.18 34.02 3.49
N VAL C 122 -33.64 33.55 2.36
CA VAL C 122 -32.25 33.12 2.31
C VAL C 122 -31.54 34.06 1.36
N PRO C 123 -30.48 34.73 1.84
CA PRO C 123 -29.75 35.64 0.96
C PRO C 123 -29.02 34.85 -0.11
N GLY C 124 -29.45 35.02 -1.35
CA GLY C 124 -28.82 34.34 -2.47
C GLY C 124 -28.64 35.31 -3.60
N THR C 125 -27.39 35.69 -3.87
CA THR C 125 -27.07 36.63 -4.95
C THR C 125 -25.58 36.93 -5.01
N ILE C 126 -25.04 37.13 -6.20
CA ILE C 126 -23.62 37.41 -6.29
C ILE C 126 -23.23 38.86 -5.93
N ASP C 127 -24.16 39.81 -5.99
CA ASP C 127 -23.81 41.19 -5.67
C ASP C 127 -23.39 41.36 -4.22
N ASN C 128 -23.96 40.54 -3.34
CA ASN C 128 -23.70 40.58 -1.91
C ASN C 128 -24.32 41.86 -1.36
N ASP C 129 -25.45 42.25 -1.94
CA ASP C 129 -26.14 43.48 -1.56
C ASP C 129 -27.42 43.33 -0.72
N ILE C 130 -27.53 42.24 0.02
CA ILE C 130 -28.71 42.02 0.87
C ILE C 130 -28.36 42.30 2.33
N PRO C 131 -29.08 43.23 2.97
CA PRO C 131 -28.87 43.62 4.36
C PRO C 131 -29.20 42.52 5.37
N GLY C 132 -28.37 42.39 6.40
CA GLY C 132 -28.61 41.37 7.39
C GLY C 132 -27.62 40.24 7.37
N THR C 133 -26.71 40.28 6.41
CA THR C 133 -25.69 39.24 6.31
C THR C 133 -24.44 39.80 5.67
N ASP C 134 -23.28 39.35 6.11
CA ASP C 134 -22.03 39.84 5.55
C ASP C 134 -21.80 39.24 4.16
N PHE C 135 -22.34 38.05 3.95
CA PHE C 135 -22.19 37.36 2.68
C PHE C 135 -23.48 36.71 2.21
N THR C 136 -23.65 36.62 0.90
CA THR C 136 -24.84 36.01 0.33
C THR C 136 -24.47 34.85 -0.58
N ILE C 137 -25.41 33.93 -0.77
CA ILE C 137 -25.13 32.78 -1.62
C ILE C 137 -24.75 33.24 -3.02
N GLY C 138 -23.52 32.91 -3.41
CA GLY C 138 -23.05 33.27 -4.74
C GLY C 138 -21.86 34.20 -4.74
N PHE C 139 -21.70 34.96 -3.66
CA PHE C 139 -20.58 35.89 -3.62
C PHE C 139 -19.24 35.26 -3.90
N ASP C 140 -18.76 34.42 -2.98
CA ASP C 140 -17.46 33.77 -3.12
C ASP C 140 -17.25 33.06 -4.45
N THR C 141 -18.32 32.54 -5.01
CA THR C 141 -18.24 31.83 -6.29
C THR C 141 -17.99 32.86 -7.38
N ALA C 142 -18.82 33.88 -7.40
CA ALA C 142 -18.72 34.95 -8.37
C ALA C 142 -17.41 35.64 -8.11
N LEU C 143 -17.25 36.08 -6.87
CA LEU C 143 -16.03 36.75 -6.44
C LEU C 143 -14.78 35.99 -6.93
N ASN C 144 -14.96 34.69 -7.14
CA ASN C 144 -13.89 33.85 -7.61
C ASN C 144 -13.81 33.89 -9.12
N THR C 145 -14.93 33.57 -9.78
CA THR C 145 -14.98 33.59 -11.24
C THR C 145 -14.18 34.78 -11.77
N VAL C 146 -14.43 35.94 -11.17
CA VAL C 146 -13.73 37.17 -11.56
C VAL C 146 -12.23 37.01 -11.46
N ILE C 147 -11.73 36.83 -10.25
CA ILE C 147 -10.29 36.72 -10.06
C ILE C 147 -9.64 35.69 -10.96
N ASP C 148 -10.40 34.68 -11.39
CA ASP C 148 -9.81 33.68 -12.26
C ASP C 148 -9.52 34.37 -13.57
N ALA C 149 -10.41 35.29 -13.94
CA ALA C 149 -10.30 36.06 -15.17
C ALA C 149 -9.17 37.10 -15.11
N ILE C 150 -9.03 37.76 -13.97
CA ILE C 150 -7.97 38.76 -13.79
C ILE C 150 -6.63 38.03 -13.95
N ASP C 151 -6.56 36.82 -13.41
CA ASP C 151 -5.34 36.04 -13.52
C ASP C 151 -5.05 35.80 -14.99
N LYS C 152 -6.09 35.44 -15.74
CA LYS C 152 -5.96 35.20 -17.16
C LYS C 152 -5.52 36.48 -17.86
N ILE C 153 -6.29 37.55 -17.66
CA ILE C 153 -6.00 38.85 -18.26
C ILE C 153 -4.59 39.32 -17.97
N ARG C 154 -4.22 39.24 -16.69
CA ARG C 154 -2.89 39.66 -16.22
C ARG C 154 -1.77 39.11 -17.11
N ASP C 155 -1.95 37.90 -17.62
CA ASP C 155 -0.96 37.29 -18.51
C ASP C 155 -0.88 38.08 -19.80
N THR C 156 -2.01 38.16 -20.50
CA THR C 156 -2.12 38.86 -21.78
C THR C 156 -1.83 40.33 -21.66
N ALA C 157 -2.10 40.91 -20.47
CA ALA C 157 -1.83 42.32 -20.25
C ALA C 157 -0.33 42.52 -20.06
N THR C 158 0.29 41.65 -19.28
CA THR C 158 1.72 41.74 -19.01
C THR C 158 2.57 41.63 -20.26
N SER C 159 2.40 40.55 -21.01
CA SER C 159 3.20 40.34 -22.21
C SER C 159 3.10 41.52 -23.19
N HIS C 160 1.99 42.24 -23.15
CA HIS C 160 1.81 43.39 -24.03
C HIS C 160 1.85 44.71 -23.28
N GLU C 161 2.51 44.75 -22.13
CA GLU C 161 2.61 45.98 -21.35
C GLU C 161 1.40 46.90 -21.58
N ARG C 162 0.21 46.37 -21.36
CA ARG C 162 -1.04 47.12 -21.57
C ARG C 162 -1.82 47.47 -20.32
N THR C 163 -2.61 48.53 -20.42
CA THR C 163 -3.46 48.96 -19.31
C THR C 163 -4.81 48.37 -19.56
N TRP C 164 -5.41 47.81 -18.52
CA TRP C 164 -6.71 47.16 -18.67
C TRP C 164 -7.78 47.71 -17.75
N VAL C 165 -9.04 47.53 -18.15
CA VAL C 165 -10.15 47.98 -17.34
C VAL C 165 -11.24 46.91 -17.33
N ILE C 166 -11.23 46.04 -16.32
CA ILE C 166 -12.24 45.00 -16.23
C ILE C 166 -13.52 45.57 -15.62
N GLU C 167 -14.66 44.99 -15.98
CA GLU C 167 -15.94 45.46 -15.45
C GLU C 167 -16.75 44.31 -14.84
N VAL C 168 -16.78 44.27 -13.52
CA VAL C 168 -17.49 43.26 -12.78
C VAL C 168 -18.92 43.76 -12.49
N MET C 169 -19.77 42.91 -11.92
CA MET C 169 -21.15 43.30 -11.61
C MET C 169 -21.33 43.65 -10.16
N GLY C 170 -22.58 43.56 -9.70
CA GLY C 170 -22.92 43.86 -8.33
C GLY C 170 -23.84 45.06 -8.20
N ARG C 171 -24.60 45.36 -9.25
CA ARG C 171 -25.51 46.50 -9.23
C ARG C 171 -24.90 47.78 -8.65
N HIS C 172 -25.54 48.31 -7.61
CA HIS C 172 -25.11 49.54 -6.96
C HIS C 172 -24.11 49.26 -5.85
N ALA C 173 -23.90 47.98 -5.57
CA ALA C 173 -22.96 47.56 -4.54
C ALA C 173 -21.54 47.40 -5.13
N GLY C 174 -20.53 47.69 -4.30
CA GLY C 174 -19.15 47.59 -4.76
C GLY C 174 -18.38 46.33 -4.38
N ASP C 175 -18.97 45.51 -3.51
CA ASP C 175 -18.33 44.28 -3.06
C ASP C 175 -17.54 43.54 -4.14
N ILE C 176 -18.25 42.97 -5.13
CA ILE C 176 -17.57 42.22 -6.20
C ILE C 176 -16.36 42.97 -6.75
N ALA C 177 -16.51 44.26 -6.99
CA ALA C 177 -15.40 45.04 -7.52
C ALA C 177 -14.22 45.07 -6.55
N LEU C 178 -14.52 45.41 -5.29
CA LEU C 178 -13.55 45.52 -4.20
C LEU C 178 -12.74 44.26 -3.89
N TYR C 179 -13.42 43.21 -3.41
CA TYR C 179 -12.76 41.95 -3.11
C TYR C 179 -12.04 41.42 -4.33
N SER C 180 -12.64 41.61 -5.51
CA SER C 180 -12.02 41.15 -6.74
C SER C 180 -10.61 41.72 -6.79
N GLY C 181 -10.51 42.96 -7.25
CA GLY C 181 -9.24 43.61 -7.36
C GLY C 181 -8.28 43.36 -6.21
N LEU C 182 -8.76 43.51 -4.98
CA LEU C 182 -7.87 43.29 -3.85
C LEU C 182 -7.16 41.95 -3.99
N ALA C 183 -7.92 40.89 -4.24
CA ALA C 183 -7.31 39.59 -4.41
C ALA C 183 -6.71 39.55 -5.80
N GLY C 184 -7.30 40.28 -6.73
CA GLY C 184 -6.82 40.30 -8.09
C GLY C 184 -5.50 41.00 -8.33
N GLY C 185 -5.20 42.00 -7.51
CA GLY C 185 -3.96 42.76 -7.66
C GLY C 185 -4.14 43.99 -8.54
N ALA C 186 -5.36 44.50 -8.58
CA ALA C 186 -5.64 45.67 -9.38
C ALA C 186 -4.88 46.84 -8.78
N GLU C 187 -4.71 47.91 -9.55
CA GLU C 187 -4.02 49.11 -9.06
C GLU C 187 -5.07 50.14 -8.67
N THR C 188 -6.27 50.00 -9.21
CA THR C 188 -7.35 50.92 -8.92
C THR C 188 -8.66 50.14 -8.88
N ILE C 189 -9.52 50.52 -7.95
CA ILE C 189 -10.82 49.91 -7.78
C ILE C 189 -11.81 51.06 -7.67
N LEU C 190 -12.65 51.22 -8.68
CA LEU C 190 -13.66 52.28 -8.68
C LEU C 190 -14.98 51.69 -8.23
N ILE C 191 -15.45 52.07 -7.05
CA ILE C 191 -16.72 51.56 -6.52
C ILE C 191 -17.70 52.69 -6.19
N PRO C 192 -18.99 52.35 -6.05
CA PRO C 192 -20.01 53.35 -5.74
C PRO C 192 -19.90 53.92 -4.34
N GLU C 193 -19.35 53.13 -3.43
CA GLU C 193 -19.21 53.54 -2.05
C GLU C 193 -17.98 54.39 -1.75
N ALA C 194 -17.26 54.78 -2.80
CA ALA C 194 -16.06 55.61 -2.62
C ALA C 194 -15.94 56.62 -3.76
N ASP C 195 -15.33 57.74 -3.47
CA ASP C 195 -15.15 58.76 -4.47
C ASP C 195 -13.84 58.53 -5.19
N TYR C 196 -13.75 59.06 -6.40
CA TYR C 196 -12.56 58.92 -7.22
C TYR C 196 -12.44 60.12 -8.14
N ASP C 197 -11.21 60.48 -8.48
CA ASP C 197 -10.96 61.60 -9.37
C ASP C 197 -10.16 61.07 -10.54
N MET C 198 -10.82 60.89 -11.69
CA MET C 198 -10.15 60.36 -12.86
C MET C 198 -8.80 60.98 -13.10
N ASN C 199 -8.61 62.19 -12.59
CA ASN C 199 -7.35 62.91 -12.75
C ASN C 199 -6.28 62.17 -11.96
N ASP C 200 -6.68 61.72 -10.78
CA ASP C 200 -5.82 60.97 -9.87
C ASP C 200 -5.48 59.61 -10.46
N VAL C 201 -6.50 58.98 -11.06
CA VAL C 201 -6.34 57.68 -11.67
C VAL C 201 -5.29 57.75 -12.77
N ILE C 202 -5.30 58.83 -13.53
CA ILE C 202 -4.33 59.00 -14.60
C ILE C 202 -2.98 59.31 -13.97
N ALA C 203 -2.99 60.19 -12.97
CA ALA C 203 -1.78 60.58 -12.29
C ALA C 203 -0.99 59.38 -11.77
N ARG C 204 -1.70 58.31 -11.40
CA ARG C 204 -1.06 57.11 -10.90
C ARG C 204 -0.57 56.23 -12.04
N LEU C 205 -1.50 55.83 -12.91
CA LEU C 205 -1.16 54.99 -14.06
C LEU C 205 -0.04 55.63 -14.87
N LYS C 206 0.02 56.96 -14.85
CA LYS C 206 1.04 57.66 -15.61
C LYS C 206 2.36 57.70 -14.84
N ARG C 207 2.29 57.53 -13.52
CA ARG C 207 3.50 57.55 -12.70
C ARG C 207 4.07 56.14 -12.60
N GLY C 208 3.19 55.16 -12.48
CA GLY C 208 3.62 53.77 -12.40
C GLY C 208 4.22 53.34 -13.72
N HIS C 209 3.61 53.77 -14.81
CA HIS C 209 4.08 53.43 -16.14
C HIS C 209 5.47 54.05 -16.34
N GLU C 210 5.72 55.15 -15.66
CA GLU C 210 7.02 55.82 -15.75
C GLU C 210 8.04 55.00 -14.97
N ARG C 211 7.58 54.33 -13.93
CA ARG C 211 8.46 53.51 -13.10
C ARG C 211 8.77 52.12 -13.68
N GLY C 212 8.31 51.07 -13.01
CA GLY C 212 8.60 49.73 -13.48
C GLY C 212 7.41 49.01 -14.12
N LYS C 213 6.26 49.03 -13.45
CA LYS C 213 5.08 48.36 -13.96
C LYS C 213 4.60 49.06 -15.23
N LYS C 214 4.68 48.35 -16.35
CA LYS C 214 4.25 48.91 -17.62
C LYS C 214 2.88 48.37 -18.03
N HIS C 215 2.09 47.99 -17.03
CA HIS C 215 0.75 47.48 -17.25
C HIS C 215 0.00 47.56 -15.94
N SER C 216 -1.32 47.70 -16.01
CA SER C 216 -2.18 47.83 -14.84
C SER C 216 -3.54 47.21 -15.11
N ILE C 217 -4.24 46.85 -14.04
CA ILE C 217 -5.57 46.28 -14.14
C ILE C 217 -6.54 47.17 -13.38
N ILE C 218 -7.33 47.94 -14.11
CA ILE C 218 -8.28 48.82 -13.47
C ILE C 218 -9.62 48.11 -13.29
N ILE C 219 -10.00 47.81 -12.05
CA ILE C 219 -11.29 47.17 -11.81
C ILE C 219 -12.30 48.28 -11.65
N VAL C 220 -13.43 48.14 -12.34
CA VAL C 220 -14.49 49.13 -12.30
C VAL C 220 -15.82 48.49 -11.95
N ALA C 221 -16.40 48.84 -10.80
CA ALA C 221 -17.70 48.28 -10.42
C ALA C 221 -18.70 48.79 -11.42
N GLU C 222 -19.46 47.87 -12.01
CA GLU C 222 -20.44 48.25 -13.02
C GLU C 222 -21.36 49.32 -12.47
N GLY C 223 -21.51 49.34 -11.14
CA GLY C 223 -22.37 50.33 -10.52
C GLY C 223 -21.97 51.80 -10.66
N VAL C 224 -20.69 52.06 -10.84
CA VAL C 224 -20.21 53.43 -10.95
C VAL C 224 -20.08 53.89 -12.41
N GLY C 225 -19.98 52.95 -13.34
CA GLY C 225 -19.86 53.29 -14.74
C GLY C 225 -19.65 52.08 -15.66
N SER C 226 -19.02 52.30 -16.81
CA SER C 226 -18.77 51.21 -17.74
C SER C 226 -17.33 51.19 -18.20
N GLY C 227 -16.67 50.06 -17.96
CA GLY C 227 -15.28 49.90 -18.33
C GLY C 227 -14.97 50.34 -19.74
N VAL C 228 -15.93 50.20 -20.64
CA VAL C 228 -15.69 50.62 -22.00
C VAL C 228 -15.45 52.12 -22.03
N ASP C 229 -16.07 52.84 -21.10
CA ASP C 229 -15.86 54.29 -21.08
C ASP C 229 -14.58 54.73 -20.41
N PHE C 230 -14.29 54.21 -19.23
CA PHE C 230 -13.05 54.58 -18.54
C PHE C 230 -11.86 54.13 -19.40
N GLY C 231 -12.08 53.08 -20.17
CA GLY C 231 -11.03 52.56 -21.03
C GLY C 231 -10.73 53.56 -22.12
N ARG C 232 -11.77 54.28 -22.54
CA ARG C 232 -11.63 55.30 -23.58
C ARG C 232 -10.98 56.54 -22.99
N GLN C 233 -11.58 57.05 -21.92
CA GLN C 233 -11.04 58.22 -21.25
C GLN C 233 -9.57 58.02 -20.92
N ILE C 234 -9.22 56.80 -20.52
CA ILE C 234 -7.85 56.49 -20.16
C ILE C 234 -6.88 56.39 -21.33
N GLN C 235 -7.28 55.73 -22.41
CA GLN C 235 -6.38 55.61 -23.56
C GLN C 235 -6.23 56.96 -24.26
N GLU C 236 -7.02 57.94 -23.82
CA GLU C 236 -6.97 59.28 -24.39
C GLU C 236 -6.00 60.16 -23.61
N ALA C 237 -6.24 60.27 -22.30
CA ALA C 237 -5.40 61.06 -21.39
C ALA C 237 -3.95 60.59 -21.33
N THR C 238 -3.75 59.29 -21.14
CA THR C 238 -2.43 58.69 -21.02
C THR C 238 -1.78 58.30 -22.36
N GLY C 239 -2.59 57.91 -23.33
CA GLY C 239 -2.09 57.53 -24.63
C GLY C 239 -1.52 56.13 -24.59
N PHE C 240 -1.81 55.42 -23.52
CA PHE C 240 -1.33 54.05 -23.33
C PHE C 240 -2.23 53.10 -24.07
N GLU C 241 -1.67 52.01 -24.59
CA GLU C 241 -2.46 51.03 -25.31
C GLU C 241 -3.47 50.51 -24.32
N THR C 242 -4.73 50.41 -24.71
CA THR C 242 -5.73 49.96 -23.77
C THR C 242 -6.80 49.03 -24.33
N ARG C 243 -7.26 48.14 -23.47
CA ARG C 243 -8.30 47.20 -23.83
C ARG C 243 -9.28 47.16 -22.69
N VAL C 244 -10.54 46.90 -23.00
CA VAL C 244 -11.54 46.85 -21.96
C VAL C 244 -12.16 45.48 -22.08
N THR C 245 -12.42 44.83 -20.95
CA THR C 245 -13.03 43.51 -20.95
C THR C 245 -14.19 43.49 -19.93
N VAL C 246 -15.39 43.18 -20.40
CA VAL C 246 -16.57 43.13 -19.54
C VAL C 246 -16.97 41.70 -19.19
N LEU C 247 -16.65 41.25 -17.97
CA LEU C 247 -17.02 39.92 -17.55
C LEU C 247 -18.55 39.93 -17.45
N GLY C 248 -19.20 39.05 -18.21
CA GLY C 248 -20.65 39.02 -18.19
C GLY C 248 -21.25 38.24 -17.06
N HIS C 249 -22.27 37.44 -17.37
CA HIS C 249 -22.94 36.61 -16.39
C HIS C 249 -22.16 35.33 -16.16
N VAL C 250 -20.93 35.33 -16.67
CA VAL C 250 -20.06 34.20 -16.47
C VAL C 250 -19.79 34.30 -14.99
N GLN C 251 -20.20 35.43 -14.41
CA GLN C 251 -20.05 35.69 -12.99
C GLN C 251 -21.27 35.13 -12.27
N ARG C 252 -22.38 35.01 -13.01
CA ARG C 252 -23.64 34.50 -12.45
C ARG C 252 -23.71 32.98 -12.32
N GLY C 253 -22.84 32.28 -13.03
CA GLY C 253 -22.86 30.84 -12.97
C GLY C 253 -21.59 30.20 -12.48
N GLY C 254 -21.49 28.89 -12.67
CA GLY C 254 -20.33 28.15 -12.24
C GLY C 254 -20.80 27.22 -11.16
N SER C 255 -19.86 26.50 -10.53
CA SER C 255 -20.22 25.58 -9.46
C SER C 255 -19.78 26.20 -8.15
N PRO C 256 -20.72 26.35 -7.22
CA PRO C 256 -20.42 26.95 -5.91
C PRO C 256 -19.10 26.50 -5.33
N THR C 257 -18.35 27.48 -4.84
CA THR C 257 -17.05 27.22 -4.25
C THR C 257 -17.26 26.67 -2.86
N ALA C 258 -16.19 26.14 -2.29
CA ALA C 258 -16.23 25.59 -0.95
C ALA C 258 -17.09 26.45 -0.06
N PHE C 259 -16.52 27.56 0.38
CA PHE C 259 -17.24 28.47 1.27
C PHE C 259 -18.71 28.61 0.91
N ASP C 260 -19.00 28.71 -0.38
CA ASP C 260 -20.37 28.88 -0.80
C ASP C 260 -21.26 27.69 -0.52
N ARG C 261 -20.90 26.52 -1.00
CA ARG C 261 -21.72 25.34 -0.77
C ARG C 261 -22.13 25.23 0.70
N VAL C 262 -21.13 25.32 1.57
CA VAL C 262 -21.33 25.24 3.01
C VAL C 262 -22.34 26.27 3.50
N LEU C 263 -22.05 27.54 3.27
CA LEU C 263 -22.95 28.62 3.67
C LEU C 263 -24.39 28.31 3.27
N ALA C 264 -24.59 27.96 1.99
CA ALA C 264 -25.91 27.63 1.45
C ALA C 264 -26.52 26.58 2.33
N SER C 265 -25.76 25.53 2.62
CA SER C 265 -26.26 24.46 3.45
C SER C 265 -26.71 25.03 4.78
N ARG C 266 -25.76 25.59 5.53
CA ARG C 266 -26.06 26.17 6.82
C ARG C 266 -27.29 27.11 6.80
N LEU C 267 -27.31 28.07 5.88
CA LEU C 267 -28.43 29.02 5.78
C LEU C 267 -29.75 28.39 5.38
N GLY C 268 -29.68 27.35 4.55
CA GLY C 268 -30.89 26.68 4.11
C GLY C 268 -31.49 25.86 5.23
N ALA C 269 -30.65 25.09 5.92
CA ALA C 269 -31.12 24.25 7.02
C ALA C 269 -31.75 25.10 8.11
N ARG C 270 -31.03 26.14 8.53
CA ARG C 270 -31.53 27.05 9.56
C ARG C 270 -32.83 27.70 9.11
N ALA C 271 -33.06 27.71 7.80
CA ALA C 271 -34.27 28.31 7.25
C ALA C 271 -35.46 27.46 7.66
N VAL C 272 -35.29 26.14 7.63
CA VAL C 272 -36.34 25.19 7.98
C VAL C 272 -36.61 25.19 9.47
N GLU C 273 -35.53 25.27 10.26
CA GLU C 273 -35.66 25.30 11.71
C GLU C 273 -36.57 26.45 12.14
N LEU C 274 -36.39 27.61 11.52
CA LEU C 274 -37.21 28.77 11.86
C LEU C 274 -38.68 28.52 11.59
N LEU C 275 -39.02 28.19 10.35
CA LEU C 275 -40.40 27.93 9.99
C LEU C 275 -41.05 27.01 11.03
N LEU C 276 -40.32 25.98 11.46
CA LEU C 276 -40.85 25.04 12.44
C LEU C 276 -40.91 25.64 13.84
N GLU C 277 -39.91 26.45 14.17
CA GLU C 277 -39.89 27.08 15.49
C GLU C 277 -40.96 28.15 15.55
N GLY C 278 -41.96 28.03 14.67
CA GLY C 278 -43.05 28.97 14.64
C GLY C 278 -42.77 30.39 14.19
N LYS C 279 -41.50 30.77 14.12
CA LYS C 279 -41.14 32.12 13.71
C LYS C 279 -41.73 32.42 12.34
N GLY C 280 -41.34 33.55 11.78
CA GLY C 280 -41.86 33.94 10.48
C GLY C 280 -41.31 35.31 10.12
N GLY C 281 -41.68 35.80 8.94
CA GLY C 281 -41.21 37.10 8.49
C GLY C 281 -39.74 37.41 8.72
N ARG C 282 -38.99 36.41 9.17
CA ARG C 282 -37.56 36.57 9.44
C ARG C 282 -36.75 36.32 8.17
N CYS C 283 -35.43 36.18 8.36
CA CYS C 283 -34.52 35.94 7.25
C CYS C 283 -33.13 35.62 7.77
N VAL C 284 -32.62 34.46 7.42
CA VAL C 284 -31.30 34.04 7.87
C VAL C 284 -30.17 34.74 7.13
N GLY C 285 -28.98 34.68 7.69
CA GLY C 285 -27.83 35.32 7.08
C GLY C 285 -26.65 35.13 8.00
N ILE C 286 -25.45 35.46 7.54
CA ILE C 286 -24.26 35.31 8.39
C ILE C 286 -23.61 36.65 8.74
N GLN C 287 -23.46 36.90 10.04
CA GLN C 287 -22.84 38.12 10.56
C GLN C 287 -21.85 37.78 11.68
N ASN C 288 -20.61 38.21 11.52
CA ASN C 288 -19.59 37.93 12.52
C ASN C 288 -19.45 36.43 12.80
N ASN C 289 -19.24 35.68 11.73
CA ASN C 289 -19.06 34.24 11.77
C ASN C 289 -20.13 33.50 12.57
N GLN C 290 -21.26 34.16 12.77
CA GLN C 290 -22.37 33.56 13.51
C GLN C 290 -23.63 33.45 12.66
N LEU C 291 -24.41 32.40 12.85
CA LEU C 291 -25.63 32.22 12.11
C LEU C 291 -26.74 33.05 12.77
N VAL C 292 -27.05 34.20 12.17
CA VAL C 292 -28.10 35.04 12.73
C VAL C 292 -29.40 34.94 11.96
N ASP C 293 -30.35 35.77 12.34
CA ASP C 293 -31.67 35.81 11.73
C ASP C 293 -32.45 36.99 12.28
N HIS C 294 -32.84 37.89 11.39
CA HIS C 294 -33.58 39.10 11.75
C HIS C 294 -34.97 39.08 11.12
N ASP C 295 -35.72 40.15 11.34
CA ASP C 295 -37.05 40.31 10.78
C ASP C 295 -36.85 41.00 9.43
N ILE C 296 -37.56 40.56 8.40
CA ILE C 296 -37.39 41.17 7.08
C ILE C 296 -37.69 42.66 7.10
N ALA C 297 -38.05 43.18 8.26
CA ALA C 297 -38.33 44.61 8.40
C ALA C 297 -37.10 45.34 8.89
N GLU C 298 -36.90 45.33 10.20
CA GLU C 298 -35.76 46.00 10.83
C GLU C 298 -34.46 45.81 10.06
N ALA C 299 -34.41 44.77 9.23
CA ALA C 299 -33.22 44.50 8.44
C ALA C 299 -33.12 45.50 7.30
N LEU C 300 -34.05 45.43 6.34
CA LEU C 300 -34.08 46.33 5.19
C LEU C 300 -33.92 47.80 5.57
N ALA C 301 -34.25 48.12 6.81
CA ALA C 301 -34.14 49.49 7.31
C ALA C 301 -32.67 49.87 7.29
N ASN C 302 -31.83 48.85 7.43
CA ASN C 302 -30.39 49.05 7.42
C ASN C 302 -29.91 49.22 5.99
N LYS C 303 -28.61 49.43 5.80
CA LYS C 303 -28.07 49.61 4.47
C LYS C 303 -26.71 48.97 4.28
N HIS C 304 -26.55 48.30 3.14
CA HIS C 304 -25.32 47.61 2.80
C HIS C 304 -24.21 48.60 2.46
N THR C 305 -23.03 48.35 3.00
CA THR C 305 -21.87 49.20 2.76
C THR C 305 -20.56 48.42 2.86
N ILE C 306 -19.69 48.62 1.88
CA ILE C 306 -18.41 47.93 1.87
C ILE C 306 -17.60 48.40 3.05
N ASP C 307 -16.49 47.72 3.30
CA ASP C 307 -15.61 48.06 4.40
C ASP C 307 -14.49 48.95 3.89
N GLN C 308 -14.63 50.25 4.13
CA GLN C 308 -13.65 51.24 3.71
C GLN C 308 -12.22 50.84 4.07
N ARG C 309 -12.03 50.40 5.32
CA ARG C 309 -10.71 49.98 5.83
C ARG C 309 -10.01 49.05 4.85
N MET C 310 -10.79 48.37 4.00
CA MET C 310 -10.23 47.46 3.01
C MET C 310 -9.93 48.24 1.75
N TYR C 311 -10.81 49.16 1.40
CA TYR C 311 -10.59 49.95 0.20
C TYR C 311 -9.28 50.71 0.37
N ALA C 312 -9.14 51.41 1.48
CA ALA C 312 -7.92 52.15 1.74
C ALA C 312 -6.74 51.19 1.60
N LEU C 313 -6.99 49.93 1.95
CA LEU C 313 -5.95 48.93 1.85
C LEU C 313 -5.69 48.67 0.38
N SER C 314 -6.76 48.41 -0.37
CA SER C 314 -6.65 48.15 -1.80
C SER C 314 -5.80 49.24 -2.45
N LYS C 315 -5.86 50.43 -1.86
CA LYS C 315 -5.12 51.56 -2.40
C LYS C 315 -3.65 51.55 -1.98
N GLU C 316 -3.39 51.19 -0.72
CA GLU C 316 -2.03 51.16 -0.18
C GLU C 316 -1.14 50.09 -0.79
N LEU C 317 -1.65 48.87 -0.91
CA LEU C 317 -0.88 47.78 -1.47
C LEU C 317 -0.63 47.99 -2.96
N SER C 318 -1.23 49.03 -3.51
CA SER C 318 -1.08 49.35 -4.92
C SER C 318 0.16 50.18 -5.22
N ILE C 319 0.06 51.48 -4.94
CA ILE C 319 1.15 52.43 -5.17
C ILE C 319 2.14 51.92 -6.21
N MET D 1 26.65 26.29 -36.05
CA MET D 1 25.94 27.25 -35.14
C MET D 1 26.33 27.04 -33.68
N LYS D 2 26.52 28.14 -32.96
CA LYS D 2 26.91 28.09 -31.55
C LYS D 2 26.03 29.03 -30.72
N ARG D 3 25.24 29.85 -31.39
CA ARG D 3 24.39 30.80 -30.70
C ARG D 3 23.14 31.14 -31.53
N ILE D 4 21.98 31.12 -30.87
CA ILE D 4 20.73 31.42 -31.56
C ILE D 4 19.82 32.27 -30.69
N GLY D 5 18.81 32.88 -31.31
CA GLY D 5 17.90 33.72 -30.55
C GLY D 5 16.45 33.31 -30.73
N VAL D 6 15.61 33.61 -29.75
CA VAL D 6 14.20 33.27 -29.82
C VAL D 6 13.36 34.51 -29.51
N LEU D 7 12.26 34.70 -30.23
CA LEU D 7 11.41 35.87 -29.98
C LEU D 7 9.93 35.59 -30.15
N THR D 8 9.11 36.33 -29.41
CA THR D 8 7.66 36.17 -29.47
C THR D 8 6.99 37.43 -30.05
N SER D 9 6.46 37.28 -31.26
CA SER D 9 5.81 38.39 -31.95
C SER D 9 4.33 38.13 -32.24
N GLY D 10 3.51 39.16 -32.11
CA GLY D 10 2.09 39.02 -32.34
C GLY D 10 1.34 38.84 -31.04
N GLY D 11 0.02 38.74 -31.11
CA GLY D 11 -0.77 38.58 -29.90
C GLY D 11 -0.37 37.31 -29.14
N ASP D 12 0.01 37.49 -27.87
CA ASP D 12 0.42 36.38 -27.01
C ASP D 12 -0.67 35.32 -26.85
N SER D 13 -0.27 34.09 -26.51
CA SER D 13 -1.19 32.98 -26.29
C SER D 13 -0.65 32.03 -25.22
N PRO D 14 -1.52 31.21 -24.61
CA PRO D 14 -1.02 30.31 -23.59
C PRO D 14 -0.16 29.26 -24.24
N GLY D 15 1.04 29.06 -23.71
CA GLY D 15 1.93 28.06 -24.26
C GLY D 15 3.19 28.59 -24.89
N MET D 16 3.20 29.88 -25.16
CA MET D 16 4.38 30.48 -25.77
C MET D 16 5.61 30.22 -24.93
N ASN D 17 5.48 30.39 -23.61
CA ASN D 17 6.58 30.16 -22.69
C ASN D 17 7.04 28.72 -22.79
N ALA D 18 6.11 27.79 -22.64
CA ALA D 18 6.43 26.37 -22.73
C ALA D 18 7.24 26.15 -24.01
N ALA D 19 6.82 26.83 -25.08
CA ALA D 19 7.49 26.74 -26.37
C ALA D 19 8.86 27.38 -26.27
N ILE D 20 8.98 28.47 -25.51
CA ILE D 20 10.26 29.12 -25.34
C ILE D 20 11.13 28.07 -24.66
N ARG D 21 10.62 27.55 -23.55
CA ARG D 21 11.32 26.56 -22.76
C ARG D 21 12.08 25.55 -23.59
N SER D 22 11.38 24.80 -24.44
CA SER D 22 12.05 23.79 -25.26
C SER D 22 13.11 24.37 -26.19
N VAL D 23 12.82 25.52 -26.79
CA VAL D 23 13.78 26.17 -27.71
C VAL D 23 15.06 26.53 -26.96
N VAL D 24 14.96 26.71 -25.65
CA VAL D 24 16.09 27.03 -24.79
C VAL D 24 16.82 25.76 -24.31
N ARG D 25 16.05 24.78 -23.83
CA ARG D 25 16.57 23.51 -23.35
C ARG D 25 17.15 22.71 -24.49
N LYS D 26 16.37 22.54 -25.55
CA LYS D 26 16.83 21.78 -26.71
C LYS D 26 18.13 22.34 -27.25
N ALA D 27 18.30 23.64 -27.13
CA ALA D 27 19.51 24.29 -27.60
C ALA D 27 20.68 23.90 -26.69
N ILE D 28 20.53 24.16 -25.39
CA ILE D 28 21.53 23.86 -24.37
C ILE D 28 21.98 22.40 -24.44
N TYR D 29 21.03 21.50 -24.63
CA TYR D 29 21.33 20.08 -24.71
C TYR D 29 22.23 19.78 -25.90
N HIS D 30 22.25 20.68 -26.88
CA HIS D 30 23.09 20.48 -28.06
C HIS D 30 24.32 21.39 -28.06
N GLY D 31 24.61 22.00 -26.93
CA GLY D 31 25.76 22.87 -26.83
C GLY D 31 25.48 24.30 -27.21
N VAL D 32 24.60 24.51 -28.18
CA VAL D 32 24.25 25.85 -28.61
C VAL D 32 23.67 26.61 -27.43
N GLU D 33 24.04 27.87 -27.29
CA GLU D 33 23.51 28.72 -26.23
C GLU D 33 22.50 29.63 -26.89
N VAL D 34 21.34 29.78 -26.26
CA VAL D 34 20.27 30.59 -26.82
C VAL D 34 20.05 31.95 -26.14
N TYR D 35 20.06 32.98 -26.97
CA TYR D 35 19.88 34.38 -26.57
C TYR D 35 18.44 34.80 -26.80
N GLY D 36 17.80 35.32 -25.76
CA GLY D 36 16.42 35.72 -25.88
C GLY D 36 16.22 37.16 -26.28
N VAL D 37 15.51 37.37 -27.38
CA VAL D 37 15.21 38.69 -27.90
C VAL D 37 13.86 39.17 -27.37
N TYR D 38 13.87 40.09 -26.40
CA TYR D 38 12.65 40.60 -25.78
C TYR D 38 11.86 41.62 -26.60
N HIS D 39 10.54 41.59 -26.43
CA HIS D 39 9.62 42.51 -27.10
C HIS D 39 9.46 42.31 -28.59
N GLY D 40 9.57 41.06 -29.03
CA GLY D 40 9.40 40.76 -30.44
C GLY D 40 10.39 41.51 -31.31
N TYR D 41 9.99 41.73 -32.56
CA TYR D 41 10.84 42.41 -33.50
C TYR D 41 11.20 43.82 -33.03
N ALA D 42 10.28 44.47 -32.31
CA ALA D 42 10.54 45.81 -31.81
C ALA D 42 11.74 45.75 -30.88
N GLY D 43 11.84 44.65 -30.13
CA GLY D 43 12.95 44.46 -29.22
C GLY D 43 14.22 44.12 -29.99
N LEU D 44 14.05 43.43 -31.11
CA LEU D 44 15.19 43.06 -31.94
C LEU D 44 15.82 44.37 -32.38
N ILE D 45 15.03 45.20 -33.04
CA ILE D 45 15.47 46.50 -33.52
C ILE D 45 16.14 47.36 -32.45
N ALA D 46 15.52 47.48 -31.28
CA ALA D 46 16.09 48.27 -30.20
C ALA D 46 17.36 47.63 -29.63
N GLY D 47 17.62 46.38 -30.01
CA GLY D 47 18.79 45.67 -29.54
C GLY D 47 18.57 45.05 -28.17
N ASN D 48 17.33 44.80 -27.80
CA ASN D 48 17.00 44.21 -26.52
C ASN D 48 17.32 42.72 -26.49
N ILE D 49 18.54 42.39 -26.10
CA ILE D 49 18.96 41.01 -26.04
C ILE D 49 19.45 40.63 -24.64
N LYS D 50 19.49 39.32 -24.37
CA LYS D 50 19.94 38.82 -23.08
C LYS D 50 20.12 37.31 -23.20
N LYS D 51 21.24 36.78 -22.71
CA LYS D 51 21.49 35.34 -22.78
C LYS D 51 20.49 34.60 -21.91
N LEU D 52 19.83 33.61 -22.49
CA LEU D 52 18.87 32.83 -21.73
C LEU D 52 19.57 31.70 -21.02
N GLU D 53 19.66 31.83 -19.70
CA GLU D 53 20.31 30.82 -18.88
C GLU D 53 19.32 29.69 -18.67
N VAL D 54 19.84 28.47 -18.56
CA VAL D 54 18.98 27.30 -18.37
C VAL D 54 18.03 27.47 -17.18
N GLY D 55 18.40 28.32 -16.24
CA GLY D 55 17.54 28.53 -15.09
C GLY D 55 16.41 29.51 -15.35
N ASP D 56 16.50 30.24 -16.46
CA ASP D 56 15.49 31.23 -16.84
C ASP D 56 14.18 30.61 -17.35
N VAL D 57 14.30 29.56 -18.16
CA VAL D 57 13.13 28.87 -18.69
C VAL D 57 12.63 27.86 -17.67
N GLY D 58 13.22 27.87 -16.48
CA GLY D 58 12.80 26.95 -15.44
C GLY D 58 11.55 27.47 -14.77
N ASP D 59 10.55 26.61 -14.59
CA ASP D 59 9.29 27.02 -13.97
C ASP D 59 8.58 28.14 -14.75
N ILE D 60 8.14 27.82 -15.97
CA ILE D 60 7.40 28.76 -16.81
C ILE D 60 6.57 27.95 -17.78
N ILE D 61 6.80 26.64 -17.77
CA ILE D 61 6.09 25.72 -18.65
C ILE D 61 4.63 25.53 -18.26
N HIS D 62 4.10 26.44 -17.46
CA HIS D 62 2.72 26.34 -17.04
C HIS D 62 2.19 27.76 -16.93
N ARG D 63 2.91 28.67 -17.57
CA ARG D 63 2.56 30.08 -17.57
C ARG D 63 2.01 30.60 -18.90
N GLY D 64 1.20 31.66 -18.81
CA GLY D 64 0.62 32.27 -19.99
C GLY D 64 1.49 33.43 -20.45
N GLY D 65 1.04 34.13 -21.49
CA GLY D 65 1.81 35.26 -22.00
C GLY D 65 3.15 34.80 -22.55
N THR D 66 4.17 35.62 -22.41
CA THR D 66 5.50 35.28 -22.91
C THR D 66 6.55 36.02 -22.10
N ILE D 67 7.31 35.26 -21.32
CA ILE D 67 8.36 35.84 -20.48
C ILE D 67 9.19 36.84 -21.28
N LEU D 68 9.23 36.66 -22.59
CA LEU D 68 9.99 37.53 -23.46
C LEU D 68 9.31 38.87 -23.74
N TYR D 69 7.99 38.84 -23.88
CA TYR D 69 7.18 40.03 -24.18
C TYR D 69 6.98 40.13 -25.68
N THR D 70 5.94 40.85 -26.10
CA THR D 70 5.67 41.02 -27.52
C THR D 70 5.18 42.42 -27.80
N ALA D 71 5.16 42.78 -29.09
CA ALA D 71 4.72 44.08 -29.53
C ALA D 71 4.57 44.07 -31.05
N ARG D 72 3.92 45.09 -31.59
CA ARG D 72 3.72 45.23 -33.04
C ARG D 72 4.81 46.21 -33.47
N CYS D 73 5.36 46.06 -34.67
CA CYS D 73 6.43 46.95 -35.09
C CYS D 73 6.60 47.13 -36.59
N PRO D 74 6.03 48.21 -37.13
CA PRO D 74 6.10 48.53 -38.56
C PRO D 74 7.52 48.70 -39.10
N GLU D 75 8.38 49.37 -38.32
CA GLU D 75 9.76 49.61 -38.73
C GLU D 75 10.42 48.38 -39.34
N PHE D 76 9.96 47.19 -38.93
CA PHE D 76 10.53 45.95 -39.45
C PHE D 76 9.91 45.56 -40.78
N LYS D 77 8.84 46.24 -41.17
CA LYS D 77 8.17 45.97 -42.44
C LYS D 77 8.86 46.77 -43.53
N THR D 78 9.60 47.80 -43.13
CA THR D 78 10.33 48.65 -44.07
C THR D 78 11.71 48.06 -44.30
N GLU D 79 12.40 48.55 -45.32
CA GLU D 79 13.74 48.04 -45.63
C GLU D 79 14.76 48.60 -44.63
N GLU D 80 14.48 49.77 -44.09
CA GLU D 80 15.36 50.41 -43.12
C GLU D 80 15.50 49.55 -41.87
N GLY D 81 14.36 49.08 -41.37
CA GLY D 81 14.32 48.27 -40.16
C GLY D 81 14.86 46.86 -40.24
N GLN D 82 14.54 46.15 -41.31
CA GLN D 82 15.04 44.80 -41.47
C GLN D 82 16.55 44.80 -41.46
N LYS D 83 17.14 45.94 -41.82
CA LYS D 83 18.59 46.09 -41.85
C LYS D 83 19.11 46.43 -40.46
N LYS D 84 18.29 47.14 -39.68
CA LYS D 84 18.65 47.52 -38.33
C LYS D 84 18.74 46.25 -37.48
N GLY D 85 17.82 45.32 -37.73
CA GLY D 85 17.80 44.06 -37.01
C GLY D 85 18.93 43.11 -37.40
N ILE D 86 19.13 42.89 -38.71
CA ILE D 86 20.18 42.01 -39.19
C ILE D 86 21.50 42.45 -38.58
N GLU D 87 21.54 43.72 -38.19
CA GLU D 87 22.73 44.31 -37.59
C GLU D 87 22.82 44.07 -36.10
N GLN D 88 21.69 44.21 -35.41
CA GLN D 88 21.66 43.97 -33.98
C GLN D 88 21.91 42.50 -33.70
N LEU D 89 21.35 41.63 -34.53
CA LEU D 89 21.57 40.22 -34.33
C LEU D 89 23.06 39.96 -34.49
N LYS D 90 23.59 40.19 -35.69
CA LYS D 90 25.01 39.96 -35.94
C LYS D 90 25.96 40.70 -35.01
N LYS D 91 25.41 41.46 -34.07
CA LYS D 91 26.22 42.21 -33.11
C LYS D 91 26.43 41.34 -31.87
N HIS D 92 25.38 40.59 -31.50
CA HIS D 92 25.45 39.71 -30.33
C HIS D 92 25.74 38.26 -30.69
N GLY D 93 26.44 38.07 -31.81
CA GLY D 93 26.81 36.74 -32.26
C GLY D 93 25.67 35.79 -32.56
N ILE D 94 24.53 36.33 -32.96
CA ILE D 94 23.38 35.49 -33.27
C ILE D 94 23.49 34.95 -34.68
N GLU D 95 23.40 33.63 -34.81
CA GLU D 95 23.48 32.96 -36.11
C GLU D 95 22.11 32.60 -36.67
N GLY D 96 21.26 32.01 -35.83
CA GLY D 96 19.93 31.64 -36.27
C GLY D 96 18.90 32.33 -35.40
N LEU D 97 17.63 32.11 -35.69
CA LEU D 97 16.60 32.77 -34.90
C LEU D 97 15.33 31.94 -34.81
N VAL D 98 14.64 32.09 -33.69
CA VAL D 98 13.41 31.37 -33.46
C VAL D 98 12.29 32.38 -33.32
N VAL D 99 11.25 32.25 -34.15
CA VAL D 99 10.13 33.17 -34.06
C VAL D 99 8.80 32.41 -33.82
N ILE D 100 8.16 32.75 -32.70
CA ILE D 100 6.91 32.14 -32.27
C ILE D 100 5.87 33.23 -32.36
N GLY D 101 4.75 32.94 -33.00
CA GLY D 101 3.71 33.95 -33.11
C GLY D 101 2.71 33.69 -34.21
N GLY D 102 1.92 34.70 -34.55
CA GLY D 102 0.94 34.56 -35.62
C GLY D 102 1.53 34.61 -37.00
N ASP D 103 0.68 34.80 -38.01
CA ASP D 103 1.16 34.86 -39.39
C ASP D 103 1.90 36.16 -39.61
N GLY D 104 1.71 37.11 -38.69
CA GLY D 104 2.39 38.38 -38.80
C GLY D 104 3.87 38.16 -38.70
N SER D 105 4.30 37.64 -37.56
CA SER D 105 5.70 37.36 -37.29
C SER D 105 6.35 36.48 -38.36
N TYR D 106 5.56 35.62 -39.00
CA TYR D 106 6.11 34.77 -40.04
C TYR D 106 6.73 35.63 -41.12
N GLN D 107 6.09 36.73 -41.45
CA GLN D 107 6.60 37.64 -42.46
C GLN D 107 8.08 37.87 -42.14
N GLY D 108 8.32 38.71 -41.15
CA GLY D 108 9.68 39.00 -40.75
C GLY D 108 10.51 37.74 -40.67
N ALA D 109 9.86 36.61 -40.44
CA ALA D 109 10.59 35.36 -40.38
C ALA D 109 11.19 35.19 -41.76
N LYS D 110 10.34 35.29 -42.77
CA LYS D 110 10.76 35.14 -44.17
C LYS D 110 11.67 36.27 -44.61
N LYS D 111 11.53 37.44 -44.00
CA LYS D 111 12.39 38.55 -44.36
C LYS D 111 13.80 38.21 -43.93
N LEU D 112 14.05 38.28 -42.62
CA LEU D 112 15.36 37.96 -42.08
C LEU D 112 16.09 36.87 -42.89
N THR D 113 15.35 35.88 -43.36
CA THR D 113 15.94 34.80 -44.13
C THR D 113 16.52 35.28 -45.46
N GLU D 114 15.69 35.92 -46.28
CA GLU D 114 16.17 36.43 -47.55
C GLU D 114 17.45 37.21 -47.28
N HIS D 115 17.43 38.04 -46.21
CA HIS D 115 18.61 38.82 -45.81
C HIS D 115 19.64 37.87 -45.22
N GLY D 116 19.66 36.64 -45.71
CA GLY D 116 20.60 35.66 -45.21
C GLY D 116 20.50 35.50 -43.70
N PHE D 117 19.48 34.78 -43.26
CA PHE D 117 19.31 34.53 -41.84
C PHE D 117 18.34 33.40 -41.53
N PRO D 118 18.86 32.28 -40.99
CA PRO D 118 18.11 31.09 -40.62
C PRO D 118 17.08 31.36 -39.52
N CYS D 119 15.82 31.34 -39.91
CA CYS D 119 14.72 31.57 -38.98
C CYS D 119 13.69 30.47 -39.17
N VAL D 120 13.10 30.05 -38.05
CA VAL D 120 12.09 29.02 -38.10
C VAL D 120 10.82 29.53 -37.43
N GLY D 121 9.67 29.11 -37.96
CA GLY D 121 8.43 29.55 -37.39
C GLY D 121 7.89 28.59 -36.35
N VAL D 122 6.96 29.08 -35.55
CA VAL D 122 6.33 28.27 -34.52
C VAL D 122 4.94 28.86 -34.26
N PRO D 123 3.92 28.21 -34.80
CA PRO D 123 2.53 28.67 -34.63
C PRO D 123 2.07 28.98 -33.21
N GLY D 124 2.04 30.27 -32.87
CA GLY D 124 1.58 30.70 -31.57
C GLY D 124 0.47 31.72 -31.70
N THR D 125 -0.74 31.35 -31.31
CA THR D 125 -1.90 32.25 -31.41
C THR D 125 -3.14 31.48 -31.01
N ILE D 126 -4.07 32.11 -30.30
CA ILE D 126 -5.27 31.37 -29.93
C ILE D 126 -6.19 31.24 -31.11
N ASP D 127 -5.91 32.00 -32.17
CA ASP D 127 -6.74 31.98 -33.35
C ASP D 127 -6.75 30.71 -34.19
N ASN D 128 -5.63 29.97 -34.18
CA ASN D 128 -5.56 28.75 -34.98
C ASN D 128 -5.80 29.17 -36.42
N ASP D 129 -5.39 30.40 -36.73
CA ASP D 129 -5.56 30.98 -38.05
C ASP D 129 -4.27 30.95 -38.85
N ILE D 130 -3.29 30.19 -38.40
CA ILE D 130 -2.00 30.13 -39.11
C ILE D 130 -1.89 28.89 -40.00
N PRO D 131 -1.35 29.05 -41.22
CA PRO D 131 -1.16 27.99 -42.22
C PRO D 131 0.03 27.06 -41.99
N GLY D 132 -0.10 25.82 -42.46
CA GLY D 132 0.97 24.83 -42.32
C GLY D 132 0.89 24.00 -41.04
N THR D 133 -0.28 24.01 -40.41
CA THR D 133 -0.47 23.28 -39.17
C THR D 133 -1.94 23.07 -38.90
N ASP D 134 -2.30 21.95 -38.29
CA ASP D 134 -3.69 21.71 -37.96
C ASP D 134 -4.01 22.51 -36.72
N PHE D 135 -3.00 22.71 -35.87
CA PHE D 135 -3.14 23.46 -34.61
C PHE D 135 -2.02 24.44 -34.28
N THR D 136 -2.33 25.44 -33.48
CA THR D 136 -1.37 26.47 -33.09
C THR D 136 -1.32 26.65 -31.57
N ILE D 137 -0.12 26.86 -31.05
CA ILE D 137 0.08 27.00 -29.61
C ILE D 137 -0.85 28.01 -28.95
N GLY D 138 -1.96 27.53 -28.38
CA GLY D 138 -2.89 28.42 -27.70
C GLY D 138 -4.33 28.04 -27.97
N PHE D 139 -4.59 27.56 -29.18
CA PHE D 139 -5.93 27.19 -29.56
C PHE D 139 -6.67 26.45 -28.47
N ASP D 140 -6.10 25.31 -28.06
CA ASP D 140 -6.72 24.46 -27.05
C ASP D 140 -7.05 25.16 -25.75
N THR D 141 -6.09 25.92 -25.23
CA THR D 141 -6.36 26.58 -23.97
C THR D 141 -7.51 27.54 -24.14
N ALA D 142 -7.49 28.31 -25.23
CA ALA D 142 -8.58 29.28 -25.50
C ALA D 142 -9.92 28.54 -25.70
N LEU D 143 -9.81 27.33 -26.22
CA LEU D 143 -10.96 26.48 -26.50
C LEU D 143 -11.67 26.08 -25.21
N ASN D 144 -10.89 25.76 -24.19
CA ASN D 144 -11.46 25.38 -22.91
C ASN D 144 -11.93 26.63 -22.23
N THR D 145 -11.07 27.65 -22.22
CA THR D 145 -11.43 28.91 -21.59
C THR D 145 -12.81 29.32 -22.11
N VAL D 146 -13.07 29.07 -23.38
CA VAL D 146 -14.37 29.43 -23.92
C VAL D 146 -15.42 28.51 -23.38
N ILE D 147 -15.24 27.20 -23.53
CA ILE D 147 -16.25 26.24 -23.05
C ILE D 147 -16.49 26.32 -21.56
N ASP D 148 -15.49 26.77 -20.81
CA ASP D 148 -15.72 26.89 -19.39
C ASP D 148 -16.71 28.03 -19.19
N ALA D 149 -16.57 29.10 -19.96
CA ALA D 149 -17.45 30.26 -19.88
C ALA D 149 -18.87 29.88 -20.33
N ILE D 150 -18.96 29.03 -21.33
CA ILE D 150 -20.26 28.58 -21.85
C ILE D 150 -20.98 27.71 -20.82
N ASP D 151 -20.22 27.02 -19.99
CA ASP D 151 -20.82 26.18 -18.98
C ASP D 151 -21.46 27.02 -17.90
N LYS D 152 -20.86 28.18 -17.62
CA LYS D 152 -21.39 29.07 -16.58
C LYS D 152 -22.60 29.79 -17.09
N ILE D 153 -22.49 30.32 -18.30
CA ILE D 153 -23.59 31.05 -18.91
C ILE D 153 -24.80 30.16 -19.08
N ARG D 154 -24.56 28.89 -19.37
CA ARG D 154 -25.65 27.96 -19.55
C ARG D 154 -26.43 27.88 -18.25
N ASP D 155 -25.73 28.02 -17.12
CA ASP D 155 -26.39 27.94 -15.83
C ASP D 155 -27.41 29.03 -15.60
N THR D 156 -26.99 30.29 -15.77
CA THR D 156 -27.90 31.39 -15.56
C THR D 156 -28.89 31.47 -16.73
N ALA D 157 -28.42 31.13 -17.92
CA ALA D 157 -29.27 31.14 -19.09
C ALA D 157 -30.43 30.20 -18.83
N THR D 158 -30.12 29.06 -18.22
CA THR D 158 -31.12 28.06 -17.90
C THR D 158 -32.04 28.51 -16.78
N SER D 159 -31.47 28.93 -15.66
CA SER D 159 -32.26 29.38 -14.52
C SER D 159 -33.35 30.36 -14.94
N HIS D 160 -33.01 31.24 -15.89
CA HIS D 160 -33.96 32.26 -16.37
C HIS D 160 -34.56 32.04 -17.75
N GLU D 161 -34.28 30.90 -18.38
CA GLU D 161 -34.84 30.64 -19.72
C GLU D 161 -34.46 31.76 -20.67
N ARG D 162 -33.20 32.16 -20.63
CA ARG D 162 -32.70 33.22 -21.48
C ARG D 162 -31.97 32.71 -22.71
N THR D 163 -32.28 33.31 -23.86
CA THR D 163 -31.58 32.93 -25.09
C THR D 163 -30.30 33.74 -24.97
N TRP D 164 -29.17 33.15 -25.28
CA TRP D 164 -27.93 33.86 -25.09
C TRP D 164 -27.10 33.91 -26.33
N VAL D 165 -26.24 34.90 -26.40
CA VAL D 165 -25.32 35.07 -27.52
C VAL D 165 -23.95 35.24 -26.87
N ILE D 166 -22.96 34.51 -27.35
CA ILE D 166 -21.62 34.61 -26.80
C ILE D 166 -20.64 34.99 -27.90
N GLU D 167 -19.99 36.14 -27.76
CA GLU D 167 -19.04 36.58 -28.77
C GLU D 167 -17.64 36.11 -28.42
N VAL D 168 -17.15 35.14 -29.19
CA VAL D 168 -15.80 34.60 -28.99
C VAL D 168 -14.85 35.23 -30.01
N MET D 169 -13.55 35.19 -29.74
CA MET D 169 -12.55 35.77 -30.63
C MET D 169 -12.15 34.92 -31.82
N GLY D 170 -10.96 35.22 -32.34
CA GLY D 170 -10.39 34.53 -33.49
C GLY D 170 -10.26 35.37 -34.76
N ARG D 171 -10.20 36.69 -34.60
CA ARG D 171 -10.11 37.63 -35.71
C ARG D 171 -10.92 37.23 -36.94
N HIS D 172 -10.26 36.65 -37.93
CA HIS D 172 -10.93 36.27 -39.17
C HIS D 172 -11.28 34.78 -39.29
N ALA D 173 -10.76 33.98 -38.38
CA ALA D 173 -11.00 32.55 -38.35
C ALA D 173 -12.22 32.22 -37.53
N GLY D 174 -12.83 31.08 -37.83
CA GLY D 174 -13.99 30.62 -37.09
C GLY D 174 -13.66 29.40 -36.26
N ASP D 175 -12.36 29.11 -36.11
CA ASP D 175 -11.96 27.96 -35.34
C ASP D 175 -12.44 28.02 -33.91
N ILE D 176 -12.14 29.08 -33.19
CA ILE D 176 -12.57 29.16 -31.80
C ILE D 176 -14.07 28.96 -31.71
N ALA D 177 -14.82 29.70 -32.52
CA ALA D 177 -16.26 29.58 -32.49
C ALA D 177 -16.78 28.20 -32.86
N LEU D 178 -16.18 27.60 -33.87
CA LEU D 178 -16.61 26.27 -34.31
C LEU D 178 -16.48 25.22 -33.20
N TYR D 179 -15.26 25.01 -32.72
CA TYR D 179 -15.01 24.01 -31.68
C TYR D 179 -15.67 24.39 -30.37
N SER D 180 -15.62 25.65 -29.99
CA SER D 180 -16.28 26.08 -28.77
C SER D 180 -17.73 25.64 -28.84
N GLY D 181 -18.47 26.21 -29.78
CA GLY D 181 -19.88 25.89 -29.91
C GLY D 181 -20.18 24.40 -29.96
N LEU D 182 -19.43 23.70 -30.80
CA LEU D 182 -19.60 22.27 -30.95
C LEU D 182 -19.44 21.54 -29.63
N ALA D 183 -18.44 21.96 -28.86
CA ALA D 183 -18.13 21.35 -27.56
C ALA D 183 -18.87 21.94 -26.38
N GLY D 184 -19.49 23.10 -26.57
CA GLY D 184 -20.24 23.73 -25.48
C GLY D 184 -21.70 23.43 -25.74
N GLY D 185 -21.93 22.84 -26.90
CA GLY D 185 -23.26 22.48 -27.32
C GLY D 185 -24.11 23.67 -27.70
N ALA D 186 -23.56 24.63 -28.45
CA ALA D 186 -24.33 25.79 -28.85
C ALA D 186 -25.41 25.34 -29.81
N GLU D 187 -26.62 25.86 -29.68
CA GLU D 187 -27.72 25.47 -30.56
C GLU D 187 -27.49 26.03 -31.97
N THR D 188 -26.62 27.03 -32.06
CA THR D 188 -26.33 27.66 -33.33
C THR D 188 -24.97 28.33 -33.28
N ILE D 189 -24.10 28.01 -34.23
CA ILE D 189 -22.80 28.64 -34.28
C ILE D 189 -22.80 29.43 -35.56
N LEU D 190 -22.22 30.63 -35.52
CA LEU D 190 -22.12 31.52 -36.66
C LEU D 190 -20.63 31.82 -36.88
N ILE D 191 -20.15 31.66 -38.10
CA ILE D 191 -18.75 31.89 -38.37
C ILE D 191 -18.50 32.53 -39.73
N PRO D 192 -17.26 32.96 -40.00
CA PRO D 192 -16.90 33.59 -41.27
C PRO D 192 -16.83 32.61 -42.41
N GLU D 193 -16.47 31.37 -42.11
CA GLU D 193 -16.33 30.33 -43.11
C GLU D 193 -17.61 29.70 -43.70
N ALA D 194 -18.78 30.11 -43.21
CA ALA D 194 -20.01 29.54 -43.70
C ALA D 194 -21.20 30.48 -43.57
N ASP D 195 -21.91 30.66 -44.67
CA ASP D 195 -23.07 31.55 -44.69
C ASP D 195 -24.07 31.13 -43.64
N TYR D 196 -25.03 32.02 -43.39
CA TYR D 196 -26.05 31.75 -42.39
C TYR D 196 -27.23 32.63 -42.69
N ASP D 197 -28.43 32.06 -42.68
CA ASP D 197 -29.59 32.90 -42.92
C ASP D 197 -30.08 33.25 -41.53
N MET D 198 -29.82 34.50 -41.14
CA MET D 198 -30.21 35.00 -39.82
C MET D 198 -31.73 34.88 -39.65
N ASN D 199 -32.38 34.37 -40.68
CA ASN D 199 -33.82 34.15 -40.66
C ASN D 199 -34.05 32.74 -40.14
N ASP D 200 -33.45 31.77 -40.82
CA ASP D 200 -33.57 30.37 -40.43
C ASP D 200 -33.29 30.32 -38.94
N VAL D 201 -32.12 30.82 -38.55
CA VAL D 201 -31.71 30.86 -37.17
C VAL D 201 -32.92 31.16 -36.30
N ILE D 202 -33.42 32.40 -36.40
CA ILE D 202 -34.59 32.81 -35.63
C ILE D 202 -35.66 31.70 -35.65
N ALA D 203 -36.03 31.27 -36.86
CA ALA D 203 -37.05 30.23 -37.02
C ALA D 203 -36.81 29.04 -36.08
N ARG D 204 -35.59 28.51 -36.09
CA ARG D 204 -35.28 27.38 -35.21
C ARG D 204 -35.56 27.76 -33.76
N LEU D 205 -34.95 28.83 -33.29
CA LEU D 205 -35.16 29.26 -31.91
C LEU D 205 -36.65 29.33 -31.61
N LYS D 206 -37.42 29.87 -32.54
CA LYS D 206 -38.86 29.99 -32.35
C LYS D 206 -39.53 28.63 -32.22
N ARG D 207 -38.88 27.61 -32.78
CA ARG D 207 -39.41 26.25 -32.72
C ARG D 207 -38.99 25.58 -31.41
N GLY D 208 -37.80 25.89 -30.93
CA GLY D 208 -37.32 25.29 -29.70
C GLY D 208 -38.04 25.81 -28.46
N HIS D 209 -38.17 27.12 -28.37
CA HIS D 209 -38.82 27.74 -27.21
C HIS D 209 -40.19 27.12 -26.96
N GLU D 210 -40.68 26.36 -27.94
CA GLU D 210 -41.97 25.69 -27.83
C GLU D 210 -41.76 24.25 -27.40
N ARG D 211 -40.68 23.67 -27.87
CA ARG D 211 -40.33 22.28 -27.56
C ARG D 211 -39.54 22.17 -26.26
N GLY D 212 -39.92 22.94 -25.24
CA GLY D 212 -39.21 22.86 -23.97
C GLY D 212 -37.77 23.35 -24.06
N LYS D 213 -37.32 23.65 -25.27
CA LYS D 213 -35.96 24.14 -25.48
C LYS D 213 -36.04 25.63 -25.14
N LYS D 214 -36.65 25.93 -24.01
CA LYS D 214 -36.86 27.30 -23.51
C LYS D 214 -35.63 28.15 -23.23
N HIS D 215 -34.50 27.80 -23.83
CA HIS D 215 -33.28 28.55 -23.65
C HIS D 215 -32.24 28.00 -24.60
N SER D 216 -31.47 28.87 -25.23
CA SER D 216 -30.45 28.45 -26.17
C SER D 216 -29.21 29.27 -25.98
N ILE D 217 -28.15 28.92 -26.71
CA ILE D 217 -26.89 29.65 -26.63
C ILE D 217 -26.31 29.75 -28.02
N ILE D 218 -26.10 30.98 -28.50
CA ILE D 218 -25.53 31.17 -29.82
C ILE D 218 -24.06 31.57 -29.71
N ILE D 219 -23.23 31.01 -30.58
CA ILE D 219 -21.82 31.33 -30.58
C ILE D 219 -21.53 32.13 -31.84
N VAL D 220 -21.00 33.34 -31.68
CA VAL D 220 -20.68 34.17 -32.84
C VAL D 220 -19.19 34.45 -32.85
N ALA D 221 -18.54 34.08 -33.94
CA ALA D 221 -17.11 34.35 -34.07
C ALA D 221 -17.15 35.86 -34.26
N GLU D 222 -16.21 36.58 -33.66
CA GLU D 222 -16.20 38.02 -33.80
C GLU D 222 -16.03 38.49 -35.25
N GLY D 223 -15.38 37.67 -36.07
CA GLY D 223 -15.15 38.03 -37.46
C GLY D 223 -16.40 37.96 -38.33
N VAL D 224 -17.56 37.91 -37.67
CA VAL D 224 -18.84 37.82 -38.35
C VAL D 224 -19.75 38.90 -37.79
N GLY D 225 -19.16 39.85 -37.07
CA GLY D 225 -19.95 40.93 -36.50
C GLY D 225 -20.00 40.92 -34.99
N SER D 226 -20.74 41.86 -34.41
CA SER D 226 -20.86 41.95 -32.96
C SER D 226 -22.05 41.23 -32.37
N GLY D 227 -21.77 40.43 -31.35
CA GLY D 227 -22.83 39.70 -30.69
C GLY D 227 -23.83 40.65 -30.10
N VAL D 228 -23.39 41.83 -29.68
CA VAL D 228 -24.34 42.76 -29.10
C VAL D 228 -25.42 43.04 -30.12
N ASP D 229 -25.03 43.13 -31.41
CA ASP D 229 -26.00 43.38 -32.48
C ASP D 229 -26.95 42.21 -32.66
N PHE D 230 -26.39 41.01 -32.87
CA PHE D 230 -27.21 39.81 -33.03
C PHE D 230 -28.08 39.63 -31.79
N GLY D 231 -27.55 40.03 -30.64
CA GLY D 231 -28.31 39.88 -29.41
C GLY D 231 -29.63 40.59 -29.50
N ARG D 232 -29.56 41.91 -29.51
CA ARG D 232 -30.74 42.80 -29.62
C ARG D 232 -31.57 42.42 -30.83
N GLN D 233 -30.89 42.01 -31.88
CA GLN D 233 -31.54 41.63 -33.12
C GLN D 233 -32.40 40.38 -32.93
N ILE D 234 -31.96 39.44 -32.09
CA ILE D 234 -32.75 38.23 -31.85
C ILE D 234 -33.91 38.58 -30.93
N GLN D 235 -33.63 39.35 -29.88
CA GLN D 235 -34.64 39.76 -28.91
C GLN D 235 -35.76 40.49 -29.59
N GLU D 236 -35.39 41.33 -30.56
CA GLU D 236 -36.34 42.12 -31.31
C GLU D 236 -37.33 41.22 -32.06
N ALA D 237 -36.80 40.35 -32.92
CA ALA D 237 -37.63 39.47 -33.71
C ALA D 237 -38.33 38.31 -32.97
N THR D 238 -37.77 37.85 -31.87
CA THR D 238 -38.41 36.73 -31.16
C THR D 238 -39.21 37.17 -29.93
N GLY D 239 -38.61 37.97 -29.07
CA GLY D 239 -39.31 38.43 -27.88
C GLY D 239 -38.77 37.82 -26.59
N PHE D 240 -37.94 36.79 -26.73
CA PHE D 240 -37.36 36.12 -25.58
C PHE D 240 -36.25 37.03 -25.09
N GLU D 241 -36.20 37.30 -23.78
CA GLU D 241 -35.14 38.16 -23.30
C GLU D 241 -33.84 37.50 -23.67
N THR D 242 -32.87 38.32 -24.06
CA THR D 242 -31.60 37.81 -24.47
C THR D 242 -30.49 38.54 -23.77
N ARG D 243 -29.33 37.89 -23.70
CA ARG D 243 -28.16 38.48 -23.09
C ARG D 243 -26.96 38.18 -23.97
N VAL D 244 -25.99 39.09 -23.95
CA VAL D 244 -24.80 38.94 -24.77
C VAL D 244 -23.57 39.06 -23.88
N THR D 245 -22.61 38.19 -24.10
CA THR D 245 -21.37 38.25 -23.35
C THR D 245 -20.24 38.11 -24.35
N VAL D 246 -19.28 39.02 -24.24
CA VAL D 246 -18.11 39.02 -25.08
C VAL D 246 -17.00 38.68 -24.10
N LEU D 247 -16.57 37.42 -24.14
CA LEU D 247 -15.52 36.92 -23.24
C LEU D 247 -14.28 37.81 -23.21
N GLY D 248 -14.10 38.60 -24.26
CA GLY D 248 -12.95 39.47 -24.30
C GLY D 248 -11.65 38.68 -24.31
N HIS D 249 -10.59 39.28 -23.75
CA HIS D 249 -9.26 38.67 -23.73
C HIS D 249 -8.96 37.63 -22.66
N VAL D 250 -9.99 37.09 -22.00
CA VAL D 250 -9.73 36.06 -21.00
C VAL D 250 -9.45 34.84 -21.83
N GLN D 251 -9.60 34.98 -23.14
CA GLN D 251 -9.38 33.91 -24.10
C GLN D 251 -7.92 33.83 -24.50
N ARG D 252 -7.14 34.82 -24.06
CA ARG D 252 -5.73 34.92 -24.39
C ARG D 252 -4.84 34.53 -23.23
N GLY D 253 -5.33 34.74 -22.02
CA GLY D 253 -4.54 34.44 -20.83
C GLY D 253 -4.73 33.13 -20.08
N GLY D 254 -4.23 33.13 -18.85
CA GLY D 254 -4.30 31.94 -18.01
C GLY D 254 -3.31 30.86 -18.43
N SER D 255 -3.04 29.94 -17.51
CA SER D 255 -2.14 28.83 -17.75
C SER D 255 -2.66 27.87 -18.83
N PRO D 256 -1.76 27.40 -19.71
CA PRO D 256 -2.12 26.49 -20.79
C PRO D 256 -2.44 25.04 -20.43
N THR D 257 -3.38 24.48 -21.19
CA THR D 257 -3.85 23.11 -21.01
C THR D 257 -2.71 22.17 -21.33
N ALA D 258 -2.94 20.90 -21.06
CA ALA D 258 -1.96 19.86 -21.29
C ALA D 258 -1.48 19.86 -22.75
N PHE D 259 -2.44 19.78 -23.65
CA PHE D 259 -2.14 19.74 -25.06
C PHE D 259 -1.13 20.81 -25.46
N ASP D 260 -1.50 22.09 -25.32
CA ASP D 260 -0.61 23.19 -25.70
C ASP D 260 0.81 23.12 -25.14
N ARG D 261 0.99 22.50 -23.98
CA ARG D 261 2.34 22.37 -23.45
C ARG D 261 3.05 21.29 -24.26
N VAL D 262 2.33 20.24 -24.59
CA VAL D 262 2.91 19.15 -25.34
C VAL D 262 3.27 19.62 -26.73
N LEU D 263 2.35 20.32 -27.38
CA LEU D 263 2.58 20.81 -28.74
C LEU D 263 3.71 21.83 -28.83
N ALA D 264 3.72 22.79 -27.91
CA ALA D 264 4.75 23.81 -27.91
C ALA D 264 6.14 23.18 -27.74
N SER D 265 6.30 22.38 -26.70
CA SER D 265 7.55 21.71 -26.40
C SER D 265 8.01 20.97 -27.66
N ARG D 266 7.10 20.19 -28.22
CA ARG D 266 7.40 19.42 -29.43
C ARG D 266 7.82 20.31 -30.58
N LEU D 267 7.08 21.40 -30.80
CA LEU D 267 7.39 22.34 -31.87
C LEU D 267 8.67 23.16 -31.64
N GLY D 268 8.81 23.72 -30.44
CA GLY D 268 9.99 24.51 -30.16
C GLY D 268 11.27 23.79 -30.52
N ALA D 269 11.59 22.73 -29.76
CA ALA D 269 12.80 21.95 -29.98
C ALA D 269 12.89 21.45 -31.41
N ARG D 270 11.74 21.37 -32.09
CA ARG D 270 11.71 20.92 -33.47
C ARG D 270 12.24 22.05 -34.36
N ALA D 271 12.04 23.29 -33.93
CA ALA D 271 12.53 24.43 -34.69
C ALA D 271 14.03 24.43 -34.46
N VAL D 272 14.42 24.34 -33.20
CA VAL D 272 15.83 24.34 -32.85
C VAL D 272 16.59 23.33 -33.68
N GLU D 273 15.98 22.14 -33.87
CA GLU D 273 16.61 21.07 -34.64
C GLU D 273 16.92 21.50 -36.06
N LEU D 274 16.00 22.23 -36.68
CA LEU D 274 16.17 22.73 -38.04
C LEU D 274 17.30 23.76 -38.17
N LEU D 275 17.41 24.64 -37.19
CA LEU D 275 18.48 25.62 -37.23
C LEU D 275 19.81 24.89 -37.32
N LEU D 276 19.91 23.79 -36.59
CA LEU D 276 21.12 22.98 -36.54
C LEU D 276 21.20 21.99 -37.70
N GLU D 277 20.08 21.35 -38.00
CA GLU D 277 19.99 20.38 -39.08
C GLU D 277 20.17 21.14 -40.39
N GLY D 278 20.77 22.33 -40.28
CA GLY D 278 21.05 23.17 -41.43
C GLY D 278 19.90 23.71 -42.26
N LYS D 279 18.71 23.77 -41.70
CA LYS D 279 17.56 24.27 -42.45
C LYS D 279 17.39 25.77 -42.29
N GLY D 280 16.19 26.26 -42.57
CA GLY D 280 15.95 27.69 -42.46
C GLY D 280 14.85 28.17 -43.38
N GLY D 281 14.29 29.34 -43.05
CA GLY D 281 13.21 29.88 -43.86
C GLY D 281 12.04 28.93 -43.84
N ARG D 282 11.96 28.11 -42.80
CA ARG D 282 10.89 27.14 -42.67
C ARG D 282 10.05 27.43 -41.43
N CYS D 283 8.90 26.76 -41.34
CA CYS D 283 8.01 26.90 -40.20
C CYS D 283 7.51 25.50 -39.79
N VAL D 284 7.57 25.17 -38.50
CA VAL D 284 7.11 23.88 -38.02
C VAL D 284 5.60 23.91 -37.75
N GLY D 285 5.00 22.74 -37.61
CA GLY D 285 3.58 22.64 -37.35
C GLY D 285 3.18 21.20 -37.13
N ILE D 286 1.90 20.96 -36.89
CA ILE D 286 1.44 19.61 -36.67
C ILE D 286 0.21 19.29 -37.52
N GLN D 287 0.43 18.68 -38.67
CA GLN D 287 -0.68 18.33 -39.55
C GLN D 287 -0.88 16.81 -39.54
N ASN D 288 -2.10 16.37 -39.23
CA ASN D 288 -2.41 14.95 -39.17
C ASN D 288 -1.57 14.26 -38.12
N ASN D 289 -1.44 14.91 -36.97
CA ASN D 289 -0.68 14.41 -35.84
C ASN D 289 0.73 14.00 -36.25
N GLN D 290 1.34 14.82 -37.09
CA GLN D 290 2.70 14.56 -37.56
C GLN D 290 3.50 15.86 -37.52
N LEU D 291 4.63 15.84 -36.83
CA LEU D 291 5.46 17.03 -36.75
C LEU D 291 6.14 17.27 -38.09
N VAL D 292 5.46 18.01 -38.95
CA VAL D 292 6.01 18.32 -40.26
C VAL D 292 6.51 19.76 -40.28
N ASP D 293 7.31 20.12 -41.27
CA ASP D 293 7.79 21.48 -41.37
C ASP D 293 7.70 21.93 -42.81
N HIS D 294 7.38 23.21 -43.02
CA HIS D 294 7.24 23.79 -44.34
C HIS D 294 8.07 25.04 -44.55
N ASP D 295 8.00 25.57 -45.77
CA ASP D 295 8.71 26.79 -46.14
C ASP D 295 7.81 27.97 -45.76
N ILE D 296 8.35 28.93 -45.03
CA ILE D 296 7.58 30.08 -44.60
C ILE D 296 6.86 30.75 -45.75
N ALA D 297 7.46 30.65 -46.94
CA ALA D 297 6.91 31.25 -48.15
C ALA D 297 5.72 30.51 -48.75
N GLU D 298 5.95 29.35 -49.33
CA GLU D 298 4.85 28.59 -49.91
C GLU D 298 3.77 28.34 -48.88
N ALA D 299 4.17 28.31 -47.61
CA ALA D 299 3.23 28.08 -46.51
C ALA D 299 2.31 29.29 -46.34
N LEU D 300 2.88 30.48 -46.24
CA LEU D 300 2.09 31.69 -46.11
C LEU D 300 1.25 31.89 -47.35
N ALA D 301 1.78 31.46 -48.50
CA ALA D 301 1.09 31.58 -49.78
C ALA D 301 -0.24 30.84 -49.72
N ASN D 302 -0.28 29.80 -48.89
CA ASN D 302 -1.48 29.00 -48.71
C ASN D 302 -2.51 29.76 -47.88
N LYS D 303 -3.72 29.19 -47.75
CA LYS D 303 -4.80 29.82 -47.01
C LYS D 303 -5.33 28.90 -45.91
N HIS D 304 -6.04 29.47 -44.94
CA HIS D 304 -6.60 28.70 -43.84
C HIS D 304 -8.09 28.50 -44.02
N THR D 305 -8.57 27.30 -43.68
CA THR D 305 -9.98 26.96 -43.81
C THR D 305 -10.38 26.04 -42.67
N ILE D 306 -11.69 25.88 -42.47
CA ILE D 306 -12.22 24.99 -41.43
C ILE D 306 -12.81 23.72 -42.04
N ASP D 307 -13.21 22.79 -41.19
CA ASP D 307 -13.79 21.54 -41.65
C ASP D 307 -15.29 21.66 -41.76
N GLN D 308 -15.77 21.90 -42.98
CA GLN D 308 -17.20 22.05 -43.21
C GLN D 308 -17.97 20.95 -42.52
N ARG D 309 -17.41 19.75 -42.52
CA ARG D 309 -18.05 18.62 -41.89
C ARG D 309 -18.42 18.91 -40.46
N MET D 310 -17.53 19.56 -39.73
CA MET D 310 -17.83 19.88 -38.34
C MET D 310 -19.03 20.80 -38.26
N TYR D 311 -18.99 21.89 -39.01
CA TYR D 311 -20.11 22.82 -39.00
C TYR D 311 -21.39 22.00 -39.25
N ALA D 312 -21.39 21.17 -40.29
CA ALA D 312 -22.56 20.35 -40.56
C ALA D 312 -22.88 19.54 -39.33
N LEU D 313 -21.86 18.95 -38.71
CA LEU D 313 -22.04 18.16 -37.51
C LEU D 313 -22.66 19.04 -36.43
N SER D 314 -22.21 20.28 -36.35
CA SER D 314 -22.72 21.21 -35.36
C SER D 314 -24.19 21.56 -35.58
N LYS D 315 -24.66 21.40 -36.81
CA LYS D 315 -26.04 21.70 -37.16
C LYS D 315 -27.00 20.53 -36.94
N GLU D 316 -26.48 19.31 -36.89
CA GLU D 316 -27.33 18.15 -36.69
C GLU D 316 -27.49 17.85 -35.20
N LEU D 317 -26.40 18.05 -34.46
CA LEU D 317 -26.41 17.79 -33.02
C LEU D 317 -27.13 18.90 -32.30
N SER D 318 -27.85 19.72 -33.06
CA SER D 318 -28.58 20.82 -32.46
C SER D 318 -29.88 21.01 -33.19
N ILE D 319 -30.97 20.94 -32.44
CA ILE D 319 -32.30 21.11 -33.00
C ILE D 319 -33.23 21.47 -31.83
N MET E 1 -0.57 -44.83 -22.02
CA MET E 1 -1.64 -45.87 -21.97
C MET E 1 -3.00 -45.30 -21.58
N LYS E 2 -3.73 -46.00 -20.72
CA LYS E 2 -5.04 -45.54 -20.31
C LYS E 2 -5.23 -45.66 -18.81
N ARG E 3 -4.28 -46.30 -18.15
CA ARG E 3 -4.37 -46.48 -16.72
C ARG E 3 -3.11 -47.12 -16.14
N ILE E 4 -2.56 -46.52 -15.09
CA ILE E 4 -1.36 -47.04 -14.43
C ILE E 4 -1.54 -47.08 -12.94
N GLY E 5 -0.46 -47.39 -12.25
CA GLY E 5 -0.52 -47.45 -10.81
C GLY E 5 0.77 -46.94 -10.20
N VAL E 6 0.67 -46.59 -8.92
CA VAL E 6 1.81 -46.09 -8.16
C VAL E 6 1.80 -46.69 -6.77
N LEU E 7 2.98 -46.89 -6.22
CA LEU E 7 3.12 -47.46 -4.89
C LEU E 7 4.49 -47.15 -4.29
N THR E 8 4.55 -47.05 -2.98
CA THR E 8 5.79 -46.79 -2.31
C THR E 8 6.29 -48.07 -1.66
N SER E 9 7.61 -48.21 -1.57
CA SER E 9 8.16 -49.40 -0.98
C SER E 9 9.53 -49.16 -0.35
N GLY E 10 9.66 -49.63 0.89
CA GLY E 10 10.92 -49.47 1.60
C GLY E 10 10.89 -48.41 2.68
N GLY E 11 11.98 -47.66 2.77
CA GLY E 11 12.05 -46.62 3.78
C GLY E 11 11.16 -45.48 3.35
N ASP E 12 10.04 -45.28 4.04
CA ASP E 12 9.16 -44.19 3.69
C ASP E 12 9.90 -42.93 4.06
N SER E 13 10.17 -42.08 3.06
CA SER E 13 10.89 -40.84 3.29
C SER E 13 9.96 -39.65 3.11
N PRO E 14 10.36 -38.45 3.58
CA PRO E 14 9.53 -37.26 3.45
C PRO E 14 9.54 -36.76 2.01
N GLY E 15 8.37 -36.39 1.51
CA GLY E 15 8.27 -35.90 0.15
C GLY E 15 7.64 -36.94 -0.74
N MET E 16 7.54 -38.16 -0.24
CA MET E 16 6.94 -39.25 -0.99
C MET E 16 5.53 -38.87 -1.42
N ASN E 17 4.71 -38.44 -0.46
CA ASN E 17 3.35 -38.04 -0.78
C ASN E 17 3.37 -36.96 -1.84
N ALA E 18 4.42 -36.14 -1.80
CA ALA E 18 4.55 -35.07 -2.78
C ALA E 18 4.61 -35.69 -4.18
N ALA E 19 5.36 -36.78 -4.29
CA ALA E 19 5.54 -37.49 -5.56
C ALA E 19 4.31 -38.35 -5.89
N ILE E 20 3.59 -38.81 -4.86
CA ILE E 20 2.37 -39.61 -5.08
C ILE E 20 1.33 -38.68 -5.67
N ARG E 21 1.44 -37.39 -5.33
CA ARG E 21 0.52 -36.37 -5.82
C ARG E 21 0.94 -35.98 -7.24
N SER E 22 2.24 -35.89 -7.46
CA SER E 22 2.76 -35.57 -8.78
C SER E 22 2.34 -36.66 -9.76
N VAL E 23 2.45 -37.92 -9.36
CA VAL E 23 2.08 -39.03 -10.23
C VAL E 23 0.58 -39.07 -10.48
N VAL E 24 -0.22 -39.12 -9.41
CA VAL E 24 -1.67 -39.17 -9.55
C VAL E 24 -2.25 -38.00 -10.34
N ARG E 25 -1.61 -36.84 -10.25
CA ARG E 25 -2.08 -35.66 -10.96
C ARG E 25 -1.55 -35.55 -12.38
N LYS E 26 -0.23 -35.64 -12.55
CA LYS E 26 0.38 -35.55 -13.87
C LYS E 26 -0.31 -36.48 -14.85
N ALA E 27 -0.87 -37.57 -14.33
CA ALA E 27 -1.57 -38.54 -15.18
C ALA E 27 -3.00 -38.09 -15.50
N ILE E 28 -3.77 -37.70 -14.49
CA ILE E 28 -5.12 -37.22 -14.73
C ILE E 28 -5.07 -36.23 -15.90
N TYR E 29 -4.06 -35.36 -15.88
CA TYR E 29 -3.86 -34.32 -16.89
C TYR E 29 -3.57 -34.85 -18.29
N HIS E 30 -3.13 -36.11 -18.38
CA HIS E 30 -2.87 -36.71 -19.67
C HIS E 30 -4.03 -37.64 -20.01
N GLY E 31 -5.15 -37.45 -19.32
CA GLY E 31 -6.33 -38.26 -19.55
C GLY E 31 -6.33 -39.64 -18.89
N VAL E 32 -5.14 -40.05 -18.44
CA VAL E 32 -4.93 -41.34 -17.80
C VAL E 32 -5.51 -41.44 -16.39
N GLU E 33 -5.79 -42.67 -15.96
CA GLU E 33 -6.33 -42.92 -14.63
C GLU E 33 -5.20 -43.52 -13.82
N VAL E 34 -5.15 -43.18 -12.53
CA VAL E 34 -4.10 -43.71 -11.67
C VAL E 34 -4.70 -44.50 -10.52
N TYR E 35 -4.17 -45.69 -10.31
CA TYR E 35 -4.63 -46.55 -9.22
C TYR E 35 -3.51 -46.67 -8.17
N GLY E 36 -3.88 -46.52 -6.91
CA GLY E 36 -2.89 -46.62 -5.86
C GLY E 36 -2.76 -48.01 -5.27
N VAL E 37 -1.52 -48.49 -5.16
CA VAL E 37 -1.26 -49.80 -4.60
C VAL E 37 -0.79 -49.63 -3.16
N TYR E 38 -1.72 -49.79 -2.24
CA TYR E 38 -1.43 -49.66 -0.83
C TYR E 38 -0.61 -50.83 -0.28
N HIS E 39 0.42 -50.50 0.50
CA HIS E 39 1.29 -51.48 1.16
C HIS E 39 2.48 -52.03 0.42
N GLY E 40 3.02 -51.24 -0.49
CA GLY E 40 4.17 -51.71 -1.21
C GLY E 40 3.85 -52.98 -1.96
N TYR E 41 4.89 -53.66 -2.44
CA TYR E 41 4.71 -54.88 -3.20
C TYR E 41 3.82 -55.89 -2.49
N ALA E 42 3.91 -55.95 -1.16
CA ALA E 42 3.11 -56.90 -0.38
C ALA E 42 1.62 -56.71 -0.64
N GLY E 43 1.14 -55.49 -0.47
CA GLY E 43 -0.26 -55.21 -0.69
C GLY E 43 -0.66 -55.46 -2.13
N LEU E 44 0.30 -55.83 -2.98
CA LEU E 44 0.03 -56.10 -4.39
C LEU E 44 -0.47 -57.54 -4.52
N ILE E 45 0.32 -58.48 -4.04
CA ILE E 45 -0.02 -59.90 -4.06
C ILE E 45 -1.37 -60.05 -3.40
N ALA E 46 -1.68 -59.13 -2.50
CA ALA E 46 -2.95 -59.14 -1.79
C ALA E 46 -4.02 -58.43 -2.60
N GLY E 47 -3.57 -57.59 -3.55
CA GLY E 47 -4.48 -56.86 -4.40
C GLY E 47 -5.20 -55.72 -3.72
N ASN E 48 -4.54 -55.10 -2.74
CA ASN E 48 -5.11 -53.97 -2.01
C ASN E 48 -4.98 -52.75 -2.90
N ILE E 49 -5.68 -52.77 -4.03
CA ILE E 49 -5.63 -51.68 -5.00
C ILE E 49 -6.94 -50.88 -5.02
N LYS E 50 -6.83 -49.57 -5.19
CA LYS E 50 -7.97 -48.65 -5.24
C LYS E 50 -7.68 -47.57 -6.28
N LYS E 51 -8.72 -46.92 -6.79
CA LYS E 51 -8.51 -45.85 -7.77
C LYS E 51 -8.25 -44.54 -7.02
N LEU E 52 -7.26 -43.77 -7.48
CA LEU E 52 -6.94 -42.52 -6.82
C LEU E 52 -7.42 -41.30 -7.59
N GLU E 53 -8.58 -40.78 -7.17
CA GLU E 53 -9.18 -39.60 -7.78
C GLU E 53 -8.31 -38.37 -7.49
N VAL E 54 -8.62 -37.26 -8.15
CA VAL E 54 -7.87 -36.02 -7.95
C VAL E 54 -8.12 -35.47 -6.55
N GLY E 55 -9.23 -35.90 -5.95
CA GLY E 55 -9.57 -35.45 -4.61
C GLY E 55 -8.75 -36.18 -3.56
N ASP E 56 -7.98 -37.17 -3.99
CA ASP E 56 -7.15 -37.93 -3.07
C ASP E 56 -5.83 -37.23 -2.80
N VAL E 57 -5.07 -36.93 -3.85
CA VAL E 57 -3.79 -36.26 -3.66
C VAL E 57 -4.01 -34.78 -3.37
N GLY E 58 -5.23 -34.45 -2.98
CA GLY E 58 -5.51 -33.06 -2.66
C GLY E 58 -5.15 -32.86 -1.20
N ASP E 59 -4.31 -31.86 -0.93
CA ASP E 59 -3.92 -31.59 0.44
C ASP E 59 -3.03 -32.69 1.06
N ILE E 60 -1.91 -32.97 0.41
CA ILE E 60 -0.95 -33.96 0.90
C ILE E 60 0.45 -33.65 0.41
N ILE E 61 0.63 -32.51 -0.25
CA ILE E 61 1.96 -32.20 -0.75
C ILE E 61 2.93 -31.88 0.37
N HIS E 62 2.40 -31.43 1.51
CA HIS E 62 3.23 -31.12 2.67
C HIS E 62 3.34 -32.32 3.59
N ARG E 63 2.29 -33.14 3.64
CA ARG E 63 2.30 -34.36 4.45
C ARG E 63 3.57 -35.19 4.21
N GLY E 64 4.10 -35.76 5.30
CA GLY E 64 5.27 -36.60 5.21
C GLY E 64 4.79 -38.05 5.27
N GLY E 65 5.73 -38.99 5.33
CA GLY E 65 5.34 -40.39 5.37
C GLY E 65 4.75 -40.70 4.00
N THR E 66 4.01 -41.81 3.90
CA THR E 66 3.39 -42.21 2.63
C THR E 66 1.96 -42.71 2.80
N ILE E 67 1.02 -42.02 2.17
CA ILE E 67 -0.41 -42.36 2.25
C ILE E 67 -0.76 -43.76 1.76
N LEU E 68 0.07 -44.30 0.88
CA LEU E 68 -0.14 -45.62 0.32
C LEU E 68 0.35 -46.69 1.28
N TYR E 69 1.08 -46.26 2.31
CA TYR E 69 1.66 -47.16 3.30
C TYR E 69 2.75 -47.92 2.60
N THR E 70 3.41 -48.82 3.33
CA THR E 70 4.47 -49.61 2.76
C THR E 70 4.83 -50.74 3.72
N ALA E 71 5.37 -51.82 3.16
CA ALA E 71 5.76 -52.97 3.96
C ALA E 71 6.63 -53.84 3.07
N ARG E 72 7.77 -54.27 3.61
CA ARG E 72 8.71 -55.13 2.86
C ARG E 72 8.07 -56.48 2.57
N CYS E 73 8.07 -56.86 1.30
CA CYS E 73 7.48 -58.14 0.89
C CYS E 73 8.52 -59.13 0.37
N PRO E 74 8.78 -60.18 1.16
CA PRO E 74 9.76 -61.22 0.79
C PRO E 74 9.13 -62.15 -0.26
N GLU E 75 7.82 -62.37 -0.10
CA GLU E 75 7.05 -63.23 -1.00
C GLU E 75 7.09 -62.67 -2.43
N PHE E 76 7.58 -61.44 -2.57
CA PHE E 76 7.68 -60.83 -3.88
C PHE E 76 9.02 -61.21 -4.49
N LYS E 77 9.94 -61.59 -3.61
CA LYS E 77 11.27 -62.03 -4.05
C LYS E 77 11.06 -63.40 -4.70
N THR E 78 9.83 -63.90 -4.61
CA THR E 78 9.44 -65.20 -5.16
C THR E 78 9.03 -65.04 -6.61
N GLU E 79 9.47 -65.98 -7.45
CA GLU E 79 9.12 -65.98 -8.86
C GLU E 79 7.61 -66.17 -8.96
N GLU E 80 7.08 -66.93 -8.01
CA GLU E 80 5.64 -67.22 -7.96
C GLU E 80 4.88 -66.06 -7.33
N GLY E 81 5.62 -65.14 -6.72
CA GLY E 81 5.01 -63.98 -6.10
C GLY E 81 4.86 -62.86 -7.14
N GLN E 82 5.94 -62.62 -7.86
CA GLN E 82 5.96 -61.59 -8.89
C GLN E 82 4.85 -61.91 -9.91
N LYS E 83 4.51 -63.19 -10.03
CA LYS E 83 3.46 -63.63 -10.94
C LYS E 83 2.10 -63.28 -10.33
N LYS E 84 2.01 -63.44 -9.01
CA LYS E 84 0.78 -63.11 -8.30
C LYS E 84 0.55 -61.60 -8.37
N GLY E 85 1.60 -60.88 -8.75
CA GLY E 85 1.50 -59.44 -8.86
C GLY E 85 0.93 -59.01 -10.20
N ILE E 86 1.65 -59.37 -11.26
CA ILE E 86 1.25 -59.03 -12.62
C ILE E 86 -0.18 -59.51 -12.88
N GLU E 87 -0.55 -60.60 -12.22
CA GLU E 87 -1.89 -61.17 -12.37
C GLU E 87 -2.85 -60.27 -11.58
N GLN E 88 -2.48 -59.97 -10.34
CA GLN E 88 -3.29 -59.12 -9.48
C GLN E 88 -3.36 -57.74 -10.10
N LEU E 89 -2.49 -57.50 -11.07
CA LEU E 89 -2.48 -56.21 -11.76
C LEU E 89 -3.42 -56.30 -12.95
N LYS E 90 -3.16 -57.28 -13.83
CA LYS E 90 -4.00 -57.49 -14.99
C LYS E 90 -5.46 -57.41 -14.57
N LYS E 91 -5.78 -58.05 -13.45
CA LYS E 91 -7.14 -58.04 -12.92
C LYS E 91 -7.71 -56.62 -12.90
N HIS E 92 -7.04 -55.70 -12.22
CA HIS E 92 -7.54 -54.32 -12.15
C HIS E 92 -7.17 -53.50 -13.38
N GLY E 93 -6.58 -54.18 -14.36
CA GLY E 93 -6.21 -53.51 -15.60
C GLY E 93 -5.27 -52.34 -15.37
N ILE E 94 -4.09 -52.62 -14.84
CA ILE E 94 -3.10 -51.59 -14.58
C ILE E 94 -1.91 -51.76 -15.53
N GLU E 95 -2.02 -51.11 -16.69
CA GLU E 95 -1.04 -51.15 -17.77
C GLU E 95 0.43 -50.86 -17.43
N GLY E 96 0.68 -50.06 -16.41
CA GLY E 96 2.05 -49.75 -16.02
C GLY E 96 2.18 -49.62 -14.51
N LEU E 97 3.37 -49.32 -14.01
CA LEU E 97 3.57 -49.19 -12.57
C LEU E 97 4.61 -48.14 -12.18
N VAL E 98 4.32 -47.39 -11.12
CA VAL E 98 5.24 -46.37 -10.64
C VAL E 98 5.66 -46.67 -9.21
N VAL E 99 6.92 -47.07 -9.07
CA VAL E 99 7.53 -47.43 -7.80
C VAL E 99 8.41 -46.34 -7.22
N ILE E 100 8.03 -45.79 -6.06
CA ILE E 100 8.86 -44.79 -5.42
C ILE E 100 9.51 -45.51 -4.25
N GLY E 101 10.83 -45.37 -4.11
CA GLY E 101 11.51 -46.02 -3.01
C GLY E 101 12.98 -46.34 -3.22
N GLY E 102 13.50 -47.23 -2.37
CA GLY E 102 14.90 -47.60 -2.45
C GLY E 102 15.23 -48.60 -3.55
N ASP E 103 16.51 -48.88 -3.70
CA ASP E 103 16.97 -49.82 -4.71
C ASP E 103 16.26 -51.14 -4.44
N GLY E 104 15.85 -51.32 -3.17
CA GLY E 104 15.14 -52.53 -2.81
C GLY E 104 13.92 -52.57 -3.70
N SER E 105 13.23 -51.44 -3.75
CA SER E 105 12.04 -51.30 -4.57
C SER E 105 12.47 -51.42 -6.03
N TYR E 106 13.56 -50.75 -6.37
CA TYR E 106 14.08 -50.79 -7.74
C TYR E 106 14.17 -52.24 -8.21
N GLN E 107 14.57 -53.13 -7.31
CA GLN E 107 14.67 -54.56 -7.62
C GLN E 107 13.36 -55.02 -8.24
N GLY E 108 12.35 -55.22 -7.39
CA GLY E 108 11.05 -55.63 -7.87
C GLY E 108 10.56 -54.79 -9.03
N ALA E 109 11.07 -53.57 -9.14
CA ALA E 109 10.68 -52.67 -10.22
C ALA E 109 11.15 -53.24 -11.56
N LYS E 110 12.38 -53.74 -11.57
CA LYS E 110 12.98 -54.32 -12.76
C LYS E 110 12.29 -55.64 -13.08
N LYS E 111 12.37 -56.58 -12.15
CA LYS E 111 11.75 -57.90 -12.31
C LYS E 111 10.40 -57.80 -13.01
N LEU E 112 9.63 -56.79 -12.64
CA LEU E 112 8.32 -56.60 -13.24
C LEU E 112 8.39 -56.16 -14.71
N THR E 113 9.42 -55.41 -15.09
CA THR E 113 9.52 -54.98 -16.48
C THR E 113 9.97 -56.16 -17.33
N GLU E 114 10.73 -57.07 -16.73
CA GLU E 114 11.20 -58.25 -17.44
C GLU E 114 10.02 -59.16 -17.83
N HIS E 115 9.19 -59.53 -16.86
CA HIS E 115 8.03 -60.38 -17.14
C HIS E 115 7.07 -59.63 -18.05
N GLY E 116 7.55 -58.52 -18.62
CA GLY E 116 6.73 -57.72 -19.51
C GLY E 116 5.76 -56.76 -18.82
N PHE E 117 6.29 -55.77 -18.11
CA PHE E 117 5.44 -54.79 -17.42
C PHE E 117 6.01 -53.37 -17.40
N PRO E 118 5.34 -52.42 -18.08
CA PRO E 118 5.82 -51.03 -18.10
C PRO E 118 5.93 -50.53 -16.66
N CYS E 119 7.15 -50.24 -16.21
CA CYS E 119 7.34 -49.78 -14.83
C CYS E 119 8.57 -48.90 -14.61
N VAL E 120 8.35 -47.72 -14.03
CA VAL E 120 9.44 -46.79 -13.77
C VAL E 120 9.66 -46.57 -12.29
N GLY E 121 10.92 -46.53 -11.88
CA GLY E 121 11.24 -46.33 -10.49
C GLY E 121 11.60 -44.89 -10.13
N VAL E 122 11.10 -44.43 -9.00
CA VAL E 122 11.37 -43.09 -8.52
C VAL E 122 12.09 -43.21 -7.19
N PRO E 123 13.32 -42.65 -7.12
CA PRO E 123 14.14 -42.69 -5.92
C PRO E 123 13.50 -41.97 -4.74
N GLY E 124 13.10 -42.75 -3.74
CA GLY E 124 12.48 -42.19 -2.56
C GLY E 124 13.08 -42.77 -1.31
N THR E 125 13.94 -42.00 -0.63
CA THR E 125 14.60 -42.46 0.58
C THR E 125 15.23 -41.27 1.27
N ILE E 126 16.04 -41.51 2.28
CA ILE E 126 16.74 -40.43 2.96
C ILE E 126 18.23 -40.67 2.77
N ASP E 127 18.60 -41.95 2.80
CA ASP E 127 19.98 -42.40 2.65
C ASP E 127 20.72 -41.76 1.47
N ASN E 128 19.97 -41.41 0.43
CA ASN E 128 20.55 -40.79 -0.76
C ASN E 128 21.53 -41.74 -1.46
N ASP E 129 21.40 -43.04 -1.20
CA ASP E 129 22.29 -44.03 -1.79
C ASP E 129 21.82 -44.65 -3.10
N ILE E 130 20.75 -44.12 -3.68
CA ILE E 130 20.23 -44.64 -4.96
C ILE E 130 21.09 -44.23 -6.15
N PRO E 131 21.70 -45.19 -6.85
CA PRO E 131 22.52 -44.83 -8.00
C PRO E 131 21.63 -44.28 -9.10
N GLY E 132 22.22 -43.56 -10.05
CA GLY E 132 21.42 -43.00 -11.12
C GLY E 132 20.90 -41.62 -10.78
N THR E 133 21.04 -41.22 -9.52
CA THR E 133 20.60 -39.90 -9.08
C THR E 133 21.55 -39.32 -8.04
N ASP E 134 21.66 -37.99 -8.02
CA ASP E 134 22.53 -37.28 -7.07
C ASP E 134 21.78 -37.11 -5.75
N PHE E 135 20.47 -36.92 -5.84
CA PHE E 135 19.67 -36.74 -4.66
C PHE E 135 18.43 -37.58 -4.75
N THR E 136 18.14 -38.28 -3.68
CA THR E 136 16.95 -39.12 -3.65
C THR E 136 15.89 -38.26 -2.98
N ILE E 137 14.62 -38.62 -3.11
CA ILE E 137 13.55 -37.83 -2.50
C ILE E 137 13.48 -37.98 -0.99
N GLY E 138 13.89 -36.95 -0.26
CA GLY E 138 13.83 -37.03 1.19
C GLY E 138 15.14 -36.77 1.92
N PHE E 139 16.26 -36.99 1.25
CA PHE E 139 17.57 -36.77 1.85
C PHE E 139 17.74 -35.35 2.31
N ASP E 140 16.99 -34.42 1.70
CA ASP E 140 17.09 -33.02 2.10
C ASP E 140 16.35 -32.85 3.42
N THR E 141 15.08 -33.22 3.42
CA THR E 141 14.26 -33.11 4.61
C THR E 141 14.96 -33.74 5.79
N ALA E 142 15.69 -34.82 5.55
CA ALA E 142 16.40 -35.48 6.62
C ALA E 142 17.51 -34.54 7.05
N LEU E 143 18.40 -34.26 6.10
CA LEU E 143 19.53 -33.39 6.30
C LEU E 143 19.18 -32.25 7.26
N ASN E 144 18.04 -31.63 6.99
CA ASN E 144 17.60 -30.52 7.82
C ASN E 144 17.12 -30.98 9.18
N THR E 145 16.38 -32.08 9.23
CA THR E 145 15.93 -32.61 10.50
C THR E 145 17.16 -32.95 11.35
N VAL E 146 18.26 -33.29 10.69
CA VAL E 146 19.49 -33.62 11.38
C VAL E 146 20.24 -32.39 11.88
N ILE E 147 20.49 -31.41 11.01
CA ILE E 147 21.22 -30.21 11.46
C ILE E 147 20.34 -29.34 12.34
N ASP E 148 19.03 -29.57 12.24
CA ASP E 148 18.05 -28.86 13.05
C ASP E 148 18.23 -29.45 14.47
N ALA E 149 18.55 -30.74 14.51
CA ALA E 149 18.78 -31.46 15.76
C ALA E 149 20.14 -31.02 16.31
N ILE E 150 21.16 -31.03 15.46
CA ILE E 150 22.52 -30.64 15.84
C ILE E 150 22.54 -29.21 16.41
N ASP E 151 21.83 -28.31 15.76
CA ASP E 151 21.77 -26.92 16.23
C ASP E 151 21.29 -26.89 17.68
N LYS E 152 20.62 -27.95 18.09
CA LYS E 152 20.10 -28.07 19.45
C LYS E 152 21.10 -28.72 20.36
N ILE E 153 21.79 -29.74 19.85
CA ILE E 153 22.77 -30.43 20.67
C ILE E 153 23.85 -29.42 20.99
N ARG E 154 24.27 -28.69 19.97
CA ARG E 154 25.31 -27.67 20.10
C ARG E 154 24.99 -26.73 21.26
N ASP E 155 23.72 -26.34 21.35
CA ASP E 155 23.24 -25.45 22.40
C ASP E 155 23.57 -25.98 23.78
N THR E 156 23.13 -27.21 24.06
CA THR E 156 23.35 -27.86 25.35
C THR E 156 24.79 -28.32 25.50
N ALA E 157 25.39 -28.74 24.39
CA ALA E 157 26.78 -29.18 24.41
C ALA E 157 27.68 -28.01 24.83
N THR E 158 27.50 -26.87 24.18
CA THR E 158 28.28 -25.68 24.49
C THR E 158 28.13 -25.29 25.97
N SER E 159 26.90 -25.31 26.45
CA SER E 159 26.60 -24.95 27.82
C SER E 159 27.41 -25.74 28.83
N HIS E 160 27.59 -27.05 28.61
CA HIS E 160 28.36 -27.87 29.55
C HIS E 160 29.79 -28.17 29.09
N GLU E 161 30.23 -27.53 28.01
CA GLU E 161 31.58 -27.74 27.53
C GLU E 161 31.90 -29.19 27.24
N ARG E 162 30.87 -30.01 27.09
CA ARG E 162 31.10 -31.42 26.83
C ARG E 162 31.27 -31.84 25.38
N THR E 163 31.94 -32.96 25.19
CA THR E 163 32.18 -33.50 23.86
C THR E 163 30.93 -34.24 23.37
N TRP E 164 30.73 -34.31 22.06
CA TRP E 164 29.52 -34.95 21.57
C TRP E 164 29.64 -35.82 20.34
N VAL E 165 28.76 -36.81 20.27
CA VAL E 165 28.70 -37.73 19.16
C VAL E 165 27.23 -37.93 18.79
N ILE E 166 26.91 -37.78 17.52
CA ILE E 166 25.54 -37.98 17.03
C ILE E 166 25.54 -39.14 16.04
N GLU E 167 24.52 -39.99 16.13
CA GLU E 167 24.43 -41.11 15.21
C GLU E 167 23.30 -40.87 14.21
N VAL E 168 23.69 -40.59 12.97
CA VAL E 168 22.77 -40.32 11.88
C VAL E 168 22.59 -41.60 11.05
N MET E 169 21.55 -41.65 10.22
CA MET E 169 21.28 -42.82 9.39
C MET E 169 21.99 -42.88 8.03
N GLY E 170 21.32 -43.49 7.05
CA GLY E 170 21.87 -43.60 5.71
C GLY E 170 22.53 -44.95 5.47
N ARG E 171 22.07 -45.95 6.22
CA ARG E 171 22.61 -47.31 6.16
C ARG E 171 24.09 -47.34 5.87
N HIS E 172 24.47 -47.77 4.66
CA HIS E 172 25.87 -47.86 4.28
C HIS E 172 26.42 -46.62 3.56
N ALA E 173 25.53 -45.67 3.30
CA ALA E 173 25.92 -44.44 2.63
C ALA E 173 26.37 -43.42 3.67
N GLY E 174 27.17 -42.45 3.24
CA GLY E 174 27.66 -41.42 4.14
C GLY E 174 26.85 -40.14 4.10
N ASP E 175 26.40 -39.77 2.90
CA ASP E 175 25.62 -38.54 2.67
C ASP E 175 25.02 -37.82 3.88
N ILE E 176 23.99 -38.41 4.49
CA ILE E 176 23.32 -37.79 5.64
C ILE E 176 24.29 -37.35 6.72
N ALA E 177 25.46 -37.98 6.76
CA ALA E 177 26.47 -37.65 7.75
C ALA E 177 27.39 -36.54 7.27
N LEU E 178 27.94 -36.69 6.07
CA LEU E 178 28.86 -35.69 5.51
C LEU E 178 28.17 -34.32 5.31
N TYR E 179 27.04 -34.30 4.63
CA TYR E 179 26.34 -33.03 4.40
C TYR E 179 25.96 -32.41 5.74
N SER E 180 25.26 -33.19 6.55
CA SER E 180 24.83 -32.75 7.87
C SER E 180 26.01 -32.20 8.68
N GLY E 181 27.07 -32.99 8.82
CA GLY E 181 28.23 -32.55 9.58
C GLY E 181 28.87 -31.29 9.02
N LEU E 182 28.86 -31.16 7.69
CA LEU E 182 29.43 -29.99 7.04
C LEU E 182 28.56 -28.80 7.41
N ALA E 183 27.27 -29.05 7.57
CA ALA E 183 26.34 -28.00 7.95
C ALA E 183 26.44 -27.64 9.43
N GLY E 184 26.42 -28.63 10.31
CA GLY E 184 26.50 -28.33 11.73
C GLY E 184 27.86 -27.83 12.20
N GLY E 185 28.84 -27.80 11.30
CA GLY E 185 30.18 -27.36 11.70
C GLY E 185 30.91 -28.42 12.51
N ALA E 186 30.45 -29.65 12.39
CA ALA E 186 31.08 -30.75 13.11
C ALA E 186 32.58 -30.68 12.85
N GLU E 187 33.38 -31.04 13.83
CA GLU E 187 34.83 -31.04 13.66
C GLU E 187 35.32 -32.42 13.21
N THR E 188 34.40 -33.35 13.08
CA THR E 188 34.72 -34.70 12.65
C THR E 188 33.49 -35.47 12.23
N ILE E 189 33.50 -35.88 10.97
CA ILE E 189 32.41 -36.64 10.36
C ILE E 189 33.05 -37.96 9.96
N LEU E 190 32.50 -39.07 10.45
CA LEU E 190 33.02 -40.39 10.11
C LEU E 190 32.02 -41.06 9.19
N ILE E 191 32.47 -41.44 8.01
CA ILE E 191 31.59 -42.11 7.07
C ILE E 191 32.29 -43.34 6.53
N PRO E 192 31.51 -44.32 6.06
CA PRO E 192 32.07 -45.56 5.50
C PRO E 192 33.04 -45.27 4.36
N GLU E 193 32.57 -44.45 3.42
CA GLU E 193 33.32 -44.08 2.23
C GLU E 193 34.70 -43.46 2.45
N ALA E 194 35.17 -43.42 3.70
CA ALA E 194 36.48 -42.82 3.96
C ALA E 194 37.23 -43.40 5.14
N ASP E 195 38.55 -43.33 5.03
CA ASP E 195 39.46 -43.81 6.06
C ASP E 195 39.48 -42.85 7.24
N TYR E 196 39.42 -43.39 8.43
CA TYR E 196 39.46 -42.60 9.63
C TYR E 196 40.34 -43.31 10.66
N ASP E 197 41.30 -42.59 11.22
CA ASP E 197 42.18 -43.19 12.22
C ASP E 197 41.69 -42.72 13.59
N MET E 198 40.95 -43.58 14.26
CA MET E 198 40.38 -43.25 15.56
C MET E 198 41.37 -42.51 16.45
N ASN E 199 42.64 -42.80 16.26
CA ASN E 199 43.65 -42.10 17.03
C ASN E 199 43.70 -40.68 16.53
N ASP E 200 43.90 -40.51 15.22
CA ASP E 200 43.93 -39.17 14.62
C ASP E 200 42.79 -38.38 15.24
N VAL E 201 41.64 -39.03 15.39
CA VAL E 201 40.48 -38.39 15.99
C VAL E 201 40.82 -37.90 17.40
N ILE E 202 41.01 -38.82 18.32
CA ILE E 202 41.32 -38.47 19.70
C ILE E 202 42.42 -37.42 19.82
N ALA E 203 43.41 -37.52 18.94
CA ALA E 203 44.55 -36.60 18.92
C ALA E 203 44.09 -35.17 18.67
N ARG E 204 43.31 -35.01 17.60
CA ARG E 204 42.76 -33.74 17.21
C ARG E 204 41.83 -33.26 18.32
N LEU E 205 40.84 -34.07 18.66
CA LEU E 205 39.89 -33.72 19.70
C LEU E 205 40.59 -33.18 20.93
N LYS E 206 41.78 -33.70 21.22
CA LYS E 206 42.56 -33.25 22.37
C LYS E 206 43.25 -31.93 22.10
N ARG E 207 43.87 -31.81 20.93
CA ARG E 207 44.57 -30.57 20.60
C ARG E 207 43.59 -29.41 20.43
N GLY E 208 42.47 -29.67 19.75
CA GLY E 208 41.48 -28.63 19.56
C GLY E 208 40.92 -28.22 20.91
N HIS E 209 40.82 -29.20 21.80
CA HIS E 209 40.31 -28.96 23.14
C HIS E 209 41.19 -27.91 23.81
N GLU E 210 42.43 -28.28 24.10
CA GLU E 210 43.38 -27.39 24.75
C GLU E 210 43.81 -26.23 23.86
N ARG E 211 42.98 -25.91 22.88
CA ARG E 211 43.27 -24.81 21.97
C ARG E 211 42.04 -23.93 21.83
N GLY E 212 41.37 -23.65 22.95
CA GLY E 212 40.18 -22.82 22.92
C GLY E 212 38.87 -23.56 23.01
N LYS E 213 38.41 -24.11 21.88
CA LYS E 213 37.15 -24.85 21.78
C LYS E 213 37.00 -26.02 22.74
N LYS E 214 36.36 -25.76 23.88
CA LYS E 214 36.16 -26.77 24.90
C LYS E 214 35.13 -27.83 24.53
N HIS E 215 34.38 -27.61 23.46
CA HIS E 215 33.39 -28.59 23.04
C HIS E 215 33.55 -28.96 21.57
N SER E 216 33.05 -30.14 21.22
CA SER E 216 33.11 -30.66 19.86
C SER E 216 31.87 -31.48 19.55
N ILE E 217 31.54 -31.58 18.26
CA ILE E 217 30.41 -32.38 17.82
C ILE E 217 30.97 -33.32 16.75
N ILE E 218 31.10 -34.60 17.07
CA ILE E 218 31.61 -35.55 16.10
C ILE E 218 30.40 -36.21 15.47
N ILE E 219 30.22 -36.06 14.16
CA ILE E 219 29.07 -36.68 13.50
C ILE E 219 29.45 -38.08 13.05
N VAL E 220 28.71 -39.08 13.54
CA VAL E 220 28.99 -40.46 13.15
C VAL E 220 27.85 -41.05 12.34
N ALA E 221 28.21 -41.56 11.16
CA ALA E 221 27.25 -42.18 10.26
C ALA E 221 26.97 -43.57 10.81
N GLU E 222 25.70 -43.93 10.93
CA GLU E 222 25.33 -45.23 11.46
C GLU E 222 26.15 -46.32 10.74
N GLY E 223 26.46 -46.09 9.48
CA GLY E 223 27.23 -47.06 8.71
C GLY E 223 28.48 -47.46 9.46
N VAL E 224 29.42 -46.53 9.55
CA VAL E 224 30.69 -46.71 10.24
C VAL E 224 30.65 -47.54 11.53
N GLY E 225 29.64 -47.29 12.37
CA GLY E 225 29.56 -48.03 13.60
C GLY E 225 28.40 -47.63 14.50
N SER E 226 28.68 -47.47 15.77
CA SER E 226 27.65 -47.11 16.72
C SER E 226 28.07 -45.91 17.55
N GLY E 227 27.22 -44.88 17.55
CA GLY E 227 27.54 -43.70 18.31
C GLY E 227 27.96 -44.02 19.72
N VAL E 228 27.29 -45.01 20.31
CA VAL E 228 27.56 -45.41 21.67
C VAL E 228 28.95 -45.97 21.92
N ASP E 229 29.49 -46.65 20.92
CA ASP E 229 30.83 -47.20 21.02
C ASP E 229 31.89 -46.10 20.87
N PHE E 230 31.66 -45.17 19.94
CA PHE E 230 32.60 -44.06 19.72
C PHE E 230 32.48 -43.09 20.89
N GLY E 231 31.26 -42.93 21.39
CA GLY E 231 31.05 -42.06 22.52
C GLY E 231 31.97 -42.54 23.61
N ARG E 232 31.72 -43.76 24.10
CA ARG E 232 32.52 -44.38 25.15
C ARG E 232 34.03 -44.43 24.89
N GLN E 233 34.44 -44.79 23.66
CA GLN E 233 35.86 -44.85 23.30
C GLN E 233 36.55 -43.51 23.54
N ILE E 234 35.88 -42.41 23.16
CA ILE E 234 36.47 -41.09 23.34
C ILE E 234 36.56 -40.65 24.81
N GLN E 235 35.47 -40.77 25.56
CA GLN E 235 35.50 -40.36 26.96
C GLN E 235 36.63 -41.07 27.70
N GLU E 236 36.99 -42.25 27.23
CA GLU E 236 38.07 -43.03 27.85
C GLU E 236 39.41 -42.47 27.44
N ALA E 237 39.58 -42.26 26.14
CA ALA E 237 40.82 -41.76 25.57
C ALA E 237 41.20 -40.36 25.99
N THR E 238 40.22 -39.47 26.06
CA THR E 238 40.50 -38.08 26.40
C THR E 238 40.17 -37.71 27.83
N GLY E 239 39.09 -38.25 28.37
CA GLY E 239 38.73 -37.92 29.73
C GLY E 239 37.71 -36.80 29.73
N PHE E 240 37.44 -36.26 28.55
CA PHE E 240 36.46 -35.20 28.36
C PHE E 240 35.06 -35.73 28.60
N GLU E 241 34.22 -34.95 29.28
CA GLU E 241 32.85 -35.41 29.51
C GLU E 241 32.24 -35.68 28.15
N THR E 242 31.64 -36.86 27.97
CA THR E 242 31.05 -37.17 26.68
C THR E 242 29.63 -37.70 26.75
N ARG E 243 28.89 -37.42 25.68
CA ARG E 243 27.50 -37.84 25.56
C ARG E 243 27.25 -38.38 24.15
N VAL E 244 26.19 -39.16 23.99
CA VAL E 244 25.88 -39.72 22.67
C VAL E 244 24.39 -39.61 22.39
N THR E 245 24.06 -39.14 21.20
CA THR E 245 22.68 -38.99 20.83
C THR E 245 22.42 -39.66 19.50
N VAL E 246 21.46 -40.56 19.47
CA VAL E 246 21.11 -41.24 18.22
C VAL E 246 19.75 -40.66 17.83
N LEU E 247 19.79 -39.76 16.85
CA LEU E 247 18.58 -39.10 16.37
C LEU E 247 17.54 -40.15 16.01
N GLY E 248 18.00 -41.24 15.38
CA GLY E 248 17.08 -42.30 15.03
C GLY E 248 16.08 -41.97 13.93
N HIS E 249 14.91 -42.61 13.99
CA HIS E 249 13.84 -42.45 13.00
C HIS E 249 13.13 -41.10 12.82
N VAL E 250 13.56 -40.07 13.52
CA VAL E 250 12.94 -38.76 13.35
C VAL E 250 13.30 -38.32 11.94
N GLN E 251 14.53 -38.64 11.55
CA GLN E 251 15.07 -38.30 10.24
C GLN E 251 14.28 -38.85 9.08
N ARG E 252 13.16 -39.50 9.38
CA ARG E 252 12.33 -40.11 8.35
C ARG E 252 10.94 -39.51 8.25
N GLY E 253 10.53 -38.81 9.31
CA GLY E 253 9.21 -38.21 9.32
C GLY E 253 9.26 -36.73 9.08
N GLY E 254 8.08 -36.11 9.06
CA GLY E 254 7.99 -34.67 8.87
C GLY E 254 7.76 -34.11 7.46
N SER E 255 7.16 -32.92 7.42
CA SER E 255 6.91 -32.27 6.16
C SER E 255 8.26 -32.05 5.53
N PRO E 256 8.39 -32.41 4.25
CA PRO E 256 9.61 -32.30 3.45
C PRO E 256 10.00 -30.86 3.15
N THR E 257 11.31 -30.62 3.01
CA THR E 257 11.84 -29.29 2.75
C THR E 257 11.38 -28.88 1.37
N ALA E 258 11.30 -27.57 1.14
CA ALA E 258 10.89 -27.08 -0.16
C ALA E 258 11.63 -27.81 -1.28
N PHE E 259 12.91 -28.13 -1.05
CA PHE E 259 13.70 -28.82 -2.07
C PHE E 259 13.19 -30.19 -2.40
N ASP E 260 12.66 -30.91 -1.40
CA ASP E 260 12.11 -32.24 -1.66
C ASP E 260 10.74 -32.08 -2.31
N ARG E 261 9.90 -31.23 -1.71
CA ARG E 261 8.58 -31.02 -2.26
C ARG E 261 8.70 -30.68 -3.75
N VAL E 262 9.79 -30.03 -4.14
CA VAL E 262 9.98 -29.67 -5.54
C VAL E 262 10.46 -30.87 -6.33
N LEU E 263 11.59 -31.43 -5.90
CA LEU E 263 12.21 -32.58 -6.53
C LEU E 263 11.32 -33.80 -6.60
N ALA E 264 10.51 -34.00 -5.57
CA ALA E 264 9.62 -35.13 -5.51
C ALA E 264 8.58 -35.00 -6.59
N SER E 265 8.11 -33.78 -6.81
CA SER E 265 7.12 -33.53 -7.84
C SER E 265 7.75 -33.67 -9.21
N ARG E 266 8.95 -33.13 -9.36
CA ARG E 266 9.64 -33.18 -10.65
C ARG E 266 9.86 -34.60 -11.11
N LEU E 267 10.63 -35.37 -10.33
CA LEU E 267 10.90 -36.75 -10.70
C LEU E 267 9.59 -37.55 -10.67
N GLY E 268 8.55 -36.97 -10.12
CA GLY E 268 7.28 -37.66 -10.06
C GLY E 268 6.61 -37.69 -11.43
N ALA E 269 6.41 -36.51 -12.00
CA ALA E 269 5.80 -36.37 -13.32
C ALA E 269 6.64 -37.03 -14.39
N ARG E 270 7.95 -36.73 -14.39
CA ARG E 270 8.85 -37.30 -15.37
C ARG E 270 8.62 -38.80 -15.46
N ALA E 271 8.16 -39.39 -14.36
CA ALA E 271 7.84 -40.81 -14.31
C ALA E 271 6.63 -41.02 -15.22
N VAL E 272 5.49 -40.45 -14.81
CA VAL E 272 4.26 -40.56 -15.59
C VAL E 272 4.55 -40.30 -17.06
N GLU E 273 5.59 -39.54 -17.33
CA GLU E 273 5.94 -39.26 -18.71
C GLU E 273 6.47 -40.51 -19.43
N LEU E 274 7.59 -41.03 -18.97
CA LEU E 274 8.20 -42.21 -19.57
C LEU E 274 7.26 -43.41 -19.58
N LEU E 275 6.40 -43.50 -18.58
CA LEU E 275 5.46 -44.62 -18.50
C LEU E 275 4.45 -44.48 -19.64
N LEU E 276 4.34 -43.26 -20.17
CA LEU E 276 3.42 -42.99 -21.27
C LEU E 276 4.12 -43.06 -22.63
N GLU E 277 5.34 -42.54 -22.70
CA GLU E 277 6.09 -42.60 -23.94
C GLU E 277 6.48 -44.05 -24.10
N GLY E 278 6.01 -44.86 -23.16
CA GLY E 278 6.25 -46.28 -23.16
C GLY E 278 7.66 -46.76 -22.87
N LYS E 279 8.49 -45.90 -22.28
CA LYS E 279 9.87 -46.26 -21.96
C LYS E 279 9.97 -47.14 -20.71
N GLY E 280 9.24 -48.24 -20.71
CA GLY E 280 9.25 -49.15 -19.56
C GLY E 280 10.64 -49.59 -19.12
N GLY E 281 10.73 -49.94 -17.84
CA GLY E 281 11.99 -50.40 -17.28
C GLY E 281 13.03 -49.29 -17.18
N ARG E 282 12.72 -48.26 -16.41
CA ARG E 282 13.62 -47.11 -16.20
C ARG E 282 13.33 -46.39 -14.89
N CYS E 283 14.35 -45.77 -14.33
CA CYS E 283 14.23 -45.03 -13.08
C CYS E 283 14.73 -43.62 -13.35
N VAL E 284 13.95 -42.63 -12.93
CA VAL E 284 14.29 -41.21 -13.11
C VAL E 284 15.20 -40.72 -12.01
N GLY E 285 15.89 -39.61 -12.27
CA GLY E 285 16.78 -39.05 -11.28
C GLY E 285 17.14 -37.63 -11.62
N ILE E 286 17.96 -37.02 -10.77
CA ILE E 286 18.40 -35.65 -11.01
C ILE E 286 19.90 -35.64 -10.87
N GLN E 287 20.58 -35.73 -12.00
CA GLN E 287 22.03 -35.72 -12.04
C GLN E 287 22.54 -34.45 -12.70
N ASN E 288 23.44 -33.77 -12.01
CA ASN E 288 24.00 -32.53 -12.51
C ASN E 288 22.91 -31.49 -12.73
N ASN E 289 21.93 -31.49 -11.83
CA ASN E 289 20.83 -30.54 -11.90
C ASN E 289 20.02 -30.65 -13.19
N GLN E 290 19.65 -31.88 -13.55
CA GLN E 290 18.86 -32.15 -14.76
C GLN E 290 18.10 -33.45 -14.59
N LEU E 291 16.85 -33.50 -15.07
CA LEU E 291 16.08 -34.74 -14.95
C LEU E 291 16.68 -35.78 -15.89
N VAL E 292 17.10 -36.92 -15.34
CA VAL E 292 17.66 -37.99 -16.15
C VAL E 292 16.84 -39.26 -15.97
N ASP E 293 17.44 -40.40 -16.33
CA ASP E 293 16.79 -41.71 -16.20
C ASP E 293 17.63 -42.75 -16.92
N HIS E 294 17.65 -43.97 -16.39
CA HIS E 294 18.45 -45.03 -17.01
C HIS E 294 17.72 -46.38 -16.93
N ASP E 295 18.46 -47.43 -17.25
CA ASP E 295 17.95 -48.79 -17.19
C ASP E 295 18.04 -49.21 -15.73
N ILE E 296 16.88 -49.34 -15.08
CA ILE E 296 16.82 -49.71 -13.67
C ILE E 296 18.00 -50.57 -13.26
N ALA E 297 18.33 -51.54 -14.11
CA ALA E 297 19.45 -52.44 -13.85
C ALA E 297 20.80 -51.73 -14.04
N GLU E 298 21.06 -51.24 -15.25
CA GLU E 298 22.30 -50.53 -15.55
C GLU E 298 22.65 -49.56 -14.44
N ALA E 299 21.61 -49.00 -13.82
CA ALA E 299 21.79 -48.06 -12.74
C ALA E 299 22.39 -48.80 -11.54
N LEU E 300 21.72 -49.88 -11.15
CA LEU E 300 22.15 -50.70 -10.02
C LEU E 300 23.59 -51.18 -10.11
N ALA E 301 24.09 -51.35 -11.33
CA ALA E 301 25.47 -51.80 -11.51
C ALA E 301 26.45 -50.87 -10.81
N ASN E 302 26.25 -49.57 -11.00
CA ASN E 302 27.12 -48.55 -10.41
C ASN E 302 27.06 -48.54 -8.87
N LYS E 303 28.04 -47.89 -8.25
CA LYS E 303 28.10 -47.78 -6.80
C LYS E 303 27.99 -46.33 -6.36
N HIS E 304 27.33 -46.10 -5.23
CA HIS E 304 27.17 -44.75 -4.71
C HIS E 304 28.44 -44.22 -4.06
N THR E 305 28.87 -43.06 -4.53
CA THR E 305 30.06 -42.41 -4.02
C THR E 305 29.71 -41.03 -3.53
N ILE E 306 30.64 -40.37 -2.84
CA ILE E 306 30.42 -39.02 -2.33
C ILE E 306 31.56 -38.10 -2.79
N ASP E 307 31.27 -36.80 -2.85
CA ASP E 307 32.25 -35.83 -3.27
C ASP E 307 33.36 -35.79 -2.23
N GLN E 308 34.44 -36.52 -2.51
CA GLN E 308 35.58 -36.59 -1.59
C GLN E 308 36.19 -35.22 -1.30
N ARG E 309 35.99 -34.28 -2.21
CA ARG E 309 36.50 -32.92 -2.02
C ARG E 309 35.78 -32.36 -0.80
N MET E 310 34.46 -32.49 -0.80
CA MET E 310 33.66 -32.00 0.32
C MET E 310 34.20 -32.57 1.61
N TYR E 311 34.45 -33.87 1.61
CA TYR E 311 34.97 -34.49 2.81
C TYR E 311 36.22 -33.73 3.21
N ALA E 312 37.20 -33.67 2.32
CA ALA E 312 38.44 -32.96 2.61
C ALA E 312 38.16 -31.55 3.13
N LEU E 313 37.13 -30.89 2.59
CA LEU E 313 36.77 -29.54 3.06
C LEU E 313 36.41 -29.69 4.53
N SER E 314 35.53 -30.64 4.82
CA SER E 314 35.11 -30.90 6.19
C SER E 314 36.28 -30.87 7.17
N LYS E 315 37.39 -31.51 6.82
CA LYS E 315 38.56 -31.53 7.69
C LYS E 315 39.37 -30.24 7.62
N GLU E 316 39.22 -29.50 6.52
CA GLU E 316 39.95 -28.23 6.36
C GLU E 316 39.34 -27.12 7.22
N LEU E 317 38.02 -27.05 7.29
CA LEU E 317 37.35 -26.03 8.09
C LEU E 317 37.23 -26.46 9.53
N SER E 318 37.76 -27.65 9.85
CA SER E 318 37.70 -28.20 11.20
C SER E 318 38.90 -27.91 12.10
N ILE E 319 40.08 -27.78 11.50
CA ILE E 319 41.29 -27.52 12.28
C ILE E 319 41.09 -26.31 13.20
N MET F 1 20.46 -2.69 47.32
CA MET F 1 21.84 -3.09 46.91
C MET F 1 22.30 -2.28 45.72
N LYS F 2 23.56 -2.49 45.34
CA LYS F 2 24.15 -1.75 44.23
C LYS F 2 25.00 -2.63 43.31
N ARG F 3 24.92 -3.94 43.50
CA ARG F 3 25.68 -4.87 42.66
C ARG F 3 25.42 -6.32 43.01
N ILE F 4 24.90 -7.06 42.03
CA ILE F 4 24.60 -8.48 42.21
C ILE F 4 25.16 -9.30 41.06
N GLY F 5 25.24 -10.61 41.27
CA GLY F 5 25.75 -11.49 40.25
C GLY F 5 24.65 -12.42 39.77
N VAL F 6 24.90 -13.16 38.71
CA VAL F 6 23.91 -14.10 38.18
C VAL F 6 24.67 -15.33 37.70
N LEU F 7 24.25 -16.52 38.12
CA LEU F 7 24.92 -17.75 37.71
C LEU F 7 23.92 -18.87 37.39
N THR F 8 24.31 -19.77 36.49
CA THR F 8 23.43 -20.87 36.08
C THR F 8 23.99 -22.24 36.41
N SER F 9 23.28 -22.95 37.28
CA SER F 9 23.71 -24.27 37.72
C SER F 9 22.85 -25.44 37.27
N GLY F 10 23.50 -26.50 36.83
CA GLY F 10 22.77 -27.67 36.40
C GLY F 10 22.61 -27.86 34.91
N GLY F 11 21.53 -28.51 34.54
CA GLY F 11 21.28 -28.74 33.15
C GLY F 11 20.75 -27.48 32.53
N ASP F 12 21.48 -26.99 31.53
CA ASP F 12 21.06 -25.81 30.81
C ASP F 12 19.68 -26.14 30.26
N SER F 13 18.86 -25.12 30.04
CA SER F 13 17.53 -25.32 29.50
C SER F 13 17.21 -24.09 28.65
N PRO F 14 16.28 -24.22 27.72
CA PRO F 14 15.94 -23.05 26.90
C PRO F 14 15.32 -21.98 27.78
N GLY F 15 15.81 -20.76 27.67
CA GLY F 15 15.24 -19.69 28.46
C GLY F 15 16.16 -19.14 29.52
N MET F 16 17.22 -19.87 29.83
CA MET F 16 18.14 -19.37 30.83
C MET F 16 18.65 -18.04 30.27
N ASN F 17 19.19 -18.04 29.06
CA ASN F 17 19.65 -16.80 28.48
C ASN F 17 18.50 -15.82 28.60
N ALA F 18 17.33 -16.22 28.10
CA ALA F 18 16.13 -15.39 28.15
C ALA F 18 15.82 -14.88 29.57
N ALA F 19 16.46 -15.48 30.57
CA ALA F 19 16.26 -15.06 31.95
C ALA F 19 17.46 -14.21 32.40
N ILE F 20 18.65 -14.62 31.96
CA ILE F 20 19.87 -13.89 32.28
C ILE F 20 19.64 -12.46 31.85
N ARG F 21 19.12 -12.29 30.64
CA ARG F 21 18.84 -10.96 30.11
C ARG F 21 17.98 -10.21 31.11
N SER F 22 16.79 -10.73 31.39
CA SER F 22 15.85 -10.14 32.34
C SER F 22 16.52 -9.72 33.64
N VAL F 23 17.26 -10.64 34.23
CA VAL F 23 17.96 -10.40 35.48
C VAL F 23 18.92 -9.22 35.33
N VAL F 24 19.56 -9.15 34.18
CA VAL F 24 20.51 -8.08 33.89
C VAL F 24 19.83 -6.73 33.60
N ARG F 25 18.84 -6.74 32.72
CA ARG F 25 18.13 -5.52 32.36
C ARG F 25 17.28 -4.95 33.49
N LYS F 26 16.55 -5.80 34.21
CA LYS F 26 15.71 -5.32 35.31
C LYS F 26 16.60 -4.69 36.36
N ALA F 27 17.83 -5.19 36.46
CA ALA F 27 18.78 -4.69 37.44
C ALA F 27 19.38 -3.35 37.03
N ILE F 28 19.70 -3.21 35.75
CA ILE F 28 20.26 -1.96 35.27
C ILE F 28 19.18 -0.89 35.13
N TYR F 29 17.92 -1.30 35.21
CA TYR F 29 16.85 -0.33 35.14
C TYR F 29 16.78 0.35 36.51
N HIS F 30 17.10 -0.42 37.54
CA HIS F 30 17.09 0.06 38.93
C HIS F 30 18.41 0.70 39.33
N GLY F 31 19.38 0.67 38.44
CA GLY F 31 20.66 1.26 38.73
C GLY F 31 21.62 0.26 39.34
N VAL F 32 21.22 -1.00 39.39
CA VAL F 32 22.05 -2.05 39.95
C VAL F 32 22.97 -2.65 38.89
N GLU F 33 24.25 -2.81 39.23
CA GLU F 33 25.21 -3.41 38.31
C GLU F 33 25.06 -4.92 38.41
N VAL F 34 25.27 -5.63 37.29
CA VAL F 34 25.14 -7.07 37.29
C VAL F 34 26.44 -7.77 36.88
N TYR F 35 26.80 -8.80 37.63
CA TYR F 35 28.02 -9.56 37.37
C TYR F 35 27.69 -11.02 37.08
N GLY F 36 28.07 -11.48 35.89
CA GLY F 36 27.78 -12.84 35.53
C GLY F 36 28.83 -13.85 35.94
N VAL F 37 28.47 -14.73 36.86
CA VAL F 37 29.38 -15.77 37.34
C VAL F 37 29.40 -16.88 36.27
N TYR F 38 30.57 -17.17 35.75
CA TYR F 38 30.70 -18.19 34.71
C TYR F 38 30.91 -19.60 35.19
N HIS F 39 30.44 -20.56 34.41
CA HIS F 39 30.56 -21.97 34.74
C HIS F 39 29.99 -22.34 36.09
N GLY F 40 28.70 -22.11 36.27
CA GLY F 40 28.05 -22.43 37.53
C GLY F 40 28.81 -21.97 38.74
N TYR F 41 28.96 -22.86 39.73
CA TYR F 41 29.69 -22.53 40.95
C TYR F 41 31.19 -22.78 40.79
N ALA F 42 31.54 -23.80 40.02
CA ALA F 42 32.93 -24.10 39.77
C ALA F 42 33.60 -22.81 39.35
N GLY F 43 32.80 -21.84 38.92
CA GLY F 43 33.32 -20.56 38.49
C GLY F 43 33.40 -19.59 39.65
N LEU F 44 32.49 -19.74 40.59
CA LEU F 44 32.43 -18.89 41.76
C LEU F 44 33.70 -19.13 42.58
N ILE F 45 33.93 -20.40 42.90
CA ILE F 45 35.10 -20.82 43.67
C ILE F 45 36.38 -20.59 42.86
N ALA F 46 36.25 -20.48 41.55
CA ALA F 46 37.40 -20.27 40.70
C ALA F 46 37.49 -18.77 40.45
N GLY F 47 36.61 -18.03 41.11
CA GLY F 47 36.57 -16.59 40.98
C GLY F 47 36.47 -16.10 39.55
N ASN F 48 35.74 -16.84 38.73
CA ASN F 48 35.57 -16.46 37.34
C ASN F 48 34.34 -15.58 37.21
N ILE F 49 34.48 -14.33 37.67
CA ILE F 49 33.39 -13.37 37.62
C ILE F 49 33.69 -12.36 36.52
N LYS F 50 32.66 -11.71 36.02
CA LYS F 50 32.84 -10.75 34.94
C LYS F 50 31.72 -9.73 34.91
N LYS F 51 32.11 -8.48 34.71
CA LYS F 51 31.12 -7.40 34.64
C LYS F 51 30.18 -7.67 33.47
N LEU F 52 28.89 -7.75 33.74
CA LEU F 52 27.94 -7.99 32.68
C LEU F 52 27.37 -6.66 32.19
N GLU F 53 27.69 -6.33 30.94
CA GLU F 53 27.21 -5.10 30.34
C GLU F 53 25.89 -5.32 29.61
N VAL F 54 24.91 -4.48 29.95
CA VAL F 54 23.58 -4.55 29.34
C VAL F 54 23.71 -4.74 27.83
N GLY F 55 24.83 -4.26 27.29
CA GLY F 55 25.06 -4.41 25.87
C GLY F 55 25.18 -5.86 25.48
N ASP F 56 25.95 -6.63 26.21
CA ASP F 56 26.15 -8.04 25.86
C ASP F 56 25.06 -9.02 26.26
N VAL F 57 23.98 -8.54 26.88
CA VAL F 57 22.91 -9.42 27.28
C VAL F 57 21.70 -9.19 26.39
N GLY F 58 21.96 -8.65 25.21
CA GLY F 58 20.90 -8.39 24.25
C GLY F 58 21.14 -9.25 23.03
N ASP F 59 20.08 -9.61 22.32
CA ASP F 59 20.21 -10.45 21.16
C ASP F 59 20.58 -11.86 21.59
N ILE F 60 20.08 -12.29 22.75
CA ILE F 60 20.35 -13.66 23.19
C ILE F 60 19.09 -14.27 23.80
N ILE F 61 18.04 -13.47 23.91
CA ILE F 61 16.78 -13.94 24.45
C ILE F 61 16.36 -15.17 23.65
N HIS F 62 16.54 -15.10 22.34
CA HIS F 62 16.15 -16.21 21.48
C HIS F 62 17.16 -17.36 21.58
N ARG F 63 18.35 -17.07 22.11
CA ARG F 63 19.39 -18.09 22.25
C ARG F 63 19.06 -19.14 23.33
N GLY F 64 19.26 -20.40 23.00
CA GLY F 64 19.02 -21.46 23.95
C GLY F 64 20.34 -21.71 24.65
N GLY F 65 20.30 -22.45 25.76
CA GLY F 65 21.53 -22.73 26.49
C GLY F 65 21.83 -21.60 27.46
N THR F 66 23.10 -21.31 27.68
CA THR F 66 23.44 -20.23 28.59
C THR F 66 24.82 -19.65 28.31
N ILE F 67 24.85 -18.36 28.02
CA ILE F 67 26.09 -17.67 27.72
C ILE F 67 26.97 -17.67 28.94
N LEU F 68 26.40 -18.07 30.07
CA LEU F 68 27.13 -18.12 31.35
C LEU F 68 27.68 -19.50 31.65
N TYR F 69 27.43 -20.45 30.76
CA TYR F 69 27.91 -21.81 30.93
C TYR F 69 27.32 -22.38 32.21
N THR F 70 27.62 -23.65 32.46
CA THR F 70 27.16 -24.31 33.67
C THR F 70 28.07 -25.50 33.92
N ALA F 71 28.04 -26.02 35.14
CA ALA F 71 28.87 -27.16 35.49
C ALA F 71 28.57 -27.69 36.89
N ARG F 72 29.19 -28.81 37.20
CA ARG F 72 29.05 -29.47 38.49
C ARG F 72 30.17 -28.95 39.36
N CYS F 73 29.94 -28.86 40.66
CA CYS F 73 30.94 -28.39 41.59
C CYS F 73 30.72 -29.03 42.95
N PRO F 74 31.24 -30.26 43.14
CA PRO F 74 31.10 -30.99 44.41
C PRO F 74 31.62 -30.17 45.58
N GLU F 75 32.67 -29.39 45.30
CA GLU F 75 33.31 -28.56 46.29
C GLU F 75 32.41 -27.50 46.92
N PHE F 76 31.40 -27.04 46.20
CA PHE F 76 30.51 -26.02 46.78
C PHE F 76 29.62 -26.65 47.84
N LYS F 77 29.51 -27.97 47.84
CA LYS F 77 28.68 -28.65 48.82
C LYS F 77 29.41 -28.70 50.16
N THR F 78 30.67 -28.29 50.16
CA THR F 78 31.48 -28.32 51.35
C THR F 78 31.85 -26.92 51.85
N GLU F 79 31.75 -26.69 53.16
CA GLU F 79 32.07 -25.40 53.76
C GLU F 79 33.53 -24.99 53.50
N GLU F 80 34.32 -25.92 52.95
CA GLU F 80 35.73 -25.65 52.65
C GLU F 80 35.87 -25.02 51.28
N GLY F 81 34.78 -25.06 50.51
CA GLY F 81 34.78 -24.48 49.18
C GLY F 81 33.83 -23.30 49.14
N GLN F 82 32.74 -23.41 49.88
CA GLN F 82 31.76 -22.35 49.94
C GLN F 82 32.46 -21.07 50.34
N LYS F 83 33.22 -21.13 51.43
CA LYS F 83 33.94 -19.96 51.92
C LYS F 83 34.75 -19.27 50.82
N LYS F 84 35.38 -20.05 49.95
CA LYS F 84 36.13 -19.47 48.84
C LYS F 84 35.17 -18.65 48.00
N GLY F 85 34.04 -19.26 47.65
CA GLY F 85 33.03 -18.59 46.85
C GLY F 85 32.66 -17.25 47.45
N ILE F 86 32.40 -17.20 48.76
CA ILE F 86 32.03 -15.95 49.42
C ILE F 86 33.18 -14.95 49.48
N GLU F 87 34.40 -15.43 49.20
CA GLU F 87 35.56 -14.54 49.18
C GLU F 87 35.64 -13.94 47.78
N GLN F 88 35.33 -14.77 46.78
CA GLN F 88 35.34 -14.31 45.40
C GLN F 88 34.21 -13.32 45.16
N LEU F 89 33.20 -13.37 46.02
CA LEU F 89 32.05 -12.47 45.91
C LEU F 89 32.32 -11.13 46.56
N LYS F 90 33.23 -11.15 47.53
CA LYS F 90 33.60 -9.93 48.23
C LYS F 90 34.65 -9.21 47.40
N LYS F 91 35.51 -10.02 46.78
CA LYS F 91 36.58 -9.51 45.94
C LYS F 91 35.98 -8.64 44.86
N HIS F 92 34.74 -8.93 44.48
CA HIS F 92 34.07 -8.16 43.44
C HIS F 92 32.89 -7.35 43.95
N GLY F 93 32.77 -7.28 45.28
CA GLY F 93 31.70 -6.50 45.88
C GLY F 93 30.27 -6.89 45.57
N ILE F 94 30.08 -8.10 45.03
CA ILE F 94 28.74 -8.58 44.70
C ILE F 94 28.01 -8.96 45.99
N GLU F 95 26.89 -8.30 46.24
CA GLU F 95 26.13 -8.55 47.44
C GLU F 95 25.06 -9.60 47.20
N GLY F 96 24.28 -9.39 46.14
CA GLY F 96 23.21 -10.32 45.81
C GLY F 96 23.59 -11.35 44.77
N LEU F 97 22.78 -12.39 44.70
CA LEU F 97 23.03 -13.47 43.78
C LEU F 97 21.74 -13.99 43.22
N VAL F 98 21.78 -14.39 41.96
CA VAL F 98 20.59 -14.91 41.30
C VAL F 98 20.96 -16.24 40.70
N VAL F 99 20.42 -17.29 41.28
CA VAL F 99 20.67 -18.65 40.84
C VAL F 99 19.54 -19.15 39.95
N ILE F 100 19.90 -19.64 38.77
CA ILE F 100 18.93 -20.15 37.82
C ILE F 100 19.24 -21.63 37.56
N GLY F 101 18.24 -22.50 37.76
CA GLY F 101 18.46 -23.91 37.53
C GLY F 101 17.52 -24.88 38.26
N GLY F 102 18.01 -26.10 38.47
CA GLY F 102 17.22 -27.13 39.14
C GLY F 102 17.38 -27.16 40.65
N ASP F 103 16.78 -28.16 41.29
CA ASP F 103 16.84 -28.28 42.76
C ASP F 103 18.24 -28.19 43.36
N GLY F 104 19.24 -28.77 42.70
CA GLY F 104 20.59 -28.69 43.23
C GLY F 104 21.11 -27.27 43.36
N SER F 105 20.67 -26.39 42.47
CA SER F 105 21.10 -25.01 42.50
C SER F 105 20.49 -24.33 43.72
N TYR F 106 19.21 -24.60 43.96
CA TYR F 106 18.49 -24.04 45.10
C TYR F 106 19.21 -24.40 46.39
N GLN F 107 19.90 -25.54 46.37
CA GLN F 107 20.66 -25.97 47.54
C GLN F 107 21.69 -24.89 47.77
N GLY F 108 22.70 -24.87 46.91
CA GLY F 108 23.75 -23.86 47.03
C GLY F 108 23.18 -22.47 47.17
N ALA F 109 21.88 -22.35 46.91
CA ALA F 109 21.19 -21.07 47.01
C ALA F 109 20.93 -20.76 48.48
N LYS F 110 20.66 -21.80 49.26
CA LYS F 110 20.37 -21.63 50.69
C LYS F 110 21.65 -21.37 51.47
N LYS F 111 22.65 -22.22 51.29
CA LYS F 111 23.92 -22.07 51.99
C LYS F 111 24.43 -20.63 51.90
N LEU F 112 24.57 -20.13 50.68
CA LEU F 112 25.06 -18.78 50.47
C LEU F 112 24.24 -17.73 51.20
N THR F 113 22.99 -18.06 51.55
CA THR F 113 22.14 -17.10 52.27
C THR F 113 22.39 -17.22 53.78
N GLU F 114 22.56 -18.45 54.24
CA GLU F 114 22.85 -18.71 55.64
C GLU F 114 24.33 -18.43 55.81
N HIS F 115 24.81 -17.45 55.06
CA HIS F 115 26.19 -17.02 55.09
C HIS F 115 26.20 -15.53 54.74
N GLY F 116 25.07 -14.88 55.03
CA GLY F 116 24.93 -13.45 54.78
C GLY F 116 24.96 -13.01 53.33
N PHE F 117 24.32 -13.77 52.44
CA PHE F 117 24.27 -13.43 51.03
C PHE F 117 22.90 -13.69 50.42
N PRO F 118 22.13 -12.62 50.15
CA PRO F 118 20.78 -12.72 49.57
C PRO F 118 20.80 -13.42 48.22
N CYS F 119 20.37 -14.68 48.18
CA CYS F 119 20.34 -15.45 46.95
C CYS F 119 18.92 -15.79 46.58
N VAL F 120 18.62 -15.70 45.29
CA VAL F 120 17.28 -16.06 44.83
C VAL F 120 17.35 -17.14 43.74
N GLY F 121 16.46 -18.10 43.84
CA GLY F 121 16.45 -19.18 42.88
C GLY F 121 15.41 -19.02 41.80
N VAL F 122 15.84 -19.24 40.57
CA VAL F 122 14.97 -19.16 39.41
C VAL F 122 15.01 -20.54 38.75
N PRO F 123 13.85 -21.21 38.68
CA PRO F 123 13.70 -22.54 38.10
C PRO F 123 14.05 -22.71 36.62
N GLY F 124 15.21 -23.30 36.35
CA GLY F 124 15.63 -23.52 34.98
C GLY F 124 15.92 -25.00 34.76
N THR F 125 14.90 -25.75 34.34
CA THR F 125 15.06 -27.18 34.07
C THR F 125 13.95 -27.66 33.15
N ILE F 126 14.33 -28.41 32.12
CA ILE F 126 13.34 -28.89 31.20
C ILE F 126 12.45 -29.89 31.91
N ASP F 127 13.00 -30.50 32.95
CA ASP F 127 12.32 -31.52 33.73
C ASP F 127 11.03 -31.05 34.39
N ASN F 128 10.87 -29.75 34.59
CA ASN F 128 9.66 -29.24 35.22
C ASN F 128 9.44 -29.88 36.60
N ASP F 129 10.52 -30.37 37.22
CA ASP F 129 10.39 -31.03 38.50
C ASP F 129 10.80 -30.23 39.73
N ILE F 130 10.72 -28.91 39.67
CA ILE F 130 11.12 -28.10 40.82
C ILE F 130 9.95 -27.76 41.74
N PRO F 131 10.20 -27.74 43.06
CA PRO F 131 9.13 -27.42 44.02
C PRO F 131 8.85 -25.92 44.12
N GLY F 132 7.58 -25.57 44.29
CA GLY F 132 7.21 -24.16 44.40
C GLY F 132 7.12 -23.45 43.06
N THR F 133 6.35 -24.02 42.15
CA THR F 133 6.14 -23.48 40.81
C THR F 133 5.51 -24.56 39.94
N ASP F 134 4.52 -24.20 39.14
CA ASP F 134 3.84 -25.17 38.28
C ASP F 134 4.63 -25.43 37.01
N PHE F 135 5.60 -24.58 36.74
CA PHE F 135 6.42 -24.74 35.55
C PHE F 135 7.84 -24.31 35.84
N THR F 136 8.73 -24.59 34.91
CA THR F 136 10.10 -24.22 35.10
C THR F 136 10.63 -23.76 33.77
N ILE F 137 11.53 -22.79 33.82
CA ILE F 137 12.12 -22.27 32.61
C ILE F 137 12.67 -23.43 31.79
N GLY F 138 12.15 -23.57 30.57
CA GLY F 138 12.59 -24.63 29.68
C GLY F 138 11.57 -25.71 29.40
N PHE F 139 10.60 -25.92 30.30
CA PHE F 139 9.60 -26.96 30.12
C PHE F 139 8.92 -26.96 28.76
N ASP F 140 8.10 -25.94 28.52
CA ASP F 140 7.38 -25.84 27.25
C ASP F 140 8.33 -26.12 26.09
N THR F 141 9.50 -25.48 26.07
CA THR F 141 10.44 -25.71 24.98
C THR F 141 10.64 -27.20 24.75
N ALA F 142 10.99 -27.90 25.82
CA ALA F 142 11.22 -29.34 25.73
C ALA F 142 9.96 -30.02 25.23
N LEU F 143 8.84 -29.71 25.87
CA LEU F 143 7.52 -30.27 25.54
C LEU F 143 7.21 -30.16 24.04
N ASN F 144 7.74 -29.13 23.40
CA ASN F 144 7.52 -28.94 21.98
C ASN F 144 8.57 -29.70 21.17
N THR F 145 9.84 -29.62 21.56
CA THR F 145 10.89 -30.33 20.84
C THR F 145 10.53 -31.80 20.86
N VAL F 146 9.65 -32.18 21.77
CA VAL F 146 9.22 -33.57 21.88
C VAL F 146 8.04 -33.85 20.97
N ILE F 147 6.91 -33.16 21.14
CA ILE F 147 5.80 -33.43 20.23
C ILE F 147 6.24 -33.09 18.82
N ASP F 148 7.50 -32.69 18.68
CA ASP F 148 8.01 -32.37 17.37
C ASP F 148 8.52 -33.64 16.78
N ALA F 149 9.00 -34.51 17.66
CA ALA F 149 9.51 -35.81 17.30
C ALA F 149 8.30 -36.76 17.19
N ILE F 150 7.31 -36.60 18.07
CA ILE F 150 6.12 -37.43 18.01
C ILE F 150 5.55 -37.26 16.61
N ASP F 151 5.34 -36.00 16.22
CA ASP F 151 4.78 -35.60 14.92
C ASP F 151 5.48 -36.20 13.70
N LYS F 152 6.76 -36.53 13.83
CA LYS F 152 7.51 -37.13 12.72
C LYS F 152 7.55 -38.64 12.83
N ILE F 153 7.80 -39.12 14.04
CA ILE F 153 7.85 -40.56 14.29
C ILE F 153 6.53 -41.15 13.88
N ARG F 154 5.46 -40.39 14.14
CA ARG F 154 4.11 -40.82 13.81
C ARG F 154 3.97 -41.04 12.31
N ASP F 155 4.80 -40.38 11.52
CA ASP F 155 4.74 -40.54 10.09
C ASP F 155 5.31 -41.90 9.69
N THR F 156 6.49 -42.24 10.21
CA THR F 156 7.10 -43.54 9.87
C THR F 156 6.30 -44.68 10.47
N ALA F 157 5.75 -44.46 11.66
CA ALA F 157 4.95 -45.48 12.31
C ALA F 157 3.70 -45.68 11.49
N THR F 158 3.21 -44.60 10.89
CA THR F 158 2.01 -44.68 10.10
C THR F 158 2.26 -45.33 8.76
N SER F 159 3.38 -45.02 8.14
CA SER F 159 3.67 -45.62 6.83
C SER F 159 3.84 -47.12 6.99
N HIS F 160 4.71 -47.50 7.93
CA HIS F 160 5.01 -48.91 8.18
C HIS F 160 4.07 -49.63 9.17
N GLU F 161 3.06 -48.93 9.67
CA GLU F 161 2.09 -49.55 10.60
C GLU F 161 2.79 -50.16 11.82
N ARG F 162 3.92 -49.56 12.20
CA ARG F 162 4.74 -50.01 13.32
C ARG F 162 4.31 -49.49 14.67
N THR F 163 4.81 -50.11 15.72
CA THR F 163 4.52 -49.69 17.09
C THR F 163 5.76 -48.99 17.59
N TRP F 164 5.58 -47.83 18.23
CA TRP F 164 6.72 -47.07 18.71
C TRP F 164 6.79 -46.78 20.18
N VAL F 165 8.02 -46.78 20.68
CA VAL F 165 8.30 -46.47 22.07
C VAL F 165 9.26 -45.30 22.04
N ILE F 166 8.79 -44.15 22.50
CA ILE F 166 9.61 -42.97 22.51
C ILE F 166 9.96 -42.66 23.96
N GLU F 167 11.24 -42.44 24.21
CA GLU F 167 11.73 -42.14 25.54
C GLU F 167 12.11 -40.67 25.73
N VAL F 168 11.23 -39.93 26.39
CA VAL F 168 11.45 -38.53 26.67
C VAL F 168 12.38 -38.44 27.90
N MET F 169 12.68 -37.24 28.38
CA MET F 169 13.55 -37.07 29.55
C MET F 169 12.69 -36.64 30.74
N GLY F 170 13.33 -36.02 31.74
CA GLY F 170 12.59 -35.57 32.92
C GLY F 170 12.92 -36.36 34.17
N ARG F 171 14.06 -37.05 34.13
CA ARG F 171 14.55 -37.88 35.22
C ARG F 171 13.49 -38.66 35.98
N HIS F 172 13.14 -38.19 37.18
CA HIS F 172 12.16 -38.86 38.03
C HIS F 172 10.73 -38.33 37.98
N ALA F 173 10.50 -37.32 37.15
CA ALA F 173 9.15 -36.78 37.00
C ALA F 173 8.68 -37.23 35.65
N GLY F 174 7.36 -37.35 35.49
CA GLY F 174 6.82 -37.79 34.22
C GLY F 174 6.12 -36.72 33.40
N ASP F 175 6.25 -35.46 33.82
CA ASP F 175 5.63 -34.34 33.10
C ASP F 175 5.92 -34.32 31.58
N ILE F 176 7.20 -34.28 31.21
CA ILE F 176 7.57 -34.27 29.80
C ILE F 176 6.88 -35.41 29.09
N ALA F 177 6.57 -36.47 29.82
CA ALA F 177 5.89 -37.61 29.21
C ALA F 177 4.39 -37.38 29.22
N LEU F 178 3.84 -36.95 30.35
CA LEU F 178 2.40 -36.70 30.46
C LEU F 178 1.94 -35.64 29.47
N TYR F 179 2.57 -34.47 29.48
CA TYR F 179 2.21 -33.39 28.56
C TYR F 179 2.51 -33.75 27.10
N SER F 180 3.69 -34.30 26.82
CA SER F 180 4.05 -34.70 25.46
C SER F 180 3.12 -35.81 24.99
N GLY F 181 3.09 -36.88 25.78
CA GLY F 181 2.23 -38.00 25.45
C GLY F 181 0.82 -37.51 25.21
N LEU F 182 0.34 -36.64 26.07
CA LEU F 182 -1.01 -36.13 25.88
C LEU F 182 -1.13 -35.34 24.57
N ALA F 183 -0.37 -34.26 24.43
CA ALA F 183 -0.42 -33.43 23.25
C ALA F 183 -0.05 -34.19 21.98
N GLY F 184 0.61 -35.33 22.14
CA GLY F 184 1.02 -36.13 21.00
C GLY F 184 0.05 -37.24 20.67
N GLY F 185 -0.99 -37.36 21.48
CA GLY F 185 -1.99 -38.39 21.25
C GLY F 185 -1.41 -39.80 21.28
N ALA F 186 -0.71 -40.13 22.34
CA ALA F 186 -0.16 -41.46 22.44
C ALA F 186 -1.25 -42.32 23.05
N GLU F 187 -1.29 -43.60 22.67
CA GLU F 187 -2.29 -44.51 23.21
C GLU F 187 -1.79 -45.10 24.52
N THR F 188 -0.62 -44.64 24.94
CA THR F 188 -0.02 -45.11 26.17
C THR F 188 1.16 -44.28 26.65
N ILE F 189 1.08 -43.82 27.89
CA ILE F 189 2.15 -43.04 28.49
C ILE F 189 2.46 -43.68 29.84
N LEU F 190 3.74 -43.93 30.08
CA LEU F 190 4.14 -44.55 31.34
C LEU F 190 5.07 -43.61 32.09
N ILE F 191 4.54 -42.91 33.09
CA ILE F 191 5.36 -41.99 33.86
C ILE F 191 5.74 -42.70 35.15
N PRO F 192 6.59 -42.07 35.97
CA PRO F 192 7.00 -42.69 37.24
C PRO F 192 6.03 -42.40 38.37
N GLU F 193 5.18 -41.41 38.16
CA GLU F 193 4.21 -41.00 39.17
C GLU F 193 2.95 -41.87 39.20
N ALA F 194 3.02 -43.08 38.66
CA ALA F 194 1.85 -43.96 38.64
C ALA F 194 2.21 -45.43 38.47
N ASP F 195 1.18 -46.27 38.43
CA ASP F 195 1.37 -47.72 38.27
C ASP F 195 0.93 -48.14 36.88
N TYR F 196 1.70 -49.05 36.27
CA TYR F 196 1.35 -49.53 34.94
C TYR F 196 1.49 -51.02 34.83
N ASP F 197 0.38 -51.71 34.57
CA ASP F 197 0.40 -53.15 34.41
C ASP F 197 0.72 -53.42 32.94
N MET F 198 1.91 -53.97 32.70
CA MET F 198 2.38 -54.24 31.36
C MET F 198 1.43 -55.12 30.55
N ASN F 199 0.69 -55.99 31.25
CA ASN F 199 -0.27 -56.86 30.57
C ASN F 199 -1.48 -56.05 30.13
N ASP F 200 -1.75 -55.00 30.88
CA ASP F 200 -2.85 -54.10 30.62
C ASP F 200 -2.46 -53.25 29.41
N VAL F 201 -1.16 -52.97 29.31
CA VAL F 201 -0.61 -52.17 28.22
C VAL F 201 -0.72 -52.92 26.90
N ILE F 202 -0.37 -54.20 26.93
CA ILE F 202 -0.43 -55.04 25.75
C ILE F 202 -1.88 -55.39 25.43
N ALA F 203 -2.68 -55.52 26.49
CA ALA F 203 -4.11 -55.82 26.36
C ALA F 203 -4.71 -54.90 25.30
N ARG F 204 -4.50 -53.60 25.48
CA ARG F 204 -4.99 -52.58 24.57
C ARG F 204 -4.23 -52.61 23.25
N LEU F 205 -2.91 -52.52 23.34
CA LEU F 205 -2.07 -52.53 22.16
C LEU F 205 -2.57 -53.52 21.12
N LYS F 206 -3.13 -54.63 21.58
CA LYS F 206 -3.67 -55.65 20.68
C LYS F 206 -5.17 -55.43 20.44
N ARG F 207 -5.89 -55.20 21.52
CA ARG F 207 -7.33 -54.98 21.49
C ARG F 207 -7.66 -53.91 20.46
N GLY F 208 -6.83 -52.87 20.41
CA GLY F 208 -7.04 -51.80 19.47
C GLY F 208 -6.17 -51.92 18.24
N HIS F 209 -5.53 -53.08 18.08
CA HIS F 209 -4.67 -53.30 16.94
C HIS F 209 -5.53 -53.91 15.85
N GLU F 210 -6.27 -54.93 16.22
CA GLU F 210 -7.17 -55.60 15.28
C GLU F 210 -8.32 -54.63 15.01
N ARG F 211 -8.24 -53.47 15.67
CA ARG F 211 -9.26 -52.43 15.57
C ARG F 211 -8.91 -51.28 14.60
N GLY F 212 -7.93 -51.47 13.74
CA GLY F 212 -7.58 -50.43 12.79
C GLY F 212 -6.26 -49.73 13.03
N LYS F 213 -5.95 -49.47 14.29
CA LYS F 213 -4.70 -48.81 14.66
C LYS F 213 -3.53 -49.75 14.36
N LYS F 214 -3.13 -49.82 13.09
CA LYS F 214 -2.03 -50.68 12.67
C LYS F 214 -0.73 -50.27 13.34
N HIS F 215 -0.63 -48.98 13.68
CA HIS F 215 0.55 -48.46 14.34
C HIS F 215 0.14 -47.84 15.67
N SER F 216 1.12 -47.57 16.52
CA SER F 216 0.85 -47.00 17.82
C SER F 216 2.09 -46.34 18.40
N ILE F 217 1.88 -45.31 19.20
CA ILE F 217 3.00 -44.63 19.82
C ILE F 217 2.89 -44.65 21.33
N ILE F 218 3.93 -45.22 21.95
CA ILE F 218 4.01 -45.34 23.39
C ILE F 218 5.03 -44.34 23.92
N ILE F 219 4.62 -43.53 24.90
CA ILE F 219 5.50 -42.53 25.50
C ILE F 219 6.00 -43.01 26.86
N VAL F 220 7.33 -43.11 26.99
CA VAL F 220 7.95 -43.60 28.20
C VAL F 220 8.91 -42.65 28.93
N ALA F 221 8.57 -42.29 30.17
CA ALA F 221 9.44 -41.44 30.99
C ALA F 221 10.69 -42.27 31.29
N GLU F 222 11.86 -41.69 31.14
CA GLU F 222 13.08 -42.46 31.38
C GLU F 222 13.25 -42.88 32.83
N GLY F 223 12.46 -42.29 33.72
CA GLY F 223 12.56 -42.64 35.13
C GLY F 223 11.71 -43.85 35.46
N VAL F 224 11.31 -44.56 34.41
CA VAL F 224 10.46 -45.74 34.53
C VAL F 224 11.11 -46.96 33.89
N GLY F 225 12.14 -46.71 33.08
CA GLY F 225 12.85 -47.78 32.41
C GLY F 225 13.49 -47.25 31.15
N SER F 226 13.98 -48.15 30.30
CA SER F 226 14.59 -47.69 29.06
C SER F 226 13.70 -48.10 27.92
N GLY F 227 13.34 -47.15 27.08
CA GLY F 227 12.47 -47.47 25.95
C GLY F 227 12.89 -48.74 25.22
N VAL F 228 14.20 -48.92 25.07
CA VAL F 228 14.73 -50.08 24.39
C VAL F 228 14.18 -51.34 25.04
N ASP F 229 14.14 -51.35 26.36
CA ASP F 229 13.65 -52.50 27.09
C ASP F 229 12.17 -52.76 26.80
N PHE F 230 11.34 -51.73 26.96
CA PHE F 230 9.91 -51.87 26.71
C PHE F 230 9.65 -52.17 25.24
N GLY F 231 10.63 -51.84 24.39
CA GLY F 231 10.50 -52.09 22.97
C GLY F 231 10.54 -53.58 22.71
N ARG F 232 11.65 -54.20 23.11
CA ARG F 232 11.88 -55.65 22.98
C ARG F 232 10.78 -56.42 23.69
N GLN F 233 10.32 -55.89 24.81
CA GLN F 233 9.29 -56.52 25.59
C GLN F 233 7.95 -56.49 24.85
N ILE F 234 7.59 -55.34 24.28
CA ILE F 234 6.33 -55.23 23.52
C ILE F 234 6.46 -55.99 22.21
N GLN F 235 7.68 -56.03 21.70
CA GLN F 235 7.99 -56.72 20.46
C GLN F 235 7.73 -58.22 20.60
N GLU F 236 8.03 -58.79 21.77
CA GLU F 236 7.84 -60.22 21.99
C GLU F 236 6.40 -60.57 22.36
N ALA F 237 5.86 -59.85 23.33
CA ALA F 237 4.51 -60.10 23.77
C ALA F 237 3.46 -60.03 22.66
N THR F 238 3.72 -59.26 21.60
CA THR F 238 2.75 -59.13 20.51
C THR F 238 3.27 -59.55 19.15
N GLY F 239 4.57 -59.36 18.92
CA GLY F 239 5.16 -59.72 17.66
C GLY F 239 5.10 -58.58 16.66
N PHE F 240 4.29 -57.58 16.97
CA PHE F 240 4.12 -56.40 16.12
C PHE F 240 5.48 -55.77 15.82
N GLU F 241 5.74 -55.42 14.56
CA GLU F 241 7.01 -54.80 14.19
C GLU F 241 7.17 -53.55 15.04
N THR F 242 8.25 -53.51 15.83
CA THR F 242 8.47 -52.37 16.71
C THR F 242 9.82 -51.66 16.56
N ARG F 243 9.81 -50.38 16.88
CA ARG F 243 11.01 -49.54 16.82
C ARG F 243 11.04 -48.70 18.08
N VAL F 244 12.23 -48.25 18.48
CA VAL F 244 12.36 -47.44 19.68
C VAL F 244 13.26 -46.24 19.47
N THR F 245 12.78 -45.07 19.86
CA THR F 245 13.60 -43.89 19.72
C THR F 245 13.78 -43.15 21.05
N VAL F 246 15.03 -42.86 21.37
CA VAL F 246 15.36 -42.16 22.59
C VAL F 246 15.83 -40.79 22.09
N LEU F 247 14.93 -39.80 22.20
CA LEU F 247 15.22 -38.44 21.73
C LEU F 247 16.54 -37.90 22.23
N GLY F 248 16.91 -38.27 23.45
CA GLY F 248 18.17 -37.80 23.97
C GLY F 248 18.15 -36.35 24.36
N HIS F 249 19.33 -35.73 24.31
CA HIS F 249 19.52 -34.34 24.69
C HIS F 249 18.99 -33.25 23.79
N VAL F 250 18.38 -33.59 22.66
CA VAL F 250 17.84 -32.55 21.82
C VAL F 250 16.86 -31.79 22.72
N GLN F 251 16.23 -32.50 23.65
CA GLN F 251 15.25 -31.92 24.56
C GLN F 251 15.81 -30.80 25.44
N ARG F 252 17.13 -30.61 25.39
CA ARG F 252 17.79 -29.61 26.20
C ARG F 252 18.06 -28.31 25.45
N GLY F 253 18.46 -28.45 24.20
CA GLY F 253 18.78 -27.28 23.40
C GLY F 253 17.61 -26.72 22.63
N GLY F 254 17.95 -25.84 21.69
CA GLY F 254 16.96 -25.20 20.86
C GLY F 254 16.57 -23.86 21.44
N SER F 255 16.12 -22.95 20.60
CA SER F 255 15.72 -21.63 21.03
C SER F 255 14.40 -21.79 21.76
N PRO F 256 14.28 -21.22 22.95
CA PRO F 256 13.04 -21.33 23.72
C PRO F 256 11.76 -20.90 22.99
N THR F 257 10.62 -21.43 23.44
CA THR F 257 9.36 -21.07 22.83
C THR F 257 8.83 -19.82 23.51
N ALA F 258 7.77 -19.23 22.96
CA ALA F 258 7.20 -18.03 23.54
C ALA F 258 6.96 -18.17 25.04
N PHE F 259 6.16 -19.15 25.44
CA PHE F 259 5.87 -19.32 26.86
C PHE F 259 7.13 -19.34 27.71
N ASP F 260 8.21 -19.86 27.17
CA ASP F 260 9.43 -19.89 27.95
C ASP F 260 10.02 -18.51 28.05
N ARG F 261 10.05 -17.78 26.95
CA ARG F 261 10.61 -16.44 26.98
C ARG F 261 9.77 -15.52 27.87
N VAL F 262 8.46 -15.59 27.73
CA VAL F 262 7.59 -14.74 28.54
C VAL F 262 7.72 -15.07 30.02
N LEU F 263 8.23 -16.26 30.34
CA LEU F 263 8.36 -16.67 31.74
C LEU F 263 9.73 -16.40 32.35
N ALA F 264 10.79 -16.84 31.68
CA ALA F 264 12.14 -16.60 32.16
C ALA F 264 12.35 -15.10 32.28
N SER F 265 11.47 -14.32 31.66
CA SER F 265 11.56 -12.88 31.74
C SER F 265 10.83 -12.40 32.98
N ARG F 266 9.63 -12.91 33.20
CA ARG F 266 8.90 -12.49 34.36
C ARG F 266 9.62 -12.97 35.61
N LEU F 267 10.22 -14.16 35.54
CA LEU F 267 10.93 -14.71 36.69
C LEU F 267 12.29 -14.10 36.89
N GLY F 268 13.12 -14.14 35.86
CA GLY F 268 14.44 -13.57 35.96
C GLY F 268 14.40 -12.13 36.48
N ALA F 269 13.24 -11.49 36.31
CA ALA F 269 13.06 -10.11 36.77
C ALA F 269 12.65 -10.09 38.22
N ARG F 270 11.46 -10.62 38.50
CA ARG F 270 10.94 -10.70 39.87
C ARG F 270 12.08 -11.12 40.77
N ALA F 271 12.89 -12.05 40.28
CA ALA F 271 14.02 -12.54 41.04
C ALA F 271 14.74 -11.30 41.57
N VAL F 272 15.22 -10.49 40.63
CA VAL F 272 15.95 -9.28 40.96
C VAL F 272 15.20 -8.36 41.93
N GLU F 273 13.88 -8.33 41.85
CA GLU F 273 13.12 -7.50 42.76
C GLU F 273 13.26 -7.99 44.19
N LEU F 274 12.88 -9.23 44.45
CA LEU F 274 13.00 -9.77 45.81
C LEU F 274 14.34 -9.40 46.43
N LEU F 275 15.40 -9.31 45.61
CA LEU F 275 16.71 -8.94 46.13
C LEU F 275 16.68 -7.49 46.61
N LEU F 276 16.68 -6.57 45.65
CA LEU F 276 16.65 -5.14 45.94
C LEU F 276 15.60 -4.80 46.98
N GLU F 277 14.62 -5.67 47.12
CA GLU F 277 13.52 -5.49 48.04
C GLU F 277 13.83 -6.08 49.42
N GLY F 278 15.12 -6.22 49.71
CA GLY F 278 15.51 -6.76 50.99
C GLY F 278 15.33 -8.25 51.15
N LYS F 279 14.21 -8.80 50.69
CA LYS F 279 13.95 -10.23 50.79
C LYS F 279 15.19 -11.03 50.39
N GLY F 280 15.31 -12.27 50.86
CA GLY F 280 16.48 -13.07 50.52
C GLY F 280 16.38 -14.56 50.79
N GLY F 281 17.03 -15.36 49.95
CA GLY F 281 17.00 -16.81 50.10
C GLY F 281 15.65 -17.34 49.66
N ARG F 282 15.09 -16.71 48.64
CA ARG F 282 13.79 -17.09 48.10
C ARG F 282 13.92 -17.70 46.71
N CYS F 283 12.81 -18.23 46.22
CA CYS F 283 12.79 -18.83 44.89
C CYS F 283 11.51 -18.42 44.18
N VAL F 284 11.67 -17.89 42.98
CA VAL F 284 10.52 -17.48 42.21
C VAL F 284 9.89 -18.68 41.55
N GLY F 285 8.64 -18.52 41.13
CA GLY F 285 7.94 -19.61 40.49
C GLY F 285 6.60 -19.09 40.05
N ILE F 286 5.76 -19.95 39.51
CA ILE F 286 4.45 -19.53 39.07
C ILE F 286 3.46 -20.63 39.40
N GLN F 287 2.42 -20.26 40.15
CA GLN F 287 1.40 -21.21 40.57
C GLN F 287 0.03 -20.59 40.35
N ASN F 288 -0.88 -21.34 39.76
CA ASN F 288 -2.22 -20.83 39.55
C ASN F 288 -2.15 -19.59 38.65
N ASN F 289 -1.12 -19.58 37.79
CA ASN F 289 -0.90 -18.50 36.85
C ASN F 289 -0.54 -17.16 37.48
N GLN F 290 -0.09 -17.20 38.72
CA GLN F 290 0.33 -15.99 39.43
C GLN F 290 1.81 -16.13 39.73
N LEU F 291 2.50 -15.02 39.99
CA LEU F 291 3.90 -15.10 40.31
C LEU F 291 3.98 -15.27 41.81
N VAL F 292 4.88 -16.12 42.29
CA VAL F 292 5.03 -16.34 43.72
C VAL F 292 6.46 -16.72 44.08
N ASP F 293 6.87 -16.41 45.30
CA ASP F 293 8.20 -16.76 45.75
C ASP F 293 8.06 -17.52 47.06
N HIS F 294 8.98 -18.44 47.32
CA HIS F 294 8.93 -19.24 48.53
C HIS F 294 10.28 -19.32 49.21
N ASP F 295 10.28 -19.86 50.42
CA ASP F 295 11.52 -20.02 51.15
C ASP F 295 12.13 -21.29 50.60
N ILE F 296 13.26 -21.15 49.91
CA ILE F 296 13.95 -22.30 49.32
C ILE F 296 13.81 -23.54 50.20
N ALA F 297 14.08 -23.37 51.49
CA ALA F 297 14.01 -24.44 52.46
C ALA F 297 12.62 -25.04 52.64
N GLU F 298 11.60 -24.21 52.56
CA GLU F 298 10.23 -24.68 52.71
C GLU F 298 9.67 -25.15 51.36
N ALA F 299 10.14 -24.51 50.29
CA ALA F 299 9.70 -24.87 48.95
C ALA F 299 10.34 -26.20 48.56
N LEU F 300 11.63 -26.35 48.82
CA LEU F 300 12.29 -27.60 48.51
C LEU F 300 11.66 -28.70 49.36
N ALA F 301 10.86 -28.30 50.34
CA ALA F 301 10.20 -29.24 51.25
C ALA F 301 9.11 -30.06 50.60
N ASN F 302 8.09 -29.39 50.07
CA ASN F 302 6.99 -30.07 49.42
C ASN F 302 7.50 -30.88 48.21
N LYS F 303 6.74 -31.90 47.81
CA LYS F 303 7.15 -32.74 46.68
C LYS F 303 6.43 -32.33 45.40
N HIS F 304 7.06 -32.63 44.27
CA HIS F 304 6.51 -32.33 42.97
C HIS F 304 5.58 -33.47 42.57
N THR F 305 4.35 -33.14 42.18
CA THR F 305 3.39 -34.16 41.80
C THR F 305 2.79 -33.79 40.44
N ILE F 306 2.37 -34.80 39.66
CA ILE F 306 1.77 -34.53 38.35
C ILE F 306 0.26 -34.40 38.51
N ASP F 307 -0.38 -33.73 37.55
CA ASP F 307 -1.81 -33.54 37.59
C ASP F 307 -2.57 -34.84 37.31
N GLN F 308 -2.83 -35.60 38.36
CA GLN F 308 -3.53 -36.88 38.29
C GLN F 308 -4.71 -36.92 37.32
N ARG F 309 -5.60 -35.94 37.43
CA ARG F 309 -6.76 -35.89 36.56
C ARG F 309 -6.33 -35.89 35.11
N MET F 310 -5.23 -35.18 34.84
CA MET F 310 -4.72 -35.06 33.49
C MET F 310 -4.26 -36.40 32.98
N TYR F 311 -3.73 -37.21 33.89
CA TYR F 311 -3.28 -38.54 33.55
C TYR F 311 -4.52 -39.37 33.22
N ALA F 312 -5.55 -39.21 34.04
CA ALA F 312 -6.81 -39.92 33.85
C ALA F 312 -7.37 -39.65 32.47
N LEU F 313 -7.21 -38.41 32.00
CA LEU F 313 -7.72 -38.02 30.69
C LEU F 313 -6.93 -38.72 29.61
N SER F 314 -5.62 -38.77 29.80
CA SER F 314 -4.71 -39.41 28.87
C SER F 314 -5.28 -40.74 28.41
N LYS F 315 -5.82 -41.48 29.37
CA LYS F 315 -6.40 -42.79 29.11
C LYS F 315 -7.79 -42.71 28.50
N GLU F 316 -8.65 -41.87 29.07
CA GLU F 316 -10.01 -41.73 28.59
C GLU F 316 -10.04 -41.37 27.10
N LEU F 317 -9.02 -40.65 26.64
CA LEU F 317 -8.93 -40.24 25.24
C LEU F 317 -8.14 -41.27 24.43
N SER F 318 -7.33 -42.04 25.15
CA SER F 318 -6.46 -43.08 24.58
C SER F 318 -7.11 -44.09 23.65
N ILE F 319 -8.03 -44.88 24.18
CA ILE F 319 -8.73 -45.92 23.41
C ILE F 319 -9.03 -45.58 21.94
N MET G 1 49.65 -14.17 -1.54
CA MET G 1 48.56 -13.72 -0.63
C MET G 1 48.86 -14.10 0.80
N LYS G 2 49.05 -13.11 1.65
CA LYS G 2 49.32 -13.36 3.06
C LYS G 2 48.42 -12.49 3.88
N ARG G 3 47.44 -11.89 3.21
CA ARG G 3 46.48 -11.01 3.87
C ARG G 3 45.37 -10.63 2.91
N ILE G 4 44.20 -11.24 3.05
CA ILE G 4 43.07 -10.93 2.21
C ILE G 4 41.89 -10.55 3.10
N GLY G 5 40.96 -9.77 2.56
CA GLY G 5 39.81 -9.37 3.35
C GLY G 5 38.56 -10.06 2.87
N VAL G 6 37.40 -9.68 3.40
CA VAL G 6 36.14 -10.29 3.00
C VAL G 6 34.99 -9.41 3.45
N LEU G 7 34.07 -9.13 2.54
CA LEU G 7 32.92 -8.31 2.89
C LEU G 7 31.63 -8.76 2.22
N THR G 8 30.51 -8.37 2.80
CA THR G 8 29.21 -8.72 2.26
C THR G 8 28.49 -7.44 1.90
N SER G 9 28.02 -7.34 0.65
CA SER G 9 27.33 -6.15 0.21
C SER G 9 25.98 -6.47 -0.39
N GLY G 10 25.01 -5.62 -0.10
CA GLY G 10 23.67 -5.85 -0.62
C GLY G 10 22.72 -6.50 0.36
N GLY G 11 21.67 -7.13 -0.15
CA GLY G 11 20.73 -7.77 0.74
C GLY G 11 21.35 -8.96 1.45
N ASP G 12 21.30 -8.94 2.78
CA ASP G 12 21.81 -10.05 3.56
C ASP G 12 20.94 -11.24 3.17
N SER G 13 21.43 -12.45 3.43
CA SER G 13 20.66 -13.65 3.13
C SER G 13 21.14 -14.77 4.02
N PRO G 14 20.24 -15.68 4.40
CA PRO G 14 20.61 -16.80 5.27
C PRO G 14 21.77 -17.62 4.72
N GLY G 15 22.77 -17.85 5.56
CA GLY G 15 23.92 -18.63 5.13
C GLY G 15 25.09 -17.76 4.74
N MET G 16 24.83 -16.45 4.67
CA MET G 16 25.85 -15.48 4.31
C MET G 16 26.96 -15.54 5.38
N ASN G 17 26.57 -15.90 6.61
CA ASN G 17 27.50 -16.01 7.73
C ASN G 17 28.31 -17.27 7.56
N ALA G 18 27.65 -18.29 6.99
CA ALA G 18 28.30 -19.58 6.75
C ALA G 18 29.41 -19.37 5.72
N ALA G 19 29.19 -18.39 4.85
CA ALA G 19 30.15 -18.07 3.80
C ALA G 19 31.35 -17.38 4.43
N ILE G 20 31.09 -16.44 5.35
CA ILE G 20 32.16 -15.72 6.04
C ILE G 20 33.02 -16.77 6.74
N ARG G 21 32.39 -17.55 7.62
CA ARG G 21 33.08 -18.60 8.36
C ARG G 21 34.10 -19.36 7.51
N SER G 22 33.65 -20.02 6.45
CA SER G 22 34.59 -20.76 5.63
C SER G 22 35.62 -19.88 4.93
N VAL G 23 35.27 -18.64 4.60
CA VAL G 23 36.27 -17.82 3.93
C VAL G 23 37.38 -17.57 4.94
N VAL G 24 36.98 -17.31 6.18
CA VAL G 24 37.93 -17.04 7.24
C VAL G 24 38.78 -18.29 7.54
N ARG G 25 38.12 -19.40 7.90
CA ARG G 25 38.87 -20.62 8.22
C ARG G 25 39.70 -21.17 7.08
N LYS G 26 39.07 -21.39 5.93
CA LYS G 26 39.78 -21.91 4.77
C LYS G 26 41.04 -21.11 4.52
N ALA G 27 40.95 -19.81 4.76
CA ALA G 27 42.08 -18.92 4.54
C ALA G 27 43.17 -19.12 5.58
N ILE G 28 42.75 -19.33 6.83
CA ILE G 28 43.68 -19.53 7.92
C ILE G 28 44.43 -20.86 7.82
N TYR G 29 43.78 -21.85 7.24
CA TYR G 29 44.36 -23.18 7.05
C TYR G 29 45.44 -23.08 5.98
N HIS G 30 45.37 -22.03 5.16
CA HIS G 30 46.37 -21.84 4.13
C HIS G 30 47.45 -20.87 4.56
N GLY G 31 47.40 -20.49 5.84
CA GLY G 31 48.38 -19.59 6.41
C GLY G 31 48.27 -18.14 6.01
N VAL G 32 47.07 -17.71 5.67
CA VAL G 32 46.82 -16.32 5.28
C VAL G 32 45.99 -15.60 6.33
N GLU G 33 46.18 -14.29 6.43
CA GLU G 33 45.45 -13.49 7.39
C GLU G 33 44.18 -13.02 6.72
N VAL G 34 43.09 -12.93 7.49
CA VAL G 34 41.81 -12.47 6.96
C VAL G 34 41.29 -11.22 7.66
N TYR G 35 40.90 -10.24 6.87
CA TYR G 35 40.39 -9.01 7.42
C TYR G 35 38.93 -8.87 7.09
N GLY G 36 38.14 -8.46 8.09
CA GLY G 36 36.73 -8.29 7.87
C GLY G 36 36.43 -6.86 7.43
N VAL G 37 35.37 -6.70 6.67
CA VAL G 37 35.00 -5.37 6.22
C VAL G 37 33.52 -5.17 6.52
N TYR G 38 33.28 -4.51 7.64
CA TYR G 38 31.95 -4.24 8.11
C TYR G 38 31.20 -3.18 7.30
N HIS G 39 29.94 -3.48 6.98
CA HIS G 39 29.07 -2.59 6.22
C HIS G 39 29.42 -2.51 4.73
N GLY G 40 29.45 -3.66 4.07
CA GLY G 40 29.74 -3.71 2.65
C GLY G 40 30.80 -2.77 2.10
N TYR G 41 30.48 -2.06 1.03
CA TYR G 41 31.44 -1.15 0.44
C TYR G 41 31.52 0.18 1.20
N ALA G 42 30.56 0.41 2.09
CA ALA G 42 30.55 1.62 2.89
C ALA G 42 31.78 1.54 3.76
N GLY G 43 31.84 0.47 4.55
CA GLY G 43 32.97 0.28 5.43
C GLY G 43 34.27 0.21 4.68
N LEU G 44 34.25 -0.31 3.46
CA LEU G 44 35.48 -0.42 2.71
C LEU G 44 36.13 0.94 2.54
N ILE G 45 35.45 1.87 1.88
CA ILE G 45 36.02 3.20 1.70
C ILE G 45 36.05 3.94 3.03
N ALA G 46 35.03 3.67 3.86
CA ALA G 46 34.95 4.30 5.17
C ALA G 46 36.11 3.89 6.08
N GLY G 47 36.75 2.77 5.77
CA GLY G 47 37.86 2.29 6.57
C GLY G 47 37.51 1.23 7.60
N ASN G 48 36.23 0.97 7.81
CA ASN G 48 35.79 -0.04 8.78
C ASN G 48 36.43 -1.38 8.44
N ILE G 49 37.55 -1.69 9.07
CA ILE G 49 38.23 -2.94 8.79
C ILE G 49 38.92 -3.48 10.03
N LYS G 50 38.36 -4.54 10.60
CA LYS G 50 38.94 -5.17 11.78
C LYS G 50 39.75 -6.35 11.25
N LYS G 51 39.97 -7.34 12.10
CA LYS G 51 40.72 -8.53 11.69
C LYS G 51 40.02 -9.71 12.33
N LEU G 52 39.53 -10.63 11.49
CA LEU G 52 38.82 -11.80 11.96
C LEU G 52 39.76 -12.97 12.23
N GLU G 53 39.52 -13.65 13.33
CA GLU G 53 40.33 -14.80 13.72
C GLU G 53 39.44 -16.04 13.80
N VAL G 54 40.01 -17.20 13.53
CA VAL G 54 39.26 -18.46 13.55
C VAL G 54 38.22 -18.48 14.66
N GLY G 55 38.45 -17.71 15.71
CA GLY G 55 37.54 -17.66 16.83
C GLY G 55 36.26 -16.88 16.58
N ASP G 56 36.32 -15.83 15.76
CA ASP G 56 35.15 -15.02 15.48
C ASP G 56 34.11 -15.77 14.65
N VAL G 57 34.57 -16.66 13.79
CA VAL G 57 33.65 -17.44 12.98
C VAL G 57 33.33 -18.76 13.69
N GLY G 58 33.13 -18.66 14.99
CA GLY G 58 32.76 -19.80 15.81
C GLY G 58 31.38 -19.52 16.37
N ASP G 59 30.42 -20.36 16.01
CA ASP G 59 29.04 -20.21 16.46
C ASP G 59 28.22 -19.28 15.58
N ILE G 60 28.49 -19.31 14.28
CA ILE G 60 27.75 -18.47 13.35
C ILE G 60 27.22 -19.22 12.13
N ILE G 61 27.82 -20.36 11.80
CA ILE G 61 27.37 -21.13 10.65
C ILE G 61 25.84 -21.23 10.62
N HIS G 62 25.23 -21.27 11.80
CA HIS G 62 23.79 -21.39 11.89
C HIS G 62 23.11 -20.03 12.01
N ARG G 63 23.91 -18.99 12.21
CA ARG G 63 23.38 -17.64 12.36
C ARG G 63 23.07 -17.01 11.00
N GLY G 64 21.86 -16.46 10.88
CA GLY G 64 21.48 -15.82 9.64
C GLY G 64 22.05 -14.43 9.59
N GLY G 65 21.87 -13.74 8.46
CA GLY G 65 22.39 -12.40 8.32
C GLY G 65 23.88 -12.40 8.11
N THR G 66 24.50 -11.24 8.29
CA THR G 66 25.94 -11.08 8.11
C THR G 66 26.61 -10.38 9.30
N ILE G 67 27.57 -11.08 9.91
CA ILE G 67 28.28 -10.55 11.07
C ILE G 67 29.16 -9.37 10.70
N LEU G 68 29.39 -9.19 9.41
CA LEU G 68 30.21 -8.09 8.91
C LEU G 68 29.27 -6.96 8.52
N TYR G 69 27.97 -7.20 8.70
CA TYR G 69 26.95 -6.22 8.38
C TYR G 69 27.01 -5.98 6.89
N THR G 70 26.15 -5.08 6.43
CA THR G 70 26.10 -4.69 5.04
C THR G 70 25.50 -3.30 4.94
N ALA G 71 25.62 -2.70 3.76
CA ALA G 71 25.08 -1.36 3.51
C ALA G 71 25.21 -1.11 2.03
N ARG G 72 24.20 -0.49 1.44
CA ARG G 72 24.27 -0.18 0.02
C ARG G 72 25.11 1.09 -0.08
N CYS G 73 25.88 1.20 -1.15
CA CYS G 73 26.75 2.35 -1.32
C CYS G 73 26.66 2.93 -2.72
N PRO G 74 25.81 3.95 -2.90
CA PRO G 74 25.64 4.59 -4.20
C PRO G 74 26.89 5.41 -4.48
N GLU G 75 27.97 5.11 -3.77
CA GLU G 75 29.22 5.81 -3.95
C GLU G 75 30.33 4.95 -4.55
N PHE G 76 30.32 3.64 -4.28
CA PHE G 76 31.36 2.77 -4.85
C PHE G 76 31.11 2.70 -6.36
N LYS G 77 30.07 3.39 -6.79
CA LYS G 77 29.70 3.49 -8.21
C LYS G 77 30.69 4.47 -8.85
N THR G 78 31.00 5.52 -8.09
CA THR G 78 31.91 6.58 -8.48
C THR G 78 33.32 6.02 -8.57
N GLU G 79 33.99 6.29 -9.68
CA GLU G 79 35.35 5.83 -9.89
C GLU G 79 36.23 6.56 -8.90
N GLU G 80 35.66 7.62 -8.31
CA GLU G 80 36.35 8.44 -7.34
C GLU G 80 36.28 7.75 -5.98
N GLY G 81 35.15 7.10 -5.73
CA GLY G 81 34.97 6.40 -4.48
C GLY G 81 35.56 5.01 -4.56
N GLN G 82 36.14 4.67 -5.70
CA GLN G 82 36.73 3.36 -5.87
C GLN G 82 38.19 3.38 -5.47
N LYS G 83 38.89 4.44 -5.86
CA LYS G 83 40.29 4.59 -5.53
C LYS G 83 40.44 4.63 -4.00
N LYS G 84 39.40 5.11 -3.31
CA LYS G 84 39.40 5.20 -1.84
C LYS G 84 39.33 3.82 -1.18
N GLY G 85 38.46 2.97 -1.70
CA GLY G 85 38.33 1.64 -1.15
C GLY G 85 39.65 0.89 -1.24
N ILE G 86 40.36 1.10 -2.34
CA ILE G 86 41.65 0.46 -2.56
C ILE G 86 42.67 1.08 -1.59
N GLU G 87 42.61 2.39 -1.43
CA GLU G 87 43.54 3.05 -0.53
C GLU G 87 43.43 2.44 0.86
N GLN G 88 42.19 2.19 1.30
CA GLN G 88 41.97 1.58 2.61
C GLN G 88 42.62 0.19 2.64
N LEU G 89 42.27 -0.64 1.67
CA LEU G 89 42.85 -1.96 1.59
C LEU G 89 44.38 -1.81 1.61
N LYS G 90 44.92 -1.06 0.66
CA LYS G 90 46.38 -0.87 0.60
C LYS G 90 46.95 -0.44 1.95
N LYS G 91 46.19 0.37 2.68
CA LYS G 91 46.62 0.87 3.97
C LYS G 91 46.84 -0.29 4.94
N HIS G 92 45.89 -1.22 4.97
CA HIS G 92 45.95 -2.39 5.85
C HIS G 92 46.71 -3.57 5.25
N GLY G 93 47.30 -3.36 4.07
CA GLY G 93 48.05 -4.42 3.46
C GLY G 93 47.23 -5.57 2.89
N ILE G 94 45.94 -5.35 2.61
CA ILE G 94 45.13 -6.42 2.04
C ILE G 94 45.65 -6.68 0.64
N GLU G 95 45.37 -7.86 0.10
CA GLU G 95 45.86 -8.18 -1.24
C GLU G 95 44.74 -8.65 -2.13
N GLY G 96 43.72 -9.24 -1.53
CA GLY G 96 42.61 -9.75 -2.31
C GLY G 96 41.35 -9.61 -1.48
N LEU G 97 40.22 -9.41 -2.14
CA LEU G 97 38.97 -9.24 -1.45
C LEU G 97 37.97 -10.30 -1.88
N VAL G 98 37.15 -10.75 -0.95
CA VAL G 98 36.14 -11.76 -1.22
C VAL G 98 34.77 -11.14 -1.00
N VAL G 99 34.19 -10.61 -2.07
CA VAL G 99 32.87 -9.97 -1.98
C VAL G 99 31.78 -11.02 -2.05
N ILE G 100 30.83 -10.92 -1.12
CA ILE G 100 29.72 -11.85 -1.05
C ILE G 100 28.43 -11.03 -1.09
N GLY G 101 27.55 -11.35 -2.03
CA GLY G 101 26.29 -10.63 -2.11
C GLY G 101 25.69 -10.62 -3.50
N GLY G 102 24.74 -9.69 -3.71
CA GLY G 102 24.05 -9.55 -4.97
C GLY G 102 24.87 -8.81 -6.03
N ASP G 103 24.54 -9.02 -7.29
CA ASP G 103 25.26 -8.41 -8.42
C ASP G 103 25.78 -7.01 -8.13
N GLY G 104 25.06 -6.25 -7.32
CA GLY G 104 25.55 -4.93 -6.99
C GLY G 104 26.99 -5.12 -6.57
N SER G 105 27.20 -6.09 -5.71
CA SER G 105 28.52 -6.42 -5.20
C SER G 105 29.48 -6.71 -6.34
N TYR G 106 29.04 -7.58 -7.25
CA TYR G 106 29.83 -7.96 -8.40
C TYR G 106 30.29 -6.73 -9.19
N GLN G 107 29.34 -5.86 -9.57
CA GLN G 107 29.66 -4.64 -10.31
C GLN G 107 30.94 -4.05 -9.76
N GLY G 108 30.90 -3.67 -8.49
CA GLY G 108 32.06 -3.11 -7.83
C GLY G 108 33.21 -4.09 -7.84
N ALA G 109 32.91 -5.35 -7.52
CA ALA G 109 33.93 -6.38 -7.52
C ALA G 109 34.74 -6.24 -8.79
N LYS G 110 34.04 -6.14 -9.92
CA LYS G 110 34.69 -6.01 -11.22
C LYS G 110 35.53 -4.74 -11.33
N LYS G 111 34.90 -3.59 -11.09
CA LYS G 111 35.58 -2.30 -11.16
C LYS G 111 36.83 -2.32 -10.30
N LEU G 112 36.73 -2.93 -9.12
CA LEU G 112 37.86 -3.00 -8.21
C LEU G 112 38.99 -3.81 -8.85
N THR G 113 38.62 -4.72 -9.75
CA THR G 113 39.61 -5.55 -10.42
C THR G 113 40.17 -4.80 -11.62
N GLU G 114 39.30 -4.07 -12.32
CA GLU G 114 39.76 -3.30 -13.47
C GLU G 114 40.68 -2.18 -12.98
N HIS G 115 40.90 -2.16 -11.66
CA HIS G 115 41.78 -1.16 -11.05
C HIS G 115 43.02 -1.82 -10.45
N GLY G 116 43.16 -3.12 -10.64
CA GLY G 116 44.33 -3.82 -10.11
C GLY G 116 44.19 -4.67 -8.85
N PHE G 117 43.13 -4.45 -8.09
CA PHE G 117 42.94 -5.22 -6.86
C PHE G 117 42.18 -6.52 -7.16
N PRO G 118 42.80 -7.67 -6.87
CA PRO G 118 42.18 -8.97 -7.11
C PRO G 118 40.87 -9.16 -6.35
N CYS G 119 39.91 -9.81 -7.00
CA CYS G 119 38.63 -10.07 -6.36
C CYS G 119 37.92 -11.32 -6.80
N VAL G 120 37.11 -11.85 -5.90
CA VAL G 120 36.34 -13.03 -6.17
C VAL G 120 35.00 -12.81 -5.49
N GLY G 121 33.93 -13.09 -6.22
CA GLY G 121 32.60 -12.89 -5.68
C GLY G 121 31.77 -14.14 -5.53
N VAL G 122 31.11 -14.26 -4.39
CA VAL G 122 30.28 -15.41 -4.07
C VAL G 122 28.83 -14.97 -4.16
N PRO G 123 27.98 -15.76 -4.83
CA PRO G 123 26.56 -15.41 -4.97
C PRO G 123 25.76 -15.59 -3.68
N GLY G 124 25.42 -14.49 -3.03
CA GLY G 124 24.66 -14.57 -1.80
C GLY G 124 23.39 -13.74 -1.80
N THR G 125 22.24 -14.39 -1.92
CA THR G 125 20.97 -13.69 -1.92
C THR G 125 19.79 -14.63 -2.08
N ILE G 126 18.60 -14.23 -1.64
CA ILE G 126 17.45 -15.11 -1.76
C ILE G 126 16.76 -15.04 -3.11
N ASP G 127 16.88 -13.92 -3.81
CA ASP G 127 16.24 -13.77 -5.10
C ASP G 127 16.70 -14.88 -6.06
N ASN G 128 17.91 -15.39 -5.83
CA ASN G 128 18.51 -16.46 -6.66
C ASN G 128 18.71 -15.98 -8.08
N ASP G 129 19.02 -14.70 -8.25
CA ASP G 129 19.19 -14.12 -9.58
C ASP G 129 20.58 -13.63 -9.99
N ILE G 130 21.63 -14.30 -9.56
CA ILE G 130 22.98 -13.87 -9.94
C ILE G 130 23.50 -14.71 -11.11
N PRO G 131 23.99 -14.05 -12.17
CA PRO G 131 24.52 -14.76 -13.35
C PRO G 131 25.67 -15.73 -13.05
N GLY G 132 25.71 -16.83 -13.79
CA GLY G 132 26.78 -17.81 -13.63
C GLY G 132 26.69 -18.77 -12.46
N THR G 133 25.49 -19.05 -11.97
CA THR G 133 25.29 -19.98 -10.86
C THR G 133 23.82 -20.32 -10.67
N ASP G 134 23.55 -21.61 -10.56
CA ASP G 134 22.18 -22.14 -10.40
C ASP G 134 21.45 -21.62 -9.17
N PHE G 135 22.10 -21.74 -8.01
CA PHE G 135 21.51 -21.28 -6.75
C PHE G 135 22.43 -20.29 -6.07
N THR G 136 21.82 -19.37 -5.34
CA THR G 136 22.56 -18.35 -4.63
C THR G 136 22.39 -18.61 -3.13
N ILE G 137 23.37 -18.17 -2.33
CA ILE G 137 23.30 -18.36 -0.89
C ILE G 137 22.01 -17.78 -0.34
N GLY G 138 21.30 -18.56 0.46
CA GLY G 138 20.06 -18.06 1.02
C GLY G 138 18.80 -18.34 0.25
N PHE G 139 18.91 -18.81 -0.99
CA PHE G 139 17.70 -19.10 -1.78
C PHE G 139 16.83 -20.18 -1.13
N ASP G 140 17.47 -21.30 -0.80
CA ASP G 140 16.79 -22.42 -0.17
C ASP G 140 16.18 -22.06 1.18
N THR G 141 16.87 -21.21 1.94
CA THR G 141 16.36 -20.82 3.24
C THR G 141 15.10 -19.99 3.15
N ALA G 142 15.03 -19.13 2.14
CA ALA G 142 13.87 -18.28 1.97
C ALA G 142 12.82 -19.13 1.29
N LEU G 143 13.30 -20.03 0.44
CA LEU G 143 12.40 -20.90 -0.27
C LEU G 143 11.51 -21.53 0.79
N ASN G 144 12.16 -22.17 1.77
CA ASN G 144 11.45 -22.80 2.87
C ASN G 144 10.64 -21.80 3.67
N THR G 145 11.27 -20.73 4.15
CA THR G 145 10.57 -19.70 4.92
C THR G 145 9.18 -19.45 4.30
N VAL G 146 9.13 -19.40 2.97
CA VAL G 146 7.88 -19.16 2.27
C VAL G 146 6.93 -20.36 2.37
N ILE G 147 7.37 -21.52 1.89
CA ILE G 147 6.55 -22.71 1.92
C ILE G 147 6.08 -23.01 3.33
N ASP G 148 6.94 -22.68 4.30
CA ASP G 148 6.67 -22.88 5.71
C ASP G 148 5.41 -22.07 6.05
N ALA G 149 5.24 -20.98 5.32
CA ALA G 149 4.08 -20.11 5.49
C ALA G 149 2.89 -20.62 4.67
N ILE G 150 3.13 -20.94 3.40
CA ILE G 150 2.07 -21.46 2.53
C ILE G 150 1.24 -22.46 3.30
N ASP G 151 1.93 -23.30 4.06
CA ASP G 151 1.24 -24.29 4.84
C ASP G 151 0.35 -23.60 5.85
N LYS G 152 0.94 -22.87 6.79
CA LYS G 152 0.18 -22.17 7.82
C LYS G 152 -1.02 -21.42 7.23
N ILE G 153 -0.87 -20.91 6.01
CA ILE G 153 -1.93 -20.19 5.34
C ILE G 153 -3.00 -21.12 4.77
N ARG G 154 -2.57 -22.26 4.22
CA ARG G 154 -3.50 -23.22 3.65
C ARG G 154 -4.46 -23.72 4.70
N ASP G 155 -3.95 -23.93 5.91
CA ASP G 155 -4.78 -24.40 6.99
C ASP G 155 -5.90 -23.40 7.25
N THR G 156 -5.54 -22.13 7.29
CA THR G 156 -6.53 -21.11 7.59
C THR G 156 -7.35 -20.69 6.40
N ALA G 157 -7.06 -21.26 5.23
CA ALA G 157 -7.83 -20.95 4.02
C ALA G 157 -8.96 -21.98 3.92
N THR G 158 -8.60 -23.23 4.16
CA THR G 158 -9.55 -24.32 4.10
C THR G 158 -10.69 -24.18 5.10
N SER G 159 -10.37 -23.75 6.31
CA SER G 159 -11.37 -23.60 7.37
C SER G 159 -12.48 -22.65 6.98
N HIS G 160 -12.14 -21.73 6.07
CA HIS G 160 -13.12 -20.75 5.61
C HIS G 160 -13.40 -20.95 4.13
N GLU G 161 -12.52 -21.66 3.43
CA GLU G 161 -12.71 -21.89 2.01
C GLU G 161 -12.54 -20.55 1.31
N ARG G 162 -11.39 -19.93 1.51
CA ARG G 162 -11.07 -18.64 0.92
C ARG G 162 -10.05 -18.77 -0.18
N THR G 163 -9.80 -17.66 -0.85
CA THR G 163 -8.80 -17.65 -1.90
C THR G 163 -7.70 -16.73 -1.42
N TRP G 164 -6.47 -17.20 -1.52
CA TRP G 164 -5.38 -16.39 -1.03
C TRP G 164 -4.40 -15.95 -2.11
N VAL G 165 -3.72 -14.85 -1.80
CA VAL G 165 -2.70 -14.30 -2.68
C VAL G 165 -1.54 -13.93 -1.77
N ILE G 166 -0.44 -14.64 -1.94
CA ILE G 166 0.76 -14.43 -1.15
C ILE G 166 1.77 -13.69 -2.04
N GLU G 167 2.40 -12.66 -1.48
CA GLU G 167 3.35 -11.87 -2.24
C GLU G 167 4.76 -12.25 -1.78
N VAL G 168 5.39 -13.15 -2.53
CA VAL G 168 6.74 -13.54 -2.18
C VAL G 168 7.71 -12.55 -2.83
N MET G 169 8.96 -12.52 -2.39
CA MET G 169 9.92 -11.58 -2.96
C MET G 169 10.56 -12.09 -4.23
N GLY G 170 11.76 -11.60 -4.48
CA GLY G 170 12.51 -12.00 -5.66
C GLY G 170 12.71 -10.81 -6.58
N ARG G 171 12.14 -9.68 -6.22
CA ARG G 171 12.24 -8.47 -7.04
C ARG G 171 12.03 -8.75 -8.52
N HIS G 172 13.11 -8.89 -9.28
CA HIS G 172 12.98 -9.14 -10.72
C HIS G 172 13.08 -10.61 -11.12
N ALA G 173 13.18 -11.48 -10.12
CA ALA G 173 13.26 -12.91 -10.37
C ALA G 173 11.97 -13.61 -9.94
N GLY G 174 11.65 -14.71 -10.62
CA GLY G 174 10.44 -15.46 -10.30
C GLY G 174 10.75 -16.79 -9.65
N ASP G 175 12.04 -17.10 -9.57
CA ASP G 175 12.52 -18.34 -8.97
C ASP G 175 11.92 -18.57 -7.57
N ILE G 176 11.94 -17.54 -6.72
CA ILE G 176 11.39 -17.66 -5.37
C ILE G 176 9.97 -18.12 -5.46
N ALA G 177 9.20 -17.53 -6.37
CA ALA G 177 7.80 -17.90 -6.55
C ALA G 177 7.60 -19.18 -7.35
N LEU G 178 8.43 -19.41 -8.36
CA LEU G 178 8.27 -20.62 -9.13
C LEU G 178 8.41 -21.83 -8.23
N TYR G 179 9.56 -21.94 -7.57
CA TYR G 179 9.80 -23.05 -6.66
C TYR G 179 8.79 -23.03 -5.54
N SER G 180 8.67 -21.88 -4.88
CA SER G 180 7.73 -21.71 -3.77
C SER G 180 6.34 -22.27 -4.08
N GLY G 181 5.63 -21.60 -4.97
CA GLY G 181 4.29 -22.05 -5.31
C GLY G 181 4.23 -23.52 -5.73
N LEU G 182 5.26 -23.94 -6.46
CA LEU G 182 5.31 -25.32 -6.91
C LEU G 182 5.10 -26.26 -5.72
N ALA G 183 5.92 -26.09 -4.69
CA ALA G 183 5.87 -26.91 -3.48
C ALA G 183 4.72 -26.55 -2.52
N GLY G 184 4.17 -25.35 -2.66
CA GLY G 184 3.07 -24.97 -1.79
C GLY G 184 1.82 -25.59 -2.36
N GLY G 185 1.94 -26.04 -3.60
CA GLY G 185 0.81 -26.65 -4.28
C GLY G 185 -0.21 -25.58 -4.62
N ALA G 186 0.31 -24.37 -4.86
CA ALA G 186 -0.50 -23.20 -5.19
C ALA G 186 -1.17 -23.39 -6.54
N GLU G 187 -2.46 -23.05 -6.62
CA GLU G 187 -3.18 -23.24 -7.88
C GLU G 187 -2.58 -22.40 -8.99
N THR G 188 -2.11 -21.20 -8.63
CA THR G 188 -1.54 -20.28 -9.61
C THR G 188 -0.20 -19.63 -9.16
N ILE G 189 0.73 -19.53 -10.09
CA ILE G 189 2.03 -18.92 -9.82
C ILE G 189 2.29 -17.85 -10.88
N LEU G 190 2.07 -16.60 -10.49
CA LEU G 190 2.28 -15.45 -11.39
C LEU G 190 3.74 -15.02 -11.29
N ILE G 191 4.43 -14.97 -12.42
CA ILE G 191 5.82 -14.57 -12.37
C ILE G 191 6.24 -13.63 -13.51
N PRO G 192 7.45 -13.06 -13.42
CA PRO G 192 7.95 -12.15 -14.44
C PRO G 192 8.37 -12.86 -15.71
N GLU G 193 9.28 -13.81 -15.58
CA GLU G 193 9.82 -14.60 -16.68
C GLU G 193 8.83 -15.07 -17.75
N ALA G 194 7.63 -15.47 -17.34
CA ALA G 194 6.63 -15.96 -18.28
C ALA G 194 5.34 -15.14 -18.24
N ASP G 195 4.63 -15.11 -19.37
CA ASP G 195 3.38 -14.34 -19.51
C ASP G 195 2.13 -14.93 -18.86
N TYR G 196 1.35 -14.07 -18.21
CA TYR G 196 0.12 -14.49 -17.54
C TYR G 196 -1.06 -13.61 -17.97
N ASP G 197 -2.26 -14.20 -17.99
CA ASP G 197 -3.44 -13.44 -18.37
C ASP G 197 -4.50 -13.62 -17.30
N MET G 198 -4.66 -12.59 -16.49
CA MET G 198 -5.64 -12.60 -15.41
C MET G 198 -6.90 -13.38 -15.79
N ASN G 199 -7.33 -13.26 -17.03
CA ASN G 199 -8.53 -13.98 -17.47
C ASN G 199 -8.39 -15.46 -17.18
N ASP G 200 -7.32 -16.07 -17.69
CA ASP G 200 -7.06 -17.50 -17.48
C ASP G 200 -7.06 -17.87 -16.01
N VAL G 201 -6.67 -16.91 -15.17
CA VAL G 201 -6.64 -17.14 -13.73
C VAL G 201 -8.07 -17.13 -13.22
N ILE G 202 -8.70 -15.96 -13.24
CA ILE G 202 -10.08 -15.82 -12.78
C ILE G 202 -10.93 -16.99 -13.29
N ALA G 203 -10.58 -17.50 -14.47
CA ALA G 203 -11.30 -18.62 -15.05
C ALA G 203 -11.13 -19.85 -14.17
N ARG G 204 -9.95 -20.44 -14.24
CA ARG G 204 -9.61 -21.62 -13.47
C ARG G 204 -10.10 -21.47 -12.04
N LEU G 205 -9.78 -20.34 -11.44
CA LEU G 205 -10.15 -20.05 -10.06
C LEU G 205 -11.63 -20.28 -9.86
N LYS G 206 -12.38 -20.39 -10.95
CA LYS G 206 -13.81 -20.62 -10.88
C LYS G 206 -14.09 -22.04 -11.31
N ARG G 207 -13.18 -22.59 -12.10
CA ARG G 207 -13.30 -23.95 -12.63
C ARG G 207 -12.97 -25.03 -11.61
N GLY G 208 -12.12 -24.71 -10.63
CA GLY G 208 -11.76 -25.69 -9.62
C GLY G 208 -12.63 -25.50 -8.40
N HIS G 209 -13.30 -24.36 -8.33
CA HIS G 209 -14.17 -24.02 -7.22
C HIS G 209 -15.55 -24.64 -7.42
N GLU G 210 -16.00 -24.69 -8.67
CA GLU G 210 -17.29 -25.28 -8.97
C GLU G 210 -17.13 -26.79 -8.83
N ARG G 211 -15.92 -27.25 -9.16
CA ARG G 211 -15.58 -28.66 -9.07
C ARG G 211 -15.57 -29.04 -7.59
N GLY G 212 -14.38 -29.28 -7.04
CA GLY G 212 -14.31 -29.67 -5.64
C GLY G 212 -13.54 -28.79 -4.69
N LYS G 213 -12.34 -28.36 -5.09
CA LYS G 213 -11.54 -27.50 -4.22
C LYS G 213 -12.18 -26.13 -4.11
N LYS G 214 -12.75 -25.86 -2.94
CA LYS G 214 -13.42 -24.59 -2.69
C LYS G 214 -12.44 -23.45 -2.32
N HIS G 215 -11.43 -23.75 -1.51
CA HIS G 215 -10.45 -22.75 -1.14
C HIS G 215 -9.31 -22.80 -2.15
N SER G 216 -8.43 -21.82 -2.14
CA SER G 216 -7.31 -21.81 -3.08
C SER G 216 -6.19 -20.87 -2.71
N ILE G 217 -5.05 -21.03 -3.38
CA ILE G 217 -3.87 -20.21 -3.10
C ILE G 217 -3.11 -19.77 -4.34
N ILE G 218 -3.09 -18.45 -4.54
CA ILE G 218 -2.39 -17.82 -5.67
C ILE G 218 -0.99 -17.41 -5.17
N ILE G 219 0.02 -17.55 -6.02
CA ILE G 219 1.39 -17.16 -5.65
C ILE G 219 1.88 -16.12 -6.63
N VAL G 220 2.08 -14.90 -6.14
CA VAL G 220 2.53 -13.80 -6.99
C VAL G 220 3.92 -13.24 -6.70
N ALA G 221 4.85 -13.48 -7.61
CA ALA G 221 6.20 -12.96 -7.47
C ALA G 221 5.98 -11.46 -7.32
N GLU G 222 6.75 -10.79 -6.46
CA GLU G 222 6.53 -9.36 -6.28
C GLU G 222 6.79 -8.52 -7.52
N GLY G 223 7.80 -8.90 -8.30
CA GLY G 223 8.11 -8.12 -9.49
C GLY G 223 7.06 -8.16 -10.59
N VAL G 224 5.89 -8.69 -10.26
CA VAL G 224 4.80 -8.82 -11.23
C VAL G 224 3.61 -7.92 -10.93
N GLY G 225 3.47 -7.54 -9.68
CA GLY G 225 2.36 -6.69 -9.29
C GLY G 225 2.28 -6.55 -7.79
N SER G 226 1.07 -6.46 -7.26
CA SER G 226 0.90 -6.30 -5.82
C SER G 226 -0.24 -7.15 -5.29
N GLY G 227 0.09 -8.14 -4.47
CA GLY G 227 -0.94 -9.00 -3.91
C GLY G 227 -2.20 -8.23 -3.58
N VAL G 228 -2.08 -7.14 -2.86
CA VAL G 228 -3.24 -6.37 -2.46
C VAL G 228 -4.09 -6.07 -3.69
N ASP G 229 -3.44 -5.81 -4.82
CA ASP G 229 -4.16 -5.54 -6.07
C ASP G 229 -4.80 -6.80 -6.59
N PHE G 230 -3.95 -7.77 -6.99
CA PHE G 230 -4.45 -9.03 -7.50
C PHE G 230 -5.52 -9.61 -6.60
N GLY G 231 -5.51 -9.20 -5.34
CA GLY G 231 -6.50 -9.70 -4.43
C GLY G 231 -7.86 -9.15 -4.85
N ARG G 232 -8.01 -7.84 -4.69
CA ARG G 232 -9.23 -7.12 -5.05
C ARG G 232 -9.61 -7.46 -6.49
N GLN G 233 -8.61 -7.45 -7.36
CA GLN G 233 -8.76 -7.76 -8.78
C GLN G 233 -9.53 -9.07 -8.96
N ILE G 234 -9.60 -9.87 -7.89
CA ILE G 234 -10.29 -11.15 -7.93
C ILE G 234 -11.47 -11.18 -7.00
N GLN G 235 -11.32 -10.67 -5.78
CA GLN G 235 -12.47 -10.69 -4.88
C GLN G 235 -13.65 -10.02 -5.53
N GLU G 236 -13.36 -9.28 -6.60
CA GLU G 236 -14.38 -8.55 -7.34
C GLU G 236 -14.90 -9.31 -8.57
N ALA G 237 -14.01 -9.98 -9.29
CA ALA G 237 -14.44 -10.71 -10.46
C ALA G 237 -15.17 -12.02 -10.13
N THR G 238 -14.83 -12.63 -8.99
CA THR G 238 -15.41 -13.91 -8.59
C THR G 238 -16.40 -13.85 -7.44
N GLY G 239 -16.25 -12.86 -6.58
CA GLY G 239 -17.15 -12.75 -5.45
C GLY G 239 -16.70 -13.67 -4.32
N PHE G 240 -15.62 -14.40 -4.56
CA PHE G 240 -15.08 -15.31 -3.56
C PHE G 240 -14.42 -14.50 -2.45
N GLU G 241 -14.62 -14.90 -1.20
CA GLU G 241 -14.02 -14.21 -0.05
C GLU G 241 -12.51 -14.28 -0.22
N THR G 242 -11.88 -13.12 -0.37
CA THR G 242 -10.44 -13.06 -0.59
C THR G 242 -9.64 -12.43 0.53
N ARG G 243 -8.38 -12.85 0.62
CA ARG G 243 -7.47 -12.31 1.62
C ARG G 243 -6.07 -12.33 1.05
N VAL G 244 -5.28 -11.31 1.39
CA VAL G 244 -3.91 -11.24 0.90
C VAL G 244 -2.88 -11.12 2.02
N THR G 245 -1.77 -11.84 1.86
CA THR G 245 -0.69 -11.82 2.83
C THR G 245 0.59 -11.51 2.06
N VAL G 246 1.38 -10.58 2.59
CA VAL G 246 2.65 -10.20 1.96
C VAL G 246 3.75 -10.57 2.95
N LEU G 247 4.23 -11.80 2.86
CA LEU G 247 5.26 -12.33 3.74
C LEU G 247 6.32 -11.31 4.15
N GLY G 248 6.74 -10.47 3.21
CA GLY G 248 7.71 -9.45 3.56
C GLY G 248 9.14 -9.92 3.77
N HIS G 249 9.91 -9.19 4.61
CA HIS G 249 11.32 -9.52 4.86
C HIS G 249 11.63 -10.67 5.81
N VAL G 250 10.63 -11.48 6.16
CA VAL G 250 10.90 -12.62 7.03
C VAL G 250 11.70 -13.55 6.15
N GLN G 251 11.43 -13.50 4.85
CA GLN G 251 12.11 -14.34 3.88
C GLN G 251 13.59 -14.06 3.92
N ARG G 252 13.95 -12.94 4.55
CA ARG G 252 15.34 -12.53 4.65
C ARG G 252 16.04 -13.10 5.88
N GLY G 253 15.29 -13.27 6.95
CA GLY G 253 15.87 -13.79 8.17
C GLY G 253 15.87 -15.30 8.21
N GLY G 254 15.96 -15.82 9.42
CA GLY G 254 15.98 -17.25 9.61
C GLY G 254 17.37 -17.86 9.53
N SER G 255 17.49 -19.04 10.11
CA SER G 255 18.73 -19.81 10.14
C SER G 255 18.83 -20.65 8.86
N PRO G 256 19.84 -20.40 8.03
CA PRO G 256 19.98 -21.15 6.79
C PRO G 256 19.75 -22.66 6.94
N THR G 257 19.20 -23.25 5.89
CA THR G 257 18.92 -24.68 5.81
C THR G 257 20.17 -25.51 5.50
N ALA G 258 20.02 -26.84 5.53
CA ALA G 258 21.13 -27.75 5.24
C ALA G 258 21.77 -27.44 3.89
N PHE G 259 20.94 -26.99 2.94
CA PHE G 259 21.47 -26.68 1.62
C PHE G 259 22.34 -25.42 1.57
N ASP G 260 21.83 -24.30 2.09
CA ASP G 260 22.58 -23.04 2.07
C ASP G 260 23.89 -23.06 2.87
N ARG G 261 23.88 -23.78 3.99
CA ARG G 261 25.07 -23.89 4.82
C ARG G 261 26.15 -24.57 4.05
N VAL G 262 25.79 -25.63 3.32
CA VAL G 262 26.82 -26.34 2.58
C VAL G 262 27.36 -25.57 1.41
N LEU G 263 26.49 -24.87 0.70
CA LEU G 263 26.91 -24.08 -0.46
C LEU G 263 27.80 -22.98 0.07
N ALA G 264 27.26 -22.24 1.03
CA ALA G 264 27.99 -21.14 1.67
C ALA G 264 29.40 -21.59 1.98
N SER G 265 29.52 -22.80 2.51
CA SER G 265 30.82 -23.36 2.86
C SER G 265 31.66 -23.65 1.64
N ARG G 266 31.12 -24.43 0.71
CA ARG G 266 31.84 -24.79 -0.51
C ARG G 266 32.26 -23.56 -1.34
N LEU G 267 31.35 -22.59 -1.46
CA LEU G 267 31.62 -21.38 -2.25
C LEU G 267 32.62 -20.42 -1.64
N GLY G 268 32.49 -20.14 -0.35
CA GLY G 268 33.41 -19.25 0.31
C GLY G 268 34.82 -19.83 0.34
N ALA G 269 34.91 -21.13 0.58
CA ALA G 269 36.20 -21.80 0.64
C ALA G 269 36.85 -21.86 -0.73
N ARG G 270 36.03 -21.90 -1.77
CA ARG G 270 36.57 -21.97 -3.13
C ARG G 270 37.06 -20.57 -3.51
N ALA G 271 36.21 -19.58 -3.25
CA ALA G 271 36.55 -18.20 -3.56
C ALA G 271 37.95 -17.91 -3.04
N VAL G 272 38.25 -18.37 -1.85
CA VAL G 272 39.56 -18.15 -1.24
C VAL G 272 40.65 -18.83 -2.08
N GLU G 273 40.36 -20.03 -2.59
CA GLU G 273 41.31 -20.78 -3.41
C GLU G 273 41.70 -20.07 -4.68
N LEU G 274 40.72 -19.47 -5.36
CA LEU G 274 40.98 -18.73 -6.57
C LEU G 274 41.98 -17.65 -6.23
N LEU G 275 41.66 -16.84 -5.22
CA LEU G 275 42.56 -15.77 -4.82
C LEU G 275 43.96 -16.30 -4.58
N LEU G 276 44.09 -17.32 -3.74
CA LEU G 276 45.40 -17.89 -3.47
C LEU G 276 46.02 -18.43 -4.77
N GLU G 277 45.18 -18.99 -5.64
CA GLU G 277 45.67 -19.55 -6.89
C GLU G 277 46.07 -18.50 -7.93
N GLY G 278 46.13 -17.23 -7.51
CA GLY G 278 46.52 -16.19 -8.44
C GLY G 278 45.39 -15.66 -9.30
N LYS G 279 44.35 -16.45 -9.49
CA LYS G 279 43.20 -16.03 -10.29
C LYS G 279 42.60 -14.82 -9.59
N GLY G 280 41.59 -14.19 -10.20
CA GLY G 280 41.00 -13.02 -9.60
C GLY G 280 40.09 -12.28 -10.56
N GLY G 281 39.11 -11.57 -10.01
CA GLY G 281 38.17 -10.87 -10.86
C GLY G 281 37.19 -11.89 -11.42
N ARG G 282 36.96 -12.94 -10.63
CA ARG G 282 36.06 -14.01 -11.02
C ARG G 282 35.00 -14.20 -9.94
N CYS G 283 33.93 -14.88 -10.29
CA CYS G 283 32.87 -15.14 -9.34
C CYS G 283 32.63 -16.64 -9.33
N VAL G 284 32.25 -17.18 -8.18
CA VAL G 284 32.02 -18.60 -8.08
C VAL G 284 30.52 -18.90 -7.91
N GLY G 285 30.20 -20.18 -7.84
CA GLY G 285 28.82 -20.58 -7.70
C GLY G 285 28.71 -22.03 -8.10
N ILE G 286 27.55 -22.63 -7.86
CA ILE G 286 27.31 -24.03 -8.23
C ILE G 286 26.51 -24.09 -9.52
N GLN G 287 27.14 -24.58 -10.59
CA GLN G 287 26.47 -24.69 -11.87
C GLN G 287 26.45 -26.16 -12.29
N ASN G 288 25.25 -26.72 -12.42
CA ASN G 288 25.11 -28.12 -12.80
C ASN G 288 25.77 -29.02 -11.74
N ASN G 289 25.42 -28.74 -10.48
CA ASN G 289 25.92 -29.50 -9.34
C ASN G 289 27.43 -29.70 -9.33
N GLN G 290 28.14 -28.72 -9.88
CA GLN G 290 29.58 -28.75 -9.94
C GLN G 290 30.05 -27.32 -9.68
N LEU G 291 31.02 -27.16 -8.80
CA LEU G 291 31.52 -25.83 -8.49
C LEU G 291 32.31 -25.28 -9.67
N VAL G 292 31.85 -24.14 -10.17
CA VAL G 292 32.48 -23.48 -11.30
C VAL G 292 32.79 -22.03 -10.98
N ASP G 293 33.62 -21.41 -11.80
CA ASP G 293 33.99 -20.01 -11.62
C ASP G 293 34.07 -19.37 -13.00
N HIS G 294 33.66 -18.11 -13.08
CA HIS G 294 33.64 -17.36 -14.33
C HIS G 294 34.26 -15.98 -14.19
N ASP G 295 34.70 -15.40 -15.30
CA ASP G 295 35.22 -14.03 -15.27
C ASP G 295 33.96 -13.22 -14.99
N ILE G 296 33.93 -12.53 -13.85
CA ILE G 296 32.76 -11.74 -13.47
C ILE G 296 32.12 -11.01 -14.65
N ALA G 297 32.94 -10.59 -15.61
CA ALA G 297 32.43 -9.87 -16.77
C ALA G 297 31.55 -10.76 -17.65
N GLU G 298 32.12 -11.86 -18.15
CA GLU G 298 31.42 -12.79 -19.03
C GLU G 298 30.04 -13.22 -18.53
N ALA G 299 29.92 -13.39 -17.22
CA ALA G 299 28.66 -13.81 -16.63
C ALA G 299 27.64 -12.69 -16.54
N LEU G 300 28.08 -11.54 -16.06
CA LEU G 300 27.19 -10.39 -15.93
C LEU G 300 26.50 -10.06 -17.25
N ALA G 301 27.14 -10.43 -18.36
CA ALA G 301 26.59 -10.17 -19.68
C ALA G 301 25.42 -11.11 -19.94
N ASN G 302 25.34 -12.19 -19.17
CA ASN G 302 24.26 -13.16 -19.32
C ASN G 302 23.01 -12.76 -18.54
N LYS G 303 21.92 -13.46 -18.81
CA LYS G 303 20.66 -13.16 -18.14
C LYS G 303 20.27 -14.33 -17.28
N HIS G 304 19.33 -14.10 -16.36
CA HIS G 304 18.84 -15.14 -15.48
C HIS G 304 17.42 -15.49 -15.90
N THR G 305 17.13 -16.78 -15.97
CA THR G 305 15.82 -17.26 -16.38
C THR G 305 15.37 -18.48 -15.58
N ILE G 306 14.07 -18.59 -15.37
CA ILE G 306 13.54 -19.72 -14.66
C ILE G 306 13.24 -20.79 -15.71
N ASP G 307 13.42 -22.06 -15.35
CA ASP G 307 13.17 -23.19 -16.25
C ASP G 307 11.68 -23.33 -16.57
N GLN G 308 11.28 -22.88 -17.77
CA GLN G 308 9.89 -22.93 -18.19
C GLN G 308 9.22 -24.26 -17.89
N ARG G 309 9.92 -25.37 -18.16
CA ARG G 309 9.37 -26.70 -17.92
C ARG G 309 8.75 -26.77 -16.54
N MET G 310 9.46 -26.23 -15.55
CA MET G 310 8.97 -26.22 -14.18
C MET G 310 7.70 -25.39 -14.12
N TYR G 311 7.77 -24.18 -14.65
CA TYR G 311 6.60 -23.33 -14.64
C TYR G 311 5.48 -24.05 -15.36
N ALA G 312 5.86 -24.92 -16.29
CA ALA G 312 4.89 -25.69 -17.05
C ALA G 312 4.34 -26.78 -16.15
N LEU G 313 5.25 -27.46 -15.46
CA LEU G 313 4.91 -28.54 -14.54
C LEU G 313 3.87 -28.05 -13.54
N SER G 314 4.06 -26.83 -13.03
CA SER G 314 3.13 -26.22 -12.07
C SER G 314 1.76 -25.99 -12.69
N LYS G 315 1.73 -25.85 -14.01
CA LYS G 315 0.49 -25.63 -14.75
C LYS G 315 -0.29 -26.96 -14.84
N GLU G 316 0.44 -28.04 -15.02
CA GLU G 316 -0.14 -29.36 -15.15
C GLU G 316 -0.72 -29.94 -13.86
N LEU G 317 -0.05 -29.72 -12.73
CA LEU G 317 -0.50 -30.25 -11.45
C LEU G 317 -1.47 -29.35 -10.68
N SER G 318 -2.26 -28.56 -11.38
CA SER G 318 -3.18 -27.66 -10.70
C SER G 318 -4.63 -27.78 -11.13
N ILE G 319 -4.98 -28.90 -11.77
CA ILE G 319 -6.33 -29.15 -12.26
C ILE G 319 -7.40 -28.92 -11.18
N MET H 1 -27.50 -37.92 28.47
CA MET H 1 -27.88 -37.92 27.03
C MET H 1 -27.07 -38.90 26.20
N LYS H 2 -27.65 -39.37 25.11
CA LYS H 2 -27.00 -40.35 24.26
C LYS H 2 -26.40 -39.80 22.98
N ARG H 3 -26.65 -38.53 22.69
CA ARG H 3 -26.13 -37.95 21.47
C ARG H 3 -25.99 -36.43 21.60
N ILE H 4 -24.84 -35.92 21.16
CA ILE H 4 -24.59 -34.48 21.19
C ILE H 4 -23.80 -34.09 19.96
N GLY H 5 -23.74 -32.80 19.68
CA GLY H 5 -23.00 -32.31 18.53
C GLY H 5 -21.93 -31.27 18.86
N VAL H 6 -21.00 -31.11 17.94
CA VAL H 6 -19.91 -30.16 18.11
C VAL H 6 -19.59 -29.46 16.79
N LEU H 7 -19.51 -28.14 16.84
CA LEU H 7 -19.17 -27.37 15.65
C LEU H 7 -18.19 -26.25 16.01
N THR H 8 -17.40 -25.83 15.03
CA THR H 8 -16.43 -24.76 15.21
C THR H 8 -16.98 -23.55 14.44
N SER H 9 -17.10 -22.42 15.13
CA SER H 9 -17.64 -21.21 14.52
C SER H 9 -16.90 -19.96 14.98
N GLY H 10 -16.27 -19.29 14.02
CA GLY H 10 -15.52 -18.09 14.31
C GLY H 10 -14.24 -18.13 13.52
N GLY H 11 -13.17 -17.57 14.06
CA GLY H 11 -11.91 -17.61 13.34
C GLY H 11 -11.19 -18.91 13.65
N ASP H 12 -10.86 -19.69 12.63
CA ASP H 12 -10.15 -20.95 12.85
C ASP H 12 -8.83 -20.62 13.53
N SER H 13 -8.41 -21.46 14.48
CA SER H 13 -7.18 -21.23 15.23
C SER H 13 -6.58 -22.54 15.72
N PRO H 14 -5.26 -22.71 15.59
CA PRO H 14 -4.58 -23.92 16.02
C PRO H 14 -5.14 -24.46 17.35
N GLY H 15 -5.33 -25.77 17.40
CA GLY H 15 -5.87 -26.38 18.60
C GLY H 15 -7.30 -26.82 18.42
N MET H 16 -8.04 -26.12 17.56
CA MET H 16 -9.42 -26.48 17.33
C MET H 16 -9.55 -27.97 17.02
N ASN H 17 -8.76 -28.47 16.07
CA ASN H 17 -8.83 -29.90 15.74
C ASN H 17 -8.54 -30.73 16.98
N ALA H 18 -7.55 -30.30 17.74
CA ALA H 18 -7.15 -30.97 18.97
C ALA H 18 -8.33 -30.94 19.91
N ALA H 19 -9.14 -29.90 19.78
CA ALA H 19 -10.33 -29.74 20.61
C ALA H 19 -11.46 -30.62 20.08
N ILE H 20 -11.58 -30.68 18.76
CA ILE H 20 -12.61 -31.50 18.15
C ILE H 20 -12.36 -32.92 18.63
N ARG H 21 -11.12 -33.37 18.43
CA ARG H 21 -10.70 -34.70 18.82
C ARG H 21 -11.21 -35.10 20.20
N SER H 22 -10.83 -34.35 21.23
CA SER H 22 -11.27 -34.69 22.59
C SER H 22 -12.80 -34.64 22.76
N VAL H 23 -13.44 -33.57 22.31
CA VAL H 23 -14.90 -33.46 22.42
C VAL H 23 -15.55 -34.78 21.95
N VAL H 24 -14.91 -35.41 20.97
CA VAL H 24 -15.40 -36.67 20.40
C VAL H 24 -15.01 -37.87 21.24
N ARG H 25 -13.72 -38.13 21.39
CA ARG H 25 -13.29 -39.26 22.20
C ARG H 25 -14.08 -39.29 23.51
N LYS H 26 -13.83 -38.31 24.37
CA LYS H 26 -14.52 -38.22 25.65
C LYS H 26 -15.97 -38.70 25.59
N ALA H 27 -16.75 -38.15 24.68
CA ALA H 27 -18.15 -38.53 24.56
C ALA H 27 -18.31 -40.03 24.28
N ILE H 28 -17.35 -40.58 23.52
CA ILE H 28 -17.36 -42.00 23.16
C ILE H 28 -17.05 -42.85 24.38
N TYR H 29 -15.95 -42.51 25.05
CA TYR H 29 -15.55 -43.23 26.24
C TYR H 29 -16.73 -43.27 27.22
N HIS H 30 -17.72 -42.42 26.97
CA HIS H 30 -18.90 -42.33 27.81
C HIS H 30 -20.14 -42.93 27.15
N GLY H 31 -19.94 -43.57 26.00
CA GLY H 31 -21.05 -44.17 25.30
C GLY H 31 -21.90 -43.17 24.55
N VAL H 32 -21.67 -41.88 24.80
CA VAL H 32 -22.41 -40.83 24.13
C VAL H 32 -22.00 -40.84 22.67
N GLU H 33 -22.86 -40.31 21.80
CA GLU H 33 -22.58 -40.27 20.37
C GLU H 33 -22.28 -38.84 19.95
N VAL H 34 -21.39 -38.66 18.96
CA VAL H 34 -21.03 -37.33 18.55
C VAL H 34 -21.40 -36.99 17.10
N TYR H 35 -22.19 -35.95 16.92
CA TYR H 35 -22.56 -35.54 15.56
C TYR H 35 -21.83 -34.26 15.17
N GLY H 36 -21.11 -34.31 14.04
CA GLY H 36 -20.35 -33.18 13.56
C GLY H 36 -21.07 -32.20 12.65
N VAL H 37 -21.13 -30.94 13.09
CA VAL H 37 -21.78 -29.90 12.32
C VAL H 37 -20.70 -29.10 11.60
N TYR H 38 -20.84 -28.95 10.28
CA TYR H 38 -19.84 -28.24 9.49
C TYR H 38 -20.18 -26.78 9.18
N HIS H 39 -19.16 -26.02 8.79
CA HIS H 39 -19.30 -24.62 8.46
C HIS H 39 -20.03 -23.85 9.54
N GLY H 40 -19.36 -23.73 10.69
CA GLY H 40 -19.92 -23.01 11.82
C GLY H 40 -21.42 -23.11 11.91
N TYR H 41 -22.04 -22.06 12.42
CA TYR H 41 -23.49 -22.06 12.56
C TYR H 41 -24.24 -22.20 11.22
N ALA H 42 -23.72 -21.57 10.17
CA ALA H 42 -24.36 -21.66 8.86
C ALA H 42 -24.74 -23.10 8.56
N GLY H 43 -23.74 -23.98 8.52
CA GLY H 43 -23.99 -25.38 8.25
C GLY H 43 -25.06 -25.95 9.16
N LEU H 44 -25.09 -25.53 10.42
CA LEU H 44 -26.11 -26.02 11.34
C LEU H 44 -27.49 -25.74 10.76
N ILE H 45 -27.65 -24.58 10.14
CA ILE H 45 -28.92 -24.21 9.53
C ILE H 45 -29.28 -25.14 8.37
N ALA H 46 -28.41 -25.22 7.35
CA ALA H 46 -28.67 -26.09 6.21
C ALA H 46 -28.54 -27.55 6.61
N GLY H 47 -28.55 -27.78 7.93
CA GLY H 47 -28.44 -29.13 8.47
C GLY H 47 -27.27 -29.94 7.92
N ASN H 48 -26.14 -29.28 7.71
CA ASN H 48 -24.96 -29.95 7.18
C ASN H 48 -24.28 -30.82 8.25
N ILE H 49 -25.10 -31.55 9.01
CA ILE H 49 -24.59 -32.42 10.08
C ILE H 49 -24.10 -33.77 9.54
N LYS H 50 -23.13 -34.36 10.23
CA LYS H 50 -22.57 -35.66 9.86
C LYS H 50 -21.89 -36.34 11.07
N LYS H 51 -22.56 -37.34 11.64
CA LYS H 51 -22.06 -38.09 12.78
C LYS H 51 -20.56 -38.39 12.62
N LEU H 52 -19.79 -38.23 13.69
CA LEU H 52 -18.34 -38.47 13.67
C LEU H 52 -17.89 -39.78 14.32
N GLU H 53 -17.16 -40.60 13.57
CA GLU H 53 -16.64 -41.86 14.09
C GLU H 53 -15.29 -41.60 14.76
N VAL H 54 -14.92 -42.44 15.72
CA VAL H 54 -13.66 -42.25 16.44
C VAL H 54 -12.44 -42.24 15.52
N GLY H 55 -12.62 -42.72 14.29
CA GLY H 55 -11.51 -42.76 13.35
C GLY H 55 -11.28 -41.45 12.62
N ASP H 56 -12.29 -40.59 12.62
CA ASP H 56 -12.21 -39.28 11.97
C ASP H 56 -11.35 -38.32 12.78
N VAL H 57 -11.62 -38.23 14.07
CA VAL H 57 -10.87 -37.35 14.94
C VAL H 57 -9.48 -37.89 15.21
N GLY H 58 -9.21 -39.10 14.75
CA GLY H 58 -7.89 -39.67 14.97
C GLY H 58 -6.93 -39.19 13.89
N ASP H 59 -5.66 -39.06 14.23
CA ASP H 59 -4.66 -38.61 13.27
C ASP H 59 -4.90 -37.18 12.80
N ILE H 60 -5.21 -36.27 13.72
CA ILE H 60 -5.46 -34.88 13.39
C ILE H 60 -5.07 -33.92 14.52
N ILE H 61 -4.84 -34.45 15.71
CA ILE H 61 -4.51 -33.61 16.85
C ILE H 61 -3.40 -32.62 16.56
N HIS H 62 -2.55 -32.94 15.61
CA HIS H 62 -1.44 -32.07 15.25
C HIS H 62 -1.72 -31.13 14.07
N ARG H 63 -2.92 -31.20 13.52
CA ARG H 63 -3.28 -30.38 12.37
C ARG H 63 -4.03 -29.11 12.78
N GLY H 64 -3.64 -27.98 12.20
CA GLY H 64 -4.31 -26.74 12.55
C GLY H 64 -5.62 -26.65 11.81
N GLY H 65 -6.23 -25.48 11.80
CA GLY H 65 -7.49 -25.33 11.11
C GLY H 65 -8.53 -26.20 11.77
N THR H 66 -9.60 -26.49 11.05
CA THR H 66 -10.66 -27.32 11.60
C THR H 66 -11.19 -28.25 10.54
N ILE H 67 -11.21 -29.53 10.84
CA ILE H 67 -11.70 -30.54 9.91
C ILE H 67 -13.20 -30.33 9.68
N LEU H 68 -13.86 -29.67 10.64
CA LEU H 68 -15.29 -29.41 10.55
C LEU H 68 -15.68 -28.11 9.84
N TYR H 69 -14.68 -27.42 9.28
CA TYR H 69 -14.91 -26.16 8.58
C TYR H 69 -15.55 -25.08 9.44
N THR H 70 -15.69 -23.90 8.88
CA THR H 70 -16.28 -22.78 9.62
C THR H 70 -16.50 -21.61 8.68
N ALA H 71 -17.63 -20.93 8.84
CA ALA H 71 -17.94 -19.79 7.99
C ALA H 71 -18.80 -18.79 8.73
N ARG H 72 -18.93 -17.60 8.16
CA ARG H 72 -19.72 -16.53 8.76
C ARG H 72 -21.20 -16.78 8.51
N CYS H 73 -22.00 -16.73 9.57
CA CYS H 73 -23.45 -16.91 9.48
C CYS H 73 -24.21 -15.86 10.29
N PRO H 74 -24.50 -14.71 9.66
CA PRO H 74 -25.24 -13.63 10.33
C PRO H 74 -26.66 -14.09 10.63
N GLU H 75 -27.23 -14.84 9.69
CA GLU H 75 -28.58 -15.35 9.80
C GLU H 75 -28.90 -15.87 11.19
N PHE H 76 -27.88 -16.36 11.88
CA PHE H 76 -28.09 -16.92 13.22
C PHE H 76 -28.52 -15.90 14.27
N LYS H 77 -28.18 -14.64 14.05
CA LYS H 77 -28.55 -13.58 14.98
C LYS H 77 -30.07 -13.48 15.08
N THR H 78 -30.72 -13.59 13.91
CA THR H 78 -32.18 -13.51 13.84
C THR H 78 -32.86 -14.66 14.57
N GLU H 79 -34.20 -14.67 14.56
CA GLU H 79 -34.99 -15.70 15.22
C GLU H 79 -35.39 -16.79 14.23
N GLU H 80 -35.79 -16.37 13.03
CA GLU H 80 -36.21 -17.29 11.96
C GLU H 80 -35.07 -18.15 11.43
N GLY H 81 -33.84 -17.77 11.76
CA GLY H 81 -32.68 -18.52 11.34
C GLY H 81 -32.31 -19.45 12.48
N GLN H 82 -32.53 -18.97 13.70
CA GLN H 82 -32.26 -19.75 14.89
C GLN H 82 -33.12 -21.00 14.82
N LYS H 83 -34.43 -20.82 14.69
CA LYS H 83 -35.36 -21.94 14.59
C LYS H 83 -34.88 -22.97 13.59
N LYS H 84 -34.77 -22.58 12.32
CA LYS H 84 -34.30 -23.51 11.28
C LYS H 84 -33.06 -24.27 11.75
N GLY H 85 -32.34 -23.68 12.70
CA GLY H 85 -31.15 -24.33 13.23
C GLY H 85 -31.50 -25.39 14.26
N ILE H 86 -32.30 -25.02 15.24
CA ILE H 86 -32.72 -25.95 16.27
C ILE H 86 -33.44 -27.12 15.58
N GLU H 87 -34.22 -26.80 14.56
CA GLU H 87 -34.95 -27.81 13.81
C GLU H 87 -34.04 -28.89 13.22
N GLN H 88 -32.91 -28.47 12.65
CA GLN H 88 -31.94 -29.40 12.08
C GLN H 88 -31.33 -30.23 13.20
N LEU H 89 -31.37 -29.67 14.40
CA LEU H 89 -30.84 -30.35 15.56
C LEU H 89 -31.86 -31.43 15.95
N LYS H 90 -33.06 -31.00 16.31
CA LYS H 90 -34.12 -31.90 16.69
C LYS H 90 -34.35 -32.94 15.59
N LYS H 91 -34.03 -32.55 14.35
CA LYS H 91 -34.20 -33.42 13.20
C LYS H 91 -33.16 -34.55 13.11
N HIS H 92 -32.25 -34.60 14.08
CA HIS H 92 -31.24 -35.65 14.08
C HIS H 92 -31.17 -36.33 15.45
N GLY H 93 -31.40 -35.57 16.50
CA GLY H 93 -31.36 -36.14 17.83
C GLY H 93 -30.47 -35.40 18.81
N ILE H 94 -29.52 -34.64 18.28
CA ILE H 94 -28.60 -33.88 19.11
C ILE H 94 -29.38 -33.31 20.30
N GLU H 95 -28.96 -33.65 21.52
CA GLU H 95 -29.65 -33.16 22.72
C GLU H 95 -28.82 -32.09 23.40
N GLY H 96 -27.64 -31.84 22.85
CA GLY H 96 -26.75 -30.86 23.43
C GLY H 96 -25.75 -30.45 22.37
N LEU H 97 -25.08 -29.33 22.58
CA LEU H 97 -24.12 -28.88 21.60
C LEU H 97 -22.87 -28.26 22.21
N VAL H 98 -21.75 -28.51 21.55
CA VAL H 98 -20.44 -27.98 21.96
C VAL H 98 -19.92 -27.03 20.89
N VAL H 99 -19.82 -25.75 21.21
CA VAL H 99 -19.35 -24.77 20.24
C VAL H 99 -17.93 -24.34 20.56
N ILE H 100 -17.10 -24.28 19.53
CA ILE H 100 -15.70 -23.92 19.67
C ILE H 100 -15.38 -22.79 18.70
N GLY H 101 -15.28 -21.56 19.22
CA GLY H 101 -14.97 -20.43 18.37
C GLY H 101 -14.63 -19.24 19.23
N GLY H 102 -14.80 -18.04 18.67
CA GLY H 102 -14.49 -16.83 19.41
C GLY H 102 -15.66 -16.33 20.24
N ASP H 103 -15.77 -15.00 20.38
CA ASP H 103 -16.86 -14.40 21.14
C ASP H 103 -18.14 -14.52 20.31
N GLY H 104 -17.97 -14.60 18.99
CA GLY H 104 -19.11 -14.74 18.12
C GLY H 104 -19.90 -15.95 18.57
N SER H 105 -19.33 -17.13 18.33
CA SER H 105 -19.94 -18.41 18.70
C SER H 105 -20.76 -18.33 19.97
N TYR H 106 -20.10 -18.04 21.09
CA TYR H 106 -20.75 -17.93 22.39
C TYR H 106 -22.17 -17.37 22.31
N GLN H 107 -22.34 -16.26 21.62
CA GLN H 107 -23.67 -15.66 21.47
C GLN H 107 -24.66 -16.68 20.96
N GLY H 108 -24.30 -17.38 19.87
CA GLY H 108 -25.18 -18.39 19.32
C GLY H 108 -25.42 -19.49 20.33
N ALA H 109 -24.38 -19.81 21.10
CA ALA H 109 -24.45 -20.86 22.11
C ALA H 109 -25.26 -20.42 23.32
N LYS H 110 -25.42 -19.11 23.49
CA LYS H 110 -26.19 -18.57 24.61
C LYS H 110 -27.67 -18.75 24.33
N LYS H 111 -28.13 -18.11 23.25
CA LYS H 111 -29.53 -18.15 22.83
C LYS H 111 -29.99 -19.59 22.71
N LEU H 112 -29.27 -20.37 21.91
CA LEU H 112 -29.61 -21.76 21.69
C LEU H 112 -29.86 -22.49 23.01
N THR H 113 -29.37 -21.92 24.11
CA THR H 113 -29.57 -22.52 25.42
C THR H 113 -30.89 -22.04 26.00
N GLU H 114 -31.14 -20.75 25.83
CA GLU H 114 -32.36 -20.11 26.30
C GLU H 114 -33.55 -20.69 25.56
N HIS H 115 -33.29 -21.46 24.51
CA HIS H 115 -34.35 -22.10 23.72
C HIS H 115 -34.44 -23.59 24.04
N GLY H 116 -34.02 -23.94 25.26
CA GLY H 116 -34.07 -25.32 25.69
C GLY H 116 -33.02 -26.26 25.12
N PHE H 117 -31.91 -25.70 24.68
CA PHE H 117 -30.85 -26.52 24.12
C PHE H 117 -29.55 -26.40 24.91
N PRO H 118 -29.18 -27.45 25.66
CA PRO H 118 -27.97 -27.44 26.47
C PRO H 118 -26.79 -27.09 25.56
N CYS H 119 -26.03 -26.09 25.97
CA CYS H 119 -24.91 -25.66 25.15
C CYS H 119 -23.66 -25.39 25.98
N VAL H 120 -22.51 -25.76 25.45
CA VAL H 120 -21.26 -25.52 26.15
C VAL H 120 -20.24 -24.92 25.20
N GLY H 121 -19.73 -23.75 25.59
CA GLY H 121 -18.76 -23.04 24.77
C GLY H 121 -17.30 -23.22 25.10
N VAL H 122 -16.51 -23.48 24.06
CA VAL H 122 -15.08 -23.67 24.19
C VAL H 122 -14.35 -22.56 23.43
N PRO H 123 -13.54 -21.77 24.13
CA PRO H 123 -12.79 -20.66 23.54
C PRO H 123 -11.76 -21.05 22.48
N GLY H 124 -12.01 -20.61 21.25
CA GLY H 124 -11.09 -20.90 20.17
C GLY H 124 -10.79 -19.65 19.37
N THR H 125 -9.58 -19.12 19.52
CA THR H 125 -9.20 -17.92 18.79
C THR H 125 -7.78 -17.50 19.09
N ILE H 126 -7.01 -17.17 18.07
CA ILE H 126 -5.62 -16.76 18.31
C ILE H 126 -5.60 -15.50 19.15
N ASP H 127 -6.66 -14.70 19.03
CA ASP H 127 -6.78 -13.42 19.73
C ASP H 127 -6.58 -13.42 21.24
N ASN H 128 -7.16 -14.40 21.91
CA ASN H 128 -7.02 -14.52 23.36
C ASN H 128 -7.85 -13.48 24.07
N ASP H 129 -9.03 -13.19 23.51
CA ASP H 129 -9.93 -12.19 24.08
C ASP H 129 -11.31 -12.74 24.45
N ILE H 130 -11.40 -13.98 24.90
CA ILE H 130 -12.68 -14.51 25.29
C ILE H 130 -12.79 -14.30 26.80
N PRO H 131 -13.90 -13.77 27.28
CA PRO H 131 -14.03 -13.55 28.73
C PRO H 131 -14.26 -14.87 29.46
N GLY H 132 -13.60 -15.05 30.60
CA GLY H 132 -13.78 -16.28 31.36
C GLY H 132 -12.70 -17.33 31.17
N THR H 133 -11.51 -16.90 30.73
CA THR H 133 -10.39 -17.82 30.53
C THR H 133 -9.08 -17.09 30.29
N ASP H 134 -8.06 -17.47 31.02
CA ASP H 134 -6.73 -16.89 30.94
C ASP H 134 -6.12 -17.11 29.56
N PHE H 135 -6.55 -18.15 28.87
CA PHE H 135 -5.99 -18.43 27.56
C PHE H 135 -7.02 -19.03 26.63
N THR H 136 -6.78 -18.85 25.34
CA THR H 136 -7.67 -19.38 24.33
C THR H 136 -6.96 -20.42 23.48
N ILE H 137 -7.71 -21.38 22.98
CA ILE H 137 -7.13 -22.43 22.16
C ILE H 137 -6.57 -21.83 20.90
N GLY H 138 -5.26 -21.71 20.82
CA GLY H 138 -4.65 -21.15 19.62
C GLY H 138 -3.71 -20.00 19.90
N PHE H 139 -3.92 -19.37 21.05
CA PHE H 139 -3.10 -18.25 21.46
C PHE H 139 -1.61 -18.56 21.49
N ASP H 140 -1.20 -19.61 22.21
CA ASP H 140 0.22 -19.96 22.30
C ASP H 140 0.81 -20.34 20.95
N THR H 141 -0.02 -20.83 20.04
CA THR H 141 0.49 -21.20 18.73
C THR H 141 0.70 -19.97 17.88
N ALA H 142 -0.32 -19.14 17.79
CA ALA H 142 -0.23 -17.91 17.00
C ALA H 142 0.94 -17.11 17.54
N LEU H 143 0.94 -16.96 18.85
CA LEU H 143 1.99 -16.24 19.54
C LEU H 143 3.34 -16.78 19.10
N ASN H 144 3.42 -18.10 18.95
CA ASN H 144 4.66 -18.73 18.56
C ASN H 144 5.00 -18.60 17.06
N THR H 145 4.02 -18.20 16.25
CA THR H 145 4.29 -18.03 14.82
C THR H 145 4.86 -16.61 14.68
N VAL H 146 4.29 -15.68 15.45
CA VAL H 146 4.72 -14.28 15.45
C VAL H 146 6.19 -14.15 15.76
N ILE H 147 6.59 -14.63 16.95
CA ILE H 147 7.96 -14.53 17.41
C ILE H 147 8.97 -15.26 16.55
N ASP H 148 8.50 -16.17 15.71
CA ASP H 148 9.40 -16.89 14.83
C ASP H 148 9.73 -15.88 13.75
N ALA H 149 8.76 -15.03 13.46
CA ALA H 149 8.92 -13.99 12.46
C ALA H 149 9.93 -12.98 13.02
N ILE H 150 9.65 -12.44 14.22
CA ILE H 150 10.56 -11.50 14.86
C ILE H 150 11.99 -11.97 14.68
N ASP H 151 12.28 -13.16 15.16
CA ASP H 151 13.61 -13.73 15.05
C ASP H 151 14.14 -13.72 13.61
N LYS H 152 13.24 -13.93 12.65
CA LYS H 152 13.63 -13.92 11.25
C LYS H 152 13.92 -12.48 10.89
N ILE H 153 13.06 -11.57 11.39
CA ILE H 153 13.20 -10.14 11.14
C ILE H 153 14.46 -9.55 11.82
N ARG H 154 14.62 -9.81 13.12
CA ARG H 154 15.76 -9.30 13.85
C ARG H 154 17.04 -9.59 13.09
N ASP H 155 17.08 -10.76 12.46
CA ASP H 155 18.28 -11.13 11.72
C ASP H 155 18.62 -10.11 10.65
N THR H 156 17.68 -9.90 9.74
CA THR H 156 17.90 -8.94 8.66
C THR H 156 17.91 -7.51 9.18
N ALA H 157 17.03 -7.21 10.13
CA ALA H 157 17.00 -5.87 10.69
C ALA H 157 18.40 -5.53 11.20
N THR H 158 19.02 -6.49 11.87
CA THR H 158 20.36 -6.32 12.43
C THR H 158 21.42 -6.07 11.36
N SER H 159 21.46 -6.98 10.39
CA SER H 159 22.43 -6.93 9.31
C SER H 159 22.53 -5.57 8.65
N HIS H 160 21.38 -4.90 8.54
CA HIS H 160 21.28 -3.57 7.92
C HIS H 160 21.17 -2.39 8.88
N GLU H 161 20.77 -2.64 10.12
CA GLU H 161 20.64 -1.57 11.09
C GLU H 161 19.42 -0.75 10.70
N ARG H 162 18.25 -1.38 10.77
CA ARG H 162 17.00 -0.72 10.41
C ARG H 162 15.98 -0.81 11.52
N THR H 163 15.05 0.14 11.50
CA THR H 163 13.97 0.16 12.47
C THR H 163 12.90 -0.69 11.85
N TRP H 164 12.19 -1.45 12.68
CA TRP H 164 11.14 -2.31 12.16
C TRP H 164 9.83 -2.18 12.87
N VAL H 165 8.78 -2.45 12.11
CA VAL H 165 7.44 -2.37 12.62
C VAL H 165 6.70 -3.63 12.18
N ILE H 166 6.56 -4.59 13.09
CA ILE H 166 5.83 -5.80 12.76
C ILE H 166 4.42 -5.46 13.19
N GLU H 167 3.42 -5.93 12.43
CA GLU H 167 2.03 -5.67 12.77
C GLU H 167 1.33 -7.01 13.06
N VAL H 168 1.24 -7.36 14.34
CA VAL H 168 0.63 -8.62 14.73
C VAL H 168 -0.89 -8.49 14.82
N MET H 169 -1.57 -9.62 14.91
CA MET H 169 -3.03 -9.64 14.99
C MET H 169 -3.51 -9.49 16.42
N GLY H 170 -4.68 -10.06 16.71
CA GLY H 170 -5.27 -9.97 18.03
C GLY H 170 -6.33 -8.89 17.96
N ARG H 171 -6.96 -8.80 16.79
CA ARG H 171 -7.99 -7.81 16.47
C ARG H 171 -8.12 -6.64 17.43
N HIS H 172 -8.82 -6.86 18.54
CA HIS H 172 -9.05 -5.80 19.53
C HIS H 172 -8.44 -6.02 20.91
N ALA H 173 -7.34 -6.76 20.95
CA ALA H 173 -6.65 -7.05 22.19
C ALA H 173 -5.16 -6.93 21.94
N GLY H 174 -4.45 -6.43 22.94
CA GLY H 174 -3.01 -6.24 22.80
C GLY H 174 -2.25 -7.50 23.11
N ASP H 175 -2.96 -8.51 23.57
CA ASP H 175 -2.38 -9.81 23.91
C ASP H 175 -1.28 -10.28 22.96
N ILE H 176 -1.65 -10.76 21.77
CA ILE H 176 -0.65 -11.25 20.80
C ILE H 176 0.58 -10.35 20.81
N ALA H 177 0.34 -9.05 20.74
CA ALA H 177 1.41 -8.05 20.71
C ALA H 177 2.23 -7.99 21.98
N LEU H 178 1.56 -8.02 23.11
CA LEU H 178 2.29 -7.95 24.37
C LEU H 178 3.20 -9.15 24.50
N TYR H 179 2.61 -10.31 24.79
CA TYR H 179 3.37 -11.54 24.96
C TYR H 179 4.43 -11.76 23.90
N SER H 180 4.04 -11.75 22.63
CA SER H 180 5.01 -11.94 21.58
C SER H 180 6.04 -10.80 21.56
N GLY H 181 5.61 -9.60 21.95
CA GLY H 181 6.54 -8.48 21.95
C GLY H 181 7.55 -8.63 23.05
N LEU H 182 7.07 -9.02 24.22
CA LEU H 182 7.94 -9.21 25.36
C LEU H 182 8.92 -10.35 25.07
N ALA H 183 8.37 -11.48 24.65
CA ALA H 183 9.19 -12.64 24.33
C ALA H 183 10.03 -12.44 23.05
N GLY H 184 9.84 -11.31 22.38
CA GLY H 184 10.56 -11.04 21.13
C GLY H 184 11.76 -10.12 21.28
N GLY H 185 11.79 -9.34 22.35
CA GLY H 185 12.90 -8.44 22.55
C GLY H 185 12.61 -7.09 21.91
N ALA H 186 11.33 -6.84 21.67
CA ALA H 186 10.86 -5.60 21.06
C ALA H 186 11.16 -4.44 21.99
N GLU H 187 11.69 -3.35 21.42
CA GLU H 187 12.03 -2.18 22.20
C GLU H 187 10.84 -1.26 22.42
N THR H 188 9.71 -1.58 21.79
CA THR H 188 8.47 -0.80 21.92
C THR H 188 7.26 -1.62 21.52
N ILE H 189 6.36 -1.87 22.46
CA ILE H 189 5.18 -2.64 22.17
C ILE H 189 3.97 -1.73 22.24
N LEU H 190 3.22 -1.65 21.16
CA LEU H 190 2.02 -0.82 21.10
C LEU H 190 0.75 -1.67 21.18
N ILE H 191 0.02 -1.58 22.29
CA ILE H 191 -1.23 -2.32 22.42
C ILE H 191 -2.34 -1.33 22.73
N PRO H 192 -3.60 -1.71 22.46
CA PRO H 192 -4.76 -0.86 22.71
C PRO H 192 -5.20 -0.71 24.18
N GLU H 193 -4.68 -1.55 25.06
CA GLU H 193 -5.06 -1.48 26.47
C GLU H 193 -4.19 -0.49 27.20
N ALA H 194 -3.33 0.20 26.46
CA ALA H 194 -2.42 1.16 27.08
C ALA H 194 -2.18 2.41 26.22
N ASP H 195 -2.00 3.55 26.88
CA ASP H 195 -1.78 4.81 26.17
C ASP H 195 -0.31 4.96 25.85
N TYR H 196 -0.02 5.52 24.67
CA TYR H 196 1.34 5.75 24.23
C TYR H 196 1.50 7.14 23.64
N ASP H 197 2.74 7.63 23.64
CA ASP H 197 3.04 8.93 23.11
C ASP H 197 4.08 8.78 22.01
N MET H 198 3.62 8.91 20.77
CA MET H 198 4.46 8.77 19.59
C MET H 198 5.73 9.64 19.65
N ASN H 199 5.80 10.53 20.62
CA ASN H 199 6.97 11.40 20.77
C ASN H 199 7.98 10.77 21.72
N ASP H 200 7.47 10.10 22.75
CA ASP H 200 8.32 9.43 23.72
C ASP H 200 8.96 8.25 23.00
N VAL H 201 8.24 7.70 22.03
CA VAL H 201 8.71 6.58 21.23
C VAL H 201 9.94 7.03 20.45
N ILE H 202 9.72 7.97 19.51
CA ILE H 202 10.80 8.51 18.69
C ILE H 202 11.94 8.92 19.61
N ALA H 203 11.57 9.37 20.80
CA ALA H 203 12.52 9.80 21.81
C ALA H 203 13.42 8.62 22.14
N ARG H 204 12.88 7.62 22.83
CA ARG H 204 13.67 6.45 23.18
C ARG H 204 14.36 5.87 21.95
N LEU H 205 13.65 5.91 20.82
CA LEU H 205 14.19 5.37 19.58
C LEU H 205 15.44 6.19 19.20
N LYS H 206 15.27 7.49 19.16
CA LYS H 206 16.35 8.40 18.83
C LYS H 206 17.57 8.04 19.67
N ARG H 207 17.42 8.14 20.98
CA ARG H 207 18.50 7.84 21.90
C ARG H 207 19.16 6.48 21.58
N GLY H 208 18.40 5.40 21.72
CA GLY H 208 18.92 4.07 21.45
C GLY H 208 19.66 3.92 20.14
N HIS H 209 19.51 4.88 19.25
CA HIS H 209 20.17 4.83 17.94
C HIS H 209 21.55 5.47 18.00
N GLU H 210 21.86 6.12 19.11
CA GLU H 210 23.16 6.77 19.28
C GLU H 210 23.90 6.06 20.39
N ARG H 211 23.15 5.32 21.21
CA ARG H 211 23.71 4.57 22.32
C ARG H 211 24.38 3.29 21.83
N GLY H 212 24.03 2.85 20.63
CA GLY H 212 24.64 1.65 20.09
C GLY H 212 23.69 0.79 19.27
N LYS H 213 22.58 0.37 19.87
CA LYS H 213 21.61 -0.47 19.17
C LYS H 213 21.17 0.22 17.89
N LYS H 214 21.98 0.06 16.85
CA LYS H 214 21.71 0.68 15.55
C LYS H 214 20.38 0.24 14.95
N HIS H 215 19.82 -0.86 15.43
CA HIS H 215 18.52 -1.31 14.94
C HIS H 215 17.52 -1.45 16.07
N SER H 216 16.29 -1.79 15.73
CA SER H 216 15.25 -1.95 16.73
C SER H 216 14.01 -2.48 16.04
N ILE H 217 13.10 -3.06 16.82
CA ILE H 217 11.87 -3.65 16.31
C ILE H 217 10.66 -3.22 17.12
N ILE H 218 9.74 -2.53 16.48
CA ILE H 218 8.52 -2.06 17.12
C ILE H 218 7.40 -3.02 16.79
N ILE H 219 6.81 -3.65 17.79
CA ILE H 219 5.70 -4.56 17.56
C ILE H 219 4.41 -3.78 17.73
N VAL H 220 3.61 -3.73 16.67
CA VAL H 220 2.35 -3.00 16.73
C VAL H 220 1.16 -3.95 16.62
N ALA H 221 0.26 -3.88 17.60
CA ALA H 221 -0.95 -4.69 17.60
C ALA H 221 -1.87 -4.01 16.61
N GLU H 222 -2.49 -4.77 15.71
CA GLU H 222 -3.38 -4.18 14.71
C GLU H 222 -4.49 -3.34 15.33
N GLY H 223 -4.94 -3.75 16.51
CA GLY H 223 -6.00 -3.02 17.20
C GLY H 223 -5.68 -1.55 17.35
N VAL H 224 -4.40 -1.24 17.42
CA VAL H 224 -3.94 0.13 17.56
C VAL H 224 -4.10 0.92 16.25
N GLY H 225 -3.17 0.71 15.32
CA GLY H 225 -3.22 1.41 14.05
C GLY H 225 -2.75 0.50 12.94
N SER H 226 -1.82 0.97 12.12
CA SER H 226 -1.30 0.14 11.05
C SER H 226 0.20 0.31 10.98
N GLY H 227 0.91 -0.80 11.07
CA GLY H 227 2.36 -0.75 11.04
C GLY H 227 2.90 0.15 9.96
N VAL H 228 2.32 0.05 8.77
CA VAL H 228 2.70 0.84 7.60
C VAL H 228 2.79 2.31 7.98
N ASP H 229 1.77 2.78 8.68
CA ASP H 229 1.73 4.16 9.12
C ASP H 229 2.87 4.51 10.05
N PHE H 230 2.93 3.88 11.22
CA PHE H 230 3.99 4.18 12.16
C PHE H 230 5.34 4.04 11.48
N GLY H 231 5.44 3.05 10.59
CA GLY H 231 6.68 2.83 9.87
C GLY H 231 7.03 4.06 9.06
N ARG H 232 6.03 4.86 8.77
CA ARG H 232 6.22 6.09 8.00
C ARG H 232 6.54 7.25 8.94
N GLN H 233 5.72 7.41 9.97
CA GLN H 233 5.90 8.48 10.97
C GLN H 233 7.29 8.43 11.58
N ILE H 234 7.81 7.22 11.73
CA ILE H 234 9.13 7.01 12.31
C ILE H 234 10.24 7.26 11.28
N GLN H 235 9.99 6.85 10.04
CA GLN H 235 10.97 7.04 8.97
C GLN H 235 10.99 8.49 8.52
N GLU H 236 9.86 9.17 8.63
CA GLU H 236 9.76 10.56 8.23
C GLU H 236 10.18 11.53 9.32
N ALA H 237 10.25 11.03 10.56
CA ALA H 237 10.61 11.86 11.70
C ALA H 237 12.03 11.69 12.24
N THR H 238 12.69 10.58 11.89
CA THR H 238 14.05 10.33 12.38
C THR H 238 15.05 10.20 11.26
N GLY H 239 14.55 9.95 10.05
CA GLY H 239 15.44 9.78 8.93
C GLY H 239 16.04 8.39 9.02
N PHE H 240 15.65 7.64 10.05
CA PHE H 240 16.15 6.28 10.25
C PHE H 240 15.56 5.44 9.13
N GLU H 241 16.35 4.57 8.54
CA GLU H 241 15.86 3.72 7.47
C GLU H 241 14.85 2.79 8.12
N THR H 242 13.69 2.64 7.52
CA THR H 242 12.67 1.80 8.13
C THR H 242 11.89 0.91 7.18
N ARG H 243 11.56 -0.28 7.67
CA ARG H 243 10.78 -1.26 6.93
C ARG H 243 9.59 -1.69 7.80
N VAL H 244 8.44 -1.92 7.18
CA VAL H 244 7.26 -2.33 7.92
C VAL H 244 6.88 -3.68 7.41
N THR H 245 6.43 -4.56 8.29
CA THR H 245 5.97 -5.86 7.84
C THR H 245 4.74 -6.26 8.62
N VAL H 246 3.78 -6.80 7.88
CA VAL H 246 2.54 -7.25 8.46
C VAL H 246 2.63 -8.76 8.42
N LEU H 247 2.48 -9.39 9.58
CA LEU H 247 2.58 -10.84 9.63
C LEU H 247 1.39 -11.42 8.90
N GLY H 248 0.20 -10.94 9.22
CA GLY H 248 -0.98 -11.42 8.54
C GLY H 248 -1.54 -12.67 9.15
N HIS H 249 -2.22 -13.47 8.34
CA HIS H 249 -2.83 -14.69 8.85
C HIS H 249 -1.83 -15.84 9.02
N VAL H 250 -0.56 -15.61 8.70
CA VAL H 250 0.41 -16.67 8.90
C VAL H 250 0.43 -16.95 10.40
N GLN H 251 -0.40 -16.20 11.14
CA GLN H 251 -0.52 -16.32 12.59
C GLN H 251 -1.75 -17.13 12.94
N ARG H 252 -2.49 -17.52 11.91
CA ARG H 252 -3.72 -18.27 12.11
C ARG H 252 -3.53 -19.72 11.76
N GLY H 253 -2.42 -20.02 11.08
CA GLY H 253 -2.16 -21.39 10.66
C GLY H 253 -1.12 -22.18 11.42
N GLY H 254 -0.59 -23.21 10.78
CA GLY H 254 0.43 -24.03 11.42
C GLY H 254 -0.13 -24.99 12.45
N SER H 255 0.73 -25.88 12.92
CA SER H 255 0.36 -26.88 13.91
C SER H 255 0.44 -26.31 15.32
N PRO H 256 -0.58 -26.58 16.15
CA PRO H 256 -0.55 -26.05 17.51
C PRO H 256 0.66 -26.52 18.31
N THR H 257 1.12 -25.67 19.20
CA THR H 257 2.25 -26.02 20.04
C THR H 257 1.72 -27.01 21.08
N ALA H 258 2.63 -27.53 21.89
CA ALA H 258 2.25 -28.48 22.92
C ALA H 258 1.18 -27.89 23.82
N PHE H 259 1.28 -26.60 24.11
CA PHE H 259 0.30 -25.96 24.97
C PHE H 259 -1.12 -25.99 24.42
N ASP H 260 -1.30 -25.55 23.18
CA ASP H 260 -2.63 -25.53 22.59
C ASP H 260 -3.26 -26.90 22.41
N ARG H 261 -2.46 -27.91 22.06
CA ARG H 261 -3.01 -29.25 21.89
C ARG H 261 -3.48 -29.73 23.27
N VAL H 262 -2.66 -29.52 24.28
CA VAL H 262 -3.03 -29.94 25.63
C VAL H 262 -4.31 -29.22 26.08
N LEU H 263 -4.36 -27.91 25.99
CA LEU H 263 -5.54 -27.17 26.42
C LEU H 263 -6.78 -27.53 25.60
N ALA H 264 -6.59 -27.84 24.32
CA ALA H 264 -7.73 -28.18 23.50
C ALA H 264 -8.27 -29.52 23.99
N SER H 265 -7.37 -30.45 24.29
CA SER H 265 -7.79 -31.75 24.79
C SER H 265 -8.55 -31.57 26.10
N ARG H 266 -7.96 -30.84 27.03
CA ARG H 266 -8.62 -30.63 28.31
C ARG H 266 -9.95 -29.90 28.14
N LEU H 267 -9.89 -28.61 27.77
CA LEU H 267 -11.12 -27.85 27.60
C LEU H 267 -12.16 -28.62 26.80
N GLY H 268 -11.69 -29.29 25.75
CA GLY H 268 -12.60 -30.07 24.93
C GLY H 268 -13.35 -31.09 25.74
N ALA H 269 -12.61 -32.02 26.34
CA ALA H 269 -13.21 -33.07 27.15
C ALA H 269 -14.07 -32.49 28.25
N ARG H 270 -13.74 -31.28 28.71
CA ARG H 270 -14.52 -30.66 29.76
C ARG H 270 -15.92 -30.29 29.29
N ALA H 271 -16.03 -29.90 28.03
CA ALA H 271 -17.32 -29.53 27.47
C ALA H 271 -18.22 -30.74 27.57
N VAL H 272 -17.72 -31.89 27.16
CA VAL H 272 -18.49 -33.15 27.20
C VAL H 272 -18.96 -33.50 28.61
N GLU H 273 -18.08 -33.32 29.61
CA GLU H 273 -18.40 -33.60 31.00
C GLU H 273 -19.58 -32.79 31.50
N LEU H 274 -19.55 -31.49 31.22
CA LEU H 274 -20.63 -30.59 31.63
C LEU H 274 -21.96 -30.91 30.95
N LEU H 275 -21.91 -31.33 29.68
CA LEU H 275 -23.14 -31.65 28.96
C LEU H 275 -23.87 -32.85 29.53
N LEU H 276 -23.11 -33.87 29.89
CA LEU H 276 -23.68 -35.09 30.45
C LEU H 276 -24.24 -34.81 31.85
N GLU H 277 -23.65 -33.84 32.54
CA GLU H 277 -24.13 -33.48 33.87
C GLU H 277 -25.31 -32.55 33.71
N GLY H 278 -25.79 -32.43 32.47
CA GLY H 278 -26.93 -31.59 32.14
C GLY H 278 -26.81 -30.15 32.57
N LYS H 279 -25.75 -29.48 32.15
CA LYS H 279 -25.54 -28.08 32.50
C LYS H 279 -25.35 -27.24 31.23
N GLY H 280 -26.44 -26.61 30.79
CA GLY H 280 -26.37 -25.80 29.59
C GLY H 280 -25.99 -24.34 29.75
N GLY H 281 -25.84 -23.66 28.61
CA GLY H 281 -25.47 -22.26 28.61
C GLY H 281 -24.26 -22.00 29.48
N ARG H 282 -23.14 -22.61 29.11
CA ARG H 282 -21.91 -22.49 29.89
C ARG H 282 -20.68 -22.62 29.01
N CYS H 283 -19.65 -21.86 29.32
CA CYS H 283 -18.41 -21.92 28.57
C CYS H 283 -17.36 -22.41 29.53
N VAL H 284 -16.35 -23.12 29.02
CA VAL H 284 -15.30 -23.62 29.87
C VAL H 284 -14.24 -22.55 30.09
N GLY H 285 -13.04 -22.80 29.60
CA GLY H 285 -11.97 -21.83 29.76
C GLY H 285 -11.10 -22.23 30.94
N ILE H 286 -9.85 -21.84 30.90
CA ILE H 286 -8.93 -22.15 31.98
C ILE H 286 -8.66 -20.85 32.69
N GLN H 287 -8.71 -20.88 34.01
CA GLN H 287 -8.48 -19.69 34.83
C GLN H 287 -7.58 -20.01 36.00
N ASN H 288 -6.59 -19.16 36.25
CA ASN H 288 -5.67 -19.40 37.33
C ASN H 288 -5.05 -20.78 37.14
N ASN H 289 -4.85 -21.13 35.87
CA ASN H 289 -4.26 -22.42 35.52
C ASN H 289 -5.09 -23.59 36.02
N GLN H 290 -6.41 -23.40 35.99
CA GLN H 290 -7.37 -24.40 36.44
C GLN H 290 -8.53 -24.46 35.46
N LEU H 291 -9.16 -25.62 35.34
CA LEU H 291 -10.29 -25.75 34.43
C LEU H 291 -11.52 -25.24 35.16
N VAL H 292 -12.16 -24.23 34.59
CA VAL H 292 -13.36 -23.64 35.19
C VAL H 292 -14.47 -23.43 34.17
N ASP H 293 -15.59 -22.88 34.64
CA ASP H 293 -16.71 -22.61 33.77
C ASP H 293 -17.70 -21.61 34.37
N HIS H 294 -18.30 -20.82 33.49
CA HIS H 294 -19.27 -19.80 33.88
C HIS H 294 -20.42 -19.80 32.90
N ASP H 295 -21.48 -19.08 33.26
CA ASP H 295 -22.65 -18.98 32.40
C ASP H 295 -22.19 -18.12 31.23
N ILE H 296 -22.44 -18.56 29.99
CA ILE H 296 -22.03 -17.78 28.83
C ILE H 296 -22.45 -16.32 28.99
N ALA H 297 -23.46 -16.09 29.83
CA ALA H 297 -23.97 -14.76 30.08
C ALA H 297 -23.00 -13.95 30.92
N GLU H 298 -23.03 -14.15 32.23
CA GLU H 298 -22.15 -13.40 33.12
C GLU H 298 -20.69 -13.62 32.74
N ALA H 299 -20.42 -14.61 31.89
CA ALA H 299 -19.08 -14.89 31.44
C ALA H 299 -18.69 -13.83 30.43
N LEU H 300 -19.66 -13.41 29.62
CA LEU H 300 -19.44 -12.40 28.60
C LEU H 300 -19.66 -11.01 29.18
N ALA H 301 -20.37 -10.95 30.30
CA ALA H 301 -20.68 -9.69 30.99
C ALA H 301 -19.43 -8.95 31.44
N ASN H 302 -18.28 -9.61 31.34
CA ASN H 302 -17.03 -9.01 31.75
C ASN H 302 -16.18 -8.46 30.60
N LYS H 303 -14.99 -7.99 30.93
CA LYS H 303 -14.10 -7.39 29.95
C LYS H 303 -12.70 -7.98 29.96
N HIS H 304 -12.10 -8.06 28.78
CA HIS H 304 -10.76 -8.61 28.65
C HIS H 304 -9.75 -7.55 29.06
N THR H 305 -8.87 -7.90 29.99
CA THR H 305 -7.85 -6.96 30.47
C THR H 305 -6.48 -7.61 30.51
N ILE H 306 -5.50 -6.98 29.86
CA ILE H 306 -4.14 -7.50 29.84
C ILE H 306 -3.40 -7.13 31.13
N ASP H 307 -2.27 -7.79 31.41
CA ASP H 307 -1.51 -7.55 32.64
C ASP H 307 -0.62 -6.30 32.53
N GLN H 308 -1.04 -5.22 33.17
CA GLN H 308 -0.27 -4.00 33.14
C GLN H 308 1.18 -4.18 33.61
N ARG H 309 1.35 -4.97 34.67
CA ARG H 309 2.70 -5.21 35.19
C ARG H 309 3.57 -5.76 34.06
N MET H 310 3.01 -6.64 33.23
CA MET H 310 3.77 -7.18 32.12
C MET H 310 4.11 -6.06 31.16
N TYR H 311 3.10 -5.27 30.81
CA TYR H 311 3.35 -4.18 29.89
C TYR H 311 4.47 -3.36 30.49
N ALA H 312 4.27 -2.92 31.73
CA ALA H 312 5.26 -2.13 32.45
C ALA H 312 6.61 -2.81 32.26
N LEU H 313 6.63 -4.07 32.61
CA LEU H 313 7.82 -4.91 32.49
C LEU H 313 8.44 -4.76 31.09
N SER H 314 7.62 -4.86 30.05
CA SER H 314 8.10 -4.76 28.68
C SER H 314 8.95 -3.51 28.49
N LYS H 315 8.51 -2.43 29.11
CA LYS H 315 9.20 -1.14 29.03
C LYS H 315 10.45 -1.10 29.90
N GLU H 316 10.42 -1.83 31.01
CA GLU H 316 11.56 -1.88 31.93
C GLU H 316 12.72 -2.68 31.36
N LEU H 317 12.42 -3.76 30.63
CA LEU H 317 13.45 -4.59 30.03
C LEU H 317 14.05 -3.93 28.80
N SER H 318 13.43 -2.85 28.35
CA SER H 318 13.91 -2.13 27.18
C SER H 318 14.43 -0.75 27.57
N ILE H 319 15.58 -0.38 27.01
CA ILE H 319 16.18 0.90 27.33
C ILE H 319 16.85 1.48 26.10
O1 F6P I . 0.33 20.25 8.68
C1 F6P I . 0.33 20.57 7.30
C2 F6P I . 0.40 19.27 6.45
O2 F6P I . 0.42 19.55 5.04
C3 F6P I . -0.76 18.35 6.86
O3 F6P I . -1.97 18.65 6.23
C4 F6P I . -0.23 16.93 6.61
O4 F6P I . -0.68 15.91 7.49
C5 F6P I . 1.28 17.11 6.56
O5 F6P I . 1.55 18.52 6.75
C6 F6P I . 1.87 16.67 5.31
O6 F6P I . 3.21 17.25 5.26
P F6P I . 4.53 16.39 5.48
O1P F6P I . 4.50 15.71 6.83
O2P F6P I . 4.69 15.37 4.39
O3P F6P I . 5.72 17.31 5.36
O1 F6P J . -8.90 1.69 -17.21
C1 F6P J . -9.39 2.75 -16.44
C2 F6P J . -8.79 2.66 -15.02
O2 F6P J . -9.26 3.70 -14.17
C3 F6P J . -7.26 2.65 -15.16
O3 F6P J . -6.72 3.93 -15.30
C4 F6P J . -6.77 1.85 -13.94
O4 F6P J . -5.56 1.11 -14.13
C5 F6P J . -8.00 1.03 -13.54
O5 F6P J . -9.06 1.41 -14.43
C6 F6P J . -8.41 1.24 -12.15
O6 F6P J . -9.90 1.28 -12.14
P F6P J . -10.80 0.41 -11.17
O1P F6P J . -10.56 -1.05 -11.37
O2P F6P J . -10.58 0.81 -9.73
O3P F6P J . -12.22 0.74 -11.46
O1 F6P K . -28.14 41.56 -9.31
C1 F6P K . -27.68 40.38 -9.94
C2 F6P K . -27.25 40.71 -11.37
O2 F6P K . -26.77 39.54 -12.06
C3 F6P K . -26.21 41.84 -11.31
O3 F6P K . -24.91 41.36 -11.12
C4 F6P K . -26.44 42.68 -12.59
O4 F6P K . -26.24 44.09 -12.47
C5 F6P K . -27.84 42.28 -13.04
O5 F6P K . -28.31 41.25 -12.11
C6 F6P K . -27.90 41.79 -14.41
O6 F6P K . -29.28 41.26 -14.57
P F6P K . -29.77 40.46 -15.86
O1P F6P K . -29.59 41.28 -17.10
O2P F6P K . -29.05 39.16 -15.99
O3P F6P K . -31.21 40.08 -15.66
O1 F6P L . -4.94 37.31 -32.62
C1 F6P L . -5.11 37.34 -31.22
C2 F6P L . -6.28 38.26 -30.86
O2 F6P L . -6.49 38.34 -29.46
C3 F6P L . -7.55 37.79 -31.59
O3 F6P L . -8.32 36.93 -30.82
C4 F6P L . -8.30 39.05 -32.00
O4 F6P L . -8.91 38.98 -33.27
C5 F6P L . -7.27 40.16 -31.83
O5 F6P L . -6.06 39.55 -31.34
C6 F6P L . -7.73 41.22 -30.90
O6 F6P L . -6.61 41.50 -29.98
P F6P L . -5.99 42.94 -29.69
O1P F6P L . -5.46 43.55 -30.96
O2P F6P L . -7.00 43.84 -29.03
O3P F6P L . -4.89 42.75 -28.69
O1 F6P M . 16.88 -46.85 4.58
C1 F6P M . 16.02 -46.10 5.40
C2 F6P M . 16.35 -46.36 6.90
O2 F6P M . 15.49 -45.63 7.78
C3 F6P M . 17.82 -46.03 7.13
O3 F6P M . 18.04 -44.68 7.36
C4 F6P M . 18.27 -46.96 8.27
O4 F6P M . 19.62 -47.40 8.19
C5 F6P M . 17.22 -48.06 8.28
O5 F6P M . 16.26 -47.72 7.26
C6 F6P M . 16.58 -48.24 9.59
O6 F6P M . 15.11 -48.32 9.38
P F6P M . 14.29 -49.68 9.31
O1P F6P M . 14.80 -50.58 8.22
O2P F6P M . 14.28 -50.40 10.63
O3P F6P M . 12.85 -49.33 9.09
O1 F6P N . 17.59 -32.60 31.40
C1 F6P N . 17.05 -33.90 31.38
C2 F6P N . 17.84 -34.79 32.34
O2 F6P N . 17.35 -36.13 32.36
C3 F6P N . 17.80 -34.12 33.73
O3 F6P N . 17.44 -35.01 34.75
C4 F6P N . 19.18 -33.46 33.94
O4 F6P N . 19.16 -32.02 34.08
C5 F6P N . 20.02 -33.99 32.77
O5 F6P N . 19.19 -34.86 31.98
C6 F6P N . 21.18 -34.75 33.25
O6 F6P N . 21.76 -35.46 32.09
P F6P N . 23.26 -35.21 31.59
O1P F6P N . 23.49 -33.76 31.25
O2P F6P N . 24.26 -35.67 32.61
O3P F6P N . 23.49 -36.10 30.42
O1 F6P O . 17.37 -7.93 -3.16
C1 F6P O . 17.12 -8.51 -1.90
C2 F6P O . 15.70 -8.14 -1.46
O2 F6P O . 15.35 -8.68 -0.18
C3 F6P O . 14.73 -8.58 -2.57
O3 F6P O . 14.34 -9.92 -2.48
C4 F6P O . 13.58 -7.55 -2.51
O4 F6P O . 13.00 -7.22 -3.77
C5 F6P O . 14.19 -6.38 -1.74
O5 F6P O . 15.54 -6.76 -1.39
C6 F6P O . 13.43 -6.03 -0.52
O6 F6P O . 14.41 -5.55 0.51
P F6P O . 14.85 -4.02 0.68
O1P F6P O . 15.49 -3.51 -0.58
O2P F6P O . 13.70 -3.14 1.07
O3P F6P O . 15.83 -3.96 1.81
O1 F6P P . -10.36 -13.06 14.99
C1 F6P P . -9.29 -13.78 14.46
C2 F6P P . -8.55 -12.89 13.45
O2 F6P P . -7.46 -13.58 12.83
C3 F6P P . -8.08 -11.60 14.14
O3 F6P P . -6.91 -11.76 14.86
C4 F6P P . -8.03 -10.56 13.00
O4 F6P P . -8.28 -9.20 13.39
C5 F6P P . -8.99 -11.13 11.95
O5 F6P P . -9.44 -12.40 12.46
C6 F6P P . -8.39 -11.31 10.61
O6 F6P P . -9.17 -12.39 9.98
P F6P P . -10.38 -12.21 8.93
O1P F6P P . -11.51 -11.40 9.51
O2P F6P P . -9.89 -11.60 7.63
O3P F6P P . -10.86 -13.58 8.57
#